data_8HHX
#
_entry.id   8HHX
#
_cell.length_a   1.00
_cell.length_b   1.00
_cell.length_c   1.00
_cell.angle_alpha   90.00
_cell.angle_beta   90.00
_cell.angle_gamma   90.00
#
_symmetry.space_group_name_H-M   'P 1'
#
loop_
_entity.id
_entity.type
_entity.pdbx_description
1 polymer 'Spike glycoprotein'
2 polymer 'FP-12A Fab heavy chain'
3 polymer 'FP-12A Fab light chain'
4 branched 2-acetamido-2-deoxy-beta-D-glucopyranose-(1-4)-2-acetamido-2-deoxy-beta-D-glucopyranose
5 non-polymer 2-acetamido-2-deoxy-beta-D-glucopyranose
#
loop_
_entity_poly.entity_id
_entity_poly.type
_entity_poly.pdbx_seq_one_letter_code
_entity_poly.pdbx_strand_id
1 'polypeptide(L)'
;MKVKLLVLLCTFTATYAGTQCVNLRTRTQLPPAYTNSFTRGVYYPDKVFRSSVLHSTQDLFLPFFSNVTWFHAIHVSGTN
GTKRFDNPVLPFNDGVYFASTEKSNIIRGWIFGTTLDSKTQSLLIVNNATNVVIKVCEFQFCNDPFLDVYYHKNNKSWME
SGVYSSANNCTFEYVSQPFLMDLEGKQGNFKNLREFVFKNIDGYFKIYSKHTPINLVRDLPQGFSALEPLVDLPIGINIT
RFQTLLALHRSYLTPGDSSSGWTAGAAAYYVGYLQPRTFLLKYNENGTITDAVDCALDPLSETKCTLKSFTVEKGIYQTS
NFRVQPTESIVRFPNITNLCPFGEVFNATRFASVYAWNRKRISNCVADYSVLYNSASFSTFKCYGVSPTKLNDLCFTNVY
ADSFVIRGDEVRQIAPGQTGKIADYNYKLPDDFTGCVIAWNSNNLDSKVGGNYNYRYRLFRKSNLKPFERDISTEIYQAG
SKPCNGVEGFNCYFPLQSYGFQPTNGVGYQPYRVVVLSFELLHAPATVCGPKKSTNLVKNKCVNFNFNGLTGTGVLTESN
KKFLPFQQFGRDIADTTDAVRDPQTLEILDITPCSFGGVSVITPGTNTSNQVAVLYQGVNCTEVPVAIHADQLTPTWRVY
STGSNVFQTRAGCLIGAEHVNNSYECDIPIGAGICASYQTQTNSRGSAGSVASQSIIAYTMSLGAENSVAYSNNSIAIPT
NFTISVTTEILPVSMTKTSVDCTMYICGDSTECSNLLLQYGSFCTQLNRALTGIAVEQDKNTQEVFAQVKQIYKTPPIKD
FGGFNFSQILPDPSKPSKRSFIEDLLFNKVTLADAGFIKQYGDCLGDIAARDLICAQKFNGLTVLPPLLTDEMIAQYTSA
LLAGTITSGWTFGAGAALQIPFAMQMAYRFNGIGVTQNVLYENQKLIANQFNSAIGKIQDSLSSTASALGKLQNVVNQNA
QALNTLVKQLSSNFGAISSVLNDILSRLDPPEAEVQIDRLITGRLQSLQTYVTQQLIRAAEIRASANLAATKMSECVLGQ
SKRVDFCGKGYHLMSFPQSAPHGVVFLHVTYVPAQEKNFTTAPAICHDGKAHFPREGVFVSNGTHWFVTQRNFYEPQIIT
TDNTFVSGNCDVVIGIVNNTVYDPLQPELDSFKEELDKYFKNHTSPDVDLGDISGINASVVNIQKEIDRLNEVAKNLNES
LIDLQELGKYEQDIRSLVPRGSPGSGYIPEAPRDGQAYVRKDGEWVLLSTFLGHHHHHH
;
A,B,C
2 'polypeptide(L)'
;EVQLVESGGGVVQPGRSLRLSCAASGFTFSSYGMHWVRQAPGKGLEWVAVISYDGSNKYYADSVKGRFTISRDNSKNTLY
LQMNSLRAEDTAVYYCANGFGEYYYYAMDVWGQGTTVTVSSASTKGPSVFPLAPSSKSTSGGTAALGCLVKDYFPEPVTV
SWNSGALTSGVHTFPAVLQSSGLYSLSSVVTVPSSSLGTQTYICNVNHKPSNTKVDKKVEPKSC
;
F,H
3 'polypeptide(L)'
;NFMLTQPHSVSESPGKTVTISCTGSSGSIASNYVQWYQRRPGSAPTTVIYEDNQRPSGVPDRFSASIDSSSNSASLTISG
LKTEDEADYYCQSYDSSNWVFGGGTKLTVLGQPKAAPSVTLFPPSSEELQANKATLVCLISDFYPGAVTVAWKADSSPVK
AGVETTTPSKQSNNKYAASSYLSLTPEQWKSHRSYSCQVTHEGSTVEKTVAPTECS
;
G,I
#
# COMPACT_ATOMS: atom_id res chain seq x y z
N PRO A 31 -21.23 7.46 63.55
CA PRO A 31 -20.05 6.65 63.85
C PRO A 31 -20.03 5.33 63.07
N PRO A 32 -19.71 5.40 61.78
CA PRO A 32 -19.67 4.19 60.96
C PRO A 32 -18.52 3.29 61.35
N ALA A 33 -18.70 1.99 61.10
CA ALA A 33 -17.68 0.99 61.38
C ALA A 33 -17.00 0.59 60.07
N TYR A 34 -15.68 0.69 60.04
CA TYR A 34 -14.90 0.42 58.84
C TYR A 34 -14.32 -0.99 58.95
N THR A 35 -14.81 -1.89 58.11
CA THR A 35 -14.33 -3.27 58.05
C THR A 35 -13.68 -3.53 56.69
N ASN A 36 -13.29 -4.77 56.46
CA ASN A 36 -12.62 -5.16 55.23
C ASN A 36 -13.62 -5.89 54.32
N SER A 37 -13.72 -5.42 53.08
CA SER A 37 -14.67 -5.98 52.13
C SER A 37 -14.16 -7.22 51.44
N PHE A 38 -12.91 -7.61 51.68
CA PHE A 38 -12.30 -8.84 51.13
C PHE A 38 -12.32 -8.74 49.60
N THR A 39 -12.68 -9.81 48.90
CA THR A 39 -12.59 -9.87 47.44
C THR A 39 -13.96 -9.85 46.77
N ARG A 40 -14.94 -9.20 47.39
CA ARG A 40 -16.27 -9.13 46.82
C ARG A 40 -16.39 -7.93 45.88
N GLY A 41 -17.49 -7.91 45.14
CA GLY A 41 -17.74 -6.86 44.17
C GLY A 41 -17.44 -7.23 42.73
N VAL A 42 -17.62 -8.48 42.34
CA VAL A 42 -17.34 -8.96 41.00
C VAL A 42 -18.66 -9.25 40.30
N TYR A 43 -18.90 -8.59 39.17
CA TYR A 43 -20.12 -8.77 38.42
C TYR A 43 -19.80 -8.93 36.95
N TYR A 44 -20.70 -9.57 36.22
CA TYR A 44 -20.52 -9.74 34.78
C TYR A 44 -20.60 -8.39 34.10
N PRO A 45 -19.55 -7.94 33.41
CA PRO A 45 -19.58 -6.62 32.76
C PRO A 45 -20.47 -6.58 31.54
N ASP A 46 -20.77 -7.73 30.92
CA ASP A 46 -21.53 -7.77 29.68
C ASP A 46 -22.40 -9.02 29.68
N LYS A 47 -23.15 -9.20 28.60
CA LYS A 47 -24.01 -10.36 28.42
C LYS A 47 -23.32 -11.46 27.62
N VAL A 48 -22.05 -11.28 27.27
CA VAL A 48 -21.35 -12.21 26.40
C VAL A 48 -21.05 -13.49 27.17
N PHE A 49 -21.32 -14.63 26.54
CA PHE A 49 -20.95 -15.93 27.10
C PHE A 49 -19.53 -16.26 26.66
N ARG A 50 -18.66 -16.50 27.64
CA ARG A 50 -17.26 -16.83 27.37
C ARG A 50 -16.89 -18.04 28.22
N SER A 51 -16.06 -18.93 27.67
CA SER A 51 -15.79 -20.21 28.31
C SER A 51 -14.31 -20.51 28.33
N SER A 52 -13.81 -20.90 29.52
CA SER A 52 -12.48 -21.49 29.68
C SER A 52 -11.36 -20.59 29.16
N VAL A 53 -11.42 -19.30 29.52
CA VAL A 53 -10.36 -18.37 29.17
C VAL A 53 -10.48 -17.15 30.08
N LEU A 54 -9.35 -16.47 30.29
CA LEU A 54 -9.25 -15.38 31.25
C LEU A 54 -9.40 -14.07 30.48
N HIS A 55 -10.45 -13.31 30.78
CA HIS A 55 -10.77 -12.07 30.08
C HIS A 55 -10.69 -10.90 31.03
N SER A 56 -10.05 -9.81 30.58
CA SER A 56 -9.86 -8.61 31.38
C SER A 56 -10.71 -7.48 30.84
N THR A 57 -11.36 -6.75 31.74
CA THR A 57 -12.27 -5.67 31.38
C THR A 57 -11.98 -4.42 32.20
N GLN A 58 -12.26 -3.27 31.60
CA GLN A 58 -12.18 -1.98 32.28
C GLN A 58 -13.60 -1.44 32.46
N ASP A 59 -13.96 -1.16 33.71
CA ASP A 59 -15.27 -0.59 34.04
C ASP A 59 -15.21 -0.14 35.49
N LEU A 60 -16.35 0.33 36.00
CA LEU A 60 -16.45 0.75 37.39
C LEU A 60 -16.67 -0.48 38.25
N PHE A 61 -15.64 -0.85 39.02
CA PHE A 61 -15.70 -2.01 39.90
C PHE A 61 -15.41 -1.59 41.34
N LEU A 62 -15.93 -2.36 42.28
CA LEU A 62 -15.58 -2.17 43.68
C LEU A 62 -14.15 -2.63 43.90
N PRO A 63 -13.23 -1.75 44.30
CA PRO A 63 -11.84 -2.18 44.51
C PRO A 63 -11.76 -3.26 45.57
N PHE A 64 -10.87 -4.22 45.36
CA PHE A 64 -10.66 -5.27 46.34
C PHE A 64 -10.05 -4.68 47.61
N PHE A 65 -10.46 -5.21 48.76
CA PHE A 65 -9.97 -4.76 50.07
C PHE A 65 -10.18 -3.25 50.22
N SER A 66 -11.38 -2.79 49.85
CA SER A 66 -11.69 -1.37 49.87
C SER A 66 -12.11 -0.93 51.27
N ASN A 67 -12.62 0.30 51.38
CA ASN A 67 -13.04 0.89 52.63
C ASN A 67 -14.56 0.94 52.66
N VAL A 68 -15.17 -0.10 53.21
CA VAL A 68 -16.62 -0.15 53.32
C VAL A 68 -17.08 0.78 54.44
N THR A 69 -18.06 1.62 54.15
CA THR A 69 -18.62 2.55 55.13
C THR A 69 -19.94 1.98 55.64
N TRP A 70 -19.82 1.00 56.54
CA TRP A 70 -21.00 0.37 57.11
C TRP A 70 -21.85 1.40 57.84
N PHE A 71 -23.16 1.35 57.60
CA PHE A 71 -24.10 2.28 58.17
C PHE A 71 -24.92 1.59 59.26
N HIS A 72 -25.51 2.41 60.13
CA HIS A 72 -26.32 1.91 61.23
C HIS A 72 -27.56 2.79 61.39
N ALA A 73 -28.64 2.17 61.85
CA ALA A 73 -29.92 2.85 62.05
C ALA A 73 -30.19 2.92 63.55
N ILE A 74 -29.96 4.08 64.14
CA ILE A 74 -30.11 4.28 65.58
C ILE A 74 -30.85 5.60 65.81
N HIS A 75 -31.38 5.74 67.02
CA HIS A 75 -32.10 6.95 67.41
C HIS A 75 -31.55 7.51 68.71
N LEU A 90 -25.32 11.64 49.95
CA LEU A 90 -24.19 10.71 50.03
C LEU A 90 -23.29 10.85 48.80
N PRO A 91 -21.98 10.77 49.00
CA PRO A 91 -21.06 10.86 47.87
C PRO A 91 -21.32 9.76 46.85
N PHE A 92 -21.21 10.11 45.58
CA PHE A 92 -21.48 9.19 44.47
C PHE A 92 -20.23 8.77 43.73
N ASN A 93 -19.29 9.68 43.52
CA ASN A 93 -18.04 9.42 42.79
C ASN A 93 -18.42 8.88 41.40
N ASP A 94 -17.85 7.76 40.96
CA ASP A 94 -18.17 7.20 39.66
C ASP A 94 -19.30 6.17 39.76
N GLY A 95 -19.09 5.12 40.54
CA GLY A 95 -20.14 4.16 40.81
C GLY A 95 -20.26 3.93 42.31
N VAL A 96 -21.44 3.48 42.72
CA VAL A 96 -21.73 3.24 44.13
C VAL A 96 -22.20 1.80 44.30
N TYR A 97 -21.59 1.10 45.25
CA TYR A 97 -22.00 -0.25 45.63
C TYR A 97 -22.82 -0.16 46.90
N PHE A 98 -24.08 -0.56 46.82
CA PHE A 98 -25.02 -0.41 47.93
C PHE A 98 -25.61 -1.78 48.26
N ALA A 99 -25.99 -1.95 49.52
CA ALA A 99 -26.62 -3.19 49.96
C ALA A 99 -27.52 -2.89 51.14
N SER A 100 -28.45 -3.81 51.40
CA SER A 100 -29.35 -3.66 52.53
C SER A 100 -30.09 -4.96 52.83
N THR A 101 -30.10 -5.37 54.10
CA THR A 101 -30.89 -6.51 54.56
C THR A 101 -32.17 -5.92 55.15
N GLU A 102 -33.16 -5.69 54.28
CA GLU A 102 -34.35 -4.92 54.64
C GLU A 102 -35.50 -5.87 54.91
N LYS A 103 -35.52 -6.43 56.12
CA LYS A 103 -36.67 -7.23 56.54
C LYS A 103 -37.85 -6.33 56.92
N SER A 104 -37.57 -5.19 57.55
CA SER A 104 -38.60 -4.23 57.93
C SER A 104 -38.69 -3.06 56.97
N ASN A 105 -37.82 -3.00 55.96
CA ASN A 105 -37.83 -1.96 54.94
C ASN A 105 -37.72 -0.56 55.57
N ILE A 106 -36.62 -0.36 56.30
CA ILE A 106 -36.39 0.96 56.90
C ILE A 106 -35.99 1.97 55.83
N ILE A 107 -35.17 1.57 54.87
CA ILE A 107 -34.75 2.45 53.78
C ILE A 107 -35.64 2.19 52.57
N ARG A 108 -36.38 3.21 52.16
CA ARG A 108 -37.32 3.07 51.05
C ARG A 108 -37.24 4.20 50.03
N GLY A 109 -36.38 5.20 50.23
CA GLY A 109 -36.40 6.35 49.37
C GLY A 109 -35.06 6.75 48.77
N TRP A 110 -35.12 7.59 47.73
CA TRP A 110 -33.95 8.10 47.05
C TRP A 110 -34.29 9.44 46.43
N ILE A 111 -33.34 10.39 46.52
CA ILE A 111 -33.46 11.69 45.88
C ILE A 111 -32.38 11.79 44.81
N PHE A 112 -32.75 12.26 43.63
CA PHE A 112 -31.90 12.12 42.46
C PHE A 112 -32.07 13.33 41.56
N GLY A 113 -31.57 13.20 40.32
CA GLY A 113 -31.58 14.28 39.35
C GLY A 113 -30.22 14.96 39.28
N THR A 114 -30.18 16.22 39.68
CA THR A 114 -28.93 16.95 39.86
C THR A 114 -28.77 17.53 41.26
N THR A 115 -29.87 17.86 41.93
CA THR A 115 -29.87 18.30 43.32
C THR A 115 -30.99 17.56 44.03
N LEU A 116 -31.29 17.97 45.26
CA LEU A 116 -32.36 17.35 46.04
C LEU A 116 -33.65 18.14 46.02
N ASP A 117 -33.66 19.32 45.43
CA ASP A 117 -34.85 20.18 45.41
C ASP A 117 -35.71 19.95 44.16
N SER A 118 -36.05 18.69 43.90
CA SER A 118 -36.91 18.31 42.77
C SER A 118 -36.38 18.89 41.46
N LYS A 119 -35.08 18.68 41.22
CA LYS A 119 -34.46 19.19 40.01
C LYS A 119 -35.07 18.57 38.77
N THR A 120 -35.13 17.25 38.72
CA THR A 120 -35.65 16.50 37.58
C THR A 120 -36.33 15.24 38.11
N GLN A 121 -36.53 14.26 37.23
CA GLN A 121 -37.23 13.03 37.57
C GLN A 121 -36.34 12.17 38.46
N SER A 122 -36.55 12.27 39.78
CA SER A 122 -35.76 11.52 40.73
C SER A 122 -36.19 10.05 40.77
N LEU A 123 -35.27 9.20 41.21
CA LEU A 123 -35.51 7.77 41.27
C LEU A 123 -36.04 7.39 42.65
N LEU A 124 -36.95 6.41 42.68
CA LEU A 124 -37.55 5.94 43.91
C LEU A 124 -38.03 4.51 43.71
N ILE A 125 -37.52 3.58 44.54
CA ILE A 125 -37.84 2.17 44.44
C ILE A 125 -38.63 1.75 45.68
N VAL A 126 -39.79 1.15 45.45
CA VAL A 126 -40.62 0.59 46.52
C VAL A 126 -40.75 -0.90 46.25
N ASN A 127 -40.06 -1.71 47.03
CA ASN A 127 -40.00 -3.17 46.82
C ASN A 127 -40.77 -3.83 47.96
N ASN A 128 -42.09 -3.97 47.76
CA ASN A 128 -42.94 -4.67 48.72
C ASN A 128 -43.89 -5.60 47.97
N ALA A 129 -44.15 -6.76 48.56
CA ALA A 129 -45.01 -7.78 47.97
C ALA A 129 -44.57 -8.14 46.55
N THR A 130 -43.25 -8.22 46.37
CA THR A 130 -42.63 -8.66 45.12
C THR A 130 -42.99 -7.78 43.93
N ASN A 131 -43.38 -6.54 44.17
CA ASN A 131 -43.71 -5.58 43.12
C ASN A 131 -42.72 -4.43 43.18
N VAL A 132 -41.78 -4.39 42.25
CA VAL A 132 -40.78 -3.32 42.18
C VAL A 132 -41.45 -2.08 41.59
N VAL A 133 -41.63 -1.05 42.40
CA VAL A 133 -42.31 0.17 42.00
C VAL A 133 -41.27 1.28 41.86
N ILE A 134 -41.21 1.89 40.68
CA ILE A 134 -40.34 3.02 40.43
C ILE A 134 -41.23 4.19 40.00
N LYS A 135 -41.09 5.32 40.69
CA LYS A 135 -41.90 6.50 40.40
C LYS A 135 -41.04 7.74 40.55
N VAL A 136 -41.10 8.64 39.57
CA VAL A 136 -40.42 9.92 39.64
C VAL A 136 -41.31 11.02 40.18
N CYS A 137 -42.58 10.72 40.45
CA CYS A 137 -43.53 11.72 40.90
C CYS A 137 -43.07 12.34 42.21
N GLU A 138 -43.26 13.66 42.32
CA GLU A 138 -42.80 14.39 43.50
C GLU A 138 -43.78 14.21 44.64
N PHE A 139 -43.32 13.58 45.72
CA PHE A 139 -44.10 13.40 46.92
C PHE A 139 -43.65 14.42 47.97
N GLN A 140 -44.61 14.94 48.74
CA GLN A 140 -44.32 15.93 49.76
C GLN A 140 -43.32 15.37 50.77
N PHE A 141 -42.11 15.90 50.77
CA PHE A 141 -41.06 15.45 51.67
C PHE A 141 -41.00 16.36 52.89
N CYS A 142 -40.05 16.10 53.77
CA CYS A 142 -39.87 16.86 54.99
C CYS A 142 -38.39 16.96 55.31
N ASN A 143 -38.08 17.74 56.35
CA ASN A 143 -36.70 17.80 56.82
C ASN A 143 -36.26 16.44 57.38
N ASP A 144 -37.15 15.76 58.11
CA ASP A 144 -36.87 14.45 58.68
C ASP A 144 -38.01 13.51 58.30
N PRO A 145 -37.97 12.92 57.12
CA PRO A 145 -39.05 12.01 56.71
C PRO A 145 -39.04 10.70 57.50
N PHE A 146 -39.49 10.74 58.74
CA PHE A 146 -39.57 9.56 59.58
C PHE A 146 -41.04 9.26 59.93
N LEU A 147 -41.29 8.00 60.31
CA LEU A 147 -42.66 7.55 60.68
C LEU A 147 -42.69 7.20 62.17
N ASP A 148 -42.46 5.93 62.51
CA ASP A 148 -42.46 5.48 63.92
C ASP A 148 -41.11 4.81 64.25
N VAL A 149 -40.39 5.36 65.23
CA VAL A 149 -39.06 4.81 65.64
C VAL A 149 -39.29 3.69 66.65
N TYR A 150 -40.43 3.01 66.55
CA TYR A 150 -40.77 1.92 67.46
C TYR A 150 -40.28 0.61 66.84
N TYR A 151 -40.65 -0.51 67.46
CA TYR A 151 -40.18 -1.80 67.01
C TYR A 151 -41.28 -2.69 66.43
N HIS A 152 -42.55 -2.33 66.60
CA HIS A 152 -43.64 -3.19 66.17
C HIS A 152 -43.98 -3.01 64.69
N LYS A 153 -42.96 -3.13 63.84
CA LYS A 153 -43.11 -3.16 62.38
C LYS A 153 -43.85 -1.93 61.86
N ASN A 154 -43.22 -0.77 62.04
CA ASN A 154 -43.78 0.49 61.57
C ASN A 154 -43.23 0.83 60.19
N ASN A 155 -44.13 1.18 59.27
CA ASN A 155 -43.75 1.64 57.95
C ASN A 155 -44.12 3.11 57.74
N LYS A 156 -45.41 3.44 57.88
CA LYS A 156 -45.89 4.82 57.79
C LYS A 156 -46.94 5.06 58.87
N SER A 157 -46.62 4.64 60.09
CA SER A 157 -47.51 4.66 61.25
C SER A 157 -48.66 3.67 61.06
N TRP A 158 -49.90 4.12 61.21
CA TRP A 158 -51.05 3.24 61.10
C TRP A 158 -51.92 3.52 59.88
N MET A 159 -51.88 4.73 59.34
CA MET A 159 -52.71 5.07 58.18
C MET A 159 -52.45 4.12 57.03
N GLU A 160 -53.51 3.52 56.51
CA GLU A 160 -53.43 2.54 55.44
C GLU A 160 -53.60 3.15 54.05
N SER A 161 -53.46 4.48 53.95
CA SER A 161 -53.56 5.12 52.63
C SER A 161 -52.45 4.64 51.70
N GLY A 162 -51.23 4.51 52.22
CA GLY A 162 -50.13 4.03 51.42
C GLY A 162 -48.94 4.96 51.42
N VAL A 163 -48.25 5.04 50.28
CA VAL A 163 -47.07 5.89 50.11
C VAL A 163 -47.52 7.35 50.21
N TYR A 164 -46.56 8.26 50.40
CA TYR A 164 -46.84 9.69 50.51
C TYR A 164 -47.85 10.15 49.47
N SER A 165 -48.96 10.72 49.94
CA SER A 165 -50.06 11.12 49.06
C SER A 165 -49.80 12.52 48.54
N SER A 166 -49.02 12.58 47.46
CA SER A 166 -48.69 13.86 46.82
C SER A 166 -48.26 13.59 45.39
N ALA A 167 -49.02 14.12 44.42
CA ALA A 167 -48.70 13.98 43.00
C ALA A 167 -48.69 15.37 42.37
N ASN A 168 -47.54 16.05 42.47
CA ASN A 168 -47.41 17.38 41.88
C ASN A 168 -47.34 17.29 40.35
N ASN A 169 -46.32 16.59 39.84
CA ASN A 169 -46.16 16.41 38.40
C ASN A 169 -45.34 15.15 38.16
N CYS A 170 -45.74 14.39 37.15
CA CYS A 170 -45.08 13.14 36.79
C CYS A 170 -44.63 13.19 35.34
N THR A 171 -43.47 12.61 35.07
CA THR A 171 -42.91 12.52 33.73
C THR A 171 -42.57 11.10 33.31
N PHE A 172 -42.15 10.26 34.25
CA PHE A 172 -41.74 8.89 33.97
C PHE A 172 -42.40 7.96 34.95
N GLU A 173 -42.64 6.71 34.53
CA GLU A 173 -43.22 5.72 35.43
C GLU A 173 -42.89 4.33 34.91
N TYR A 174 -42.21 3.54 35.74
CA TYR A 174 -41.85 2.16 35.39
C TYR A 174 -42.11 1.26 36.58
N VAL A 175 -42.79 0.15 36.35
CA VAL A 175 -43.08 -0.83 37.38
C VAL A 175 -42.73 -2.22 36.85
N SER A 176 -42.04 -3.01 37.67
CA SER A 176 -41.67 -4.37 37.32
C SER A 176 -42.52 -5.36 38.10
N GLN A 177 -42.44 -6.62 37.68
CA GLN A 177 -43.20 -7.73 38.25
C GLN A 177 -42.39 -8.99 38.59
N PRO A 178 -41.11 -9.17 38.11
CA PRO A 178 -40.38 -10.39 38.50
C PRO A 178 -40.34 -10.66 39.99
N PHE A 179 -40.72 -11.88 40.37
CA PHE A 179 -40.69 -12.31 41.76
C PHE A 179 -39.28 -12.19 42.32
N LEU A 180 -39.15 -11.42 43.39
CA LEU A 180 -37.85 -11.21 44.03
C LEU A 180 -37.99 -11.39 45.53
N MET A 181 -37.13 -12.21 46.12
CA MET A 181 -37.14 -12.45 47.55
C MET A 181 -35.74 -12.86 48.01
N PHE A 190 -28.58 -16.39 59.49
CA PHE A 190 -29.48 -15.54 58.70
C PHE A 190 -28.75 -14.30 58.20
N LYS A 191 -28.40 -14.31 56.90
CA LYS A 191 -27.75 -13.16 56.27
C LYS A 191 -28.19 -13.15 54.80
N ASN A 192 -29.22 -12.36 54.51
CA ASN A 192 -29.70 -12.19 53.16
C ASN A 192 -28.94 -11.07 52.48
N LEU A 193 -28.42 -11.34 51.28
CA LEU A 193 -27.63 -10.37 50.52
C LEU A 193 -28.49 -9.85 49.37
N ARG A 194 -28.83 -8.57 49.43
CA ARG A 194 -29.65 -7.91 48.42
C ARG A 194 -29.05 -6.54 48.16
N GLU A 195 -28.44 -6.37 46.99
CA GLU A 195 -27.66 -5.17 46.68
C GLU A 195 -28.26 -4.44 45.48
N PHE A 196 -28.09 -3.11 45.49
CA PHE A 196 -28.64 -2.22 44.48
C PHE A 196 -27.50 -1.38 43.92
N VAL A 197 -26.96 -1.78 42.77
CA VAL A 197 -25.87 -1.03 42.14
C VAL A 197 -26.47 0.13 41.35
N PHE A 198 -26.05 1.34 41.67
CA PHE A 198 -26.53 2.54 41.01
C PHE A 198 -25.41 3.16 40.20
N LYS A 199 -25.63 3.35 38.90
CA LYS A 199 -24.66 4.00 38.04
C LYS A 199 -25.30 4.29 36.68
N ASN A 200 -24.87 5.38 36.07
CA ASN A 200 -25.28 5.75 34.72
C ASN A 200 -24.03 5.68 33.83
N ILE A 201 -23.74 4.49 33.31
CA ILE A 201 -22.60 4.27 32.43
C ILE A 201 -23.09 4.27 31.00
N ASP A 202 -22.63 5.22 30.20
CA ASP A 202 -23.02 5.38 28.80
C ASP A 202 -24.54 5.43 28.66
N GLY A 203 -25.18 6.14 29.59
CA GLY A 203 -26.62 6.25 29.59
C GLY A 203 -27.34 4.93 29.68
N TYR A 204 -26.91 4.08 30.62
CA TYR A 204 -27.47 2.73 30.70
C TYR A 204 -27.39 2.30 32.16
N PHE A 205 -28.53 2.35 32.87
CA PHE A 205 -28.59 2.13 34.30
C PHE A 205 -28.74 0.63 34.56
N LYS A 206 -27.73 0.04 35.19
CA LYS A 206 -27.69 -1.40 35.44
C LYS A 206 -27.85 -1.68 36.93
N ILE A 207 -28.50 -2.80 37.24
CA ILE A 207 -28.65 -3.29 38.60
C ILE A 207 -28.36 -4.78 38.60
N TYR A 208 -27.47 -5.22 39.49
CA TYR A 208 -27.09 -6.61 39.61
C TYR A 208 -27.57 -7.17 40.94
N SER A 209 -27.53 -8.49 41.06
CA SER A 209 -27.96 -9.14 42.29
C SER A 209 -27.32 -10.50 42.39
N LYS A 210 -27.19 -10.98 43.63
CA LYS A 210 -26.75 -12.34 43.91
C LYS A 210 -27.16 -12.70 45.32
N HIS A 211 -28.05 -13.69 45.46
CA HIS A 211 -28.53 -14.12 46.76
C HIS A 211 -27.79 -15.40 47.16
N THR A 212 -27.17 -15.38 48.34
CA THR A 212 -26.46 -16.54 48.86
C THR A 212 -26.95 -16.88 50.26
N PRO A 213 -27.61 -18.02 50.45
CA PRO A 213 -28.05 -18.39 51.80
C PRO A 213 -26.89 -18.79 52.70
N ILE A 214 -26.52 -17.92 53.64
CA ILE A 214 -25.49 -18.21 54.63
C ILE A 214 -26.05 -17.89 56.01
N ASN A 215 -25.40 -18.43 57.03
CA ASN A 215 -25.81 -18.26 58.42
C ASN A 215 -24.63 -17.70 59.21
N LEU A 216 -24.48 -16.38 59.19
CA LEU A 216 -23.44 -15.68 59.92
C LEU A 216 -23.72 -14.19 59.85
N VAL A 217 -23.48 -13.49 60.96
CA VAL A 217 -23.78 -12.07 61.06
C VAL A 217 -22.55 -11.25 61.44
N ARG A 218 -21.40 -11.89 61.63
CA ARG A 218 -20.22 -11.19 62.15
C ARG A 218 -19.75 -10.10 61.19
N ASP A 219 -19.59 -10.44 59.91
CA ASP A 219 -19.05 -9.50 58.94
C ASP A 219 -19.35 -10.03 57.53
N LEU A 220 -18.78 -9.37 56.52
CA LEU A 220 -18.95 -9.83 55.15
C LEU A 220 -18.21 -11.15 54.95
N PRO A 221 -18.74 -12.05 54.13
CA PRO A 221 -18.12 -13.38 53.98
C PRO A 221 -16.74 -13.29 53.35
N GLN A 222 -15.88 -14.25 53.72
CA GLN A 222 -14.57 -14.41 53.11
C GLN A 222 -14.70 -15.45 52.00
N GLY A 223 -15.15 -14.98 50.84
CA GLY A 223 -15.38 -15.87 49.72
C GLY A 223 -15.57 -15.09 48.44
N PHE A 224 -15.97 -15.81 47.40
CA PHE A 224 -16.15 -15.23 46.07
C PHE A 224 -17.60 -15.34 45.65
N SER A 225 -18.07 -14.32 44.92
CA SER A 225 -19.43 -14.27 44.43
C SER A 225 -19.45 -13.62 43.05
N ALA A 226 -20.48 -13.93 42.27
CA ALA A 226 -20.69 -13.35 40.97
C ALA A 226 -22.09 -12.73 40.91
N LEU A 227 -22.19 -11.55 40.30
CA LEU A 227 -23.43 -10.79 40.24
C LEU A 227 -23.91 -10.72 38.79
N GLU A 228 -25.14 -11.19 38.56
CA GLU A 228 -25.75 -11.15 37.24
C GLU A 228 -26.84 -10.08 37.18
N PRO A 229 -26.99 -9.41 36.05
CA PRO A 229 -27.98 -8.33 35.96
C PRO A 229 -29.41 -8.86 35.96
N LEU A 230 -30.31 -8.07 36.54
CA LEU A 230 -31.73 -8.37 36.54
C LEU A 230 -32.54 -7.35 35.76
N VAL A 231 -32.40 -6.07 36.08
CA VAL A 231 -33.16 -5.00 35.44
C VAL A 231 -32.19 -3.98 34.86
N ASP A 232 -32.44 -3.58 33.61
CA ASP A 232 -31.56 -2.67 32.89
C ASP A 232 -32.41 -1.63 32.17
N LEU A 233 -32.59 -0.46 32.79
CA LEU A 233 -33.32 0.63 32.16
C LEU A 233 -32.35 1.73 31.76
N PRO A 234 -32.10 1.94 30.47
CA PRO A 234 -31.15 2.99 30.04
C PRO A 234 -31.75 4.39 30.17
N ILE A 235 -31.87 4.85 31.42
CA ILE A 235 -32.47 6.16 31.67
C ILE A 235 -31.61 7.26 31.06
N GLY A 236 -30.29 7.19 31.27
CA GLY A 236 -29.40 8.19 30.71
C GLY A 236 -29.46 9.55 31.38
N ILE A 237 -30.06 9.63 32.56
CA ILE A 237 -30.24 10.92 33.23
C ILE A 237 -28.90 11.40 33.80
N ASN A 238 -28.67 12.70 33.72
CA ASN A 238 -27.42 13.32 34.20
C ASN A 238 -27.42 13.37 35.73
N ILE A 239 -27.22 12.20 36.32
CA ILE A 239 -27.19 12.04 37.77
C ILE A 239 -25.75 11.84 38.21
N THR A 240 -25.29 12.64 39.18
CA THR A 240 -23.94 12.55 39.71
C THR A 240 -23.91 12.49 41.23
N ARG A 241 -25.08 12.44 41.88
CA ARG A 241 -25.15 12.38 43.33
C ARG A 241 -26.40 11.61 43.75
N PHE A 242 -26.35 11.05 44.94
CA PHE A 242 -27.47 10.29 45.48
C PHE A 242 -27.51 10.44 46.99
N GLN A 243 -28.69 10.23 47.56
CA GLN A 243 -28.89 10.35 49.00
C GLN A 243 -30.16 9.61 49.37
N THR A 244 -30.17 9.01 50.55
CA THR A 244 -31.29 8.22 51.02
C THR A 244 -32.01 8.89 52.19
N LEU A 245 -33.33 8.71 52.23
CA LEU A 245 -34.15 9.21 53.31
C LEU A 245 -34.32 8.18 54.43
N LEU A 246 -35.22 8.42 55.37
CA LEU A 246 -35.27 7.64 56.59
C LEU A 246 -36.63 6.98 56.79
N ALA A 247 -36.87 6.43 57.98
CA ALA A 247 -38.10 5.70 58.28
C ALA A 247 -39.36 6.53 58.00
N ALA A 267 -31.20 -1.02 59.97
CA ALA A 267 -30.32 -1.63 60.95
C ALA A 267 -28.88 -1.63 60.46
N ALA A 268 -28.48 -2.72 59.82
CA ALA A 268 -27.13 -2.88 59.29
C ALA A 268 -27.18 -3.03 57.77
N TYR A 269 -26.45 -2.17 57.07
CA TYR A 269 -26.37 -2.26 55.62
C TYR A 269 -25.07 -1.62 55.16
N TYR A 270 -24.31 -2.36 54.35
CA TYR A 270 -22.99 -1.92 53.92
C TYR A 270 -23.08 -0.98 52.73
N VAL A 271 -21.97 -0.29 52.46
CA VAL A 271 -21.87 0.63 51.33
C VAL A 271 -20.47 0.54 50.75
N GLY A 272 -20.38 0.31 49.45
CA GLY A 272 -19.11 0.30 48.75
C GLY A 272 -19.11 1.33 47.63
N TYR A 273 -17.95 1.47 46.99
CA TYR A 273 -17.78 2.44 45.93
C TYR A 273 -17.08 1.79 44.74
N LEU A 274 -17.40 2.27 43.54
CA LEU A 274 -16.87 1.73 42.30
C LEU A 274 -15.93 2.75 41.67
N GLN A 275 -14.74 2.30 41.30
CA GLN A 275 -13.70 3.15 40.72
C GLN A 275 -13.19 2.53 39.44
N PRO A 276 -12.72 3.35 38.49
CA PRO A 276 -12.28 2.82 37.19
C PRO A 276 -10.99 2.03 37.30
N ARG A 277 -11.07 0.81 37.81
CA ARG A 277 -9.92 -0.07 37.97
C ARG A 277 -10.14 -1.34 37.17
N THR A 278 -9.19 -1.68 36.32
CA THR A 278 -9.33 -2.86 35.47
C THR A 278 -9.22 -4.14 36.31
N PHE A 279 -9.88 -5.18 35.82
CA PHE A 279 -9.82 -6.48 36.48
C PHE A 279 -9.42 -7.56 35.49
N LEU A 280 -9.47 -8.82 35.91
CA LEU A 280 -9.15 -9.94 35.01
C LEU A 280 -10.05 -11.09 35.43
N LEU A 281 -11.19 -11.22 34.73
CA LEU A 281 -12.21 -12.17 35.10
C LEU A 281 -11.78 -13.59 34.75
N LYS A 282 -12.44 -14.56 35.40
CA LYS A 282 -12.20 -15.98 35.17
C LYS A 282 -13.53 -16.65 34.84
N TYR A 283 -13.76 -16.91 33.56
CA TYR A 283 -14.93 -17.66 33.12
C TYR A 283 -14.58 -19.15 33.06
N ASN A 284 -15.42 -19.99 33.66
CA ASN A 284 -15.19 -21.42 33.68
C ASN A 284 -15.59 -22.05 32.35
N GLU A 285 -15.72 -23.37 32.33
CA GLU A 285 -16.18 -24.11 31.16
C GLU A 285 -17.71 -24.05 31.05
N ASN A 286 -18.34 -23.13 31.79
CA ASN A 286 -19.78 -22.98 31.72
C ASN A 286 -20.20 -21.52 31.59
N GLY A 287 -19.27 -20.58 31.52
CA GLY A 287 -19.62 -19.18 31.44
C GLY A 287 -20.01 -18.55 32.76
N THR A 288 -19.34 -18.93 33.84
CA THR A 288 -19.58 -18.37 35.17
C THR A 288 -18.25 -17.92 35.75
N ILE A 289 -18.30 -16.86 36.55
CA ILE A 289 -17.11 -16.25 37.14
C ILE A 289 -16.79 -17.04 38.41
N THR A 290 -15.79 -17.92 38.32
CA THR A 290 -15.38 -18.72 39.48
C THR A 290 -14.38 -18.01 40.38
N ASP A 291 -13.59 -17.09 39.83
CA ASP A 291 -12.54 -16.38 40.55
C ASP A 291 -12.31 -15.05 39.85
N ALA A 292 -11.50 -14.21 40.48
CA ALA A 292 -11.15 -12.92 39.89
C ALA A 292 -9.87 -12.40 40.52
N VAL A 293 -9.08 -11.69 39.72
CA VAL A 293 -7.85 -11.05 40.18
C VAL A 293 -7.88 -9.59 39.74
N ASP A 294 -7.62 -8.68 40.67
CA ASP A 294 -7.55 -7.26 40.35
C ASP A 294 -6.21 -6.92 39.71
N CYS A 295 -6.16 -5.75 39.09
CA CYS A 295 -4.93 -5.32 38.42
C CYS A 295 -4.07 -4.46 39.33
N ALA A 296 -4.60 -3.33 39.79
CA ALA A 296 -3.81 -2.31 40.49
C ALA A 296 -3.82 -2.49 42.01
N LEU A 297 -3.98 -3.71 42.51
CA LEU A 297 -4.00 -3.92 43.96
C LEU A 297 -2.58 -3.98 44.51
N ASP A 298 -1.82 -4.99 44.09
CA ASP A 298 -0.45 -5.16 44.56
C ASP A 298 0.44 -5.50 43.37
N PRO A 299 1.77 -5.60 43.56
CA PRO A 299 2.62 -6.03 42.44
C PRO A 299 2.21 -7.37 41.86
N LEU A 300 1.78 -8.33 42.68
CA LEU A 300 1.33 -9.60 42.13
C LEU A 300 0.04 -9.44 41.34
N SER A 301 -0.86 -8.55 41.80
CA SER A 301 -2.07 -8.28 41.04
C SER A 301 -1.73 -7.67 39.68
N GLU A 302 -0.78 -6.73 39.65
CA GLU A 302 -0.36 -6.15 38.38
C GLU A 302 0.29 -7.18 37.48
N THR A 303 1.09 -8.08 38.07
CA THR A 303 1.71 -9.15 37.28
C THR A 303 0.66 -10.06 36.66
N LYS A 304 -0.33 -10.46 37.44
CA LYS A 304 -1.40 -11.31 36.92
C LYS A 304 -2.19 -10.58 35.84
N CYS A 305 -2.48 -9.30 36.06
CA CYS A 305 -3.23 -8.53 35.07
C CYS A 305 -2.45 -8.42 33.76
N THR A 306 -1.13 -8.24 33.85
CA THR A 306 -0.31 -8.15 32.64
C THR A 306 -0.24 -9.50 31.93
N LEU A 307 0.02 -10.57 32.68
CA LEU A 307 0.19 -11.89 32.06
C LEU A 307 -1.12 -12.52 31.62
N LYS A 308 -2.26 -11.97 32.01
CA LYS A 308 -3.57 -12.51 31.67
C LYS A 308 -3.69 -13.97 32.12
N SER A 309 -3.35 -14.21 33.38
CA SER A 309 -3.42 -15.55 33.95
C SER A 309 -3.47 -15.42 35.48
N PHE A 310 -3.93 -16.48 36.13
CA PHE A 310 -3.92 -16.52 37.58
C PHE A 310 -2.67 -17.19 38.12
N THR A 311 -2.28 -18.32 37.55
CA THR A 311 -1.02 -18.95 37.91
C THR A 311 0.14 -18.10 37.38
N VAL A 312 1.11 -17.82 38.25
CA VAL A 312 2.27 -17.01 37.92
C VAL A 312 3.51 -17.78 38.33
N GLU A 313 4.46 -17.90 37.40
CA GLU A 313 5.64 -18.71 37.63
C GLU A 313 6.76 -17.89 38.29
N LYS A 314 7.79 -18.61 38.73
CA LYS A 314 8.96 -17.99 39.36
C LYS A 314 9.67 -17.07 38.38
N GLY A 315 9.76 -15.80 38.71
CA GLY A 315 10.60 -14.91 37.91
C GLY A 315 10.12 -13.47 37.99
N ILE A 316 10.94 -12.59 37.42
CA ILE A 316 10.62 -11.16 37.32
C ILE A 316 9.78 -10.92 36.08
N TYR A 317 8.63 -10.28 36.27
CA TYR A 317 7.65 -10.05 35.20
C TYR A 317 7.38 -8.54 35.11
N GLN A 318 8.01 -7.88 34.14
CA GLN A 318 7.92 -6.43 34.02
C GLN A 318 6.48 -5.99 33.77
N THR A 319 5.88 -5.32 34.75
CA THR A 319 4.49 -4.90 34.63
C THR A 319 4.34 -3.59 33.88
N SER A 320 4.91 -2.51 34.42
CA SER A 320 4.71 -1.19 33.86
C SER A 320 5.94 -0.34 34.15
N ASN A 321 5.79 0.97 33.99
CA ASN A 321 6.87 1.93 34.23
C ASN A 321 6.32 3.14 34.97
N PHE A 322 7.23 3.87 35.61
CA PHE A 322 6.87 5.04 36.39
C PHE A 322 7.66 6.25 35.92
N ARG A 323 7.00 7.40 35.87
CA ARG A 323 7.63 8.67 35.53
C ARG A 323 7.26 9.69 36.60
N VAL A 324 8.26 10.30 37.21
CA VAL A 324 8.03 11.27 38.28
C VAL A 324 7.28 12.48 37.74
N GLN A 325 6.23 12.88 38.44
CA GLN A 325 5.49 14.09 38.07
C GLN A 325 6.22 15.32 38.57
N PRO A 326 6.25 16.41 37.80
CA PRO A 326 6.93 17.63 38.26
C PRO A 326 6.37 18.18 39.56
N THR A 327 7.24 18.75 40.40
CA THR A 327 6.76 19.38 41.63
C THR A 327 6.01 20.67 41.34
N GLU A 328 6.57 21.51 40.47
CA GLU A 328 5.92 22.76 40.08
C GLU A 328 6.61 23.26 38.81
N SER A 329 6.06 24.34 38.24
CA SER A 329 6.64 24.91 37.04
C SER A 329 7.68 25.97 37.41
N ILE A 330 8.53 26.30 36.43
CA ILE A 330 9.60 27.28 36.60
C ILE A 330 9.58 28.22 35.40
N VAL A 331 9.42 29.52 35.65
CA VAL A 331 9.42 30.54 34.61
C VAL A 331 10.49 31.56 34.98
N ARG A 332 11.48 31.72 34.12
CA ARG A 332 12.61 32.62 34.39
C ARG A 332 12.79 33.60 33.23
N PHE A 333 13.18 34.82 33.58
CA PHE A 333 13.50 35.87 32.63
C PHE A 333 14.65 36.70 33.16
N PRO A 334 15.44 37.33 32.28
CA PRO A 334 16.47 38.26 32.76
C PRO A 334 15.83 39.45 33.45
N ASN A 335 16.54 40.00 34.42
CA ASN A 335 16.00 41.08 35.24
C ASN A 335 16.07 42.43 34.53
N GLY A 530 7.37 43.71 28.69
CA GLY A 530 8.06 43.85 29.97
C GLY A 530 7.95 42.63 30.84
N PRO A 531 9.02 41.83 30.89
CA PRO A 531 9.00 40.62 31.73
C PRO A 531 9.01 40.95 33.21
N LYS A 532 7.91 40.61 33.90
CA LYS A 532 7.80 40.85 35.33
C LYS A 532 7.14 39.66 36.04
N LYS A 533 7.36 38.45 35.52
CA LYS A 533 6.73 37.26 36.08
C LYS A 533 7.72 36.11 36.23
N SER A 534 8.99 36.43 36.44
CA SER A 534 9.99 35.39 36.67
C SER A 534 9.77 34.73 38.02
N THR A 535 9.86 33.40 38.04
CA THR A 535 9.58 32.63 39.25
C THR A 535 10.87 32.35 40.01
N ASN A 536 10.73 31.65 41.13
CA ASN A 536 11.87 31.32 41.98
C ASN A 536 12.72 30.24 41.34
N LEU A 537 13.94 30.09 41.86
CA LEU A 537 14.91 29.13 41.36
C LEU A 537 15.01 27.95 42.31
N VAL A 538 14.85 26.74 41.77
CA VAL A 538 14.97 25.51 42.54
C VAL A 538 15.94 24.57 41.83
N LYS A 539 16.51 23.66 42.60
CA LYS A 539 17.50 22.72 42.09
C LYS A 539 17.22 21.34 42.64
N ASN A 540 17.72 20.32 41.93
CA ASN A 540 17.57 18.92 42.33
C ASN A 540 16.11 18.55 42.53
N LYS A 541 15.24 19.15 41.72
CA LYS A 541 13.80 18.91 41.80
C LYS A 541 13.25 18.88 40.38
N CYS A 542 12.54 17.80 40.05
CA CYS A 542 11.93 17.68 38.73
C CYS A 542 10.87 18.75 38.57
N VAL A 543 11.15 19.71 37.69
CA VAL A 543 10.28 20.88 37.50
C VAL A 543 10.15 21.18 36.02
N ASN A 544 8.95 21.59 35.62
CA ASN A 544 8.80 22.24 34.32
C ASN A 544 9.50 23.59 34.36
N PHE A 545 10.42 23.80 33.41
CA PHE A 545 11.19 25.04 33.39
C PHE A 545 11.13 25.66 32.00
N ASN A 546 11.17 26.98 31.97
CA ASN A 546 11.04 27.75 30.74
C ASN A 546 11.95 28.96 30.85
N PHE A 547 13.11 28.89 30.19
CA PHE A 547 14.12 29.94 30.25
C PHE A 547 14.06 30.74 28.95
N ASN A 548 13.28 31.82 28.97
CA ASN A 548 13.12 32.71 27.82
C ASN A 548 12.66 31.96 26.58
N GLY A 549 11.68 31.07 26.76
CA GLY A 549 11.18 30.25 25.69
C GLY A 549 11.80 28.87 25.61
N LEU A 550 12.95 28.67 26.25
CA LEU A 550 13.61 27.37 26.27
C LEU A 550 12.88 26.48 27.26
N THR A 551 12.04 25.59 26.74
CA THR A 551 11.22 24.73 27.58
C THR A 551 12.04 23.52 28.05
N GLY A 552 11.36 22.57 28.69
CA GLY A 552 12.01 21.37 29.19
C GLY A 552 11.62 21.08 30.62
N THR A 553 11.62 19.80 30.97
CA THR A 553 11.30 19.35 32.32
C THR A 553 12.40 18.40 32.78
N GLY A 554 12.97 18.70 33.95
CA GLY A 554 14.07 17.89 34.45
C GLY A 554 14.53 18.37 35.79
N VAL A 555 15.68 17.85 36.21
CA VAL A 555 16.32 18.23 37.46
C VAL A 555 17.58 19.03 37.15
N LEU A 556 17.70 20.18 37.79
CA LEU A 556 18.78 21.12 37.51
C LEU A 556 19.86 20.99 38.58
N THR A 557 21.08 20.70 38.14
CA THR A 557 22.21 20.49 39.04
C THR A 557 23.28 21.54 38.75
N GLU A 558 24.44 21.37 39.38
CA GLU A 558 25.58 22.25 39.18
C GLU A 558 26.59 21.61 38.25
N SER A 559 27.17 22.41 37.36
CA SER A 559 28.14 21.93 36.39
C SER A 559 29.26 22.96 36.24
N ASN A 560 30.38 22.50 35.68
CA ASN A 560 31.58 23.30 35.55
C ASN A 560 31.96 23.58 34.09
N LYS A 561 31.02 23.38 33.16
CA LYS A 561 31.31 23.53 31.73
C LYS A 561 31.34 25.01 31.39
N LYS A 562 32.54 25.57 31.26
CA LYS A 562 32.71 27.00 31.05
C LYS A 562 32.11 27.47 29.73
N PHE A 563 31.00 28.17 29.81
CA PHE A 563 30.35 28.72 28.63
C PHE A 563 31.07 29.99 28.17
N LEU A 564 31.01 30.23 26.86
CA LEU A 564 31.51 31.50 26.36
C LEU A 564 30.51 32.61 26.64
N PRO A 565 30.98 33.86 26.79
CA PRO A 565 30.05 34.95 27.14
C PRO A 565 28.92 35.13 26.15
N PHE A 566 29.17 34.90 24.86
CA PHE A 566 28.11 34.98 23.87
C PHE A 566 27.32 33.68 23.76
N GLN A 567 27.79 32.59 24.35
CA GLN A 567 27.09 31.32 24.29
C GLN A 567 25.98 31.29 25.34
N GLN A 568 24.77 30.93 24.92
CA GLN A 568 23.59 30.98 25.79
C GLN A 568 23.13 29.60 26.25
N PHE A 569 22.93 28.66 25.31
CA PHE A 569 22.41 27.34 25.64
C PHE A 569 23.49 26.30 25.37
N GLY A 570 23.13 25.04 25.61
CA GLY A 570 24.06 23.94 25.42
C GLY A 570 23.35 22.73 24.84
N ARG A 571 24.11 21.94 24.08
CA ARG A 571 23.60 20.73 23.45
C ARG A 571 24.65 19.63 23.62
N ASP A 572 24.43 18.51 22.93
CA ASP A 572 25.33 17.36 23.00
C ASP A 572 25.39 16.74 21.61
N ILE A 573 25.94 15.52 21.53
CA ILE A 573 26.06 14.84 20.25
C ILE A 573 24.68 14.58 19.65
N ALA A 574 23.74 14.11 20.46
CA ALA A 574 22.40 13.81 20.01
C ALA A 574 21.48 15.03 19.98
N ASP A 575 22.06 16.23 20.02
CA ASP A 575 21.30 17.49 20.00
C ASP A 575 20.30 17.53 21.16
N THR A 576 20.75 17.16 22.35
CA THR A 576 19.93 17.19 23.56
C THR A 576 20.39 18.33 24.44
N THR A 577 19.44 19.15 24.89
CA THR A 577 19.75 20.27 25.76
C THR A 577 20.36 19.77 27.06
N ASP A 578 21.64 20.03 27.27
CA ASP A 578 22.39 19.46 28.38
C ASP A 578 22.79 20.48 29.43
N ALA A 579 23.47 21.55 29.03
CA ALA A 579 23.90 22.60 29.95
C ALA A 579 23.22 23.90 29.58
N VAL A 580 22.70 24.61 30.58
CA VAL A 580 21.97 25.85 30.39
C VAL A 580 22.49 26.90 31.34
N ARG A 581 22.68 28.12 30.83
CA ARG A 581 23.04 29.26 31.66
C ARG A 581 21.78 29.94 32.18
N ASP A 582 21.77 30.21 33.48
CA ASP A 582 20.69 30.99 34.06
C ASP A 582 20.78 32.44 33.55
N PRO A 583 19.67 33.03 33.13
CA PRO A 583 19.74 34.37 32.50
C PRO A 583 20.19 35.47 33.44
N GLN A 584 19.54 35.62 34.60
CA GLN A 584 19.80 36.78 35.45
C GLN A 584 21.13 36.65 36.18
N THR A 585 21.51 35.45 36.57
CA THR A 585 22.77 35.22 37.27
C THR A 585 23.53 34.12 36.53
N LEU A 586 24.84 34.31 36.39
CA LEU A 586 25.64 33.53 35.45
C LEU A 586 26.26 32.34 36.15
N GLU A 587 25.57 31.21 36.13
CA GLU A 587 26.14 29.94 36.58
C GLU A 587 25.82 28.87 35.57
N ILE A 588 26.59 27.78 35.61
CA ILE A 588 26.49 26.70 34.65
C ILE A 588 25.74 25.54 35.31
N LEU A 589 24.63 25.14 34.69
CA LEU A 589 23.76 24.10 35.23
C LEU A 589 23.59 22.98 34.23
N ASP A 590 23.65 21.75 34.71
CA ASP A 590 23.35 20.57 33.90
C ASP A 590 21.85 20.31 33.88
N ILE A 591 21.44 19.44 32.96
CA ILE A 591 20.07 18.95 32.89
C ILE A 591 20.11 17.43 32.79
N THR A 592 19.32 16.76 33.63
CA THR A 592 19.34 15.31 33.74
C THR A 592 17.93 14.79 33.56
N PRO A 593 17.76 13.63 32.90
CA PRO A 593 16.42 13.03 32.83
C PRO A 593 15.88 12.74 34.22
N CYS A 594 14.55 12.87 34.34
CA CYS A 594 13.97 12.94 35.68
C CYS A 594 14.03 11.60 36.40
N SER A 595 13.28 10.61 35.94
CA SER A 595 13.39 9.27 36.50
C SER A 595 13.66 8.23 35.43
N PHE A 596 12.83 8.23 34.39
CA PHE A 596 12.77 7.13 33.41
C PHE A 596 12.59 5.83 34.19
N GLY A 597 13.11 4.73 33.65
CA GLY A 597 13.04 3.45 34.33
C GLY A 597 11.65 2.85 34.34
N GLY A 598 11.59 1.52 34.49
CA GLY A 598 10.33 0.81 34.54
C GLY A 598 9.91 0.48 35.97
N VAL A 599 8.90 -0.38 36.06
CA VAL A 599 8.41 -0.90 37.34
C VAL A 599 8.32 -2.40 37.17
N SER A 600 9.37 -3.11 37.55
CA SER A 600 9.36 -4.56 37.50
C SER A 600 8.79 -5.14 38.79
N VAL A 601 8.52 -6.45 38.77
CA VAL A 601 7.93 -7.14 39.90
C VAL A 601 8.56 -8.52 40.00
N ILE A 602 9.09 -8.85 41.17
CA ILE A 602 9.66 -10.16 41.46
C ILE A 602 8.69 -10.90 42.35
N THR A 603 8.11 -11.98 41.84
CA THR A 603 7.23 -12.81 42.64
C THR A 603 7.62 -14.28 42.50
N PRO A 604 7.48 -15.05 43.58
CA PRO A 604 7.54 -16.50 43.44
C PRO A 604 6.24 -17.02 42.84
N GLY A 605 6.10 -18.34 42.72
CA GLY A 605 4.85 -18.89 42.24
C GLY A 605 3.66 -18.42 43.06
N THR A 606 2.57 -18.00 42.39
CA THR A 606 1.41 -17.54 43.13
C THR A 606 0.82 -18.63 44.00
N ASN A 607 1.09 -19.90 43.68
CA ASN A 607 0.74 -20.99 44.58
C ASN A 607 1.53 -20.92 45.88
N THR A 608 2.70 -20.28 45.88
CA THR A 608 3.52 -20.20 47.08
C THR A 608 3.00 -19.11 48.03
N SER A 609 2.97 -17.86 47.56
CA SER A 609 2.56 -16.74 48.40
C SER A 609 2.24 -15.54 47.52
N ASN A 610 1.81 -14.47 48.17
CA ASN A 610 1.54 -13.20 47.52
C ASN A 610 2.63 -12.17 47.78
N GLN A 611 3.77 -12.59 48.30
CA GLN A 611 4.86 -11.68 48.62
C GLN A 611 5.59 -11.27 47.35
N VAL A 612 5.97 -10.00 47.28
CA VAL A 612 6.52 -9.43 46.05
C VAL A 612 7.89 -8.80 46.32
N ALA A 613 8.55 -8.34 45.24
CA ALA A 613 9.77 -7.54 45.38
C ALA A 613 9.87 -6.70 44.11
N VAL A 614 9.52 -5.43 44.21
CA VAL A 614 9.50 -4.54 43.05
C VAL A 614 10.91 -4.08 42.75
N LEU A 615 11.33 -4.25 41.50
CA LEU A 615 12.55 -3.61 40.99
C LEU A 615 12.18 -2.35 40.24
N TYR A 616 12.72 -1.22 40.69
CA TYR A 616 12.70 0.01 39.91
C TYR A 616 14.02 0.12 39.18
N GLN A 617 14.00 0.69 37.97
CA GLN A 617 15.15 0.68 37.10
C GLN A 617 15.75 2.07 36.97
N GLY A 618 17.08 2.14 37.07
CA GLY A 618 17.85 3.33 36.70
C GLY A 618 17.53 4.54 37.57
N VAL A 619 17.14 4.33 38.83
CA VAL A 619 16.84 5.43 39.75
C VAL A 619 17.26 5.00 41.15
N ASN A 620 17.90 5.90 41.91
CA ASN A 620 17.94 5.70 43.36
C ASN A 620 16.57 5.51 44.00
N CYS A 621 16.61 4.98 45.23
CA CYS A 621 15.47 4.90 46.12
C CYS A 621 15.30 6.25 46.82
N THR A 622 15.25 7.34 46.05
CA THR A 622 15.15 8.68 46.61
C THR A 622 13.85 9.39 46.27
N GLU A 623 13.28 9.14 45.09
CA GLU A 623 11.95 9.63 44.76
C GLU A 623 10.85 8.60 45.04
N VAL A 624 11.17 7.32 44.96
CA VAL A 624 10.20 6.23 45.11
C VAL A 624 9.33 6.39 46.34
N ASN A 645 13.22 -1.79 54.72
CA ASN A 645 13.21 -2.90 53.77
C ASN A 645 13.39 -2.40 52.34
N VAL A 646 14.39 -1.53 52.13
CA VAL A 646 14.67 -0.95 50.83
C VAL A 646 16.16 -1.09 50.56
N PHE A 647 16.51 -1.67 49.41
CA PHE A 647 17.90 -1.90 49.04
C PHE A 647 18.14 -1.35 47.65
N GLN A 648 19.29 -0.71 47.46
CA GLN A 648 19.64 -0.09 46.17
C GLN A 648 20.59 -0.99 45.40
N THR A 649 20.14 -1.47 44.24
CA THR A 649 20.97 -2.33 43.39
C THR A 649 21.84 -1.48 42.47
N ARG A 650 22.74 -2.16 41.75
CA ARG A 650 23.45 -1.51 40.66
C ARG A 650 22.54 -1.24 39.48
N ALA A 651 21.40 -1.92 39.41
CA ALA A 651 20.44 -1.73 38.33
C ALA A 651 19.32 -0.76 38.67
N GLY A 652 19.06 -0.52 39.95
CA GLY A 652 18.04 0.44 40.33
C GLY A 652 17.54 0.19 41.74
N CYS A 653 16.37 0.78 42.02
CA CYS A 653 15.75 0.73 43.33
C CYS A 653 14.92 -0.53 43.49
N LEU A 654 15.07 -1.19 44.63
CA LEU A 654 14.33 -2.42 44.91
C LEU A 654 13.57 -2.25 46.22
N ILE A 655 12.24 -2.35 46.14
CA ILE A 655 11.36 -2.15 47.28
C ILE A 655 10.62 -3.46 47.55
N GLY A 656 11.02 -4.16 48.61
CA GLY A 656 10.29 -5.34 49.02
C GLY A 656 11.14 -6.49 49.51
N ALA A 657 12.42 -6.48 49.18
CA ALA A 657 13.35 -7.50 49.63
C ALA A 657 14.51 -6.86 50.36
N GLU A 658 14.86 -7.44 51.50
CA GLU A 658 16.02 -6.99 52.26
C GLU A 658 17.28 -7.54 51.62
N HIS A 659 18.28 -6.66 51.47
CA HIS A 659 19.54 -7.08 50.90
C HIS A 659 20.17 -8.17 51.77
N VAL A 660 20.66 -9.21 51.11
CA VAL A 660 21.29 -10.34 51.78
C VAL A 660 22.70 -10.50 51.23
N ASN A 661 23.64 -10.60 52.16
CA ASN A 661 25.09 -10.59 51.92
C ASN A 661 25.67 -11.98 52.09
N ASN A 662 25.09 -12.89 51.30
CA ASN A 662 25.44 -14.29 51.13
C ASN A 662 25.96 -14.52 49.71
N SER A 663 26.07 -15.79 49.32
CA SER A 663 26.49 -16.16 47.96
C SER A 663 26.09 -17.60 47.67
N TYR A 664 25.16 -17.79 46.74
CA TYR A 664 24.82 -19.11 46.25
C TYR A 664 24.04 -18.97 44.95
N GLU A 665 23.59 -20.10 44.42
CA GLU A 665 22.80 -20.17 43.19
C GLU A 665 21.44 -19.54 43.41
N CYS A 666 21.07 -18.60 42.54
CA CYS A 666 19.74 -18.00 42.58
C CYS A 666 18.89 -18.45 41.40
N ASP A 667 17.58 -18.26 41.55
CA ASP A 667 16.61 -18.67 40.53
C ASP A 667 15.97 -17.51 39.80
N ILE A 668 15.85 -16.35 40.43
CA ILE A 668 15.21 -15.20 39.79
C ILE A 668 16.22 -14.08 39.58
N PRO A 669 16.87 -14.01 38.43
CA PRO A 669 17.74 -12.86 38.14
C PRO A 669 16.94 -11.57 38.09
N ILE A 670 17.55 -10.49 38.59
CA ILE A 670 16.92 -9.17 38.65
C ILE A 670 17.59 -8.20 37.70
N GLY A 671 18.87 -7.89 37.95
CA GLY A 671 19.60 -6.97 37.11
C GLY A 671 20.95 -6.62 37.71
N ALA A 672 21.99 -6.56 36.88
CA ALA A 672 23.34 -6.22 37.31
C ALA A 672 23.88 -7.20 38.35
N GLY A 673 23.47 -8.47 38.25
CA GLY A 673 24.01 -9.52 39.08
C GLY A 673 23.35 -9.69 40.43
N ILE A 674 22.61 -8.68 40.89
CA ILE A 674 21.89 -8.76 42.16
C ILE A 674 20.58 -9.50 41.88
N CYS A 675 20.54 -10.78 42.22
CA CYS A 675 19.44 -11.66 41.87
C CYS A 675 18.74 -12.18 43.12
N ALA A 676 17.43 -12.40 42.98
CA ALA A 676 16.56 -12.73 44.11
C ALA A 676 16.48 -14.24 44.32
N SER A 677 15.69 -14.62 45.33
CA SER A 677 15.37 -16.02 45.63
C SER A 677 14.19 -16.00 46.61
N TYR A 678 13.89 -17.18 47.17
CA TYR A 678 12.79 -17.30 48.13
C TYR A 678 13.06 -18.51 49.01
N GLN A 679 13.38 -18.27 50.28
CA GLN A 679 13.65 -19.34 51.24
C GLN A 679 13.72 -18.80 52.66
N THR A 680 13.83 -19.70 53.63
CA THR A 680 13.88 -19.30 55.04
C THR A 680 15.20 -18.63 55.38
N SER A 693 10.00 -18.26 58.68
CA SER A 693 10.73 -17.06 58.29
C SER A 693 10.93 -17.02 56.78
N GLN A 694 9.84 -17.10 56.03
CA GLN A 694 9.89 -17.13 54.58
C GLN A 694 9.69 -15.71 54.05
N SER A 695 10.68 -15.23 53.27
CA SER A 695 10.61 -13.89 52.71
C SER A 695 11.42 -13.87 51.42
N ILE A 696 11.23 -12.81 50.64
CA ILE A 696 11.93 -12.61 49.37
C ILE A 696 13.19 -11.80 49.65
N ILE A 697 14.32 -12.28 49.15
CA ILE A 697 15.60 -11.62 49.35
C ILE A 697 16.14 -11.13 48.01
N ALA A 698 17.28 -10.44 48.04
CA ALA A 698 17.93 -9.97 46.81
C ALA A 698 19.43 -9.89 47.08
N TYR A 699 20.17 -10.91 46.64
CA TYR A 699 21.58 -11.02 46.96
C TYR A 699 22.41 -11.09 45.68
N THR A 700 23.72 -10.87 45.83
CA THR A 700 24.62 -10.94 44.68
C THR A 700 24.76 -12.38 44.19
N MET A 701 24.75 -12.55 42.88
CA MET A 701 24.83 -13.88 42.30
C MET A 701 26.20 -14.49 42.56
N SER A 702 26.23 -15.80 42.75
CA SER A 702 27.47 -16.58 42.77
C SER A 702 27.45 -17.50 41.56
N LEU A 703 28.53 -17.49 40.78
CA LEU A 703 28.61 -18.35 39.61
C LEU A 703 28.81 -19.78 40.06
N GLY A 704 27.82 -20.34 40.75
CA GLY A 704 27.97 -21.63 41.39
C GLY A 704 28.74 -21.52 42.70
N ALA A 705 28.94 -22.68 43.32
CA ALA A 705 29.72 -22.75 44.53
C ALA A 705 31.15 -22.29 44.27
N GLU A 706 31.74 -21.59 45.24
CA GLU A 706 33.09 -21.10 45.09
C GLU A 706 34.07 -22.27 45.04
N ASN A 707 34.54 -22.59 43.84
CA ASN A 707 35.44 -23.71 43.63
C ASN A 707 36.81 -23.21 43.19
N SER A 708 37.84 -24.00 43.48
CA SER A 708 39.19 -23.70 43.03
C SER A 708 39.93 -25.03 42.95
N VAL A 709 40.07 -25.55 41.73
CA VAL A 709 40.70 -26.86 41.54
C VAL A 709 42.17 -26.76 41.96
N ALA A 710 42.60 -27.70 42.79
CA ALA A 710 43.96 -27.69 43.31
C ALA A 710 44.95 -28.10 42.23
N TYR A 711 45.22 -27.20 41.30
CA TYR A 711 46.11 -27.49 40.18
C TYR A 711 47.51 -27.82 40.70
N SER A 712 48.09 -28.89 40.15
CA SER A 712 49.48 -29.21 40.36
C SER A 712 50.01 -29.82 39.07
N ASN A 713 51.33 -29.74 38.90
CA ASN A 713 52.00 -30.30 37.74
C ASN A 713 52.29 -31.78 37.89
N ASN A 714 51.71 -32.42 38.91
CA ASN A 714 51.88 -33.84 39.14
C ASN A 714 50.58 -34.53 39.56
N SER A 715 49.45 -33.84 39.57
CA SER A 715 48.19 -34.40 40.04
C SER A 715 47.14 -34.26 38.95
N ILE A 716 46.37 -35.33 38.74
CA ILE A 716 45.30 -35.36 37.75
C ILE A 716 44.05 -35.94 38.39
N ALA A 717 42.91 -35.39 38.02
CA ALA A 717 41.60 -35.85 38.49
C ALA A 717 40.95 -36.64 37.36
N ILE A 718 40.93 -37.95 37.48
CA ILE A 718 40.42 -38.86 36.45
C ILE A 718 39.26 -39.64 37.03
N PRO A 719 38.12 -39.72 36.35
CA PRO A 719 36.96 -40.41 36.93
C PRO A 719 37.08 -41.91 36.83
N THR A 720 36.55 -42.58 37.86
CA THR A 720 36.44 -44.03 37.88
C THR A 720 35.02 -44.50 37.59
N ASN A 721 34.09 -43.57 37.36
CA ASN A 721 32.68 -43.88 37.19
C ASN A 721 32.03 -42.72 36.48
N PHE A 722 30.81 -42.95 35.98
CA PHE A 722 30.10 -41.96 35.19
C PHE A 722 28.60 -42.08 35.46
N THR A 723 27.84 -41.22 34.79
CA THR A 723 26.39 -41.34 34.72
C THR A 723 25.96 -41.11 33.28
N ILE A 724 25.03 -41.94 32.81
CA ILE A 724 24.49 -41.82 31.47
C ILE A 724 23.26 -40.92 31.59
N SER A 725 23.49 -39.62 31.56
CA SER A 725 22.38 -38.69 31.61
C SER A 725 21.62 -38.69 30.30
N VAL A 726 20.42 -38.12 30.33
CA VAL A 726 19.60 -37.95 29.12
C VAL A 726 19.09 -36.52 29.15
N THR A 727 19.80 -35.63 28.45
CA THR A 727 19.41 -34.23 28.38
C THR A 727 18.40 -34.07 27.26
N THR A 728 17.14 -33.82 27.62
CA THR A 728 16.06 -33.74 26.64
C THR A 728 16.09 -32.36 26.00
N GLU A 729 16.76 -32.26 24.85
CA GLU A 729 16.83 -31.01 24.12
C GLU A 729 15.57 -30.81 23.31
N ILE A 730 15.07 -29.58 23.32
CA ILE A 730 13.78 -29.23 22.75
C ILE A 730 14.04 -28.25 21.62
N LEU A 731 13.56 -28.56 20.42
CA LEU A 731 13.86 -27.74 19.24
C LEU A 731 12.64 -27.56 18.36
N PRO A 732 12.25 -26.32 18.05
CA PRO A 732 11.27 -26.12 16.99
C PRO A 732 11.85 -26.52 15.65
N VAL A 733 10.98 -27.01 14.77
CA VAL A 733 11.41 -27.39 13.42
C VAL A 733 10.56 -26.66 12.40
N SER A 734 9.25 -26.83 12.50
CA SER A 734 8.30 -26.16 11.63
C SER A 734 7.49 -25.18 12.46
N MET A 735 6.49 -24.57 11.83
CA MET A 735 5.61 -23.63 12.53
C MET A 735 4.23 -23.73 11.89
N THR A 736 3.30 -22.97 12.43
CA THR A 736 1.96 -22.89 11.86
C THR A 736 2.06 -22.32 10.45
N LYS A 737 1.79 -23.16 9.43
CA LYS A 737 1.95 -22.77 8.04
C LYS A 737 0.80 -21.88 7.59
N THR A 738 0.59 -20.79 8.34
CA THR A 738 -0.43 -19.83 7.98
C THR A 738 -0.11 -19.23 6.62
N SER A 739 -1.13 -19.15 5.76
CA SER A 739 -1.01 -18.49 4.46
C SER A 739 -2.17 -17.51 4.40
N VAL A 740 -1.96 -16.31 4.95
CA VAL A 740 -3.02 -15.32 4.99
C VAL A 740 -3.34 -14.89 3.57
N ASP A 741 -4.61 -15.00 3.20
CA ASP A 741 -5.06 -14.43 1.93
C ASP A 741 -5.37 -12.96 2.18
N CYS A 742 -4.50 -12.10 1.64
CA CYS A 742 -4.58 -10.66 1.91
C CYS A 742 -5.88 -10.04 1.41
N THR A 743 -6.35 -10.45 0.23
CA THR A 743 -7.56 -9.86 -0.34
C THR A 743 -8.75 -10.03 0.58
N MET A 744 -9.02 -11.26 1.01
CA MET A 744 -10.14 -11.48 1.92
C MET A 744 -9.82 -11.01 3.35
N TYR A 745 -8.55 -11.05 3.74
CA TYR A 745 -8.21 -10.54 5.06
C TYR A 745 -8.65 -9.09 5.21
N ILE A 746 -8.39 -8.26 4.20
CA ILE A 746 -8.74 -6.85 4.34
C ILE A 746 -10.14 -6.58 3.81
N CYS A 747 -10.35 -6.81 2.53
CA CYS A 747 -11.60 -6.42 1.86
C CYS A 747 -12.43 -7.67 1.60
N GLY A 748 -13.45 -7.89 2.44
CA GLY A 748 -14.37 -8.99 2.25
C GLY A 748 -15.78 -8.51 2.00
N ASP A 749 -16.29 -8.76 0.79
CA ASP A 749 -17.60 -8.27 0.37
C ASP A 749 -17.70 -6.75 0.53
N SER A 750 -16.81 -6.05 -0.17
CA SER A 750 -16.71 -4.61 -0.05
C SER A 750 -16.13 -4.06 -1.36
N THR A 751 -17.01 -3.50 -2.20
CA THR A 751 -16.58 -2.99 -3.49
C THR A 751 -15.62 -1.82 -3.35
N GLU A 752 -15.91 -0.90 -2.42
CA GLU A 752 -15.04 0.25 -2.23
C GLU A 752 -13.66 -0.17 -1.73
N CYS A 753 -13.61 -1.11 -0.78
CA CYS A 753 -12.32 -1.60 -0.30
C CYS A 753 -11.56 -2.32 -1.41
N SER A 754 -12.26 -3.10 -2.24
CA SER A 754 -11.59 -3.77 -3.35
C SER A 754 -10.99 -2.75 -4.31
N ASN A 755 -11.77 -1.73 -4.68
CA ASN A 755 -11.29 -0.74 -5.64
C ASN A 755 -10.19 0.13 -5.06
N LEU A 756 -10.16 0.30 -3.74
CA LEU A 756 -9.09 1.08 -3.13
C LEU A 756 -7.83 0.26 -2.91
N LEU A 757 -7.96 -1.05 -2.67
CA LEU A 757 -6.80 -1.92 -2.55
C LEU A 757 -6.17 -2.20 -3.91
N LEU A 758 -6.98 -2.16 -4.98
CA LEU A 758 -6.43 -2.35 -6.31
C LEU A 758 -5.36 -1.31 -6.64
N GLN A 759 -5.45 -0.12 -6.04
CA GLN A 759 -4.44 0.90 -6.30
C GLN A 759 -3.06 0.48 -5.80
N TYR A 760 -3.00 -0.15 -4.63
CA TYR A 760 -1.71 -0.56 -4.08
C TYR A 760 -1.07 -1.65 -4.94
N GLY A 761 -1.88 -2.50 -5.56
CA GLY A 761 -1.36 -3.45 -6.51
C GLY A 761 -0.47 -4.53 -5.92
N SER A 762 0.83 -4.42 -6.16
CA SER A 762 1.75 -5.52 -5.90
C SER A 762 1.96 -5.80 -4.42
N PHE A 763 1.53 -4.92 -3.50
CA PHE A 763 1.72 -5.19 -2.09
C PHE A 763 1.02 -6.48 -1.66
N CYS A 764 -0.27 -6.58 -1.97
CA CYS A 764 -1.07 -7.72 -1.53
C CYS A 764 -0.56 -9.02 -2.17
N THR A 765 -0.23 -8.95 -3.47
CA THR A 765 0.31 -10.12 -4.16
C THR A 765 1.66 -10.54 -3.59
N GLN A 766 2.52 -9.57 -3.25
CA GLN A 766 3.83 -9.90 -2.69
C GLN A 766 3.70 -10.48 -1.30
N LEU A 767 2.73 -9.99 -0.51
CA LEU A 767 2.46 -10.60 0.78
C LEU A 767 2.05 -12.05 0.61
N ASN A 768 1.17 -12.32 -0.35
CA ASN A 768 0.77 -13.70 -0.62
C ASN A 768 1.96 -14.55 -1.04
N ARG A 769 2.80 -14.02 -1.93
CA ARG A 769 3.96 -14.79 -2.41
C ARG A 769 4.92 -15.10 -1.27
N ALA A 770 5.21 -14.11 -0.42
CA ALA A 770 6.10 -14.32 0.71
C ALA A 770 5.52 -15.36 1.66
N LEU A 771 4.22 -15.27 1.94
CA LEU A 771 3.60 -16.21 2.87
C LEU A 771 3.56 -17.62 2.30
N THR A 772 3.33 -17.77 0.99
CA THR A 772 3.39 -19.09 0.39
C THR A 772 4.81 -19.64 0.39
N GLY A 773 5.80 -18.76 0.23
CA GLY A 773 7.19 -19.19 0.38
C GLY A 773 7.46 -19.69 1.79
N ILE A 774 6.96 -18.97 2.81
CA ILE A 774 7.07 -19.45 4.18
C ILE A 774 6.40 -20.82 4.32
N ALA A 775 5.19 -20.96 3.76
CA ALA A 775 4.45 -22.19 3.92
C ALA A 775 5.19 -23.37 3.32
N VAL A 776 5.74 -23.20 2.12
CA VAL A 776 6.52 -24.29 1.54
C VAL A 776 7.80 -24.51 2.33
N GLU A 777 8.37 -23.45 2.93
CA GLU A 777 9.66 -23.65 3.59
C GLU A 777 9.54 -24.36 4.93
N GLN A 778 8.43 -24.23 5.67
CA GLN A 778 8.29 -25.17 6.79
C GLN A 778 8.25 -26.61 6.30
N ASP A 779 7.61 -26.86 5.16
CA ASP A 779 7.65 -28.21 4.63
C ASP A 779 9.08 -28.63 4.34
N LYS A 780 9.84 -27.79 3.63
CA LYS A 780 11.23 -28.12 3.33
C LYS A 780 12.02 -28.41 4.59
N ASN A 781 11.80 -27.62 5.64
CA ASN A 781 12.39 -27.92 6.94
C ASN A 781 11.98 -29.31 7.42
N THR A 782 10.70 -29.64 7.26
CA THR A 782 10.20 -30.91 7.76
C THR A 782 10.84 -32.10 7.04
N GLN A 783 10.97 -32.04 5.72
CA GLN A 783 11.67 -33.13 5.05
C GLN A 783 13.16 -33.14 5.40
N GLU A 784 13.80 -31.97 5.47
CA GLU A 784 15.23 -31.95 5.79
C GLU A 784 15.50 -32.48 7.19
N VAL A 785 14.52 -32.39 8.08
CA VAL A 785 14.67 -32.89 9.44
C VAL A 785 14.31 -34.36 9.51
N PHE A 786 13.04 -34.70 9.26
CA PHE A 786 12.57 -36.07 9.42
C PHE A 786 12.84 -36.92 8.19
N ALA A 787 12.51 -36.43 7.00
CA ALA A 787 12.62 -37.24 5.79
C ALA A 787 14.06 -37.30 5.30
N GLN A 788 14.96 -37.71 6.19
CA GLN A 788 16.33 -38.02 5.84
C GLN A 788 16.54 -39.52 5.65
N VAL A 789 15.46 -40.29 5.68
CA VAL A 789 15.48 -41.73 5.57
C VAL A 789 14.86 -42.13 4.24
N LYS A 790 15.52 -43.02 3.51
CA LYS A 790 15.03 -43.44 2.21
C LYS A 790 13.76 -44.28 2.34
N GLN A 791 13.78 -45.29 3.21
CA GLN A 791 12.68 -46.23 3.35
C GLN A 791 12.25 -46.29 4.80
N ILE A 792 10.95 -46.21 5.03
CA ILE A 792 10.40 -46.25 6.38
C ILE A 792 10.60 -47.67 6.92
N TYR A 793 11.50 -47.82 7.89
CA TYR A 793 11.77 -49.12 8.47
C TYR A 793 10.77 -49.43 9.59
N LYS A 794 10.72 -50.71 9.96
CA LYS A 794 9.84 -51.17 11.02
C LYS A 794 10.61 -52.07 11.96
N THR A 795 10.51 -51.79 13.26
CA THR A 795 11.18 -52.62 14.25
C THR A 795 10.49 -53.97 14.36
N PRO A 796 11.25 -55.07 14.38
CA PRO A 796 10.63 -56.37 14.57
C PRO A 796 9.92 -56.44 15.90
N PRO A 797 8.81 -57.18 15.97
CA PRO A 797 8.06 -57.26 17.24
C PRO A 797 8.89 -57.80 18.40
N ILE A 798 9.83 -58.70 18.13
CA ILE A 798 10.76 -59.16 19.16
C ILE A 798 11.86 -58.12 19.32
N LYS A 799 12.15 -57.76 20.56
CA LYS A 799 13.07 -56.66 20.87
C LYS A 799 14.09 -57.15 21.88
N ASP A 800 15.13 -57.83 21.38
CA ASP A 800 16.22 -58.33 22.23
C ASP A 800 17.36 -57.31 22.18
N PHE A 801 17.16 -56.22 22.91
CA PHE A 801 18.08 -55.08 22.86
C PHE A 801 19.28 -55.24 23.78
N GLY A 802 19.36 -56.34 24.52
CA GLY A 802 20.45 -56.54 25.46
C GLY A 802 20.31 -55.80 26.77
N GLY A 803 19.14 -55.22 27.05
CA GLY A 803 18.92 -54.54 28.31
C GLY A 803 18.16 -53.24 28.15
N PHE A 804 18.30 -52.58 26.99
CA PHE A 804 17.67 -51.29 26.78
C PHE A 804 16.17 -51.49 26.56
N ASN A 805 15.36 -50.78 27.36
CA ASN A 805 13.91 -50.80 27.22
C ASN A 805 13.49 -49.60 26.38
N PHE A 806 13.06 -49.87 25.15
CA PHE A 806 12.66 -48.84 24.22
C PHE A 806 11.15 -48.72 24.07
N SER A 807 10.36 -49.45 24.87
CA SER A 807 8.91 -49.42 24.73
C SER A 807 8.33 -48.05 25.07
N GLN A 808 9.10 -47.18 25.73
CA GLN A 808 8.61 -45.84 26.02
C GLN A 808 8.59 -44.95 24.77
N ILE A 809 9.52 -45.16 23.85
CA ILE A 809 9.64 -44.31 22.68
C ILE A 809 9.33 -45.04 21.37
N LEU A 810 9.44 -46.36 21.33
CA LEU A 810 9.01 -47.09 20.15
C LEU A 810 7.48 -47.11 20.10
N PRO A 811 6.88 -46.95 18.93
CA PRO A 811 5.43 -46.74 18.84
C PRO A 811 4.64 -47.93 19.39
N ASP A 812 3.51 -47.62 20.02
CA ASP A 812 2.61 -48.64 20.56
C ASP A 812 1.50 -48.92 19.57
N PRO A 813 1.36 -50.17 19.09
CA PRO A 813 0.25 -50.47 18.17
C PRO A 813 -1.13 -50.31 18.81
N SER A 814 -1.22 -50.29 20.13
CA SER A 814 -2.52 -50.22 20.79
C SER A 814 -3.24 -48.91 20.46
N LYS A 815 -2.52 -47.79 20.46
CA LYS A 815 -3.13 -46.52 20.15
C LYS A 815 -3.51 -46.47 18.67
N PRO A 816 -4.66 -45.88 18.32
CA PRO A 816 -5.03 -45.78 16.90
C PRO A 816 -3.99 -45.04 16.07
N SER A 817 -3.36 -44.01 16.62
CA SER A 817 -2.23 -43.34 16.00
C SER A 817 -0.96 -43.82 16.66
N LYS A 818 -0.04 -44.38 15.87
CA LYS A 818 1.14 -45.06 16.42
C LYS A 818 2.20 -44.03 16.87
N ARG A 819 1.81 -43.23 17.84
CA ARG A 819 2.71 -42.33 18.55
C ARG A 819 2.99 -42.91 19.92
N SER A 820 4.27 -43.03 20.27
CA SER A 820 4.65 -43.74 21.48
C SER A 820 4.20 -42.96 22.72
N PHE A 821 4.45 -43.56 23.88
CA PHE A 821 3.91 -43.03 25.14
C PHE A 821 4.50 -41.66 25.43
N ILE A 822 5.82 -41.50 25.28
CA ILE A 822 6.42 -40.21 25.57
C ILE A 822 5.94 -39.15 24.58
N GLU A 823 5.83 -39.50 23.29
CA GLU A 823 5.29 -38.56 22.32
C GLU A 823 3.88 -38.13 22.70
N ASP A 824 3.07 -39.08 23.19
CA ASP A 824 1.75 -38.74 23.68
C ASP A 824 1.83 -37.76 24.85
N LEU A 825 2.80 -37.96 25.74
CA LEU A 825 3.01 -37.01 26.83
C LEU A 825 3.35 -35.63 26.28
N LEU A 826 4.20 -35.58 25.24
CA LEU A 826 4.54 -34.30 24.60
C LEU A 826 3.29 -33.60 24.09
N PHE A 827 2.47 -34.31 23.31
CA PHE A 827 1.28 -33.71 22.72
C PHE A 827 0.28 -33.28 23.78
N ASN A 828 0.16 -34.07 24.86
CA ASN A 828 -0.70 -33.66 25.97
C ASN A 828 -0.17 -32.40 26.63
N LYS A 829 1.16 -32.29 26.76
CA LYS A 829 1.75 -31.11 27.37
C LYS A 829 1.47 -29.86 26.54
N VAL A 830 1.65 -29.95 25.23
CA VAL A 830 1.49 -28.77 24.37
C VAL A 830 0.02 -28.61 24.00
N THR A 831 -0.54 -27.44 24.28
CA THR A 831 -1.92 -27.15 23.93
C THR A 831 -2.00 -25.99 22.95
N GLN A 857 -11.09 -22.88 14.43
CA GLN A 857 -10.58 -21.52 14.26
C GLN A 857 -10.35 -21.24 12.78
N LYS A 858 -9.21 -20.61 12.48
CA LYS A 858 -8.77 -20.32 11.11
C LYS A 858 -9.91 -19.76 10.24
N PHE A 859 -10.61 -18.76 10.79
CA PHE A 859 -11.77 -18.23 10.10
C PHE A 859 -11.85 -16.71 10.07
N ASN A 860 -10.83 -16.00 10.51
CA ASN A 860 -10.87 -14.54 10.43
C ASN A 860 -10.47 -14.07 9.03
N GLY A 861 -9.19 -14.21 8.71
CA GLY A 861 -8.74 -14.07 7.34
C GLY A 861 -7.55 -14.98 7.09
N LEU A 862 -7.29 -15.85 8.06
CA LEU A 862 -5.96 -16.44 8.23
C LEU A 862 -5.98 -17.95 8.07
N THR A 863 -6.65 -18.44 7.04
CA THR A 863 -6.77 -19.88 6.80
C THR A 863 -5.42 -20.57 6.86
N VAL A 864 -5.27 -21.49 7.82
CA VAL A 864 -4.02 -22.22 7.96
C VAL A 864 -4.01 -23.41 7.02
N LEU A 865 -2.93 -23.57 6.27
CA LEU A 865 -2.76 -24.76 5.46
C LEU A 865 -2.37 -25.94 6.35
N PRO A 866 -3.02 -27.08 6.22
CA PRO A 866 -2.57 -28.27 6.94
C PRO A 866 -1.18 -28.68 6.47
N PRO A 867 -0.35 -29.21 7.36
CA PRO A 867 0.97 -29.66 6.94
C PRO A 867 0.86 -30.79 5.92
N LEU A 868 1.77 -30.78 4.94
CA LEU A 868 1.82 -31.88 3.99
C LEU A 868 2.08 -33.20 4.71
N LEU A 869 2.98 -33.17 5.69
CA LEU A 869 3.24 -34.31 6.56
C LEU A 869 2.30 -34.18 7.76
N THR A 870 1.23 -34.95 7.76
CA THR A 870 0.31 -34.94 8.89
C THR A 870 0.99 -35.59 10.10
N ASP A 871 0.36 -35.45 11.26
CA ASP A 871 0.97 -35.89 12.52
C ASP A 871 1.31 -37.38 12.47
N GLU A 872 0.44 -38.19 11.87
CA GLU A 872 0.74 -39.61 11.74
C GLU A 872 1.98 -39.84 10.89
N MET A 873 2.13 -39.08 9.80
CA MET A 873 3.30 -39.23 8.95
C MET A 873 4.57 -38.76 9.66
N ILE A 874 4.47 -37.68 10.44
CA ILE A 874 5.60 -37.23 11.23
C ILE A 874 6.02 -38.31 12.22
N ALA A 875 5.05 -38.90 12.90
CA ALA A 875 5.33 -39.97 13.85
C ALA A 875 5.94 -41.18 13.14
N GLN A 876 5.48 -41.46 11.92
CA GLN A 876 6.01 -42.60 11.18
C GLN A 876 7.45 -42.35 10.75
N TYR A 877 7.78 -41.13 10.31
CA TYR A 877 9.17 -40.80 10.02
C TYR A 877 10.03 -40.90 11.26
N THR A 878 9.55 -40.39 12.39
CA THR A 878 10.34 -40.47 13.62
C THR A 878 10.55 -41.93 14.03
N SER A 879 9.51 -42.76 13.88
CA SER A 879 9.65 -44.18 14.17
C SER A 879 10.66 -44.83 13.24
N ALA A 880 10.63 -44.47 11.96
CA ALA A 880 11.61 -45.02 11.02
C ALA A 880 13.03 -44.58 11.37
N LEU A 881 13.19 -43.30 11.73
CA LEU A 881 14.51 -42.80 12.10
C LEU A 881 15.03 -43.51 13.35
N LEU A 882 14.18 -43.69 14.34
CA LEU A 882 14.59 -44.33 15.59
C LEU A 882 14.83 -45.82 15.39
N ALA A 883 14.03 -46.45 14.53
CA ALA A 883 14.25 -47.86 14.21
C ALA A 883 15.55 -48.04 13.43
N GLY A 884 15.88 -47.09 12.57
CA GLY A 884 17.19 -47.11 11.93
C GLY A 884 18.30 -46.91 12.92
N THR A 885 18.10 -46.02 13.89
CA THR A 885 19.09 -45.78 14.93
C THR A 885 19.36 -47.05 15.73
N ILE A 886 18.32 -47.81 16.04
CA ILE A 886 18.48 -49.04 16.80
C ILE A 886 19.04 -50.15 15.91
N THR A 887 18.31 -50.51 14.86
CA THR A 887 18.64 -51.68 14.06
C THR A 887 19.84 -51.41 13.16
N SER A 888 19.76 -50.37 12.33
CA SER A 888 20.81 -50.07 11.37
C SER A 888 21.92 -49.22 11.95
N GLY A 889 21.76 -48.67 13.14
CA GLY A 889 22.76 -47.80 13.70
C GLY A 889 22.73 -46.42 13.09
N TRP A 890 23.73 -46.09 12.28
CA TRP A 890 23.81 -44.78 11.65
C TRP A 890 23.94 -44.82 10.14
N THR A 891 24.25 -45.98 9.56
CA THR A 891 24.54 -46.03 8.13
C THR A 891 23.29 -45.82 7.28
N PHE A 892 22.10 -45.84 7.89
CA PHE A 892 20.87 -45.67 7.12
C PHE A 892 20.76 -44.28 6.51
N GLY A 893 21.56 -43.33 6.97
CA GLY A 893 21.57 -42.00 6.37
C GLY A 893 22.75 -41.75 5.46
N ALA A 894 23.71 -42.67 5.46
CA ALA A 894 24.92 -42.57 4.66
C ALA A 894 25.01 -43.74 3.67
N GLY A 895 23.89 -44.05 3.02
CA GLY A 895 23.75 -45.19 2.15
C GLY A 895 22.61 -46.05 2.62
N ALA A 896 22.57 -47.28 2.11
CA ALA A 896 21.52 -48.21 2.52
C ALA A 896 21.74 -48.65 3.97
N ALA A 897 20.64 -48.92 4.66
CA ALA A 897 20.70 -49.33 6.05
C ALA A 897 21.43 -50.66 6.18
N LEU A 898 22.12 -50.83 7.31
CA LEU A 898 22.91 -52.02 7.56
C LEU A 898 22.49 -52.62 8.90
N GLN A 899 21.92 -53.82 8.85
CA GLN A 899 21.64 -54.58 10.06
C GLN A 899 22.85 -54.60 10.98
N ILE A 900 22.63 -54.28 12.26
CA ILE A 900 23.70 -54.33 13.26
C ILE A 900 23.09 -54.37 14.66
N PRO A 901 23.54 -55.28 15.52
CA PRO A 901 22.95 -55.36 16.87
C PRO A 901 23.21 -54.10 17.67
N PHE A 902 22.28 -53.82 18.59
CA PHE A 902 22.34 -52.59 19.37
C PHE A 902 23.59 -52.55 20.25
N ALA A 903 23.96 -53.69 20.84
CA ALA A 903 25.17 -53.71 21.67
C ALA A 903 26.42 -53.54 20.84
N MET A 904 26.43 -54.08 19.62
CA MET A 904 27.55 -53.84 18.72
C MET A 904 27.55 -52.41 18.16
N GLN A 905 26.43 -51.70 18.29
CA GLN A 905 26.43 -50.28 17.94
C GLN A 905 27.34 -49.50 18.89
N MET A 906 27.35 -49.88 20.17
CA MET A 906 28.27 -49.26 21.13
C MET A 906 29.73 -49.59 20.83
N ALA A 907 30.00 -50.61 20.02
CA ALA A 907 31.38 -50.93 19.68
C ALA A 907 32.06 -49.77 18.97
N TYR A 908 31.28 -48.91 18.33
CA TYR A 908 31.79 -47.65 17.79
C TYR A 908 31.24 -46.42 18.51
N ARG A 909 30.09 -46.54 19.18
CA ARG A 909 29.43 -45.35 19.70
C ARG A 909 30.11 -44.82 20.96
N PHE A 910 30.60 -45.71 21.84
CA PHE A 910 31.53 -45.25 22.86
C PHE A 910 32.82 -44.74 22.24
N ASN A 911 33.34 -45.44 21.21
CA ASN A 911 34.57 -45.01 20.56
C ASN A 911 34.46 -43.60 19.99
N GLY A 912 33.24 -43.13 19.72
CA GLY A 912 33.07 -41.77 19.24
C GLY A 912 33.59 -40.74 20.21
N ILE A 913 33.27 -40.90 21.50
CA ILE A 913 33.62 -39.91 22.51
C ILE A 913 34.89 -40.30 23.26
N GLY A 914 35.73 -41.15 22.67
CA GLY A 914 36.98 -41.50 23.32
C GLY A 914 36.86 -42.45 24.47
N VAL A 915 35.69 -43.03 24.71
CA VAL A 915 35.49 -44.03 25.74
C VAL A 915 35.54 -45.40 25.07
N THR A 916 36.36 -46.30 25.62
CA THR A 916 36.57 -47.59 24.97
C THR A 916 35.28 -48.39 24.94
N GLN A 917 35.12 -49.20 23.88
CA GLN A 917 33.92 -49.97 23.66
C GLN A 917 33.67 -51.00 24.76
N ASN A 918 34.71 -51.43 25.47
CA ASN A 918 34.57 -52.44 26.51
C ASN A 918 33.71 -51.99 27.67
N VAL A 919 33.45 -50.69 27.81
CA VAL A 919 32.62 -50.20 28.90
C VAL A 919 31.23 -50.83 28.82
N LEU A 920 30.64 -50.87 27.63
CA LEU A 920 29.35 -51.54 27.47
C LEU A 920 29.44 -53.01 27.81
N TYR A 921 30.39 -53.71 27.20
CA TYR A 921 30.46 -55.16 27.34
C TYR A 921 30.84 -55.59 28.75
N GLU A 922 31.28 -54.65 29.60
CA GLU A 922 31.50 -54.96 31.01
C GLU A 922 30.49 -54.32 31.95
N ASN A 923 29.62 -53.41 31.46
CA ASN A 923 28.74 -52.68 32.37
C ASN A 923 27.33 -52.55 31.79
N GLN A 924 26.96 -53.45 30.87
CA GLN A 924 25.73 -53.28 30.10
C GLN A 924 24.49 -53.26 30.99
N LYS A 925 24.44 -54.11 32.01
CA LYS A 925 23.27 -54.18 32.86
C LYS A 925 23.00 -52.82 33.51
N LEU A 926 24.04 -52.26 34.16
CA LEU A 926 23.85 -51.00 34.85
C LEU A 926 23.67 -49.84 33.89
N ILE A 927 24.30 -49.89 32.71
CA ILE A 927 24.07 -48.83 31.71
C ILE A 927 22.61 -48.84 31.27
N ALA A 928 22.06 -50.03 31.02
CA ALA A 928 20.66 -50.13 30.63
C ALA A 928 19.74 -49.64 31.74
N ASN A 929 20.02 -50.03 32.99
CA ASN A 929 19.20 -49.55 34.10
C ASN A 929 19.29 -48.03 34.24
N GLN A 930 20.49 -47.48 34.07
CA GLN A 930 20.65 -46.02 34.15
C GLN A 930 19.86 -45.32 33.05
N PHE A 931 19.92 -45.83 31.82
CA PHE A 931 19.17 -45.20 30.74
C PHE A 931 17.66 -45.29 31.00
N ASN A 932 17.19 -46.45 31.45
CA ASN A 932 15.75 -46.60 31.70
C ASN A 932 15.29 -45.70 32.84
N SER A 933 16.07 -45.63 33.93
CA SER A 933 15.72 -44.74 35.02
C SER A 933 15.76 -43.27 34.59
N ALA A 934 16.74 -42.92 33.76
CA ALA A 934 16.80 -41.56 33.24
C ALA A 934 15.55 -41.23 32.44
N ILE A 935 15.19 -42.09 31.48
CA ILE A 935 14.04 -41.81 30.64
C ILE A 935 12.76 -41.80 31.46
N GLY A 936 12.71 -42.59 32.53
CA GLY A 936 11.60 -42.46 33.47
C GLY A 936 11.60 -41.13 34.18
N LYS A 937 12.78 -40.59 34.47
CA LYS A 937 12.85 -39.26 35.08
C LYS A 937 12.36 -38.19 34.11
N ILE A 938 12.69 -38.31 32.82
CA ILE A 938 12.08 -37.43 31.83
C ILE A 938 10.57 -37.61 31.79
N GLN A 939 10.09 -38.85 31.87
CA GLN A 939 8.65 -39.08 31.98
C GLN A 939 8.05 -38.28 33.11
N ASP A 940 8.64 -38.38 34.30
CA ASP A 940 8.10 -37.71 35.48
C ASP A 940 8.22 -36.19 35.34
N SER A 941 9.31 -35.70 34.76
CA SER A 941 9.49 -34.27 34.57
C SER A 941 8.43 -33.71 33.63
N LEU A 942 8.23 -34.35 32.47
CA LEU A 942 7.18 -33.91 31.56
C LEU A 942 5.81 -34.05 32.20
N SER A 943 5.64 -35.02 33.09
CA SER A 943 4.36 -35.16 33.81
C SER A 943 4.13 -33.98 34.74
N SER A 944 5.17 -33.51 35.42
CA SER A 944 5.03 -32.51 36.47
C SER A 944 5.68 -31.17 36.16
N THR A 945 6.86 -31.16 35.51
CA THR A 945 7.58 -29.93 35.23
C THR A 945 7.23 -29.46 33.82
N ALA A 946 6.68 -28.25 33.71
CA ALA A 946 6.25 -27.71 32.43
C ALA A 946 7.33 -26.95 31.69
N SER A 947 8.48 -26.71 32.32
CA SER A 947 9.56 -25.95 31.70
C SER A 947 10.52 -26.81 30.90
N ALA A 948 10.33 -28.13 30.87
CA ALA A 948 11.21 -28.98 30.08
C ALA A 948 11.06 -28.71 28.59
N LEU A 949 9.82 -28.54 28.13
CA LEU A 949 9.53 -28.23 26.73
C LEU A 949 9.52 -26.74 26.47
N GLY A 950 10.27 -25.98 27.26
CA GLY A 950 10.15 -24.53 27.23
C GLY A 950 10.22 -23.95 25.85
N LYS A 951 11.13 -24.47 25.02
CA LYS A 951 11.31 -23.91 23.67
C LYS A 951 10.12 -24.20 22.76
N LEU A 952 9.49 -25.36 22.91
CA LEU A 952 8.30 -25.64 22.11
C LEU A 952 7.06 -24.88 22.56
N GLN A 953 6.78 -24.78 23.87
CA GLN A 953 5.75 -23.79 24.20
C GLN A 953 6.15 -22.38 23.81
N ASN A 954 7.44 -22.05 23.82
CA ASN A 954 7.85 -20.73 23.32
C ASN A 954 7.44 -20.53 21.87
N VAL A 955 7.82 -21.45 20.99
CA VAL A 955 7.53 -21.27 19.57
C VAL A 955 6.03 -21.27 19.33
N VAL A 956 5.30 -22.22 19.92
CA VAL A 956 3.86 -22.26 19.68
C VAL A 956 3.18 -21.06 20.33
N ASN A 957 3.73 -20.54 21.42
CA ASN A 957 3.14 -19.36 22.04
C ASN A 957 3.32 -18.16 21.14
N GLN A 958 4.55 -17.77 20.85
CA GLN A 958 4.73 -16.61 19.98
C GLN A 958 4.01 -16.78 18.64
N ASN A 959 3.83 -18.00 18.15
CA ASN A 959 2.90 -18.18 17.04
C ASN A 959 1.48 -17.80 17.42
N ALA A 960 1.04 -18.21 18.62
CA ALA A 960 -0.32 -17.91 19.04
C ALA A 960 -0.54 -16.41 19.21
N GLN A 961 0.40 -15.71 19.85
CA GLN A 961 0.27 -14.26 19.92
C GLN A 961 0.45 -13.60 18.56
N ALA A 962 1.26 -14.15 17.66
CA ALA A 962 1.33 -13.59 16.31
C ALA A 962 -0.03 -13.63 15.63
N LEU A 963 -0.66 -14.81 15.62
CA LEU A 963 -1.97 -14.98 15.01
C LEU A 963 -3.02 -14.10 15.71
N ASN A 964 -3.03 -14.13 17.04
CA ASN A 964 -4.05 -13.39 17.79
C ASN A 964 -3.89 -11.89 17.64
N THR A 965 -2.64 -11.40 17.70
CA THR A 965 -2.41 -9.98 17.50
C THR A 965 -2.79 -9.56 16.10
N LEU A 966 -2.47 -10.39 15.10
CA LEU A 966 -2.87 -10.07 13.73
C LEU A 966 -4.38 -9.96 13.63
N VAL A 967 -5.11 -10.92 14.23
CA VAL A 967 -6.55 -10.90 14.07
C VAL A 967 -7.19 -9.78 14.87
N LYS A 968 -6.59 -9.38 15.99
CA LYS A 968 -7.13 -8.23 16.71
C LYS A 968 -6.70 -6.90 16.08
N GLN A 969 -5.72 -6.91 15.18
CA GLN A 969 -5.49 -5.73 14.36
C GLN A 969 -6.74 -5.36 13.57
N LEU A 970 -7.54 -6.37 13.22
CA LEU A 970 -8.82 -6.11 12.55
C LEU A 970 -9.72 -5.24 13.40
N SER A 971 -9.61 -5.35 14.73
CA SER A 971 -10.42 -4.57 15.65
C SER A 971 -9.79 -3.24 16.04
N SER A 972 -8.58 -2.95 15.55
CA SER A 972 -7.91 -1.71 15.91
C SER A 972 -8.42 -0.56 15.06
N ASN A 973 -8.56 0.61 15.69
CA ASN A 973 -9.10 1.77 15.01
C ASN A 973 -8.17 2.25 13.90
N PHE A 974 -6.86 2.25 14.17
CA PHE A 974 -5.84 2.70 13.23
C PHE A 974 -6.01 4.16 12.82
N GLY A 975 -6.79 4.94 13.58
CA GLY A 975 -7.03 6.32 13.25
C GLY A 975 -8.20 6.58 12.34
N ALA A 976 -9.02 5.56 12.04
CA ALA A 976 -10.21 5.74 11.22
C ALA A 976 -11.37 6.17 12.11
N ILE A 977 -12.59 6.16 11.56
CA ILE A 977 -13.76 6.41 12.40
C ILE A 977 -14.10 5.17 13.22
N SER A 978 -13.79 3.99 12.71
CA SER A 978 -14.08 2.72 13.36
C SER A 978 -13.28 1.64 12.63
N SER A 979 -13.55 0.38 12.96
CA SER A 979 -12.91 -0.75 12.31
C SER A 979 -13.93 -1.71 11.70
N VAL A 980 -15.07 -1.17 11.23
CA VAL A 980 -16.11 -1.95 10.60
C VAL A 980 -16.33 -1.39 9.20
N LEU A 981 -15.86 -2.12 8.19
CA LEU A 981 -15.97 -1.66 6.81
C LEU A 981 -17.43 -1.54 6.39
N ASN A 982 -18.27 -2.51 6.79
CA ASN A 982 -19.68 -2.46 6.44
C ASN A 982 -20.35 -1.23 7.04
N ASP A 983 -20.05 -0.92 8.31
CA ASP A 983 -20.64 0.25 8.93
C ASP A 983 -20.16 1.53 8.25
N ILE A 984 -18.88 1.60 7.89
CA ILE A 984 -18.37 2.78 7.21
C ILE A 984 -19.06 2.96 5.87
N LEU A 985 -19.23 1.88 5.11
CA LEU A 985 -19.90 1.96 3.82
C LEU A 985 -21.36 2.38 3.99
N SER A 986 -22.05 1.82 4.99
CA SER A 986 -23.46 2.14 5.19
C SER A 986 -23.65 3.59 5.59
N ARG A 987 -22.77 4.11 6.45
CA ARG A 987 -22.97 5.46 7.00
C ARG A 987 -22.40 6.55 6.09
N LEU A 988 -21.11 6.48 5.81
CA LEU A 988 -20.43 7.62 5.18
C LEU A 988 -20.83 7.79 3.73
N ASP A 989 -20.93 9.05 3.31
CA ASP A 989 -21.03 9.37 1.90
C ASP A 989 -19.70 9.03 1.23
N PRO A 990 -19.73 8.58 -0.03
CA PRO A 990 -18.52 7.99 -0.66
C PRO A 990 -17.31 8.90 -0.59
N PRO A 991 -17.44 10.23 -0.75
CA PRO A 991 -16.23 11.07 -0.63
C PRO A 991 -15.46 10.91 0.67
N GLU A 992 -16.13 10.74 1.80
CA GLU A 992 -15.45 10.48 3.07
C GLU A 992 -15.21 8.99 3.30
N ALA A 993 -16.10 8.15 2.75
CA ALA A 993 -15.93 6.71 2.90
C ALA A 993 -14.64 6.23 2.27
N GLU A 994 -14.31 6.74 1.08
CA GLU A 994 -13.08 6.35 0.43
C GLU A 994 -11.86 6.74 1.27
N VAL A 995 -11.88 7.93 1.86
CA VAL A 995 -10.76 8.37 2.68
C VAL A 995 -10.61 7.51 3.92
N GLN A 996 -11.72 7.20 4.59
CA GLN A 996 -11.65 6.38 5.80
C GLN A 996 -11.23 4.95 5.48
N ILE A 997 -11.72 4.39 4.37
CA ILE A 997 -11.28 3.08 3.95
C ILE A 997 -9.81 3.11 3.54
N ASP A 998 -9.32 4.22 3.00
CA ASP A 998 -7.89 4.37 2.76
C ASP A 998 -7.11 4.35 4.06
N ARG A 999 -7.60 5.02 5.09
CA ARG A 999 -6.95 4.93 6.39
C ARG A 999 -6.91 3.49 6.87
N LEU A 1000 -8.03 2.77 6.74
CA LEU A 1000 -8.06 1.38 7.14
C LEU A 1000 -7.11 0.52 6.33
N ILE A 1001 -7.03 0.73 5.02
CA ILE A 1001 -6.17 -0.10 4.18
C ILE A 1001 -4.70 0.19 4.49
N THR A 1002 -4.33 1.46 4.68
CA THR A 1002 -2.98 1.77 5.11
C THR A 1002 -2.65 1.07 6.43
N GLY A 1003 -3.52 1.23 7.42
CA GLY A 1003 -3.23 0.66 8.73
C GLY A 1003 -3.16 -0.86 8.70
N ARG A 1004 -4.14 -1.50 8.06
CA ARG A 1004 -4.21 -2.95 8.07
C ARG A 1004 -3.13 -3.56 7.20
N LEU A 1005 -2.79 -2.93 6.07
CA LEU A 1005 -1.70 -3.43 5.25
C LEU A 1005 -0.37 -3.23 5.95
N GLN A 1006 -0.19 -2.14 6.69
CA GLN A 1006 1.01 -1.99 7.49
C GLN A 1006 1.07 -3.06 8.58
N SER A 1007 -0.07 -3.36 9.20
CA SER A 1007 -0.10 -4.40 10.22
C SER A 1007 0.23 -5.76 9.62
N LEU A 1008 -0.28 -6.05 8.44
CA LEU A 1008 -0.01 -7.33 7.80
C LEU A 1008 1.43 -7.42 7.32
N GLN A 1009 1.97 -6.31 6.80
CA GLN A 1009 3.37 -6.28 6.41
C GLN A 1009 4.27 -6.47 7.61
N THR A 1010 3.95 -5.82 8.73
CA THR A 1010 4.69 -6.04 9.97
C THR A 1010 4.58 -7.49 10.41
N TYR A 1011 3.38 -8.07 10.32
CA TYR A 1011 3.18 -9.46 10.71
C TYR A 1011 4.04 -10.38 9.88
N VAL A 1012 4.05 -10.18 8.56
CA VAL A 1012 4.80 -11.08 7.69
C VAL A 1012 6.29 -10.81 7.80
N THR A 1013 6.68 -9.59 8.17
CA THR A 1013 8.11 -9.30 8.36
C THR A 1013 8.62 -9.96 9.63
N GLN A 1014 7.88 -9.82 10.74
CA GLN A 1014 8.22 -10.57 11.94
C GLN A 1014 8.14 -12.07 11.69
N GLN A 1015 7.22 -12.51 10.83
CA GLN A 1015 7.12 -13.92 10.48
C GLN A 1015 8.30 -14.37 9.63
N LEU A 1016 8.83 -13.51 8.78
CA LEU A 1016 10.02 -13.84 8.01
C LEU A 1016 11.25 -13.90 8.90
N ILE A 1017 11.35 -12.97 9.86
CA ILE A 1017 12.45 -13.01 10.83
C ILE A 1017 12.35 -14.27 11.68
N ARG A 1018 11.15 -14.57 12.18
CA ARG A 1018 10.92 -15.78 12.96
C ARG A 1018 11.07 -17.03 12.11
N ALA A 1019 10.80 -16.94 10.81
CA ALA A 1019 10.97 -18.08 9.93
C ALA A 1019 12.44 -18.33 9.65
N ALA A 1020 13.24 -17.26 9.57
CA ALA A 1020 14.69 -17.43 9.51
C ALA A 1020 15.22 -18.00 10.82
N GLU A 1021 14.62 -17.58 11.95
CA GLU A 1021 15.00 -18.15 13.24
C GLU A 1021 14.68 -19.65 13.30
N ILE A 1022 13.47 -20.01 12.89
CA ILE A 1022 13.06 -21.41 12.87
C ILE A 1022 13.81 -22.18 11.80
N ARG A 1023 14.27 -21.51 10.74
CA ARG A 1023 15.14 -22.16 9.78
C ARG A 1023 16.51 -22.43 10.38
N ALA A 1024 17.01 -21.50 11.18
CA ALA A 1024 18.26 -21.74 11.91
C ALA A 1024 18.11 -22.94 12.83
N SER A 1025 17.00 -22.98 13.58
CA SER A 1025 16.76 -24.12 14.46
C SER A 1025 16.47 -25.40 13.69
N ALA A 1026 15.90 -25.30 12.48
CA ALA A 1026 15.58 -26.48 11.70
C ALA A 1026 16.83 -27.06 11.05
N ASN A 1027 17.73 -26.21 10.56
CA ASN A 1027 19.03 -26.69 10.12
C ASN A 1027 19.84 -27.19 11.30
N LEU A 1028 19.65 -26.60 12.48
CA LEU A 1028 20.29 -27.09 13.68
C LEU A 1028 19.80 -28.50 14.01
N ALA A 1029 18.48 -28.73 13.89
CA ALA A 1029 17.92 -30.05 14.13
C ALA A 1029 18.32 -31.05 13.06
N ALA A 1030 18.40 -30.60 11.80
CA ALA A 1030 18.87 -31.48 10.73
C ALA A 1030 20.32 -31.88 10.96
N THR A 1031 21.16 -30.93 11.36
CA THR A 1031 22.54 -31.25 11.67
C THR A 1031 22.64 -32.16 12.89
N LYS A 1032 21.78 -31.96 13.89
CA LYS A 1032 21.83 -32.81 15.07
C LYS A 1032 21.28 -34.20 14.78
N MET A 1033 20.35 -34.35 13.85
CA MET A 1033 20.01 -35.71 13.43
C MET A 1033 21.12 -36.34 12.60
N SER A 1034 21.67 -35.61 11.65
CA SER A 1034 22.65 -36.20 10.74
C SER A 1034 23.91 -36.57 11.50
N GLU A 1035 24.53 -35.59 12.17
CA GLU A 1035 25.69 -35.86 13.01
C GLU A 1035 25.32 -36.76 14.18
N CYS A 1036 24.19 -36.48 14.84
CA CYS A 1036 23.94 -36.87 16.22
C CYS A 1036 23.02 -38.07 16.32
N VAL A 1037 21.97 -38.15 15.49
CA VAL A 1037 21.12 -39.34 15.41
C VAL A 1037 21.64 -40.31 14.36
N LEU A 1038 21.72 -39.85 13.10
CA LEU A 1038 22.27 -40.63 11.98
C LEU A 1038 23.78 -40.79 12.05
N GLY A 1039 24.36 -40.50 13.21
CA GLY A 1039 25.78 -40.68 13.47
C GLY A 1039 26.10 -40.50 14.94
N GLN A 1040 27.18 -39.78 15.23
CA GLN A 1040 27.52 -39.41 16.60
C GLN A 1040 28.28 -38.10 16.56
N SER A 1041 27.62 -37.02 16.97
CA SER A 1041 28.20 -35.69 16.85
C SER A 1041 29.46 -35.55 17.72
N LYS A 1042 30.51 -35.00 17.12
CA LYS A 1042 31.74 -34.69 17.84
C LYS A 1042 31.78 -33.26 18.36
N ARG A 1043 30.81 -32.43 18.02
CA ARG A 1043 30.80 -31.05 18.47
C ARG A 1043 30.46 -31.03 19.96
N VAL A 1044 31.38 -30.49 20.78
CA VAL A 1044 31.19 -30.50 22.22
C VAL A 1044 30.06 -29.55 22.60
N ASP A 1045 29.25 -29.96 23.57
CA ASP A 1045 28.12 -29.17 24.06
C ASP A 1045 27.14 -28.82 22.95
N PHE A 1046 27.02 -29.70 21.96
CA PHE A 1046 26.10 -29.55 20.84
C PHE A 1046 24.82 -30.35 21.03
N CYS A 1047 24.95 -31.62 21.41
CA CYS A 1047 23.83 -32.48 21.76
C CYS A 1047 23.70 -32.65 23.27
N GLY A 1048 23.87 -31.57 24.02
CA GLY A 1048 23.70 -31.59 25.46
C GLY A 1048 25.03 -31.66 26.19
N LYS A 1049 25.00 -31.21 27.44
CA LYS A 1049 26.21 -31.15 28.25
C LYS A 1049 26.80 -32.56 28.43
N GLY A 1050 28.09 -32.69 28.17
CA GLY A 1050 28.77 -33.95 28.31
C GLY A 1050 28.98 -34.64 26.97
N TYR A 1051 29.88 -35.62 26.97
CA TYR A 1051 30.11 -36.42 25.78
C TYR A 1051 28.85 -37.17 25.39
N HIS A 1052 28.56 -37.18 24.09
CA HIS A 1052 27.27 -37.60 23.57
C HIS A 1052 27.35 -38.94 22.85
N LEU A 1053 26.37 -39.80 23.13
CA LEU A 1053 26.31 -41.14 22.55
C LEU A 1053 25.40 -41.22 21.32
N MET A 1054 24.10 -41.01 21.50
CA MET A 1054 23.17 -41.00 20.38
C MET A 1054 21.96 -40.17 20.78
N SER A 1055 21.07 -39.95 19.82
CA SER A 1055 19.85 -39.21 20.07
C SER A 1055 18.66 -39.95 19.49
N PHE A 1056 17.49 -39.74 20.09
CA PHE A 1056 16.25 -40.38 19.67
C PHE A 1056 15.22 -39.30 19.39
N PRO A 1057 15.01 -38.92 18.14
CA PRO A 1057 14.00 -37.90 17.83
C PRO A 1057 12.61 -38.37 18.27
N GLN A 1058 11.86 -37.44 18.84
CA GLN A 1058 10.50 -37.72 19.30
C GLN A 1058 9.62 -36.58 18.83
N SER A 1059 8.83 -36.83 17.79
CA SER A 1059 8.01 -35.79 17.19
C SER A 1059 7.14 -35.12 18.23
N ALA A 1060 7.10 -33.79 18.18
CA ALA A 1060 6.24 -32.98 19.02
C ALA A 1060 5.58 -31.92 18.16
N PRO A 1061 4.43 -31.39 18.57
CA PRO A 1061 3.70 -30.45 17.70
C PRO A 1061 4.52 -29.21 17.39
N HIS A 1062 4.71 -28.95 16.09
CA HIS A 1062 5.45 -27.80 15.60
C HIS A 1062 6.87 -27.77 16.16
N GLY A 1063 7.53 -28.93 16.11
CA GLY A 1063 8.88 -29.03 16.59
C GLY A 1063 9.33 -30.47 16.62
N VAL A 1064 10.49 -30.69 17.23
CA VAL A 1064 11.03 -32.02 17.46
C VAL A 1064 11.67 -32.04 18.84
N VAL A 1065 11.81 -33.24 19.39
CA VAL A 1065 12.39 -33.43 20.72
C VAL A 1065 13.49 -34.48 20.61
N PHE A 1066 14.67 -34.13 21.07
CA PHE A 1066 15.78 -35.06 21.12
C PHE A 1066 15.92 -35.63 22.52
N LEU A 1067 16.33 -36.89 22.59
CA LEU A 1067 16.65 -37.53 23.86
C LEU A 1067 18.15 -37.80 23.83
N HIS A 1068 18.92 -36.78 24.21
CA HIS A 1068 20.38 -36.85 24.08
C HIS A 1068 20.93 -37.74 25.17
N VAL A 1069 21.15 -39.01 24.85
CA VAL A 1069 21.81 -39.93 25.77
C VAL A 1069 23.29 -39.60 25.78
N THR A 1070 23.75 -38.94 26.84
CA THR A 1070 25.12 -38.45 26.94
C THR A 1070 25.87 -39.18 28.04
N TYR A 1071 27.19 -39.01 28.04
CA TYR A 1071 28.09 -39.57 29.03
C TYR A 1071 28.59 -38.43 29.90
N VAL A 1072 28.42 -38.56 31.21
CA VAL A 1072 28.85 -37.56 32.17
C VAL A 1072 29.60 -38.25 33.31
N PRO A 1073 30.87 -37.93 33.53
CA PRO A 1073 31.59 -38.51 34.67
C PRO A 1073 30.98 -38.06 36.00
N ALA A 1074 31.04 -38.93 37.00
CA ALA A 1074 30.39 -38.67 38.28
C ALA A 1074 31.39 -38.57 39.43
N GLN A 1075 32.20 -39.58 39.67
CA GLN A 1075 33.10 -39.61 40.83
C GLN A 1075 34.55 -39.48 40.36
N GLU A 1076 35.23 -38.45 40.86
CA GLU A 1076 36.61 -38.13 40.50
C GLU A 1076 37.56 -38.59 41.59
N LYS A 1077 38.82 -38.82 41.21
CA LYS A 1077 39.82 -39.29 42.17
C LYS A 1077 41.20 -38.81 41.74
N ASN A 1078 41.95 -38.26 42.69
CA ASN A 1078 43.32 -37.82 42.45
C ASN A 1078 44.23 -38.99 42.10
N PHE A 1079 45.17 -38.74 41.20
CA PHE A 1079 46.29 -39.64 40.97
C PHE A 1079 47.51 -38.82 40.57
N THR A 1080 48.69 -39.37 40.82
CA THR A 1080 49.93 -38.71 40.47
C THR A 1080 50.25 -38.96 39.01
N THR A 1081 50.55 -37.90 38.27
CA THR A 1081 50.72 -37.99 36.82
C THR A 1081 52.07 -37.41 36.41
N ALA A 1082 52.64 -38.00 35.36
CA ALA A 1082 53.87 -37.53 34.73
C ALA A 1082 53.71 -37.61 33.23
N PRO A 1083 54.27 -36.67 32.47
CA PRO A 1083 54.07 -36.65 31.01
C PRO A 1083 54.95 -37.60 30.23
N ALA A 1084 55.86 -38.34 30.88
CA ALA A 1084 56.77 -39.19 30.13
C ALA A 1084 57.32 -40.29 31.04
N ILE A 1085 57.91 -41.29 30.40
CA ILE A 1085 58.52 -42.43 31.09
C ILE A 1085 59.92 -42.65 30.51
N CYS A 1086 60.90 -42.82 31.40
CA CYS A 1086 62.28 -43.07 31.01
C CYS A 1086 62.70 -44.46 31.50
N HIS A 1087 63.07 -45.33 30.56
CA HIS A 1087 63.53 -46.67 30.90
C HIS A 1087 65.01 -46.89 30.58
N ASP A 1088 65.41 -46.60 29.34
CA ASP A 1088 66.79 -46.78 28.90
C ASP A 1088 67.34 -45.48 28.32
N GLY A 1089 67.10 -44.37 29.03
CA GLY A 1089 67.56 -43.08 28.58
C GLY A 1089 66.74 -42.48 27.47
N LYS A 1090 65.66 -43.14 27.03
CA LYS A 1090 64.80 -42.66 25.98
C LYS A 1090 63.38 -42.53 26.51
N ALA A 1091 62.70 -41.45 26.14
CA ALA A 1091 61.40 -41.15 26.69
C ALA A 1091 60.35 -42.15 26.20
N HIS A 1092 59.22 -42.18 26.90
CA HIS A 1092 58.10 -43.04 26.53
C HIS A 1092 56.81 -42.25 26.72
N PHE A 1093 56.05 -42.10 25.64
CA PHE A 1093 54.85 -41.29 25.62
C PHE A 1093 53.63 -42.16 25.34
N PRO A 1094 52.45 -41.76 25.79
CA PRO A 1094 51.25 -42.57 25.55
C PRO A 1094 50.56 -42.22 24.25
N ARG A 1095 50.08 -43.26 23.56
CA ARG A 1095 49.32 -43.05 22.34
C ARG A 1095 47.96 -42.42 22.66
N GLU A 1096 47.25 -42.98 23.62
CA GLU A 1096 45.97 -42.46 24.06
C GLU A 1096 45.84 -42.68 25.56
N GLY A 1097 45.41 -41.65 26.27
CA GLY A 1097 45.27 -41.74 27.71
C GLY A 1097 46.43 -41.11 28.44
N VAL A 1098 46.18 -40.73 29.70
CA VAL A 1098 47.15 -40.03 30.54
C VAL A 1098 47.87 -41.04 31.41
N PHE A 1099 49.14 -40.77 31.70
CA PHE A 1099 49.89 -41.60 32.64
C PHE A 1099 49.54 -41.21 34.07
N VAL A 1100 49.34 -42.24 34.92
CA VAL A 1100 48.98 -42.04 36.32
C VAL A 1100 49.74 -43.05 37.17
N SER A 1101 49.76 -42.80 38.47
CA SER A 1101 50.35 -43.72 39.44
C SER A 1101 49.91 -43.39 40.86
N ASN A 1102 49.36 -44.38 41.56
CA ASN A 1102 49.05 -44.20 42.97
C ASN A 1102 50.33 -44.08 43.80
N GLY A 1103 51.41 -44.68 43.32
CA GLY A 1103 52.67 -44.62 44.02
C GLY A 1103 53.49 -45.90 43.94
N THR A 1104 52.89 -46.97 43.42
CA THR A 1104 53.59 -48.24 43.32
C THR A 1104 54.16 -48.46 41.91
N HIS A 1105 53.34 -48.26 40.88
CA HIS A 1105 53.79 -48.40 39.50
C HIS A 1105 53.01 -47.40 38.65
N TRP A 1106 53.69 -46.84 37.65
CA TRP A 1106 53.06 -45.89 36.76
C TRP A 1106 52.12 -46.61 35.79
N PHE A 1107 50.91 -46.07 35.64
CA PHE A 1107 49.89 -46.67 34.81
C PHE A 1107 49.36 -45.63 33.83
N VAL A 1108 48.88 -46.09 32.68
CA VAL A 1108 48.27 -45.24 31.67
C VAL A 1108 46.79 -45.58 31.59
N THR A 1109 45.95 -44.54 31.67
CA THR A 1109 44.51 -44.71 31.65
C THR A 1109 43.88 -43.66 30.76
N GLN A 1110 42.71 -43.98 30.20
CA GLN A 1110 42.05 -43.09 29.27
C GLN A 1110 41.52 -41.85 30.00
N ARG A 1111 41.14 -40.85 29.21
CA ARG A 1111 40.94 -39.50 29.71
C ARG A 1111 39.53 -39.22 30.22
N ASN A 1112 38.61 -40.20 30.19
CA ASN A 1112 37.28 -39.97 30.74
C ASN A 1112 36.78 -41.17 31.54
N PHE A 1113 37.66 -42.10 31.91
CA PHE A 1113 37.29 -43.25 32.71
C PHE A 1113 38.56 -43.94 33.22
N TYR A 1114 38.61 -44.26 34.50
CA TYR A 1114 39.83 -44.85 35.05
C TYR A 1114 39.94 -46.32 34.63
N GLU A 1115 41.05 -46.66 33.97
CA GLU A 1115 41.32 -48.00 33.48
C GLU A 1115 42.82 -48.22 33.38
N PRO A 1116 43.46 -48.76 34.41
CA PRO A 1116 44.92 -48.90 34.41
C PRO A 1116 45.38 -50.23 33.84
N GLN A 1117 46.56 -50.20 33.24
CA GLN A 1117 47.22 -51.41 32.77
C GLN A 1117 48.70 -51.12 32.56
N ILE A 1118 49.49 -52.19 32.48
CA ILE A 1118 50.94 -52.08 32.58
C ILE A 1118 51.53 -51.32 31.40
N ILE A 1119 52.80 -50.94 31.55
CA ILE A 1119 53.51 -50.14 30.56
C ILE A 1119 54.35 -51.07 29.70
N THR A 1120 54.25 -50.91 28.38
CA THR A 1120 54.95 -51.75 27.43
C THR A 1120 55.26 -50.91 26.20
N THR A 1121 56.05 -51.47 25.28
CA THR A 1121 56.20 -50.84 23.97
C THR A 1121 54.90 -50.85 23.18
N ASP A 1122 53.93 -51.68 23.59
CA ASP A 1122 52.66 -51.77 22.88
C ASP A 1122 51.73 -50.60 23.18
N ASN A 1123 51.83 -49.97 24.34
CA ASN A 1123 51.00 -48.82 24.69
C ASN A 1123 51.77 -47.52 24.75
N THR A 1124 53.05 -47.52 24.38
CA THR A 1124 53.89 -46.33 24.44
C THR A 1124 54.74 -46.23 23.19
N PHE A 1125 55.13 -44.99 22.86
CA PHE A 1125 56.05 -44.74 21.76
C PHE A 1125 57.17 -43.82 22.23
N VAL A 1126 58.38 -44.11 21.77
CA VAL A 1126 59.57 -43.39 22.20
C VAL A 1126 59.68 -42.06 21.46
N SER A 1127 60.28 -41.06 22.11
CA SER A 1127 60.52 -39.77 21.48
C SER A 1127 61.79 -39.16 22.08
N GLY A 1128 62.90 -39.32 21.37
CA GLY A 1128 64.12 -38.64 21.74
C GLY A 1128 64.69 -39.06 23.08
N ASN A 1129 65.50 -38.16 23.64
CA ASN A 1129 66.14 -38.38 24.93
C ASN A 1129 65.28 -37.86 26.07
N CYS A 1130 65.56 -38.36 27.27
CA CYS A 1130 64.79 -37.98 28.45
C CYS A 1130 65.16 -36.61 28.98
N ASP A 1131 66.37 -36.12 28.70
CA ASP A 1131 66.83 -34.87 29.28
C ASP A 1131 65.98 -33.69 28.80
N VAL A 1132 65.64 -33.65 27.51
CA VAL A 1132 64.87 -32.54 26.98
C VAL A 1132 63.47 -32.53 27.56
N VAL A 1133 62.88 -33.72 27.76
CA VAL A 1133 61.51 -33.81 28.26
C VAL A 1133 61.45 -33.30 29.69
N ILE A 1134 60.43 -32.51 29.99
CA ILE A 1134 60.22 -31.93 31.31
C ILE A 1134 59.14 -32.71 32.03
N GLY A 1135 59.46 -33.20 33.23
CA GLY A 1135 58.53 -33.98 34.01
C GLY A 1135 58.63 -35.48 33.85
N ILE A 1136 59.67 -35.97 33.19
CA ILE A 1136 59.81 -37.40 32.95
C ILE A 1136 60.25 -38.10 34.24
N VAL A 1137 59.70 -39.30 34.47
CA VAL A 1137 60.01 -40.08 35.66
C VAL A 1137 60.63 -41.41 35.26
N ASN A 1138 60.98 -42.22 36.24
CA ASN A 1138 61.66 -43.50 36.02
C ASN A 1138 60.67 -44.65 36.14
N ASN A 1139 60.87 -45.68 35.29
CA ASN A 1139 60.06 -46.88 35.34
C ASN A 1139 60.76 -47.97 34.52
N THR A 1140 60.30 -49.20 34.70
CA THR A 1140 60.87 -50.36 34.03
C THR A 1140 59.79 -51.01 33.17
N VAL A 1141 60.11 -51.33 31.92
CA VAL A 1141 59.17 -51.92 30.99
C VAL A 1141 59.47 -53.41 30.84
N TYR A 1142 58.45 -54.24 31.04
CA TYR A 1142 58.54 -55.67 30.79
C TYR A 1142 58.00 -56.01 29.41
N ASP A 1143 57.80 -57.29 29.15
CA ASP A 1143 57.35 -57.76 27.83
C ASP A 1143 56.42 -58.95 28.01
N PRO A 1144 55.17 -58.86 27.52
CA PRO A 1144 54.20 -59.96 27.59
C PRO A 1144 54.69 -61.24 26.92
N PRO B 31 -33.10 -20.60 -37.09
CA PRO B 31 -32.38 -21.61 -36.33
C PRO B 31 -30.86 -21.56 -36.54
N PRO B 32 -30.21 -20.54 -35.97
CA PRO B 32 -28.76 -20.40 -36.16
C PRO B 32 -27.99 -21.60 -35.64
N ALA B 33 -26.96 -21.99 -36.39
CA ALA B 33 -26.05 -23.04 -35.93
C ALA B 33 -24.96 -22.44 -35.06
N TYR B 34 -24.44 -23.26 -34.14
CA TYR B 34 -23.43 -22.81 -33.20
C TYR B 34 -22.21 -23.70 -33.34
N THR B 35 -21.07 -23.09 -33.68
CA THR B 35 -19.80 -23.80 -33.80
C THR B 35 -18.79 -23.22 -32.81
N ASN B 36 -17.62 -23.86 -32.75
CA ASN B 36 -16.56 -23.43 -31.86
C ASN B 36 -15.71 -22.34 -32.52
N SER B 37 -15.40 -21.29 -31.77
CA SER B 37 -14.66 -20.17 -32.31
C SER B 37 -13.15 -20.41 -32.34
N PHE B 38 -12.67 -21.45 -31.66
CA PHE B 38 -11.24 -21.79 -31.58
C PHE B 38 -10.51 -20.60 -30.96
N THR B 39 -9.40 -20.13 -31.54
CA THR B 39 -8.60 -19.07 -30.96
C THR B 39 -8.79 -17.74 -31.69
N ARG B 40 -9.99 -17.48 -32.19
CA ARG B 40 -10.29 -16.27 -32.94
C ARG B 40 -10.70 -15.14 -32.00
N GLY B 41 -10.43 -13.91 -32.44
CA GLY B 41 -10.81 -12.73 -31.68
C GLY B 41 -9.72 -12.18 -30.80
N VAL B 42 -8.52 -12.00 -31.36
CA VAL B 42 -7.40 -11.39 -30.67
C VAL B 42 -6.83 -10.30 -31.57
N TYR B 43 -6.73 -9.08 -31.04
CA TYR B 43 -6.27 -7.94 -31.80
C TYR B 43 -5.26 -7.15 -30.97
N TYR B 44 -4.41 -6.42 -31.66
CA TYR B 44 -3.42 -5.57 -31.00
C TYR B 44 -4.14 -4.45 -30.25
N PRO B 45 -4.18 -4.48 -28.92
CA PRO B 45 -4.97 -3.47 -28.19
C PRO B 45 -4.48 -2.05 -28.41
N ASP B 46 -3.17 -1.85 -28.58
CA ASP B 46 -2.61 -0.52 -28.72
C ASP B 46 -1.35 -0.59 -29.57
N LYS B 47 -0.92 0.57 -30.06
CA LYS B 47 0.17 0.64 -31.03
C LYS B 47 1.55 0.53 -30.40
N VAL B 48 1.65 0.40 -29.08
CA VAL B 48 2.96 0.23 -28.46
C VAL B 48 3.56 -1.09 -28.91
N PHE B 49 4.86 -1.08 -29.17
CA PHE B 49 5.57 -2.22 -29.73
C PHE B 49 6.30 -2.95 -28.61
N ARG B 50 6.13 -4.27 -28.57
CA ARG B 50 6.75 -5.11 -27.55
C ARG B 50 7.41 -6.31 -28.21
N SER B 51 8.52 -6.75 -27.65
CA SER B 51 9.32 -7.81 -28.24
C SER B 51 9.60 -8.90 -27.21
N SER B 52 9.24 -10.15 -27.56
CA SER B 52 9.59 -11.33 -26.76
C SER B 52 9.12 -11.21 -25.32
N VAL B 53 7.93 -10.63 -25.13
CA VAL B 53 7.37 -10.43 -23.79
C VAL B 53 5.95 -10.99 -23.76
N LEU B 54 5.60 -11.64 -22.66
CA LEU B 54 4.25 -12.17 -22.45
C LEU B 54 3.41 -11.21 -21.63
N HIS B 55 3.16 -10.04 -22.20
CA HIS B 55 2.43 -8.98 -21.50
C HIS B 55 0.94 -9.29 -21.53
N SER B 56 0.37 -9.58 -20.36
CA SER B 56 -1.06 -9.85 -20.26
C SER B 56 -1.85 -8.55 -20.24
N THR B 57 -3.11 -8.63 -20.68
CA THR B 57 -3.97 -7.45 -20.73
C THR B 57 -5.42 -7.89 -20.58
N GLN B 58 -6.25 -6.93 -20.16
CA GLN B 58 -7.68 -7.16 -19.93
C GLN B 58 -8.46 -6.02 -20.53
N ASP B 59 -9.39 -6.34 -21.43
CA ASP B 59 -10.24 -5.35 -22.08
C ASP B 59 -11.40 -6.12 -22.73
N LEU B 60 -12.23 -5.41 -23.48
CA LEU B 60 -13.40 -6.02 -24.12
C LEU B 60 -12.94 -6.98 -25.21
N PHE B 61 -13.07 -8.28 -24.96
CA PHE B 61 -12.52 -9.30 -25.83
C PHE B 61 -13.58 -10.38 -26.12
N LEU B 62 -13.39 -11.06 -27.24
CA LEU B 62 -14.22 -12.22 -27.55
C LEU B 62 -13.72 -13.44 -26.76
N PRO B 63 -14.53 -14.01 -25.88
CA PRO B 63 -14.06 -15.16 -25.10
C PRO B 63 -13.75 -16.35 -25.99
N PHE B 64 -12.76 -17.14 -25.57
CA PHE B 64 -12.40 -18.36 -26.29
C PHE B 64 -13.53 -19.38 -26.21
N PHE B 65 -13.66 -20.18 -27.27
CA PHE B 65 -14.57 -21.32 -27.31
C PHE B 65 -16.00 -20.92 -26.97
N SER B 66 -16.45 -19.82 -27.56
CA SER B 66 -17.80 -19.34 -27.33
C SER B 66 -18.70 -19.63 -28.53
N ASN B 67 -20.00 -19.66 -28.29
CA ASN B 67 -20.97 -19.87 -29.36
C ASN B 67 -20.96 -18.70 -30.33
N VAL B 68 -21.04 -19.02 -31.63
CA VAL B 68 -21.10 -18.02 -32.68
C VAL B 68 -22.43 -18.18 -33.41
N THR B 69 -23.16 -17.07 -33.56
CA THR B 69 -24.48 -17.08 -34.16
C THR B 69 -24.33 -16.88 -35.66
N TRP B 70 -24.31 -17.99 -36.41
CA TRP B 70 -24.13 -17.93 -37.85
C TRP B 70 -25.42 -17.46 -38.52
N PHE B 71 -25.30 -16.44 -39.36
CA PHE B 71 -26.42 -15.87 -40.08
C PHE B 71 -26.30 -16.13 -41.58
N HIS B 72 -27.45 -16.06 -42.26
CA HIS B 72 -27.50 -16.23 -43.70
C HIS B 72 -28.70 -15.46 -44.23
N ALA B 73 -28.72 -15.27 -45.55
CA ALA B 73 -29.76 -14.47 -46.20
C ALA B 73 -30.76 -15.40 -46.86
N ILE B 74 -31.77 -15.82 -46.10
CA ILE B 74 -32.90 -16.58 -46.62
C ILE B 74 -34.17 -15.83 -46.27
N HIS B 75 -35.03 -15.63 -47.27
CA HIS B 75 -36.26 -14.85 -47.13
C HIS B 75 -35.97 -13.43 -46.63
N ASN B 87 -32.83 -9.91 -41.52
CA ASN B 87 -31.94 -8.79 -41.19
C ASN B 87 -32.39 -8.04 -39.93
N PRO B 88 -32.32 -8.69 -38.78
CA PRO B 88 -32.76 -8.06 -37.53
C PRO B 88 -31.66 -7.18 -36.95
N VAL B 89 -31.95 -6.62 -35.78
CA VAL B 89 -31.01 -5.78 -35.05
C VAL B 89 -30.36 -6.63 -33.96
N LEU B 90 -29.03 -6.68 -33.98
CA LEU B 90 -28.33 -7.46 -32.96
C LEU B 90 -27.77 -6.53 -31.90
N PRO B 91 -27.77 -6.93 -30.63
CA PRO B 91 -27.24 -6.06 -29.57
C PRO B 91 -25.77 -5.74 -29.78
N PHE B 92 -25.41 -4.48 -29.55
CA PHE B 92 -24.01 -4.08 -29.61
C PHE B 92 -23.22 -4.69 -28.45
N ASN B 93 -23.82 -4.76 -27.27
CA ASN B 93 -23.21 -5.29 -26.06
C ASN B 93 -21.93 -4.48 -25.77
N ASP B 94 -20.97 -5.09 -25.09
CA ASP B 94 -19.71 -4.40 -24.81
C ASP B 94 -18.86 -4.26 -26.07
N GLY B 95 -19.01 -5.19 -27.01
CA GLY B 95 -18.28 -5.11 -28.26
C GLY B 95 -18.92 -6.01 -29.29
N VAL B 96 -18.52 -5.81 -30.55
CA VAL B 96 -19.10 -6.53 -31.68
C VAL B 96 -17.97 -7.15 -32.49
N TYR B 97 -18.08 -8.44 -32.76
CA TYR B 97 -17.15 -9.16 -33.64
C TYR B 97 -17.90 -9.56 -34.91
N PHE B 98 -17.34 -9.18 -36.06
CA PHE B 98 -17.95 -9.50 -37.35
C PHE B 98 -16.92 -10.12 -38.26
N ALA B 99 -17.25 -11.28 -38.83
CA ALA B 99 -16.40 -11.95 -39.80
C ALA B 99 -17.26 -12.38 -40.98
N SER B 100 -16.64 -12.43 -42.17
CA SER B 100 -17.37 -12.79 -43.37
C SER B 100 -16.42 -13.44 -44.37
N THR B 101 -17.01 -14.14 -45.34
CA THR B 101 -16.29 -14.79 -46.43
C THR B 101 -16.97 -14.34 -47.72
N GLU B 102 -16.51 -13.22 -48.28
CA GLU B 102 -17.13 -12.61 -49.44
C GLU B 102 -16.18 -12.73 -50.63
N LYS B 103 -16.30 -13.84 -51.36
CA LYS B 103 -15.50 -14.00 -52.58
C LYS B 103 -15.90 -12.98 -53.64
N SER B 104 -17.20 -12.72 -53.78
CA SER B 104 -17.71 -11.78 -54.78
C SER B 104 -18.01 -10.40 -54.19
N ASN B 105 -17.68 -10.17 -52.92
CA ASN B 105 -17.85 -8.86 -52.27
C ASN B 105 -19.30 -8.41 -52.31
N ILE B 106 -20.15 -9.16 -51.63
CA ILE B 106 -21.56 -8.80 -51.47
C ILE B 106 -21.80 -8.07 -50.16
N ILE B 107 -21.16 -8.51 -49.08
CA ILE B 107 -21.32 -7.89 -47.77
C ILE B 107 -20.36 -6.70 -47.69
N ARG B 108 -20.90 -5.49 -47.82
CA ARG B 108 -20.07 -4.29 -47.77
C ARG B 108 -20.67 -3.14 -46.98
N GLY B 109 -21.81 -3.33 -46.30
CA GLY B 109 -22.50 -2.23 -45.67
C GLY B 109 -22.90 -2.53 -44.24
N TRP B 110 -23.06 -1.46 -43.47
CA TRP B 110 -23.48 -1.55 -42.07
C TRP B 110 -24.35 -0.34 -41.74
N ILE B 111 -25.38 -0.57 -40.92
CA ILE B 111 -26.20 0.51 -40.35
C ILE B 111 -26.21 0.34 -38.84
N PHE B 112 -25.59 1.27 -38.14
CA PHE B 112 -25.50 1.23 -36.68
C PHE B 112 -26.34 2.36 -36.07
N GLY B 113 -26.68 2.19 -34.81
CA GLY B 113 -27.42 3.22 -34.10
C GLY B 113 -28.10 2.66 -32.87
N THR B 114 -28.77 3.56 -32.16
CA THR B 114 -29.49 3.23 -30.94
C THR B 114 -31.00 3.34 -31.07
N THR B 115 -31.50 4.31 -31.81
CA THR B 115 -32.93 4.49 -32.01
C THR B 115 -33.37 4.39 -33.46
N LEU B 116 -32.57 4.93 -34.39
CA LEU B 116 -32.90 4.92 -35.82
C LEU B 116 -34.27 5.53 -36.09
N ASP B 117 -34.58 6.62 -35.38
CA ASP B 117 -35.85 7.32 -35.51
C ASP B 117 -35.73 8.57 -36.37
N SER B 118 -34.85 8.56 -37.38
CA SER B 118 -34.58 9.70 -38.25
C SER B 118 -34.07 10.91 -37.48
N LYS B 119 -33.59 10.70 -36.25
CA LYS B 119 -33.02 11.76 -35.44
C LYS B 119 -31.57 11.52 -35.05
N THR B 120 -31.14 10.27 -34.98
CA THR B 120 -29.78 9.93 -34.60
C THR B 120 -28.95 9.59 -35.84
N GLN B 121 -27.68 9.97 -35.81
CA GLN B 121 -26.77 9.65 -36.90
C GLN B 121 -26.50 8.14 -36.95
N SER B 122 -26.34 7.64 -38.17
CA SER B 122 -26.17 6.20 -38.38
C SER B 122 -24.89 5.93 -39.15
N LEU B 123 -24.09 5.00 -38.65
CA LEU B 123 -22.92 4.54 -39.38
C LEU B 123 -23.34 3.92 -40.71
N LEU B 124 -22.65 4.30 -41.78
CA LEU B 124 -22.96 3.81 -43.12
C LEU B 124 -21.65 3.63 -43.86
N ILE B 125 -21.30 2.38 -44.15
CA ILE B 125 -20.01 2.03 -44.74
C ILE B 125 -20.26 1.51 -46.15
N VAL B 126 -19.60 2.13 -47.13
CA VAL B 126 -19.70 1.73 -48.53
C VAL B 126 -18.30 1.38 -49.03
N ASN B 127 -18.16 0.19 -49.60
CA ASN B 127 -16.91 -0.25 -50.21
C ASN B 127 -17.16 -0.46 -51.69
N ASN B 128 -17.03 0.62 -52.47
CA ASN B 128 -17.25 0.59 -53.91
C ASN B 128 -16.02 1.12 -54.63
N ALA B 129 -15.65 0.45 -55.72
CA ALA B 129 -14.46 0.79 -56.50
C ALA B 129 -13.21 0.83 -55.62
N THR B 130 -13.13 -0.12 -54.69
CA THR B 130 -12.01 -0.23 -53.75
C THR B 130 -11.82 1.06 -52.96
N ASN B 131 -12.93 1.70 -52.59
CA ASN B 131 -12.91 2.93 -51.81
C ASN B 131 -13.79 2.76 -50.58
N VAL B 132 -13.27 3.10 -49.41
CA VAL B 132 -14.01 3.00 -48.17
C VAL B 132 -14.70 4.34 -47.92
N VAL B 133 -16.02 4.32 -47.84
CA VAL B 133 -16.83 5.52 -47.66
C VAL B 133 -17.62 5.38 -46.37
N ILE B 134 -17.51 6.39 -45.50
CA ILE B 134 -18.23 6.42 -44.23
C ILE B 134 -18.95 7.77 -44.12
N LYS B 135 -20.23 7.71 -43.77
CA LYS B 135 -21.02 8.92 -43.57
C LYS B 135 -22.11 8.60 -42.57
N VAL B 136 -22.58 9.63 -41.86
CA VAL B 136 -23.52 9.42 -40.76
C VAL B 136 -24.83 10.16 -41.00
N CYS B 137 -25.23 10.28 -42.26
CA CYS B 137 -26.49 10.93 -42.58
C CYS B 137 -27.68 10.07 -42.16
N GLU B 138 -28.84 10.72 -42.01
CA GLU B 138 -30.06 10.07 -41.55
C GLU B 138 -31.12 10.16 -42.64
N PHE B 139 -31.77 9.02 -42.92
CA PHE B 139 -32.85 8.99 -43.90
C PHE B 139 -34.00 8.15 -43.35
N GLN B 140 -35.20 8.44 -43.84
CA GLN B 140 -36.40 7.75 -43.38
C GLN B 140 -36.38 6.28 -43.80
N PHE B 141 -36.92 5.43 -42.93
CA PHE B 141 -36.97 4.00 -43.16
C PHE B 141 -38.38 3.56 -43.53
N CYS B 142 -38.45 2.49 -44.32
CA CYS B 142 -39.72 1.93 -44.77
C CYS B 142 -40.13 0.78 -43.84
N ASN B 143 -41.18 0.05 -44.23
CA ASN B 143 -41.63 -1.08 -43.43
C ASN B 143 -40.57 -2.17 -43.37
N ASP B 144 -39.94 -2.48 -44.51
CA ASP B 144 -38.89 -3.50 -44.59
C ASP B 144 -37.72 -2.91 -45.36
N PRO B 145 -36.89 -2.07 -44.71
CA PRO B 145 -35.74 -1.49 -45.40
C PRO B 145 -34.68 -2.53 -45.73
N PHE B 146 -34.40 -2.70 -47.03
CA PHE B 146 -33.38 -3.68 -47.48
C PHE B 146 -32.73 -3.19 -48.78
N LEU B 147 -31.60 -3.78 -49.16
CA LEU B 147 -30.86 -3.40 -50.39
C LEU B 147 -31.26 -4.35 -51.52
N ASP B 148 -31.47 -3.81 -52.73
CA ASP B 148 -31.86 -4.63 -53.91
C ASP B 148 -30.89 -5.80 -54.06
N VAL B 149 -31.23 -6.95 -53.47
CA VAL B 149 -30.36 -8.17 -53.55
C VAL B 149 -31.26 -9.39 -53.73
N TYR B 150 -31.77 -9.61 -54.94
CA TYR B 150 -32.66 -10.76 -55.24
C TYR B 150 -31.80 -12.03 -55.43
N TYR B 151 -30.87 -12.00 -56.38
CA TYR B 151 -30.00 -13.13 -56.65
C TYR B 151 -28.72 -12.71 -57.36
N HIS B 152 -28.55 -11.41 -57.56
CA HIS B 152 -27.54 -10.88 -58.49
C HIS B 152 -27.67 -11.54 -59.86
N GLY B 162 -28.04 0.62 -54.85
CA GLY B 162 -28.35 0.84 -53.44
C GLY B 162 -29.55 1.74 -53.24
N VAL B 163 -29.94 1.92 -51.98
CA VAL B 163 -31.08 2.75 -51.62
C VAL B 163 -30.60 3.85 -50.68
N TYR B 164 -30.88 5.10 -51.04
CA TYR B 164 -30.50 6.24 -50.21
C TYR B 164 -31.31 7.45 -50.64
N SER B 165 -32.12 7.99 -49.72
CA SER B 165 -32.90 9.19 -49.97
C SER B 165 -32.15 10.43 -49.48
N SER B 166 -32.85 11.55 -49.33
CA SER B 166 -32.25 12.76 -48.80
C SER B 166 -31.97 12.58 -47.30
N ALA B 167 -31.30 13.56 -46.70
CA ALA B 167 -30.83 13.45 -45.33
C ALA B 167 -31.45 14.55 -44.48
N ASN B 168 -31.29 14.41 -43.16
CA ASN B 168 -31.77 15.41 -42.20
C ASN B 168 -30.61 16.08 -41.49
N ASN B 169 -29.74 15.32 -40.81
CA ASN B 169 -28.59 15.85 -40.10
C ASN B 169 -27.38 15.00 -40.42
N CYS B 170 -26.33 15.63 -40.95
CA CYS B 170 -25.07 14.94 -41.28
C CYS B 170 -23.94 15.67 -40.56
N THR B 171 -23.09 14.92 -39.87
CA THR B 171 -22.07 15.52 -39.02
C THR B 171 -20.65 15.04 -39.29
N PHE B 172 -20.46 13.83 -39.81
CA PHE B 172 -19.12 13.28 -40.01
C PHE B 172 -19.04 12.71 -41.42
N GLU B 173 -18.01 13.13 -42.16
CA GLU B 173 -17.78 12.66 -43.52
C GLU B 173 -16.34 12.17 -43.65
N TYR B 174 -16.18 10.98 -44.23
CA TYR B 174 -14.84 10.43 -44.42
C TYR B 174 -14.88 9.42 -45.56
N VAL B 175 -13.90 9.52 -46.47
CA VAL B 175 -13.75 8.59 -47.59
C VAL B 175 -12.28 8.25 -47.73
N SER B 176 -11.98 6.97 -47.89
CA SER B 176 -10.60 6.53 -48.09
C SER B 176 -10.12 6.82 -49.51
N PHE B 190 -13.90 -17.86 -48.77
CA PHE B 190 -13.15 -18.88 -49.51
C PHE B 190 -11.68 -18.50 -49.62
N LYS B 191 -11.32 -17.84 -50.72
CA LYS B 191 -9.93 -17.46 -50.95
C LYS B 191 -9.44 -16.51 -49.88
N ASN B 192 -10.24 -15.50 -49.54
CA ASN B 192 -9.88 -14.49 -48.56
C ASN B 192 -10.91 -14.46 -47.44
N LEU B 193 -10.44 -14.54 -46.20
CA LEU B 193 -11.29 -14.40 -45.02
C LEU B 193 -11.01 -13.04 -44.39
N ARG B 194 -12.04 -12.20 -44.32
CA ARG B 194 -11.91 -10.84 -43.83
C ARG B 194 -12.60 -10.70 -42.48
N GLU B 195 -11.89 -10.19 -41.49
CA GLU B 195 -12.38 -10.06 -40.12
C GLU B 195 -12.46 -8.58 -39.76
N PHE B 196 -13.59 -8.18 -39.18
CA PHE B 196 -13.82 -6.78 -38.79
C PHE B 196 -14.49 -6.74 -37.42
N VAL B 197 -13.68 -6.60 -36.37
CA VAL B 197 -14.24 -6.37 -35.05
C VAL B 197 -14.72 -4.93 -34.93
N PHE B 198 -15.85 -4.74 -34.24
CA PHE B 198 -16.45 -3.43 -34.07
C PHE B 198 -16.60 -3.14 -32.58
N LYS B 199 -16.07 -2.00 -32.13
CA LYS B 199 -16.21 -1.61 -30.74
C LYS B 199 -16.05 -0.10 -30.64
N ASN B 200 -16.58 0.46 -29.54
CA ASN B 200 -16.50 1.88 -29.26
C ASN B 200 -15.92 2.07 -27.86
N ILE B 201 -14.67 2.51 -27.80
CA ILE B 201 -13.97 2.74 -26.54
C ILE B 201 -13.60 4.21 -26.46
N ASP B 202 -14.00 4.87 -25.37
CA ASP B 202 -13.71 6.29 -25.15
C ASP B 202 -14.25 7.16 -26.28
N GLY B 203 -15.39 6.76 -26.84
CA GLY B 203 -16.00 7.50 -27.93
C GLY B 203 -15.38 7.25 -29.29
N TYR B 204 -14.43 6.34 -29.39
CA TYR B 204 -13.75 6.04 -30.65
C TYR B 204 -14.26 4.71 -31.19
N PHE B 205 -14.74 4.72 -32.43
CA PHE B 205 -15.14 3.50 -33.11
C PHE B 205 -13.93 2.94 -33.84
N LYS B 206 -13.61 1.68 -33.59
CA LYS B 206 -12.38 1.07 -34.06
C LYS B 206 -12.68 -0.14 -34.92
N ILE B 207 -11.94 -0.28 -36.02
CA ILE B 207 -12.07 -1.41 -36.94
C ILE B 207 -10.69 -2.04 -37.10
N TYR B 208 -10.63 -3.35 -36.93
CA TYR B 208 -9.41 -4.13 -37.13
C TYR B 208 -9.65 -5.11 -38.27
N SER B 209 -8.65 -5.29 -39.13
CA SER B 209 -8.79 -6.09 -40.32
C SER B 209 -7.65 -7.09 -40.43
N LYS B 210 -7.96 -8.25 -41.00
CA LYS B 210 -6.96 -9.28 -41.25
C LYS B 210 -7.49 -10.20 -42.35
N HIS B 211 -6.78 -10.26 -43.47
CA HIS B 211 -7.16 -11.10 -44.60
C HIS B 211 -6.12 -12.21 -44.74
N THR B 212 -6.54 -13.44 -44.48
CA THR B 212 -5.65 -14.58 -44.54
C THR B 212 -6.09 -15.52 -45.65
N PRO B 213 -5.19 -15.86 -46.60
CA PRO B 213 -5.56 -16.78 -47.69
C PRO B 213 -5.60 -18.22 -47.19
N ILE B 214 -6.79 -18.81 -47.20
CA ILE B 214 -6.98 -20.21 -46.84
C ILE B 214 -7.83 -20.87 -47.92
N ASN B 215 -7.89 -22.20 -47.87
CA ASN B 215 -8.75 -22.98 -48.77
C ASN B 215 -9.60 -23.92 -47.89
N LEU B 216 -10.69 -23.38 -47.37
CA LEU B 216 -11.67 -24.12 -46.58
C LEU B 216 -12.88 -23.22 -46.35
N VAL B 217 -14.07 -23.80 -46.49
CA VAL B 217 -15.30 -23.03 -46.36
C VAL B 217 -16.27 -23.61 -45.34
N ARG B 218 -16.14 -24.88 -44.95
CA ARG B 218 -17.13 -25.49 -44.09
C ARG B 218 -17.15 -24.89 -42.68
N ASP B 219 -15.98 -24.51 -42.16
CA ASP B 219 -15.90 -24.04 -40.78
C ASP B 219 -14.59 -23.24 -40.64
N LEU B 220 -14.40 -22.66 -39.46
CA LEU B 220 -13.22 -21.85 -39.19
C LEU B 220 -11.99 -22.74 -38.98
N PRO B 221 -10.82 -22.29 -39.41
CA PRO B 221 -9.60 -23.07 -39.23
C PRO B 221 -9.19 -23.17 -37.78
N GLN B 222 -8.44 -24.22 -37.47
CA GLN B 222 -7.92 -24.45 -36.12
C GLN B 222 -6.52 -23.86 -36.03
N GLY B 223 -6.46 -22.54 -35.90
CA GLY B 223 -5.20 -21.84 -35.81
C GLY B 223 -5.38 -20.49 -35.15
N PHE B 224 -4.35 -19.66 -35.25
CA PHE B 224 -4.37 -18.33 -34.66
C PHE B 224 -3.85 -17.29 -35.65
N SER B 225 -4.42 -16.09 -35.57
CA SER B 225 -3.98 -14.97 -36.37
C SER B 225 -4.43 -13.68 -35.69
N ALA B 226 -3.54 -12.67 -35.71
CA ALA B 226 -3.82 -11.40 -35.07
C ALA B 226 -4.74 -10.54 -35.94
N LEU B 227 -5.20 -9.43 -35.37
CA LEU B 227 -6.09 -8.49 -36.06
C LEU B 227 -5.54 -7.08 -35.89
N GLU B 228 -4.74 -6.64 -36.85
CA GLU B 228 -4.19 -5.30 -36.84
C GLU B 228 -5.27 -4.27 -37.18
N PRO B 229 -5.16 -3.04 -36.68
CA PRO B 229 -6.18 -2.03 -36.94
C PRO B 229 -5.94 -1.24 -38.22
N LEU B 230 -7.00 -0.57 -38.67
CA LEU B 230 -6.95 0.24 -39.87
C LEU B 230 -7.22 1.71 -39.58
N VAL B 231 -8.35 2.06 -38.97
CA VAL B 231 -8.76 3.44 -38.81
C VAL B 231 -9.30 3.67 -37.41
N ASP B 232 -9.34 4.94 -37.01
CA ASP B 232 -9.96 5.37 -35.78
C ASP B 232 -11.13 6.30 -36.12
N LEU B 233 -12.29 6.02 -35.54
CA LEU B 233 -13.50 6.77 -35.84
C LEU B 233 -14.01 7.44 -34.57
N PRO B 234 -13.73 8.73 -34.36
CA PRO B 234 -14.11 9.42 -33.11
C PRO B 234 -15.53 9.99 -33.15
N ILE B 235 -16.52 9.10 -33.27
CA ILE B 235 -17.91 9.54 -33.27
C ILE B 235 -18.31 10.10 -31.91
N GLY B 236 -17.92 9.41 -30.83
CA GLY B 236 -18.26 9.85 -29.50
C GLY B 236 -19.69 9.59 -29.07
N ILE B 237 -20.49 8.92 -29.89
CA ILE B 237 -21.90 8.70 -29.61
C ILE B 237 -22.08 7.28 -29.07
N ASN B 238 -22.84 7.17 -27.98
CA ASN B 238 -23.16 5.87 -27.39
C ASN B 238 -23.91 5.01 -28.39
N ILE B 239 -23.49 3.75 -28.52
CA ILE B 239 -24.12 2.79 -29.42
C ILE B 239 -24.46 1.52 -28.64
N THR B 240 -25.71 1.09 -28.75
CA THR B 240 -26.15 -0.14 -28.10
C THR B 240 -26.83 -1.12 -29.05
N ARG B 241 -27.00 -0.77 -30.33
CA ARG B 241 -27.59 -1.66 -31.30
C ARG B 241 -26.86 -1.49 -32.63
N PHE B 242 -27.05 -2.46 -33.52
CA PHE B 242 -26.49 -2.38 -34.87
C PHE B 242 -27.27 -3.34 -35.77
N GLN B 243 -27.05 -3.19 -37.08
CA GLN B 243 -27.74 -4.04 -38.05
C GLN B 243 -26.96 -4.01 -39.36
N THR B 244 -26.55 -5.18 -39.85
CA THR B 244 -25.79 -5.26 -41.08
C THR B 244 -26.72 -5.28 -42.30
N LEU B 245 -26.13 -5.04 -43.46
CA LEU B 245 -26.84 -5.11 -44.73
C LEU B 245 -26.06 -6.02 -45.67
N LEU B 246 -26.74 -7.01 -46.24
CA LEU B 246 -26.12 -7.90 -47.21
C LEU B 246 -25.67 -7.14 -48.45
N ALA B 267 -21.05 -17.12 -49.09
CA ALA B 267 -22.06 -16.26 -48.47
C ALA B 267 -22.27 -16.63 -47.01
N ALA B 268 -21.20 -17.08 -46.35
CA ALA B 268 -21.23 -17.47 -44.95
C ALA B 268 -20.48 -16.43 -44.13
N TYR B 269 -21.17 -15.82 -43.17
CA TYR B 269 -20.58 -14.82 -42.30
C TYR B 269 -21.03 -15.06 -40.87
N TYR B 270 -20.13 -14.79 -39.93
CA TYR B 270 -20.35 -15.06 -38.51
C TYR B 270 -20.54 -13.76 -37.75
N VAL B 271 -21.05 -13.89 -36.53
CA VAL B 271 -21.20 -12.77 -35.61
C VAL B 271 -20.82 -13.24 -34.22
N GLY B 272 -20.02 -12.43 -33.51
CA GLY B 272 -19.65 -12.75 -32.15
C GLY B 272 -19.99 -11.66 -31.17
N TYR B 273 -19.44 -11.74 -29.95
CA TYR B 273 -19.69 -10.74 -28.93
C TYR B 273 -18.46 -10.63 -28.03
N LEU B 274 -18.12 -9.41 -27.66
CA LEU B 274 -16.94 -9.13 -26.85
C LEU B 274 -17.34 -8.99 -25.38
N GLN B 275 -16.54 -9.59 -24.50
CA GLN B 275 -16.79 -9.55 -23.06
C GLN B 275 -15.51 -9.19 -22.32
N PRO B 276 -15.63 -8.57 -21.16
CA PRO B 276 -14.44 -8.24 -20.36
C PRO B 276 -13.63 -9.46 -19.95
N ARG B 277 -12.90 -10.06 -20.89
CA ARG B 277 -12.04 -11.19 -20.60
C ARG B 277 -10.62 -10.71 -20.32
N THR B 278 -9.69 -11.66 -20.21
CA THR B 278 -8.28 -11.34 -19.96
C THR B 278 -7.43 -12.40 -20.65
N PHE B 279 -6.41 -11.96 -21.36
CA PHE B 279 -5.51 -12.86 -22.09
C PHE B 279 -4.09 -12.74 -21.57
N LEU B 280 -3.25 -13.65 -22.05
CA LEU B 280 -1.81 -13.64 -21.84
C LEU B 280 -1.18 -13.65 -23.23
N LEU B 281 -1.00 -12.47 -23.80
CA LEU B 281 -0.45 -12.35 -25.15
C LEU B 281 0.99 -12.82 -25.18
N LYS B 282 1.45 -13.19 -26.37
CA LYS B 282 2.83 -13.62 -26.59
C LYS B 282 3.34 -12.94 -27.85
N TYR B 283 4.27 -11.99 -27.67
CA TYR B 283 4.90 -11.33 -28.79
C TYR B 283 6.21 -12.05 -29.13
N ASN B 284 6.48 -12.20 -30.42
CA ASN B 284 7.68 -12.88 -30.88
C ASN B 284 8.84 -11.87 -30.95
N GLU B 285 9.93 -12.28 -31.59
CA GLU B 285 11.09 -11.40 -31.72
C GLU B 285 10.75 -10.14 -32.52
N ASN B 286 9.93 -10.29 -33.55
CA ASN B 286 9.56 -9.17 -34.41
C ASN B 286 8.30 -8.46 -33.97
N GLY B 287 7.73 -8.83 -32.82
CA GLY B 287 6.55 -8.16 -32.31
C GLY B 287 5.23 -8.63 -32.86
N THR B 288 5.15 -9.86 -33.36
CA THR B 288 3.91 -10.42 -33.88
C THR B 288 3.33 -11.40 -32.87
N ILE B 289 2.04 -11.26 -32.60
CA ILE B 289 1.37 -12.12 -31.64
C ILE B 289 1.24 -13.53 -32.23
N THR B 290 2.07 -14.46 -31.75
CA THR B 290 2.06 -15.81 -32.26
C THR B 290 1.01 -16.69 -31.58
N ASP B 291 0.65 -16.39 -30.34
CA ASP B 291 -0.35 -17.16 -29.62
C ASP B 291 -0.83 -16.35 -28.43
N ALA B 292 -2.11 -16.50 -28.11
CA ALA B 292 -2.70 -15.83 -26.96
C ALA B 292 -3.65 -16.80 -26.29
N VAL B 293 -3.64 -16.81 -24.96
CA VAL B 293 -4.44 -17.73 -24.17
C VAL B 293 -5.35 -16.94 -23.24
N ASP B 294 -6.57 -17.42 -23.08
CA ASP B 294 -7.51 -16.81 -22.15
C ASP B 294 -7.06 -17.07 -20.72
N CYS B 295 -7.63 -16.32 -19.78
CA CYS B 295 -7.30 -16.51 -18.37
C CYS B 295 -8.26 -17.48 -17.69
N ALA B 296 -9.56 -17.19 -17.72
CA ALA B 296 -10.55 -17.97 -16.99
C ALA B 296 -11.22 -19.05 -17.84
N LEU B 297 -10.50 -19.58 -18.83
CA LEU B 297 -11.07 -20.64 -19.66
C LEU B 297 -11.11 -21.97 -18.92
N ASP B 298 -9.94 -22.49 -18.54
CA ASP B 298 -9.84 -23.72 -17.77
C ASP B 298 -8.81 -23.55 -16.66
N PRO B 299 -8.69 -24.51 -15.73
CA PRO B 299 -7.68 -24.34 -14.67
C PRO B 299 -6.27 -24.14 -15.17
N LEU B 300 -5.86 -24.85 -16.24
CA LEU B 300 -4.53 -24.61 -16.79
C LEU B 300 -4.44 -23.21 -17.40
N SER B 301 -5.53 -22.73 -17.99
CA SER B 301 -5.55 -21.36 -18.50
C SER B 301 -5.35 -20.36 -17.37
N GLU B 302 -6.00 -20.59 -16.22
CA GLU B 302 -5.82 -19.70 -15.08
C GLU B 302 -4.41 -19.78 -14.53
N THR B 303 -3.83 -20.99 -14.49
CA THR B 303 -2.45 -21.13 -14.06
C THR B 303 -1.50 -20.37 -14.96
N LYS B 304 -1.69 -20.48 -16.28
CA LYS B 304 -0.85 -19.74 -17.21
C LYS B 304 -1.04 -18.23 -17.06
N CYS B 305 -2.29 -17.80 -16.88
CA CYS B 305 -2.57 -16.38 -16.71
C CYS B 305 -1.91 -15.82 -15.45
N THR B 306 -1.90 -16.61 -14.38
CA THR B 306 -1.25 -16.17 -13.15
C THR B 306 0.26 -16.16 -13.29
N LEU B 307 0.84 -17.20 -13.88
CA LEU B 307 2.29 -17.29 -14.01
C LEU B 307 2.85 -16.39 -15.11
N LYS B 308 2.01 -15.82 -15.97
CA LYS B 308 2.46 -15.02 -17.10
C LYS B 308 3.44 -15.81 -17.97
N SER B 309 3.08 -17.07 -18.26
CA SER B 309 3.91 -17.94 -19.08
C SER B 309 3.01 -18.94 -19.79
N PHE B 310 3.54 -19.50 -20.88
CA PHE B 310 2.84 -20.55 -21.62
C PHE B 310 3.27 -21.96 -21.21
N THR B 311 4.56 -22.16 -20.97
CA THR B 311 5.08 -23.46 -20.53
C THR B 311 4.98 -23.51 -19.01
N VAL B 312 4.02 -24.28 -18.51
CA VAL B 312 3.84 -24.46 -17.07
C VAL B 312 4.41 -25.82 -16.70
N GLU B 313 5.43 -25.82 -15.84
CA GLU B 313 6.11 -27.05 -15.46
C GLU B 313 5.23 -27.82 -14.46
N LYS B 314 5.75 -28.93 -13.96
CA LYS B 314 5.04 -29.74 -12.98
C LYS B 314 4.75 -28.94 -11.71
N GLY B 315 3.90 -29.49 -10.87
CA GLY B 315 3.64 -28.96 -9.55
C GLY B 315 2.23 -28.42 -9.39
N ILE B 316 1.96 -27.92 -8.20
CA ILE B 316 0.66 -27.40 -7.81
C ILE B 316 0.78 -25.90 -7.61
N TYR B 317 -0.09 -25.14 -8.24
CA TYR B 317 0.00 -23.67 -8.27
C TYR B 317 -1.26 -23.08 -7.67
N GLN B 318 -1.08 -22.20 -6.68
CA GLN B 318 -2.20 -21.48 -6.09
C GLN B 318 -2.62 -20.36 -7.04
N THR B 319 -3.78 -20.51 -7.66
CA THR B 319 -4.25 -19.54 -8.65
C THR B 319 -5.03 -18.40 -7.99
N SER B 320 -6.11 -18.72 -7.29
CA SER B 320 -6.96 -17.69 -6.71
C SER B 320 -7.73 -18.30 -5.55
N ASN B 321 -8.71 -17.55 -5.04
CA ASN B 321 -9.55 -17.96 -3.94
C ASN B 321 -10.95 -18.28 -4.45
N PHE B 322 -11.83 -18.69 -3.54
CA PHE B 322 -13.23 -18.91 -3.88
C PHE B 322 -14.07 -18.67 -2.62
N ARG B 323 -15.23 -18.06 -2.82
CA ARG B 323 -16.14 -17.74 -1.75
C ARG B 323 -17.44 -18.53 -1.90
N VAL B 324 -18.09 -18.81 -0.78
CA VAL B 324 -19.43 -19.36 -0.78
C VAL B 324 -20.36 -18.22 -0.40
N GLN B 325 -21.15 -17.76 -1.37
CA GLN B 325 -21.99 -16.60 -1.13
C GLN B 325 -23.17 -16.94 -0.23
N PRO B 326 -23.61 -16.01 0.60
CA PRO B 326 -24.79 -16.24 1.43
C PRO B 326 -26.02 -16.47 0.57
N THR B 327 -26.92 -17.33 1.06
CA THR B 327 -28.05 -17.75 0.23
C THR B 327 -28.97 -16.58 -0.09
N GLU B 328 -29.72 -16.07 0.88
CA GLU B 328 -30.32 -14.75 0.69
C GLU B 328 -30.00 -13.79 1.84
N SER B 329 -30.39 -14.15 3.06
CA SER B 329 -30.26 -13.34 4.28
C SER B 329 -30.93 -14.09 5.42
N ILE B 330 -30.61 -13.65 6.64
CA ILE B 330 -31.32 -14.10 7.84
C ILE B 330 -31.42 -12.89 8.79
N VAL B 331 -32.64 -12.44 9.05
CA VAL B 331 -32.88 -11.34 9.98
C VAL B 331 -33.83 -11.83 11.06
N ARG B 332 -33.42 -11.68 12.32
CA ARG B 332 -34.18 -12.19 13.46
C ARG B 332 -34.30 -11.11 14.53
N PHE B 333 -35.50 -10.98 15.08
CA PHE B 333 -35.79 -10.02 16.13
C PHE B 333 -36.90 -10.58 17.01
N PRO B 334 -37.00 -10.15 18.26
CA PRO B 334 -38.12 -10.57 19.09
C PRO B 334 -39.44 -10.01 18.54
N ASN B 335 -40.52 -10.75 18.77
CA ASN B 335 -41.80 -10.39 18.19
C ASN B 335 -42.93 -10.84 19.11
N ILE B 336 -44.11 -10.28 18.86
CA ILE B 336 -45.36 -10.61 19.53
C ILE B 336 -45.30 -10.25 21.01
N THR B 337 -44.34 -10.83 21.74
CA THR B 337 -44.16 -10.65 23.18
C THR B 337 -45.45 -11.11 23.86
N ASN B 338 -46.20 -10.25 24.56
CA ASN B 338 -47.37 -10.73 25.30
C ASN B 338 -48.67 -10.55 24.51
N LEU B 339 -49.06 -9.30 24.24
CA LEU B 339 -50.36 -9.06 23.62
C LEU B 339 -50.36 -8.01 22.52
N CYS B 340 -49.43 -7.05 22.51
CA CYS B 340 -49.52 -5.86 21.66
C CYS B 340 -50.89 -5.22 21.82
N PRO B 341 -51.19 -4.60 22.98
CA PRO B 341 -52.55 -4.17 23.30
C PRO B 341 -52.91 -2.77 22.76
N PHE B 342 -52.69 -2.56 21.47
CA PHE B 342 -53.15 -1.31 20.86
C PHE B 342 -54.64 -1.33 20.59
N GLY B 343 -55.20 -2.50 20.26
CA GLY B 343 -56.64 -2.59 20.09
C GLY B 343 -57.41 -2.31 21.36
N GLU B 344 -56.80 -2.58 22.53
CA GLU B 344 -57.43 -2.23 23.78
C GLU B 344 -57.63 -0.73 23.91
N VAL B 345 -56.64 0.04 23.48
CA VAL B 345 -56.79 1.49 23.43
C VAL B 345 -57.80 1.89 22.36
N PHE B 346 -57.80 1.17 21.23
CA PHE B 346 -58.70 1.52 20.13
C PHE B 346 -60.16 1.38 20.54
N ASN B 347 -60.51 0.30 21.25
CA ASN B 347 -61.91 -0.01 21.54
C ASN B 347 -62.35 0.49 22.90
N ALA B 348 -61.81 1.61 23.37
CA ALA B 348 -62.25 2.19 24.64
C ALA B 348 -63.70 2.65 24.53
N THR B 349 -64.52 2.26 25.50
CA THR B 349 -65.94 2.59 25.45
C THR B 349 -66.16 4.08 25.64
N ARG B 350 -65.47 4.69 26.59
CA ARG B 350 -65.63 6.10 26.90
C ARG B 350 -64.35 6.86 26.61
N PHE B 351 -64.51 8.13 26.26
CA PHE B 351 -63.38 9.01 25.97
C PHE B 351 -63.44 10.23 26.87
N ALA B 352 -62.26 10.75 27.20
CA ALA B 352 -62.17 11.89 28.10
C ALA B 352 -62.43 13.19 27.35
N SER B 353 -62.49 14.28 28.10
CA SER B 353 -62.69 15.60 27.52
C SER B 353 -61.43 16.05 26.78
N VAL B 354 -61.58 17.11 25.98
CA VAL B 354 -60.46 17.60 25.19
C VAL B 354 -59.35 18.15 26.09
N TYR B 355 -59.71 18.80 27.19
CA TYR B 355 -58.71 19.36 28.10
C TYR B 355 -57.98 18.30 28.92
N ALA B 356 -58.50 17.07 28.95
CA ALA B 356 -57.97 16.02 29.81
C ALA B 356 -57.44 14.83 29.00
N TRP B 357 -56.69 15.13 27.94
CA TRP B 357 -56.09 14.10 27.12
C TRP B 357 -55.15 13.23 27.94
N ASN B 358 -55.30 11.92 27.81
CA ASN B 358 -54.59 10.93 28.61
C ASN B 358 -53.44 10.33 27.82
N ARG B 359 -52.29 10.19 28.48
CA ARG B 359 -51.10 9.60 27.88
C ARG B 359 -50.91 8.19 28.44
N LYS B 360 -50.98 7.19 27.57
CA LYS B 360 -50.70 5.81 27.93
C LYS B 360 -49.28 5.50 27.49
N ARG B 361 -48.38 5.33 28.47
CA ARG B 361 -46.97 5.14 28.16
C ARG B 361 -46.75 3.79 27.47
N ILE B 362 -45.98 3.80 26.39
CA ILE B 362 -45.68 2.59 25.63
C ILE B 362 -44.17 2.38 25.71
N SER B 363 -43.76 1.30 26.36
CA SER B 363 -42.34 0.99 26.48
C SER B 363 -42.18 -0.49 26.83
N ASN B 364 -40.99 -1.01 26.54
CA ASN B 364 -40.63 -2.38 26.87
C ASN B 364 -41.63 -3.39 26.29
N CYS B 365 -42.07 -3.14 25.05
CA CYS B 365 -42.94 -4.07 24.36
C CYS B 365 -42.61 -4.01 22.87
N VAL B 366 -42.47 -5.19 22.26
CA VAL B 366 -42.16 -5.25 20.82
C VAL B 366 -43.37 -4.73 20.05
N ALA B 367 -43.13 -3.73 19.20
CA ALA B 367 -44.20 -3.08 18.46
C ALA B 367 -44.35 -3.75 17.10
N ASP B 368 -45.45 -4.48 16.91
CA ASP B 368 -45.73 -5.07 15.61
C ASP B 368 -46.27 -4.05 14.62
N TYR B 369 -46.96 -3.03 15.11
CA TYR B 369 -47.48 -1.93 14.28
C TYR B 369 -48.42 -2.43 13.19
N SER B 370 -49.17 -3.50 13.47
CA SER B 370 -50.12 -4.04 12.50
C SER B 370 -51.40 -3.22 12.41
N VAL B 371 -51.71 -2.44 13.44
CA VAL B 371 -52.96 -1.67 13.44
C VAL B 371 -52.92 -0.55 12.41
N LEU B 372 -51.72 -0.03 12.10
CA LEU B 372 -51.61 1.09 11.16
C LEU B 372 -51.85 0.65 9.72
N TYR B 373 -51.83 -0.65 9.44
CA TYR B 373 -51.99 -1.11 8.06
C TYR B 373 -53.41 -0.88 7.56
N ASN B 374 -54.42 -1.25 8.37
CA ASN B 374 -55.82 -1.14 7.97
C ASN B 374 -56.26 0.32 8.03
N SER B 375 -55.79 1.09 7.06
CA SER B 375 -56.10 2.51 6.98
C SER B 375 -57.43 2.80 6.29
N ALA B 376 -58.13 1.75 5.82
CA ALA B 376 -59.42 1.97 5.17
C ALA B 376 -60.46 2.54 6.13
N SER B 377 -60.35 2.22 7.41
CA SER B 377 -61.27 2.72 8.42
C SER B 377 -60.77 3.99 9.10
N PHE B 378 -59.60 4.50 8.72
CA PHE B 378 -59.04 5.71 9.30
C PHE B 378 -59.20 6.87 8.34
N SER B 379 -59.74 7.99 8.85
CA SER B 379 -59.99 9.15 8.00
C SER B 379 -58.69 9.79 7.54
N THR B 380 -57.76 10.01 8.46
CA THR B 380 -56.50 10.66 8.14
C THR B 380 -55.32 9.80 8.59
N PHE B 381 -54.25 9.85 7.81
CA PHE B 381 -53.03 9.09 8.11
C PHE B 381 -51.86 9.90 7.58
N LYS B 382 -51.24 10.70 8.46
CA LYS B 382 -50.14 11.56 8.09
C LYS B 382 -49.16 11.66 9.25
N CYS B 383 -47.92 11.98 8.92
CA CYS B 383 -46.85 12.10 9.91
C CYS B 383 -46.08 13.39 9.66
N TYR B 384 -45.69 14.05 10.76
CA TYR B 384 -44.91 15.29 10.70
C TYR B 384 -43.57 15.05 11.38
N GLY B 385 -42.49 15.40 10.69
CA GLY B 385 -41.16 15.27 11.25
C GLY B 385 -40.59 13.87 11.26
N VAL B 386 -41.29 12.91 10.67
CA VAL B 386 -40.83 11.52 10.63
C VAL B 386 -41.31 10.89 9.33
N SER B 387 -40.51 9.96 8.81
CA SER B 387 -40.87 9.25 7.59
C SER B 387 -41.61 7.98 7.98
N PRO B 388 -42.91 7.85 7.66
CA PRO B 388 -43.64 6.62 8.03
C PRO B 388 -43.07 5.36 7.41
N THR B 389 -42.41 5.46 6.26
CA THR B 389 -41.82 4.28 5.63
C THR B 389 -40.71 3.70 6.51
N LYS B 390 -39.89 4.57 7.12
CA LYS B 390 -38.77 4.14 7.94
C LYS B 390 -39.13 3.97 9.41
N LEU B 391 -40.43 3.93 9.73
CA LEU B 391 -40.83 3.73 11.13
C LEU B 391 -40.38 2.37 11.64
N ASN B 392 -40.56 1.32 10.84
CA ASN B 392 -40.23 -0.03 11.28
C ASN B 392 -38.73 -0.30 11.27
N ASP B 393 -37.99 0.26 10.30
CA ASP B 393 -36.58 -0.02 10.16
C ASP B 393 -35.73 0.65 11.24
N LEU B 394 -36.28 1.61 11.98
CA LEU B 394 -35.55 2.31 13.03
C LEU B 394 -36.20 2.02 14.37
N CYS B 395 -35.37 1.97 15.42
CA CYS B 395 -35.81 1.62 16.76
C CYS B 395 -35.89 2.87 17.62
N PHE B 396 -36.93 2.94 18.46
CA PHE B 396 -37.15 4.08 19.34
C PHE B 396 -36.86 3.69 20.78
N THR B 397 -36.20 4.60 21.50
CA THR B 397 -35.97 4.38 22.93
C THR B 397 -37.28 4.32 23.70
N ASN B 398 -38.23 5.20 23.36
CA ASN B 398 -39.55 5.18 23.97
C ASN B 398 -40.55 5.72 22.96
N VAL B 399 -41.80 5.27 23.10
CA VAL B 399 -42.88 5.64 22.19
C VAL B 399 -44.10 5.99 23.03
N TYR B 400 -45.05 6.69 22.40
CA TYR B 400 -46.22 7.18 23.09
C TYR B 400 -47.45 7.09 22.19
N ALA B 401 -48.62 7.11 22.83
CA ALA B 401 -49.89 7.11 22.13
C ALA B 401 -50.90 7.93 22.94
N ASP B 402 -51.59 8.86 22.28
CA ASP B 402 -52.52 9.76 22.94
C ASP B 402 -53.85 9.74 22.20
N SER B 403 -54.94 9.63 22.95
CA SER B 403 -56.28 9.52 22.39
C SER B 403 -57.21 10.56 23.01
N PHE B 404 -58.00 11.21 22.16
CA PHE B 404 -59.00 12.17 22.60
C PHE B 404 -60.04 12.34 21.50
N VAL B 405 -61.08 13.12 21.80
CA VAL B 405 -62.20 13.33 20.90
C VAL B 405 -62.41 14.82 20.69
N ILE B 406 -62.42 15.25 19.43
CA ILE B 406 -62.71 16.63 19.04
C ILE B 406 -63.67 16.61 17.85
N ARG B 407 -63.98 17.79 17.34
CA ARG B 407 -64.92 17.90 16.23
C ARG B 407 -64.24 17.56 14.91
N GLY B 408 -65.07 17.31 13.90
CA GLY B 408 -64.55 16.81 12.63
C GLY B 408 -63.70 17.80 11.87
N ASP B 409 -64.11 19.07 11.85
CA ASP B 409 -63.44 20.07 11.03
C ASP B 409 -62.10 20.53 11.61
N GLU B 410 -61.73 20.08 12.81
CA GLU B 410 -60.46 20.46 13.42
C GLU B 410 -59.30 19.59 12.99
N VAL B 411 -59.53 18.63 12.08
CA VAL B 411 -58.45 17.74 11.65
C VAL B 411 -57.37 18.53 10.92
N ARG B 412 -57.77 19.43 10.01
CA ARG B 412 -56.81 20.17 9.20
C ARG B 412 -56.06 21.24 9.99
N GLN B 413 -56.52 21.59 11.20
CA GLN B 413 -55.83 22.58 12.00
C GLN B 413 -54.70 21.98 12.83
N ILE B 414 -54.59 20.64 12.88
CA ILE B 414 -53.51 19.98 13.62
C ILE B 414 -52.34 19.88 12.65
N ALA B 415 -51.53 20.93 12.61
CA ALA B 415 -50.38 20.98 11.72
C ALA B 415 -49.38 21.97 12.28
N PRO B 416 -48.08 21.73 12.10
CA PRO B 416 -47.08 22.69 12.59
C PRO B 416 -47.16 24.00 11.83
N GLY B 417 -46.78 25.08 12.52
CA GLY B 417 -46.81 26.40 11.92
C GLY B 417 -48.18 27.02 11.84
N GLN B 418 -49.16 26.48 12.57
CA GLN B 418 -50.53 26.98 12.54
C GLN B 418 -50.84 27.69 13.86
N THR B 419 -51.56 28.80 13.75
CA THR B 419 -51.96 29.61 14.90
C THR B 419 -53.47 29.54 15.09
N GLY B 420 -53.96 30.30 16.05
CA GLY B 420 -55.38 30.37 16.35
C GLY B 420 -55.69 29.96 17.77
N LYS B 421 -56.97 30.11 18.13
CA LYS B 421 -57.41 29.75 19.47
C LYS B 421 -57.22 28.26 19.73
N ILE B 422 -57.58 27.43 18.76
CA ILE B 422 -57.42 25.98 18.92
C ILE B 422 -55.94 25.61 18.99
N ALA B 423 -55.11 26.29 18.19
CA ALA B 423 -53.69 25.97 18.16
C ALA B 423 -52.91 26.54 19.34
N ASP B 424 -53.50 27.45 20.11
CA ASP B 424 -52.80 28.09 21.22
C ASP B 424 -53.36 27.66 22.58
N TYR B 425 -54.66 27.84 22.81
CA TYR B 425 -55.25 27.58 24.11
C TYR B 425 -55.67 26.13 24.32
N ASN B 426 -55.59 25.30 23.29
CA ASN B 426 -55.97 23.90 23.39
C ASN B 426 -54.79 22.95 23.21
N TYR B 427 -54.04 23.09 22.12
CA TYR B 427 -52.88 22.24 21.87
C TYR B 427 -51.96 22.96 20.90
N LYS B 428 -50.71 23.17 21.30
CA LYS B 428 -49.72 23.83 20.47
C LYS B 428 -48.76 22.81 19.89
N LEU B 429 -48.62 22.82 18.56
CA LEU B 429 -47.72 21.89 17.88
C LEU B 429 -46.39 22.56 17.64
N PRO B 430 -45.30 22.07 18.20
CA PRO B 430 -43.98 22.64 17.89
C PRO B 430 -43.59 22.37 16.45
N ASP B 431 -42.75 23.25 15.91
CA ASP B 431 -42.31 23.11 14.53
C ASP B 431 -41.49 21.86 14.33
N ASP B 432 -40.79 21.39 15.38
CA ASP B 432 -40.01 20.17 15.31
C ASP B 432 -40.74 18.97 15.92
N PHE B 433 -42.06 18.95 15.82
CA PHE B 433 -42.83 17.82 16.32
C PHE B 433 -42.55 16.58 15.47
N THR B 434 -42.38 15.44 16.14
CA THR B 434 -42.08 14.18 15.49
C THR B 434 -43.14 13.16 15.88
N GLY B 435 -44.04 12.86 14.95
CA GLY B 435 -45.10 11.91 15.22
C GLY B 435 -46.11 11.91 14.08
N CYS B 436 -47.20 11.19 14.32
CA CYS B 436 -48.28 11.05 13.36
C CYS B 436 -49.61 11.32 14.02
N VAL B 437 -50.55 11.88 13.25
CA VAL B 437 -51.89 12.21 13.72
C VAL B 437 -52.88 11.34 12.97
N ILE B 438 -53.67 10.57 13.71
CA ILE B 438 -54.62 9.62 13.13
C ILE B 438 -55.99 9.88 13.72
N ALA B 439 -57.00 9.94 12.86
CA ALA B 439 -58.37 10.13 13.30
C ALA B 439 -59.30 9.37 12.35
N TRP B 440 -60.49 9.04 12.85
CA TRP B 440 -61.45 8.29 12.05
C TRP B 440 -62.86 8.67 12.46
N ASN B 441 -63.82 8.35 11.59
CA ASN B 441 -65.21 8.69 11.83
C ASN B 441 -65.75 7.95 13.05
N SER B 442 -66.46 8.67 13.92
CA SER B 442 -67.15 8.07 15.05
C SER B 442 -68.52 8.69 15.29
N ASN B 443 -69.08 9.38 14.28
CA ASN B 443 -70.35 10.07 14.47
C ASN B 443 -71.48 9.10 14.78
N ASN B 444 -71.53 7.95 14.10
CA ASN B 444 -72.60 7.01 14.32
C ASN B 444 -72.49 6.29 15.66
N LEU B 445 -71.39 6.44 16.38
CA LEU B 445 -71.20 5.80 17.68
C LEU B 445 -71.02 6.77 18.83
N ASP B 446 -70.49 7.98 18.58
CA ASP B 446 -70.19 8.93 19.64
C ASP B 446 -71.05 10.18 19.59
N SER B 447 -72.20 10.12 18.92
CA SER B 447 -73.13 11.23 18.87
C SER B 447 -74.44 10.82 19.54
N LYS B 448 -75.07 11.77 20.21
CA LYS B 448 -76.32 11.53 20.93
C LYS B 448 -77.42 12.39 20.33
N VAL B 449 -78.66 11.88 20.42
CA VAL B 449 -79.80 12.60 19.88
C VAL B 449 -80.00 13.92 20.63
N GLY B 450 -79.91 13.89 21.96
CA GLY B 450 -80.06 15.09 22.75
C GLY B 450 -78.82 15.94 22.88
N GLY B 451 -77.67 15.45 22.40
CA GLY B 451 -76.44 16.20 22.49
C GLY B 451 -75.59 15.80 23.68
N ASN B 452 -74.29 15.63 23.47
CA ASN B 452 -73.38 15.28 24.55
C ASN B 452 -73.03 16.51 25.38
N TYR B 453 -72.92 16.31 26.69
CA TYR B 453 -72.59 17.37 27.63
C TYR B 453 -71.45 16.95 28.54
N ASN B 454 -70.46 16.25 27.98
CA ASN B 454 -69.38 15.67 28.77
C ASN B 454 -68.00 16.22 28.46
N TYR B 455 -67.80 16.81 27.28
CA TYR B 455 -66.49 17.31 26.88
C TYR B 455 -66.50 18.83 26.96
N ARG B 456 -65.75 19.37 27.92
CA ARG B 456 -65.66 20.81 28.15
C ARG B 456 -64.19 21.22 28.24
N TYR B 457 -63.96 22.51 28.09
CA TYR B 457 -62.60 23.05 28.13
C TYR B 457 -62.68 24.54 28.51
N ARG B 458 -61.55 25.24 28.38
CA ARG B 458 -61.48 26.67 28.65
C ARG B 458 -61.41 27.41 27.32
N LEU B 459 -62.35 28.35 27.12
CA LEU B 459 -62.46 29.02 25.83
C LEU B 459 -61.33 30.02 25.60
N PHE B 460 -61.00 30.81 26.62
CA PHE B 460 -60.04 31.89 26.46
C PHE B 460 -59.02 31.87 27.59
N ARG B 461 -57.80 32.28 27.27
CA ARG B 461 -56.74 32.41 28.27
C ARG B 461 -55.79 33.51 27.83
N LYS B 462 -55.01 34.01 28.79
CA LYS B 462 -54.15 35.16 28.51
C LYS B 462 -53.00 34.82 27.57
N SER B 463 -52.46 33.61 27.63
CA SER B 463 -51.29 33.26 26.86
C SER B 463 -51.31 31.78 26.50
N ASN B 464 -50.32 31.37 25.72
CA ASN B 464 -50.19 29.98 25.32
C ASN B 464 -49.82 29.12 26.52
N LEU B 465 -50.27 27.87 26.50
CA LEU B 465 -49.97 26.92 27.56
C LEU B 465 -48.48 26.58 27.54
N LYS B 466 -47.88 26.56 28.72
CA LYS B 466 -46.47 26.16 28.83
C LYS B 466 -46.35 24.66 28.52
N PRO B 467 -45.19 24.23 28.02
CA PRO B 467 -45.04 22.84 27.58
C PRO B 467 -45.29 21.86 28.72
N PHE B 468 -45.92 20.73 28.37
CA PHE B 468 -46.20 19.64 29.30
C PHE B 468 -46.99 20.14 30.52
N GLU B 469 -48.05 20.89 30.25
CA GLU B 469 -48.95 21.38 31.28
C GLU B 469 -50.33 20.78 31.08
N ARG B 470 -50.93 20.29 32.17
CA ARG B 470 -52.29 19.75 32.13
C ARG B 470 -53.27 20.89 32.43
N ASP B 471 -53.94 21.38 31.40
CA ASP B 471 -54.83 22.54 31.51
C ASP B 471 -56.18 22.10 32.08
N ILE B 472 -56.20 21.86 33.38
CA ILE B 472 -57.44 21.55 34.09
C ILE B 472 -57.96 22.76 34.86
N SER B 473 -57.37 23.93 34.65
CA SER B 473 -57.81 25.14 35.35
C SER B 473 -59.12 25.65 34.76
N THR B 474 -60.00 26.10 35.66
CA THR B 474 -61.29 26.65 35.25
C THR B 474 -61.44 28.10 35.71
N GLU B 475 -60.40 28.90 35.50
CA GLU B 475 -60.42 30.29 35.93
C GLU B 475 -61.52 31.07 35.22
N ILE B 476 -62.11 32.02 35.95
CA ILE B 476 -63.18 32.84 35.40
C ILE B 476 -62.58 33.93 34.53
N TYR B 477 -63.07 34.03 33.28
CA TYR B 477 -62.59 35.05 32.38
C TYR B 477 -63.15 36.41 32.77
N GLN B 478 -62.26 37.41 32.82
CA GLN B 478 -62.64 38.78 33.22
C GLN B 478 -61.92 39.74 32.28
N ALA B 479 -62.57 40.11 31.18
CA ALA B 479 -61.96 41.00 30.21
C ALA B 479 -61.77 42.41 30.77
N GLY B 480 -62.75 42.90 31.54
CA GLY B 480 -62.71 44.25 32.06
C GLY B 480 -62.09 44.33 33.45
N SER B 481 -62.08 45.56 33.97
CA SER B 481 -61.54 45.84 35.29
C SER B 481 -62.57 45.69 36.41
N LYS B 482 -63.84 45.49 36.06
CA LYS B 482 -64.87 45.32 37.07
C LYS B 482 -64.79 43.92 37.67
N PRO B 483 -64.65 43.79 38.98
CA PRO B 483 -64.57 42.45 39.58
C PRO B 483 -65.87 41.68 39.44
N CYS B 484 -65.74 40.36 39.40
CA CYS B 484 -66.88 39.46 39.25
C CYS B 484 -67.02 38.57 40.48
N ASN B 485 -68.27 38.37 40.90
CA ASN B 485 -68.58 37.58 42.09
C ASN B 485 -69.03 36.16 41.74
N GLY B 486 -68.66 35.65 40.57
CA GLY B 486 -69.05 34.32 40.15
C GLY B 486 -70.42 34.23 39.51
N VAL B 487 -71.14 35.34 39.38
CA VAL B 487 -72.46 35.37 38.77
C VAL B 487 -72.44 36.38 37.63
N GLU B 488 -73.08 36.03 36.52
CA GLU B 488 -73.09 36.90 35.35
C GLU B 488 -73.77 38.24 35.67
N GLY B 489 -73.26 39.30 35.07
CA GLY B 489 -73.80 40.62 35.30
C GLY B 489 -73.11 41.70 34.48
N PHE B 490 -72.79 42.82 35.10
CA PHE B 490 -72.13 43.93 34.40
C PHE B 490 -70.67 43.57 34.14
N ASN B 491 -70.32 43.36 32.87
CA ASN B 491 -68.98 42.95 32.47
C ASN B 491 -68.54 41.70 33.23
N CYS B 492 -69.45 40.74 33.34
CA CYS B 492 -69.19 39.46 34.01
C CYS B 492 -69.73 38.36 33.11
N TYR B 493 -68.87 37.82 32.26
CA TYR B 493 -69.24 36.80 31.29
C TYR B 493 -68.77 35.44 31.77
N PHE B 494 -69.69 34.50 31.86
CA PHE B 494 -69.34 33.16 32.33
C PHE B 494 -68.53 32.43 31.26
N PRO B 495 -67.30 32.00 31.55
CA PRO B 495 -66.46 31.40 30.52
C PRO B 495 -66.83 29.97 30.16
N LEU B 496 -67.84 29.39 30.80
CA LEU B 496 -68.23 28.01 30.55
C LEU B 496 -69.42 27.98 29.58
N GLN B 497 -69.23 27.34 28.44
CA GLN B 497 -70.27 27.19 27.44
C GLN B 497 -70.37 25.73 27.03
N SER B 498 -71.57 25.33 26.60
CA SER B 498 -71.87 23.96 26.24
C SER B 498 -72.16 23.85 24.75
N TYR B 499 -71.77 22.71 24.17
CA TYR B 499 -71.97 22.46 22.75
C TYR B 499 -73.27 21.72 22.51
N GLY B 500 -73.83 21.92 21.32
CA GLY B 500 -75.05 21.25 20.93
C GLY B 500 -74.87 20.27 19.79
N PHE B 501 -75.03 18.98 20.08
CA PHE B 501 -74.91 17.92 19.07
C PHE B 501 -76.31 17.53 18.63
N GLN B 502 -76.73 18.02 17.47
CA GLN B 502 -78.08 17.84 16.98
C GLN B 502 -78.06 17.36 15.54
N PRO B 503 -79.08 16.61 15.12
CA PRO B 503 -79.15 16.20 13.70
C PRO B 503 -79.23 17.38 12.75
N THR B 504 -79.82 18.50 13.17
CA THR B 504 -79.92 19.68 12.32
C THR B 504 -78.58 20.36 12.10
N ASN B 505 -77.54 19.99 12.86
CA ASN B 505 -76.24 20.60 12.71
C ASN B 505 -75.55 20.10 11.44
N GLY B 506 -74.52 20.83 11.02
CA GLY B 506 -73.78 20.50 9.82
C GLY B 506 -72.75 19.42 10.05
N VAL B 507 -71.91 19.22 9.04
CA VAL B 507 -70.86 18.21 9.11
C VAL B 507 -69.83 18.58 10.17
N GLY B 508 -69.54 19.88 10.34
CA GLY B 508 -68.51 20.31 11.27
C GLY B 508 -68.84 20.09 12.73
N TYR B 509 -70.07 19.69 13.05
CA TYR B 509 -70.47 19.39 14.41
C TYR B 509 -70.41 17.91 14.74
N GLN B 510 -69.93 17.08 13.83
CA GLN B 510 -69.88 15.64 14.07
C GLN B 510 -68.77 15.30 15.07
N PRO B 511 -68.99 14.29 15.91
CA PRO B 511 -67.93 13.85 16.82
C PRO B 511 -66.98 12.87 16.13
N TYR B 512 -65.69 13.00 16.44
CA TYR B 512 -64.65 12.21 15.81
C TYR B 512 -63.71 11.65 16.87
N ARG B 513 -63.19 10.45 16.60
CA ARG B 513 -62.17 9.84 17.44
C ARG B 513 -60.79 10.22 16.91
N VAL B 514 -59.91 10.67 17.79
CA VAL B 514 -58.56 11.09 17.43
C VAL B 514 -57.56 10.33 18.28
N VAL B 515 -56.54 9.78 17.64
CA VAL B 515 -55.44 9.08 18.31
C VAL B 515 -54.13 9.58 17.73
N VAL B 516 -53.24 10.05 18.60
CA VAL B 516 -51.96 10.63 18.19
C VAL B 516 -50.84 9.77 18.75
N LEU B 517 -49.82 9.52 17.93
CA LEU B 517 -48.65 8.75 18.32
C LEU B 517 -47.42 9.64 18.20
N SER B 518 -46.62 9.66 19.27
CA SER B 518 -45.38 10.42 19.29
C SER B 518 -44.24 9.51 19.73
N PHE B 519 -43.16 9.51 18.95
CA PHE B 519 -41.99 8.67 19.22
C PHE B 519 -40.80 9.57 19.51
N GLU B 520 -40.13 9.32 20.63
CA GLU B 520 -39.02 10.15 21.09
C GLU B 520 -37.71 9.37 21.03
N LEU B 521 -36.64 10.07 20.65
CA LEU B 521 -35.28 9.53 20.66
C LEU B 521 -34.42 10.49 21.48
N LEU B 522 -34.38 10.28 22.80
CA LEU B 522 -33.58 11.10 23.68
C LEU B 522 -32.14 10.61 23.64
N HIS B 523 -31.31 11.10 24.58
CA HIS B 523 -29.91 10.67 24.68
C HIS B 523 -29.83 9.34 25.45
N ALA B 524 -30.59 8.36 24.96
CA ALA B 524 -30.67 7.05 25.57
C ALA B 524 -30.67 5.99 24.47
N PRO B 525 -30.15 4.80 24.75
CA PRO B 525 -30.19 3.73 23.75
C PRO B 525 -31.61 3.26 23.47
N ALA B 526 -31.81 2.75 22.26
CA ALA B 526 -33.14 2.31 21.84
C ALA B 526 -33.59 1.10 22.64
N THR B 527 -34.88 1.10 22.99
CA THR B 527 -35.47 0.00 23.75
C THR B 527 -36.59 -0.72 23.02
N VAL B 528 -37.24 -0.09 22.05
CA VAL B 528 -38.35 -0.69 21.31
C VAL B 528 -37.93 -0.83 19.87
N CYS B 529 -38.05 -2.05 19.34
CA CYS B 529 -37.66 -2.36 17.97
C CYS B 529 -38.80 -3.08 17.26
N GLY B 530 -38.87 -2.88 15.94
CA GLY B 530 -39.87 -3.54 15.14
C GLY B 530 -39.55 -4.99 14.89
N PRO B 531 -40.53 -5.73 14.39
CA PRO B 531 -40.29 -7.15 14.09
C PRO B 531 -39.19 -7.36 13.07
N LYS B 532 -39.06 -6.45 12.10
CA LYS B 532 -37.96 -6.46 11.14
C LYS B 532 -37.89 -7.78 10.37
N LYS B 533 -39.05 -8.37 10.09
CA LYS B 533 -39.17 -9.55 9.22
C LYS B 533 -38.32 -10.70 9.77
N SER B 534 -38.77 -11.23 10.90
CA SER B 534 -38.04 -12.30 11.58
C SER B 534 -37.83 -13.51 10.67
N THR B 535 -38.71 -13.72 9.69
CA THR B 535 -38.57 -14.74 8.66
C THR B 535 -38.27 -16.12 9.23
N ASN B 536 -37.44 -16.89 8.54
CA ASN B 536 -37.10 -18.26 8.90
C ASN B 536 -35.60 -18.37 9.16
N LEU B 537 -35.20 -19.50 9.75
CA LEU B 537 -33.81 -19.77 10.09
C LEU B 537 -33.40 -21.08 9.45
N VAL B 538 -32.23 -21.10 8.83
CA VAL B 538 -31.75 -22.25 8.06
C VAL B 538 -30.43 -22.73 8.63
N LYS B 539 -30.30 -24.05 8.79
CA LYS B 539 -29.09 -24.67 9.28
C LYS B 539 -28.26 -25.24 8.13
N ASN B 540 -26.96 -25.37 8.39
CA ASN B 540 -26.03 -26.10 7.51
C ASN B 540 -26.01 -25.54 6.09
N LYS B 541 -26.27 -24.25 5.94
CA LYS B 541 -26.18 -23.57 4.65
C LYS B 541 -25.69 -22.15 4.88
N CYS B 542 -24.55 -21.82 4.28
CA CYS B 542 -23.93 -20.53 4.50
C CYS B 542 -24.87 -19.41 4.08
N VAL B 543 -25.02 -18.41 4.95
CA VAL B 543 -26.00 -17.35 4.75
C VAL B 543 -25.67 -16.21 5.70
N ASN B 544 -26.10 -15.00 5.35
CA ASN B 544 -25.97 -13.89 6.27
C ASN B 544 -26.88 -14.11 7.48
N PHE B 545 -26.64 -13.33 8.53
CA PHE B 545 -27.48 -13.40 9.73
C PHE B 545 -27.43 -12.07 10.46
N ASN B 546 -28.56 -11.72 11.09
CA ASN B 546 -28.70 -10.49 11.87
C ASN B 546 -29.48 -10.85 13.13
N PHE B 547 -28.77 -11.14 14.21
CA PHE B 547 -29.36 -11.58 15.47
C PHE B 547 -29.27 -10.43 16.46
N ASN B 548 -30.42 -9.76 16.68
CA ASN B 548 -30.53 -8.68 17.67
C ASN B 548 -29.49 -7.58 17.42
N GLY B 549 -29.23 -7.30 16.14
CA GLY B 549 -28.24 -6.32 15.76
C GLY B 549 -26.85 -6.86 15.52
N LEU B 550 -26.62 -8.15 15.79
CA LEU B 550 -25.33 -8.78 15.52
C LEU B 550 -25.36 -9.31 14.09
N THR B 551 -24.68 -8.61 13.19
CA THR B 551 -24.63 -9.01 11.79
C THR B 551 -23.44 -9.94 11.55
N GLY B 552 -23.22 -10.29 10.29
CA GLY B 552 -22.11 -11.14 9.93
C GLY B 552 -22.49 -12.22 8.92
N THR B 553 -21.51 -13.04 8.53
CA THR B 553 -21.73 -14.12 7.59
C THR B 553 -21.15 -15.42 8.14
N GLY B 554 -21.77 -16.52 7.78
CA GLY B 554 -21.37 -17.82 8.28
C GLY B 554 -22.48 -18.83 8.09
N VAL B 555 -22.28 -19.98 8.72
CA VAL B 555 -23.25 -21.08 8.67
C VAL B 555 -23.59 -21.48 10.10
N LEU B 556 -24.90 -21.55 10.39
CA LEU B 556 -25.39 -21.85 11.73
C LEU B 556 -25.59 -23.35 11.88
N THR B 557 -25.02 -23.91 12.94
CA THR B 557 -25.05 -25.34 13.19
C THR B 557 -25.50 -25.60 14.63
N GLU B 558 -26.21 -26.70 14.83
CA GLU B 558 -26.64 -27.11 16.16
C GLU B 558 -25.43 -27.37 17.05
N SER B 559 -25.50 -26.88 18.30
CA SER B 559 -24.41 -27.00 19.25
C SER B 559 -24.95 -27.44 20.60
N ASN B 560 -24.09 -28.07 21.39
CA ASN B 560 -24.44 -28.55 22.72
C ASN B 560 -23.75 -27.75 23.82
N LYS B 561 -23.61 -26.44 23.62
CA LYS B 561 -22.98 -25.58 24.60
C LYS B 561 -24.07 -24.87 25.40
N LYS B 562 -24.09 -25.08 26.71
CA LYS B 562 -25.12 -24.52 27.56
C LYS B 562 -24.85 -23.05 27.84
N PHE B 563 -25.93 -22.26 27.88
CA PHE B 563 -25.85 -20.82 28.11
C PHE B 563 -26.58 -20.48 29.40
N LEU B 564 -26.01 -19.57 30.18
CA LEU B 564 -26.72 -19.04 31.32
C LEU B 564 -27.87 -18.16 30.84
N PRO B 565 -28.95 -18.07 31.61
CA PRO B 565 -30.15 -17.34 31.13
C PRO B 565 -29.87 -15.89 30.77
N PHE B 566 -28.94 -15.23 31.47
CA PHE B 566 -28.61 -13.85 31.14
C PHE B 566 -27.58 -13.74 30.03
N GLN B 567 -26.90 -14.83 29.67
CA GLN B 567 -25.91 -14.81 28.61
C GLN B 567 -26.60 -15.07 27.28
N GLN B 568 -26.44 -14.15 26.34
CA GLN B 568 -27.17 -14.21 25.08
C GLN B 568 -26.35 -14.89 23.97
N PHE B 569 -25.18 -14.35 23.66
CA PHE B 569 -24.35 -14.85 22.57
C PHE B 569 -22.97 -15.21 23.08
N GLY B 570 -22.34 -16.18 22.40
CA GLY B 570 -21.06 -16.71 22.81
C GLY B 570 -19.89 -15.92 22.25
N ARG B 571 -18.69 -16.44 22.51
CA ARG B 571 -17.45 -15.79 22.09
C ARG B 571 -16.33 -16.81 22.14
N ASP B 572 -15.25 -16.50 21.45
CA ASP B 572 -14.04 -17.30 21.45
C ASP B 572 -12.89 -16.52 22.07
N ILE B 573 -11.71 -17.12 22.07
CA ILE B 573 -10.54 -16.51 22.70
C ILE B 573 -10.12 -15.25 21.94
N ALA B 574 -10.25 -15.26 20.61
CA ALA B 574 -9.80 -14.17 19.77
C ALA B 574 -10.83 -13.07 19.60
N ASP B 575 -11.79 -12.96 20.52
CA ASP B 575 -12.87 -11.97 20.44
C ASP B 575 -13.65 -12.14 19.13
N THR B 576 -13.92 -13.40 18.78
CA THR B 576 -14.64 -13.75 17.57
C THR B 576 -15.90 -14.51 17.96
N THR B 577 -17.04 -14.09 17.42
CA THR B 577 -18.31 -14.73 17.74
C THR B 577 -18.30 -16.20 17.32
N ASP B 578 -18.73 -17.07 18.22
CA ASP B 578 -18.74 -18.51 17.96
C ASP B 578 -20.13 -19.11 18.03
N ALA B 579 -20.90 -18.81 19.07
CA ALA B 579 -22.22 -19.38 19.26
C ALA B 579 -23.22 -18.27 19.51
N VAL B 580 -24.38 -18.35 18.86
CA VAL B 580 -25.46 -17.40 19.05
C VAL B 580 -26.75 -18.17 19.31
N ARG B 581 -27.53 -17.71 20.27
CA ARG B 581 -28.80 -18.32 20.63
C ARG B 581 -29.94 -17.59 19.94
N ASP B 582 -30.87 -18.35 19.39
CA ASP B 582 -32.03 -17.76 18.72
C ASP B 582 -32.91 -17.06 19.76
N PRO B 583 -33.22 -15.78 19.57
CA PRO B 583 -34.13 -15.10 20.51
C PRO B 583 -35.49 -15.76 20.61
N GLN B 584 -36.03 -16.29 19.51
CA GLN B 584 -37.36 -16.88 19.56
C GLN B 584 -37.36 -18.19 20.35
N THR B 585 -36.42 -19.08 20.04
CA THR B 585 -36.29 -20.36 20.74
C THR B 585 -34.89 -20.45 21.34
N LEU B 586 -34.82 -20.77 22.63
CA LEU B 586 -33.54 -20.76 23.32
C LEU B 586 -32.70 -21.96 22.88
N GLU B 587 -32.28 -21.96 21.63
CA GLU B 587 -31.47 -23.02 21.04
C GLU B 587 -30.10 -22.47 20.71
N ILE B 588 -29.06 -23.20 21.08
CA ILE B 588 -27.68 -22.75 20.91
C ILE B 588 -27.19 -23.16 19.53
N LEU B 589 -26.79 -22.18 18.73
CA LEU B 589 -26.37 -22.39 17.36
C LEU B 589 -24.93 -21.93 17.18
N ASP B 590 -24.12 -22.77 16.54
CA ASP B 590 -22.74 -22.40 16.23
C ASP B 590 -22.71 -21.37 15.10
N ILE B 591 -21.52 -20.79 14.90
CA ILE B 591 -21.23 -19.95 13.74
C ILE B 591 -19.88 -20.41 13.19
N THR B 592 -19.84 -20.66 11.89
CA THR B 592 -18.70 -21.32 11.27
C THR B 592 -18.34 -20.60 9.98
N PRO B 593 -17.06 -20.58 9.60
CA PRO B 593 -16.68 -19.98 8.31
C PRO B 593 -17.42 -20.62 7.16
N CYS B 594 -17.65 -19.83 6.10
CA CYS B 594 -18.46 -20.33 5.01
C CYS B 594 -17.71 -21.40 4.22
N SER B 595 -16.67 -21.01 3.49
CA SER B 595 -15.74 -22.00 2.97
C SER B 595 -14.28 -21.59 3.11
N PHE B 596 -13.95 -20.34 2.86
CA PHE B 596 -12.57 -19.87 2.68
C PHE B 596 -11.82 -20.84 1.77
N GLY B 597 -10.51 -20.95 1.96
CA GLY B 597 -9.71 -21.81 1.11
C GLY B 597 -9.45 -21.20 -0.26
N GLY B 598 -8.26 -21.45 -0.81
CA GLY B 598 -7.92 -20.99 -2.14
C GLY B 598 -8.39 -21.98 -3.19
N VAL B 599 -7.84 -21.81 -4.39
CA VAL B 599 -8.13 -22.69 -5.53
C VAL B 599 -6.78 -23.11 -6.11
N SER B 600 -6.27 -24.25 -5.65
CA SER B 600 -5.06 -24.79 -6.23
C SER B 600 -5.37 -25.49 -7.55
N VAL B 601 -4.33 -25.69 -8.35
CA VAL B 601 -4.44 -26.29 -9.68
C VAL B 601 -3.29 -27.28 -9.83
N ILE B 602 -3.59 -28.56 -9.66
CA ILE B 602 -2.57 -29.61 -9.75
C ILE B 602 -2.49 -30.06 -11.20
N THR B 603 -1.44 -29.63 -11.90
CA THR B 603 -1.26 -30.01 -13.30
C THR B 603 0.14 -30.54 -13.54
N PRO B 604 0.28 -31.61 -14.31
CA PRO B 604 1.60 -31.99 -14.80
C PRO B 604 2.08 -31.02 -15.86
N GLY B 605 3.39 -31.05 -16.12
CA GLY B 605 3.96 -30.16 -17.10
C GLY B 605 3.43 -30.45 -18.50
N THR B 606 3.39 -29.40 -19.33
CA THR B 606 2.95 -29.56 -20.71
C THR B 606 3.85 -30.50 -21.49
N ASN B 607 5.07 -30.75 -21.00
CA ASN B 607 5.93 -31.76 -21.60
C ASN B 607 5.28 -33.13 -21.57
N THR B 608 4.48 -33.41 -20.55
CA THR B 608 3.89 -34.73 -20.38
C THR B 608 2.41 -34.78 -20.73
N SER B 609 1.60 -33.89 -20.17
CA SER B 609 0.15 -33.98 -20.32
C SER B 609 -0.45 -32.58 -20.44
N ASN B 610 -1.78 -32.53 -20.40
CA ASN B 610 -2.51 -31.28 -20.50
C ASN B 610 -3.71 -31.21 -19.56
N GLN B 611 -3.91 -32.21 -18.72
CA GLN B 611 -5.10 -32.28 -17.87
C GLN B 611 -4.85 -31.60 -16.53
N VAL B 612 -5.94 -31.15 -15.90
CA VAL B 612 -5.88 -30.37 -14.67
C VAL B 612 -6.48 -31.17 -13.53
N ALA B 613 -6.28 -30.66 -12.31
CA ALA B 613 -6.90 -31.24 -11.12
C ALA B 613 -6.98 -30.14 -10.06
N VAL B 614 -8.16 -29.56 -9.87
CA VAL B 614 -8.36 -28.44 -8.96
C VAL B 614 -8.56 -28.98 -7.54
N LEU B 615 -7.79 -28.44 -6.60
CA LEU B 615 -7.96 -28.71 -5.18
C LEU B 615 -8.50 -27.46 -4.50
N TYR B 616 -9.66 -27.60 -3.87
CA TYR B 616 -10.26 -26.51 -3.10
C TYR B 616 -9.83 -26.66 -1.65
N GLN B 617 -8.97 -25.78 -1.19
CA GLN B 617 -8.26 -26.00 0.07
C GLN B 617 -9.19 -25.99 1.27
N GLY B 618 -9.17 -27.09 2.03
CA GLY B 618 -9.82 -27.21 3.33
C GLY B 618 -11.30 -26.83 3.28
N VAL B 619 -12.05 -27.51 2.43
CA VAL B 619 -13.50 -27.38 2.38
C VAL B 619 -14.10 -28.78 2.24
N ASN B 620 -15.22 -28.99 2.92
CA ASN B 620 -15.98 -30.23 2.76
C ASN B 620 -16.48 -30.36 1.33
N CYS B 621 -16.47 -31.58 0.80
CA CYS B 621 -16.91 -31.81 -0.56
C CYS B 621 -18.43 -31.89 -0.63
N THR B 622 -19.11 -30.88 -0.09
CA THR B 622 -20.55 -30.78 -0.16
C THR B 622 -21.02 -29.56 -0.93
N GLU B 623 -20.46 -28.39 -0.62
CA GLU B 623 -20.75 -27.20 -1.43
C GLU B 623 -20.13 -27.32 -2.81
N VAL B 624 -18.92 -27.87 -2.89
CA VAL B 624 -18.27 -28.10 -4.16
C VAL B 624 -18.04 -29.59 -4.38
N ASN B 645 -15.02 -38.94 -9.64
CA ASN B 645 -14.56 -37.59 -9.92
C ASN B 645 -14.04 -36.92 -8.65
N VAL B 646 -14.98 -36.51 -7.79
CA VAL B 646 -14.66 -35.77 -6.59
C VAL B 646 -14.18 -36.74 -5.51
N PHE B 647 -13.00 -36.48 -4.95
CA PHE B 647 -12.42 -37.29 -3.89
C PHE B 647 -12.04 -36.37 -2.74
N GLN B 648 -12.82 -36.41 -1.66
CA GLN B 648 -12.57 -35.53 -0.52
C GLN B 648 -11.29 -35.91 0.20
N THR B 649 -10.48 -34.90 0.52
CA THR B 649 -9.22 -35.07 1.22
C THR B 649 -9.26 -34.31 2.54
N ARG B 650 -8.30 -34.61 3.40
CA ARG B 650 -8.11 -33.81 4.60
C ARG B 650 -7.71 -32.38 4.26
N ALA B 651 -6.84 -32.23 3.26
CA ALA B 651 -6.37 -30.89 2.89
C ALA B 651 -7.45 -30.08 2.18
N GLY B 652 -8.43 -30.74 1.56
CA GLY B 652 -9.50 -30.01 0.92
C GLY B 652 -10.28 -30.90 -0.04
N CYS B 653 -11.17 -30.25 -0.78
CA CYS B 653 -12.04 -30.92 -1.74
C CYS B 653 -11.33 -31.01 -3.08
N LEU B 654 -11.00 -32.22 -3.51
CA LEU B 654 -10.17 -32.45 -4.68
C LEU B 654 -11.03 -32.88 -5.85
N ILE B 655 -10.79 -32.28 -7.02
CA ILE B 655 -11.58 -32.50 -8.22
C ILE B 655 -10.67 -32.93 -9.35
N GLY B 656 -11.15 -33.86 -10.17
CA GLY B 656 -10.45 -34.27 -11.37
C GLY B 656 -9.51 -35.44 -11.21
N ALA B 657 -9.34 -35.96 -9.99
CA ALA B 657 -8.51 -37.12 -9.76
C ALA B 657 -9.27 -38.12 -8.90
N GLU B 658 -9.12 -39.41 -9.25
CA GLU B 658 -9.74 -40.49 -8.51
C GLU B 658 -8.78 -41.01 -7.45
N HIS B 659 -9.31 -41.30 -6.26
CA HIS B 659 -8.50 -41.90 -5.22
C HIS B 659 -7.94 -43.23 -5.70
N VAL B 660 -6.69 -43.50 -5.34
CA VAL B 660 -6.01 -44.75 -5.65
C VAL B 660 -5.80 -45.50 -4.34
N ASN B 661 -6.31 -46.72 -4.27
CA ASN B 661 -6.15 -47.53 -3.07
C ASN B 661 -4.70 -47.96 -2.87
N ASN B 662 -3.87 -47.88 -3.91
CA ASN B 662 -2.45 -48.18 -3.80
C ASN B 662 -1.68 -46.92 -3.45
N SER B 663 -0.53 -47.12 -2.80
CA SER B 663 0.30 -46.03 -2.33
C SER B 663 1.66 -46.08 -3.02
N TYR B 664 2.07 -44.95 -3.59
CA TYR B 664 3.32 -44.85 -4.34
C TYR B 664 4.18 -43.71 -3.82
N GLU B 665 5.27 -43.42 -4.52
CA GLU B 665 6.12 -42.28 -4.16
C GLU B 665 5.42 -40.98 -4.52
N CYS B 666 5.60 -39.97 -3.66
CA CYS B 666 5.00 -38.67 -3.92
C CYS B 666 5.71 -37.99 -5.08
N ASP B 667 4.92 -37.35 -5.95
CA ASP B 667 5.47 -36.60 -7.07
C ASP B 667 5.07 -35.13 -7.01
N ILE B 668 3.80 -34.84 -6.80
CA ILE B 668 3.30 -33.48 -6.62
C ILE B 668 2.53 -33.43 -5.30
N PRO B 669 3.18 -33.03 -4.22
CA PRO B 669 2.49 -32.99 -2.92
C PRO B 669 1.25 -32.12 -2.95
N ILE B 670 0.21 -32.60 -2.29
CA ILE B 670 -1.08 -31.91 -2.23
C ILE B 670 -1.33 -31.31 -0.85
N GLY B 671 -1.37 -32.15 0.18
CA GLY B 671 -1.61 -31.70 1.53
C GLY B 671 -2.15 -32.81 2.42
N ALA B 672 -1.67 -32.84 3.67
CA ALA B 672 -2.09 -33.84 4.65
C ALA B 672 -1.84 -35.26 4.15
N GLY B 673 -0.71 -35.45 3.45
CA GLY B 673 -0.31 -36.77 3.00
C GLY B 673 -0.78 -37.17 1.62
N ILE B 674 -1.69 -36.40 1.01
CA ILE B 674 -2.18 -36.73 -0.32
C ILE B 674 -1.17 -36.25 -1.35
N CYS B 675 -0.95 -37.06 -2.38
CA CYS B 675 -0.04 -36.71 -3.47
C CYS B 675 -0.69 -37.09 -4.80
N ALA B 676 -0.39 -36.31 -5.83
CA ALA B 676 -0.95 -36.50 -7.15
C ALA B 676 0.13 -36.92 -8.15
N SER B 677 -0.33 -37.52 -9.25
CA SER B 677 0.54 -37.89 -10.35
C SER B 677 -0.32 -38.18 -11.57
N TYR B 678 0.28 -38.07 -12.75
CA TYR B 678 -0.43 -38.33 -13.99
C TYR B 678 -0.32 -39.78 -14.43
N GLN B 679 0.78 -40.45 -14.12
CA GLN B 679 0.97 -41.83 -14.52
C GLN B 679 0.07 -42.75 -13.72
N THR B 680 -0.18 -43.94 -14.27
CA THR B 680 -1.01 -44.93 -13.61
C THR B 680 -0.25 -45.59 -12.47
N SER B 693 -6.70 -45.26 -19.88
CA SER B 693 -5.49 -44.49 -20.14
C SER B 693 -4.97 -43.86 -18.84
N GLN B 694 -3.85 -43.14 -18.95
CA GLN B 694 -3.27 -42.48 -17.79
C GLN B 694 -4.00 -41.16 -17.51
N SER B 695 -4.19 -40.88 -16.23
CA SER B 695 -4.91 -39.68 -15.81
C SER B 695 -4.41 -39.26 -14.43
N ILE B 696 -4.74 -38.03 -14.06
CA ILE B 696 -4.31 -37.49 -12.77
C ILE B 696 -4.99 -38.26 -11.65
N ILE B 697 -4.21 -38.66 -10.65
CA ILE B 697 -4.73 -39.40 -9.52
C ILE B 697 -4.44 -38.63 -8.23
N ALA B 698 -4.87 -39.18 -7.10
CA ALA B 698 -4.60 -38.58 -5.79
C ALA B 698 -4.75 -39.66 -4.74
N TYR B 699 -3.64 -40.04 -4.11
CA TYR B 699 -3.60 -41.17 -3.20
C TYR B 699 -2.93 -40.76 -1.89
N THR B 700 -2.83 -41.72 -0.97
CA THR B 700 -2.14 -41.52 0.29
C THR B 700 -0.66 -41.85 0.10
N MET B 701 0.20 -40.89 0.39
CA MET B 701 1.62 -41.02 0.08
C MET B 701 2.27 -42.11 0.94
N SER B 702 3.14 -42.89 0.31
CA SER B 702 3.95 -43.91 0.97
C SER B 702 5.42 -43.54 0.79
N LEU B 703 6.06 -43.08 1.86
CA LEU B 703 7.44 -42.62 1.76
C LEU B 703 8.40 -43.79 1.58
N GLY B 704 8.75 -44.09 0.33
CA GLY B 704 9.64 -45.20 0.05
C GLY B 704 8.99 -46.53 0.29
N ALA B 705 9.61 -47.60 -0.23
CA ALA B 705 9.10 -48.94 0.02
C ALA B 705 9.16 -49.24 1.51
N GLU B 706 8.03 -49.69 2.07
CA GLU B 706 7.99 -50.04 3.48
C GLU B 706 8.96 -51.17 3.76
N ASN B 707 10.05 -50.87 4.45
CA ASN B 707 11.09 -51.84 4.74
C ASN B 707 10.98 -52.31 6.19
N SER B 708 11.53 -53.49 6.44
CA SER B 708 11.64 -54.04 7.79
C SER B 708 12.98 -54.77 7.85
N VAL B 709 14.02 -54.06 8.27
CA VAL B 709 15.33 -54.69 8.43
C VAL B 709 15.25 -55.70 9.57
N ALA B 710 15.74 -56.91 9.31
CA ALA B 710 15.66 -57.99 10.28
C ALA B 710 16.67 -57.72 11.40
N TYR B 711 16.22 -56.97 12.40
CA TYR B 711 17.05 -56.72 13.57
C TYR B 711 17.35 -58.04 14.25
N SER B 712 18.62 -58.23 14.62
CA SER B 712 19.10 -59.53 15.02
C SER B 712 19.78 -59.48 16.38
N ASN B 713 19.83 -60.64 17.02
CA ASN B 713 20.63 -60.81 18.23
C ASN B 713 22.12 -60.73 17.91
N ASN B 714 22.57 -61.44 16.88
CA ASN B 714 24.00 -61.52 16.60
C ASN B 714 24.31 -61.53 15.10
N SER B 715 23.54 -60.84 14.28
CA SER B 715 23.76 -60.86 12.85
C SER B 715 23.91 -59.44 12.30
N ILE B 716 24.77 -59.30 11.28
CA ILE B 716 25.08 -58.01 10.68
C ILE B 716 25.01 -58.13 9.16
N ALA B 717 24.88 -56.99 8.50
CA ALA B 717 24.92 -56.89 7.04
C ALA B 717 25.93 -55.80 6.67
N ILE B 718 27.20 -56.17 6.58
CA ILE B 718 28.27 -55.24 6.26
C ILE B 718 28.47 -55.22 4.75
N PRO B 719 28.48 -54.04 4.11
CA PRO B 719 28.57 -53.99 2.65
C PRO B 719 29.87 -54.58 2.13
N THR B 720 29.78 -55.27 0.99
CA THR B 720 30.95 -55.81 0.29
C THR B 720 31.36 -54.95 -0.90
N ASN B 721 30.49 -54.06 -1.35
CA ASN B 721 30.78 -53.16 -2.46
C ASN B 721 30.15 -51.81 -2.13
N PHE B 722 30.36 -50.84 -3.02
CA PHE B 722 29.91 -49.48 -2.77
C PHE B 722 29.81 -48.73 -4.09
N THR B 723 29.46 -47.45 -3.98
CA THR B 723 29.51 -46.54 -5.11
C THR B 723 30.02 -45.19 -4.61
N ILE B 724 30.55 -44.41 -5.54
CA ILE B 724 31.15 -43.10 -5.23
C ILE B 724 30.45 -42.09 -6.15
N SER B 725 29.37 -41.52 -5.66
CA SER B 725 28.63 -40.54 -6.44
C SER B 725 29.31 -39.18 -6.34
N VAL B 726 28.88 -38.28 -7.22
CA VAL B 726 29.28 -36.87 -7.17
C VAL B 726 27.99 -36.07 -7.28
N THR B 727 27.43 -35.69 -6.13
CA THR B 727 26.17 -34.96 -6.12
C THR B 727 26.44 -33.50 -6.46
N THR B 728 25.45 -32.65 -6.28
CA THR B 728 25.63 -31.23 -6.59
C THR B 728 24.70 -30.44 -5.67
N GLU B 729 25.27 -29.78 -4.67
CA GLU B 729 24.54 -28.86 -3.82
C GLU B 729 25.00 -27.45 -4.17
N ILE B 730 24.06 -26.62 -4.60
CA ILE B 730 24.35 -25.27 -5.04
C ILE B 730 23.98 -24.32 -3.91
N LEU B 731 24.87 -23.38 -3.60
CA LEU B 731 24.69 -22.46 -2.50
C LEU B 731 24.79 -21.04 -3.01
N PRO B 732 23.78 -20.20 -2.81
CA PRO B 732 23.87 -18.81 -3.25
C PRO B 732 24.77 -18.02 -2.31
N VAL B 733 25.99 -17.74 -2.76
CA VAL B 733 26.96 -17.06 -1.91
C VAL B 733 26.76 -15.56 -1.96
N SER B 734 26.85 -14.99 -3.16
CA SER B 734 26.64 -13.57 -3.35
C SER B 734 25.27 -13.34 -3.97
N MET B 735 24.95 -12.08 -4.22
CA MET B 735 23.70 -11.71 -4.84
C MET B 735 23.92 -10.41 -5.62
N THR B 736 22.85 -9.90 -6.20
CA THR B 736 22.95 -8.67 -6.98
C THR B 736 23.28 -7.51 -6.05
N LYS B 737 24.54 -7.05 -6.10
CA LYS B 737 24.95 -5.89 -5.32
C LYS B 737 24.20 -4.68 -5.82
N THR B 738 23.28 -4.17 -5.01
CA THR B 738 22.46 -3.03 -5.39
C THR B 738 22.66 -1.92 -4.37
N SER B 739 22.68 -0.68 -4.86
CA SER B 739 22.67 0.52 -4.03
C SER B 739 21.70 1.49 -4.68
N VAL B 740 20.42 1.37 -4.31
CA VAL B 740 19.39 2.21 -4.89
C VAL B 740 19.48 3.59 -4.24
N ASP B 741 19.95 4.57 -4.99
CA ASP B 741 19.94 5.93 -4.49
C ASP B 741 18.50 6.37 -4.21
N CYS B 742 18.31 7.05 -3.10
CA CYS B 742 16.96 7.36 -2.67
C CYS B 742 16.35 8.50 -3.50
N THR B 743 17.12 9.57 -3.72
CA THR B 743 16.54 10.77 -4.32
C THR B 743 16.04 10.50 -5.73
N MET B 744 16.91 9.96 -6.60
CA MET B 744 16.53 9.76 -8.00
C MET B 744 15.41 8.73 -8.12
N TYR B 745 15.54 7.60 -7.41
CA TYR B 745 14.54 6.55 -7.52
C TYR B 745 13.18 7.04 -7.01
N ILE B 746 13.15 7.57 -5.78
CA ILE B 746 11.89 7.92 -5.15
C ILE B 746 11.24 9.12 -5.83
N CYS B 747 12.02 10.16 -6.12
CA CYS B 747 11.54 11.34 -6.83
C CYS B 747 12.17 11.43 -8.21
N GLY B 748 11.34 11.55 -9.25
CA GLY B 748 11.84 11.73 -10.58
C GLY B 748 11.95 13.18 -11.02
N ASP B 749 13.16 13.73 -10.89
CA ASP B 749 13.53 15.03 -11.48
C ASP B 749 12.53 16.14 -11.12
N SER B 750 12.28 16.31 -9.83
CA SER B 750 11.37 17.36 -9.38
C SER B 750 11.94 18.07 -8.16
N THR B 751 12.05 19.40 -8.24
CA THR B 751 12.49 20.18 -7.09
C THR B 751 11.48 20.10 -5.95
N GLU B 752 10.18 20.15 -6.28
CA GLU B 752 9.16 20.01 -5.25
C GLU B 752 9.28 18.66 -4.56
N CYS B 753 9.48 17.59 -5.33
CA CYS B 753 9.64 16.27 -4.73
C CYS B 753 10.90 16.19 -3.89
N SER B 754 11.99 16.82 -4.33
CA SER B 754 13.21 16.81 -3.53
C SER B 754 13.00 17.51 -2.19
N ASN B 755 12.34 18.67 -2.21
CA ASN B 755 12.05 19.37 -0.96
C ASN B 755 11.13 18.56 -0.05
N LEU B 756 10.12 17.91 -0.63
CA LEU B 756 9.20 17.11 0.18
C LEU B 756 9.87 15.85 0.71
N LEU B 757 10.84 15.30 -0.02
CA LEU B 757 11.57 14.12 0.44
C LEU B 757 12.58 14.45 1.52
N LEU B 758 13.16 15.66 1.47
CA LEU B 758 14.12 16.05 2.50
C LEU B 758 13.51 16.04 3.90
N GLN B 759 12.19 16.15 4.02
CA GLN B 759 11.55 16.11 5.32
C GLN B 759 11.76 14.77 6.02
N TYR B 760 11.67 13.67 5.27
CA TYR B 760 11.91 12.36 5.84
C TYR B 760 13.32 12.22 6.39
N GLY B 761 14.27 13.01 5.89
CA GLY B 761 15.58 13.09 6.48
C GLY B 761 16.37 11.80 6.45
N SER B 762 16.50 11.17 7.63
CA SER B 762 17.42 10.05 7.77
C SER B 762 17.01 8.83 6.97
N PHE B 763 15.74 8.69 6.58
CA PHE B 763 15.34 7.54 5.78
C PHE B 763 16.07 7.52 4.44
N CYS B 764 16.08 8.66 3.75
CA CYS B 764 16.74 8.75 2.45
C CYS B 764 18.23 8.40 2.58
N THR B 765 18.90 8.99 3.58
CA THR B 765 20.34 8.81 3.73
C THR B 765 20.72 7.50 4.40
N GLN B 766 19.77 6.78 5.00
CA GLN B 766 20.07 5.53 5.69
C GLN B 766 19.65 4.31 4.89
N LEU B 767 18.69 4.45 3.98
CA LEU B 767 18.41 3.37 3.03
C LEU B 767 19.65 3.04 2.23
N ASN B 768 20.33 4.06 1.73
CA ASN B 768 21.58 3.85 1.00
C ASN B 768 22.65 3.26 1.90
N ARG B 769 22.71 3.68 3.16
CA ARG B 769 23.68 3.09 4.08
C ARG B 769 23.43 1.60 4.28
N ALA B 770 22.16 1.22 4.46
CA ALA B 770 21.83 -0.19 4.60
C ALA B 770 22.17 -0.97 3.33
N LEU B 771 21.85 -0.41 2.16
CA LEU B 771 22.11 -1.12 0.91
C LEU B 771 23.61 -1.24 0.64
N THR B 772 24.39 -0.22 0.98
CA THR B 772 25.84 -0.31 0.81
C THR B 772 26.44 -1.28 1.83
N GLY B 773 25.87 -1.35 3.03
CA GLY B 773 26.26 -2.40 3.95
C GLY B 773 26.01 -3.77 3.37
N ILE B 774 24.86 -3.94 2.72
CA ILE B 774 24.55 -5.19 2.05
C ILE B 774 25.59 -5.47 0.96
N ALA B 775 25.93 -4.46 0.17
CA ALA B 775 26.87 -4.65 -0.93
C ALA B 775 28.25 -5.05 -0.42
N VAL B 776 28.76 -4.31 0.57
CA VAL B 776 30.08 -4.63 1.10
C VAL B 776 30.06 -5.97 1.81
N GLU B 777 28.95 -6.35 2.44
CA GLU B 777 28.94 -7.67 3.07
C GLU B 777 28.83 -8.78 2.05
N GLN B 778 28.20 -8.53 0.90
CA GLN B 778 28.22 -9.52 -0.18
C GLN B 778 29.62 -9.69 -0.73
N ASP B 779 30.35 -8.58 -0.88
CA ASP B 779 31.76 -8.69 -1.29
C ASP B 779 32.56 -9.43 -0.23
N LYS B 780 32.24 -9.21 1.05
CA LYS B 780 32.89 -9.95 2.12
C LYS B 780 32.57 -11.45 2.02
N ASN B 781 31.30 -11.79 1.77
CA ASN B 781 30.91 -13.18 1.58
C ASN B 781 31.73 -13.81 0.47
N THR B 782 31.83 -13.11 -0.66
CA THR B 782 32.66 -13.59 -1.76
C THR B 782 34.10 -13.76 -1.32
N GLN B 783 34.60 -12.84 -0.49
CA GLN B 783 35.99 -12.89 -0.05
C GLN B 783 36.27 -14.12 0.79
N GLU B 784 35.48 -14.35 1.85
CA GLU B 784 35.74 -15.55 2.64
C GLU B 784 35.24 -16.83 2.00
N VAL B 785 34.46 -16.74 0.92
CA VAL B 785 34.07 -17.94 0.20
C VAL B 785 35.17 -18.36 -0.76
N PHE B 786 35.46 -17.53 -1.77
CA PHE B 786 36.49 -17.89 -2.73
C PHE B 786 37.87 -17.41 -2.29
N ALA B 787 37.99 -16.14 -1.94
CA ALA B 787 39.28 -15.54 -1.62
C ALA B 787 39.73 -15.88 -0.20
N GLN B 788 39.77 -17.16 0.13
CA GLN B 788 40.44 -17.64 1.33
C GLN B 788 41.75 -18.32 1.00
N VAL B 789 42.19 -18.24 -0.25
CA VAL B 789 43.48 -18.76 -0.69
C VAL B 789 44.42 -17.58 -0.87
N LYS B 790 45.61 -17.68 -0.28
CA LYS B 790 46.55 -16.57 -0.30
C LYS B 790 47.17 -16.39 -1.68
N GLN B 791 47.59 -17.49 -2.29
CA GLN B 791 48.32 -17.45 -3.55
C GLN B 791 47.51 -18.17 -4.62
N ILE B 792 47.37 -17.55 -5.79
CA ILE B 792 46.56 -18.12 -6.87
C ILE B 792 47.41 -19.20 -7.54
N TYR B 793 47.18 -20.45 -7.14
CA TYR B 793 47.89 -21.57 -7.72
C TYR B 793 47.33 -21.90 -9.10
N LYS B 794 48.20 -22.40 -9.97
CA LYS B 794 47.82 -22.70 -11.35
C LYS B 794 48.03 -24.17 -11.65
N THR B 795 47.20 -24.70 -12.54
CA THR B 795 47.21 -26.12 -12.84
C THR B 795 48.52 -26.51 -13.53
N PRO B 796 49.10 -27.66 -13.17
CA PRO B 796 50.28 -28.11 -13.88
C PRO B 796 49.98 -28.35 -15.34
N PRO B 797 50.96 -28.14 -16.23
CA PRO B 797 50.72 -28.39 -17.66
C PRO B 797 50.37 -29.84 -17.97
N ILE B 798 50.91 -30.79 -17.23
CA ILE B 798 50.64 -32.21 -17.44
C ILE B 798 49.75 -32.68 -16.29
N LYS B 799 48.60 -33.26 -16.64
CA LYS B 799 47.63 -33.73 -15.65
C LYS B 799 47.72 -35.25 -15.57
N ASP B 800 48.67 -35.73 -14.76
CA ASP B 800 48.84 -37.15 -14.50
C ASP B 800 48.20 -37.48 -13.16
N PHE B 801 46.87 -37.63 -13.18
CA PHE B 801 46.09 -37.87 -11.97
C PHE B 801 45.74 -39.34 -11.76
N GLY B 802 46.31 -40.24 -12.56
CA GLY B 802 45.93 -41.64 -12.47
C GLY B 802 44.51 -41.92 -12.90
N GLY B 803 44.04 -41.24 -13.94
CA GLY B 803 42.71 -41.46 -14.49
C GLY B 803 41.63 -40.54 -13.97
N PHE B 804 41.92 -39.71 -12.97
CA PHE B 804 40.94 -38.78 -12.43
C PHE B 804 40.84 -37.59 -13.37
N ASN B 805 40.01 -37.74 -14.40
CA ASN B 805 39.89 -36.71 -15.43
C ASN B 805 39.27 -35.44 -14.84
N PHE B 806 39.89 -34.31 -15.14
CA PHE B 806 39.50 -33.03 -14.55
C PHE B 806 39.22 -31.95 -15.58
N SER B 807 39.40 -32.26 -16.88
CA SER B 807 39.25 -31.23 -17.91
C SER B 807 37.84 -30.64 -17.92
N GLN B 808 36.86 -31.38 -17.43
CA GLN B 808 35.50 -30.84 -17.37
C GLN B 808 35.41 -29.65 -16.42
N ILE B 809 36.09 -29.72 -15.29
CA ILE B 809 36.02 -28.65 -14.29
C ILE B 809 37.30 -27.83 -14.21
N LEU B 810 38.44 -28.36 -14.65
CA LEU B 810 39.62 -27.53 -14.77
C LEU B 810 39.45 -26.56 -15.93
N PRO B 811 39.90 -25.31 -15.79
CA PRO B 811 39.67 -24.32 -16.86
C PRO B 811 40.34 -24.74 -18.16
N ASP B 812 39.65 -24.47 -19.26
CA ASP B 812 40.15 -24.82 -20.59
C ASP B 812 40.96 -23.66 -21.15
N PRO B 813 42.26 -23.84 -21.41
CA PRO B 813 43.04 -22.74 -21.98
C PRO B 813 42.51 -22.23 -23.30
N SER B 814 41.94 -23.12 -24.13
CA SER B 814 41.37 -22.70 -25.40
C SER B 814 40.17 -21.77 -25.22
N LYS B 815 39.51 -21.83 -24.07
CA LYS B 815 38.38 -20.95 -23.82
C LYS B 815 38.87 -19.52 -23.65
N PRO B 816 38.03 -18.53 -23.99
CA PRO B 816 38.44 -17.13 -23.77
C PRO B 816 38.68 -16.82 -22.30
N SER B 817 37.69 -17.09 -21.45
CA SER B 817 37.87 -16.99 -20.02
C SER B 817 38.23 -18.35 -19.44
N LYS B 818 38.84 -18.34 -18.25
CA LYS B 818 39.20 -19.59 -17.61
C LYS B 818 38.02 -20.18 -16.85
N ARG B 819 36.89 -20.31 -17.52
CA ARG B 819 35.70 -20.97 -16.99
C ARG B 819 35.56 -22.30 -17.70
N SER B 820 35.60 -23.39 -16.93
CA SER B 820 35.60 -24.72 -17.51
C SER B 820 34.22 -25.04 -18.09
N PHE B 821 34.10 -26.27 -18.61
CA PHE B 821 32.86 -26.68 -19.27
C PHE B 821 31.68 -26.67 -18.30
N ILE B 822 31.89 -27.18 -17.07
CA ILE B 822 30.80 -27.22 -16.11
C ILE B 822 30.35 -25.82 -15.75
N GLU B 823 31.30 -24.91 -15.50
CA GLU B 823 30.94 -23.54 -15.17
C GLU B 823 30.21 -22.87 -16.33
N ASP B 824 30.66 -23.13 -17.56
CA ASP B 824 29.98 -22.58 -18.73
C ASP B 824 28.55 -23.09 -18.83
N LEU B 825 28.35 -24.39 -18.60
CA LEU B 825 27.00 -24.95 -18.63
C LEU B 825 26.13 -24.34 -17.54
N LEU B 826 26.69 -24.16 -16.35
CA LEU B 826 25.93 -23.54 -15.27
C LEU B 826 25.51 -22.12 -15.65
N PHE B 827 26.46 -21.33 -16.17
CA PHE B 827 26.14 -19.95 -16.54
C PHE B 827 25.11 -19.90 -17.65
N ASN B 828 25.20 -20.79 -18.63
CA ASN B 828 24.20 -20.84 -19.68
C ASN B 828 22.84 -21.23 -19.13
N LYS B 829 22.80 -22.18 -18.19
CA LYS B 829 21.53 -22.61 -17.62
C LYS B 829 20.86 -21.49 -16.84
N VAL B 830 21.61 -20.74 -16.04
CA VAL B 830 21.03 -19.67 -15.25
C VAL B 830 20.86 -18.43 -16.12
N THR B 831 19.70 -17.80 -16.04
CA THR B 831 19.41 -16.60 -16.82
C THR B 831 18.91 -15.47 -15.92
N LEU B 853 16.30 -9.44 -19.53
CA LEU B 853 16.43 -9.74 -18.08
C LEU B 853 17.88 -9.49 -17.64
N ILE B 854 18.73 -9.05 -18.58
CA ILE B 854 20.16 -8.75 -18.27
C ILE B 854 20.31 -7.25 -18.00
N CYS B 855 19.95 -6.42 -18.99
CA CYS B 855 20.04 -4.94 -18.85
C CYS B 855 18.64 -4.33 -18.92
N ALA B 856 17.76 -4.72 -18.00
CA ALA B 856 16.37 -4.20 -17.96
C ALA B 856 16.04 -3.73 -16.53
N GLN B 857 16.97 -3.92 -15.59
CA GLN B 857 16.76 -3.51 -14.17
C GLN B 857 17.45 -2.16 -13.93
N LYS B 858 18.78 -2.12 -14.10
CA LYS B 858 19.56 -0.87 -13.88
C LYS B 858 19.03 0.23 -14.81
N PHE B 859 17.76 0.60 -14.66
CA PHE B 859 17.15 1.64 -15.48
C PHE B 859 16.43 2.73 -14.69
N ASN B 860 16.11 2.53 -13.42
CA ASN B 860 15.35 3.49 -12.63
C ASN B 860 16.05 3.78 -11.31
N GLY B 861 17.36 4.01 -11.37
CA GLY B 861 18.14 4.26 -10.19
C GLY B 861 18.58 3.04 -9.44
N LEU B 862 18.12 1.85 -9.85
CA LEU B 862 18.52 0.59 -9.24
C LEU B 862 19.89 0.20 -9.78
N THR B 863 20.88 0.99 -9.39
CA THR B 863 22.23 0.85 -9.93
C THR B 863 22.84 -0.43 -9.40
N VAL B 864 22.86 -1.46 -10.25
CA VAL B 864 23.49 -2.72 -9.87
C VAL B 864 25.00 -2.53 -9.90
N LEU B 865 25.57 -2.31 -8.73
CA LEU B 865 27.00 -2.07 -8.66
C LEU B 865 27.75 -3.33 -9.09
N PRO B 866 28.80 -3.18 -9.91
CA PRO B 866 29.57 -4.34 -10.30
C PRO B 866 30.26 -4.95 -9.11
N PRO B 867 30.45 -6.27 -9.10
CA PRO B 867 31.18 -6.89 -7.99
C PRO B 867 32.61 -6.37 -7.95
N LEU B 868 33.15 -6.26 -6.74
CA LEU B 868 34.55 -5.90 -6.61
C LEU B 868 35.44 -6.92 -7.30
N LEU B 869 35.09 -8.20 -7.15
CA LEU B 869 35.79 -9.27 -7.85
C LEU B 869 35.12 -9.49 -9.21
N THR B 870 35.88 -9.26 -10.28
CA THR B 870 35.38 -9.52 -11.62
C THR B 870 35.06 -11.01 -11.76
N ASP B 871 34.04 -11.32 -12.56
CA ASP B 871 33.68 -12.72 -12.76
C ASP B 871 34.86 -13.55 -13.25
N GLU B 872 35.77 -12.95 -14.04
CA GLU B 872 36.99 -13.64 -14.39
C GLU B 872 37.83 -13.93 -13.16
N MET B 873 37.92 -12.99 -12.22
CA MET B 873 38.65 -13.24 -11.00
C MET B 873 37.96 -14.27 -10.11
N ILE B 874 36.62 -14.32 -10.15
CA ILE B 874 35.88 -15.37 -9.46
C ILE B 874 36.25 -16.73 -10.02
N ALA B 875 36.31 -16.82 -11.36
CA ALA B 875 36.77 -18.06 -11.99
C ALA B 875 38.20 -18.37 -11.59
N GLN B 876 39.04 -17.34 -11.48
CA GLN B 876 40.43 -17.55 -11.08
C GLN B 876 40.51 -18.11 -9.66
N TYR B 877 39.73 -17.55 -8.73
CA TYR B 877 39.72 -18.06 -7.37
C TYR B 877 39.17 -19.47 -7.29
N THR B 878 38.09 -19.77 -8.03
CA THR B 878 37.56 -21.12 -8.02
C THR B 878 38.57 -22.11 -8.59
N SER B 879 39.24 -21.74 -9.68
CA SER B 879 40.28 -22.60 -10.24
C SER B 879 41.46 -22.76 -9.30
N ALA B 880 41.82 -21.68 -8.59
CA ALA B 880 42.91 -21.77 -7.63
C ALA B 880 42.55 -22.69 -6.47
N LEU B 881 41.33 -22.58 -5.95
CA LEU B 881 40.88 -23.47 -4.88
C LEU B 881 40.85 -24.90 -5.35
N LEU B 882 40.36 -25.14 -6.57
CA LEU B 882 40.27 -26.51 -7.07
C LEU B 882 41.65 -27.09 -7.34
N ALA B 883 42.57 -26.28 -7.89
CA ALA B 883 43.93 -26.74 -8.14
C ALA B 883 44.69 -26.97 -6.84
N GLY B 884 44.45 -26.15 -5.82
CA GLY B 884 44.99 -26.43 -4.51
C GLY B 884 44.40 -27.71 -3.92
N THR B 885 43.13 -27.97 -4.20
CA THR B 885 42.55 -29.24 -3.78
C THR B 885 43.25 -30.42 -4.46
N ILE B 886 43.57 -30.26 -5.75
CA ILE B 886 44.28 -31.33 -6.46
C ILE B 886 45.68 -31.52 -5.90
N THR B 887 46.50 -30.49 -5.97
CA THR B 887 47.93 -30.64 -5.75
C THR B 887 48.30 -30.54 -4.27
N SER B 888 47.65 -29.65 -3.53
CA SER B 888 47.91 -29.50 -2.11
C SER B 888 46.84 -30.12 -1.23
N GLY B 889 45.59 -30.09 -1.66
CA GLY B 889 44.54 -30.75 -0.90
C GLY B 889 44.02 -29.87 0.21
N TRP B 890 43.99 -30.42 1.42
CA TRP B 890 43.51 -29.71 2.60
C TRP B 890 44.58 -28.83 3.24
N THR B 891 45.84 -28.99 2.84
CA THR B 891 46.92 -28.32 3.56
C THR B 891 46.98 -26.83 3.23
N PHE B 892 46.60 -26.42 2.03
CA PHE B 892 46.74 -25.03 1.64
C PHE B 892 45.80 -24.10 2.39
N GLY B 893 44.97 -24.61 3.30
CA GLY B 893 44.18 -23.79 4.18
C GLY B 893 44.86 -23.38 5.47
N ALA B 894 46.02 -23.97 5.76
CA ALA B 894 46.76 -23.70 6.99
C ALA B 894 48.14 -23.15 6.66
N GLY B 895 48.21 -22.21 5.72
CA GLY B 895 49.47 -21.64 5.30
C GLY B 895 49.68 -21.78 3.80
N ALA B 896 50.93 -21.86 3.37
CA ALA B 896 51.21 -22.07 1.96
C ALA B 896 50.78 -23.47 1.54
N ALA B 897 50.54 -23.64 0.25
CA ALA B 897 50.17 -24.95 -0.27
C ALA B 897 51.35 -25.91 -0.15
N LEU B 898 51.04 -27.16 0.18
CA LEU B 898 52.04 -28.21 0.30
C LEU B 898 51.67 -29.32 -0.67
N GLN B 899 52.57 -29.62 -1.60
CA GLN B 899 52.24 -30.51 -2.70
C GLN B 899 51.88 -31.90 -2.20
N ILE B 900 50.92 -32.53 -2.87
CA ILE B 900 50.54 -33.91 -2.59
C ILE B 900 49.85 -34.49 -3.82
N PRO B 901 50.23 -35.68 -4.27
CA PRO B 901 49.55 -36.29 -5.41
C PRO B 901 48.07 -36.55 -5.11
N PHE B 902 47.25 -36.40 -6.15
CA PHE B 902 45.82 -36.66 -6.00
C PHE B 902 45.54 -38.08 -5.55
N ALA B 903 46.36 -39.04 -5.98
CA ALA B 903 46.21 -40.41 -5.49
C ALA B 903 46.47 -40.49 -3.99
N MET B 904 47.35 -39.62 -3.48
CA MET B 904 47.59 -39.59 -2.04
C MET B 904 46.50 -38.85 -1.29
N GLN B 905 45.86 -37.87 -1.94
CA GLN B 905 44.86 -37.07 -1.24
C GLN B 905 43.60 -37.88 -0.95
N MET B 906 43.09 -38.62 -1.95
CA MET B 906 42.02 -39.56 -1.70
C MET B 906 42.49 -40.74 -0.85
N ALA B 907 43.79 -41.03 -0.87
CA ALA B 907 44.31 -42.11 -0.02
C ALA B 907 44.11 -41.80 1.46
N TYR B 908 43.85 -40.55 1.80
CA TYR B 908 43.51 -40.18 3.16
C TYR B 908 42.14 -39.56 3.29
N ARG B 909 41.51 -39.15 2.19
CA ARG B 909 40.11 -38.76 2.27
C ARG B 909 39.20 -39.97 2.40
N PHE B 910 39.65 -41.15 1.95
CA PHE B 910 39.03 -42.38 2.41
C PHE B 910 39.33 -42.63 3.88
N ASN B 911 40.56 -42.37 4.31
CA ASN B 911 40.91 -42.63 5.70
C ASN B 911 40.14 -41.73 6.66
N GLY B 912 39.65 -40.59 6.17
CA GLY B 912 38.85 -39.72 7.03
C GLY B 912 37.51 -40.33 7.41
N ILE B 913 36.88 -41.05 6.48
CA ILE B 913 35.54 -41.59 6.71
C ILE B 913 35.63 -42.99 7.28
N GLY B 914 36.80 -43.34 7.81
CA GLY B 914 36.99 -44.67 8.35
C GLY B 914 37.13 -45.75 7.31
N VAL B 915 37.51 -45.40 6.09
CA VAL B 915 37.71 -46.36 5.00
C VAL B 915 39.21 -46.45 4.73
N THR B 916 39.74 -47.66 4.80
CA THR B 916 41.18 -47.85 4.62
C THR B 916 41.59 -47.51 3.20
N GLN B 917 42.78 -46.94 3.06
CA GLN B 917 43.30 -46.50 1.76
C GLN B 917 43.55 -47.64 0.80
N ASN B 918 43.61 -48.88 1.28
CA ASN B 918 43.75 -50.02 0.38
C ASN B 918 42.60 -50.08 -0.62
N VAL B 919 41.44 -49.55 -0.24
CA VAL B 919 40.32 -49.46 -1.17
C VAL B 919 40.74 -48.76 -2.46
N LEU B 920 41.20 -47.51 -2.35
CA LEU B 920 41.68 -46.79 -3.53
C LEU B 920 42.88 -47.48 -4.13
N TYR B 921 43.88 -47.82 -3.31
CA TYR B 921 45.10 -48.38 -3.87
C TYR B 921 44.86 -49.69 -4.60
N GLU B 922 43.66 -50.28 -4.48
CA GLU B 922 43.31 -51.44 -5.28
C GLU B 922 42.28 -51.18 -6.37
N ASN B 923 41.45 -50.15 -6.26
CA ASN B 923 40.44 -49.91 -7.29
C ASN B 923 40.43 -48.45 -7.74
N GLN B 924 41.61 -47.84 -7.86
CA GLN B 924 41.70 -46.44 -8.26
C GLN B 924 41.10 -46.18 -9.64
N LYS B 925 41.36 -47.09 -10.59
CA LYS B 925 40.80 -46.91 -11.93
C LYS B 925 39.27 -46.93 -11.88
N LEU B 926 38.70 -47.85 -11.10
CA LEU B 926 37.25 -47.89 -10.96
C LEU B 926 36.73 -46.61 -10.30
N ILE B 927 37.47 -46.09 -9.31
CA ILE B 927 37.08 -44.83 -8.67
C ILE B 927 37.02 -43.73 -9.71
N ALA B 928 38.04 -43.67 -10.57
CA ALA B 928 38.05 -42.70 -11.66
C ALA B 928 36.86 -42.89 -12.58
N ASN B 929 36.51 -44.15 -12.85
CA ASN B 929 35.36 -44.43 -13.71
C ASN B 929 34.08 -43.86 -13.12
N GLN B 930 33.82 -44.13 -11.83
CA GLN B 930 32.62 -43.58 -11.22
C GLN B 930 32.65 -42.05 -11.18
N PHE B 931 33.83 -41.48 -10.89
CA PHE B 931 33.95 -40.02 -10.83
C PHE B 931 33.60 -39.40 -12.18
N ASN B 932 34.20 -39.91 -13.25
CA ASN B 932 33.94 -39.36 -14.58
C ASN B 932 32.50 -39.63 -15.02
N SER B 933 31.94 -40.78 -14.62
CA SER B 933 30.55 -41.06 -14.95
C SER B 933 29.61 -40.06 -14.29
N ALA B 934 29.86 -39.73 -13.02
CA ALA B 934 29.04 -38.74 -12.35
C ALA B 934 29.22 -37.35 -12.97
N ILE B 935 30.45 -37.01 -13.34
CA ILE B 935 30.68 -35.75 -14.05
C ILE B 935 29.89 -35.72 -15.35
N GLY B 936 29.88 -36.84 -16.08
CA GLY B 936 29.07 -36.92 -17.29
C GLY B 936 27.59 -36.75 -17.02
N LYS B 937 27.12 -37.34 -15.92
CA LYS B 937 25.73 -37.14 -15.51
C LYS B 937 25.43 -35.70 -15.13
N ILE B 938 26.46 -34.93 -14.76
CA ILE B 938 26.24 -33.53 -14.41
C ILE B 938 25.70 -32.75 -15.62
N GLN B 939 26.29 -32.95 -16.80
CA GLN B 939 25.79 -32.25 -17.98
C GLN B 939 24.34 -32.62 -18.26
N ASP B 940 23.99 -33.90 -18.12
CA ASP B 940 22.62 -34.33 -18.33
C ASP B 940 21.68 -33.68 -17.32
N SER B 941 22.12 -33.59 -16.06
CA SER B 941 21.29 -32.94 -15.04
C SER B 941 21.07 -31.47 -15.37
N LEU B 942 22.10 -30.77 -15.81
CA LEU B 942 21.94 -29.38 -16.23
C LEU B 942 21.01 -29.25 -17.42
N SER B 943 21.16 -30.12 -18.43
CA SER B 943 20.44 -29.92 -19.69
C SER B 943 19.00 -30.39 -19.60
N SER B 944 18.79 -31.67 -19.29
CA SER B 944 17.45 -32.25 -19.32
C SER B 944 16.56 -31.73 -18.19
N THR B 945 17.13 -31.31 -17.07
CA THR B 945 16.36 -30.89 -15.91
C THR B 945 16.49 -29.39 -15.73
N ALA B 946 15.34 -28.71 -15.62
CA ALA B 946 15.31 -27.28 -15.37
C ALA B 946 15.35 -26.93 -13.88
N SER B 947 15.23 -27.93 -13.00
CA SER B 947 15.28 -27.72 -11.57
C SER B 947 16.57 -28.24 -10.94
N ALA B 948 17.56 -28.62 -11.75
CA ALA B 948 18.84 -29.06 -11.22
C ALA B 948 19.52 -27.94 -10.46
N LEU B 949 19.49 -26.73 -11.01
CA LEU B 949 19.99 -25.51 -10.37
C LEU B 949 18.87 -24.72 -9.74
N GLY B 950 17.92 -25.40 -9.10
CA GLY B 950 16.75 -24.73 -8.59
C GLY B 950 17.07 -23.61 -7.63
N LYS B 951 17.98 -23.84 -6.68
CA LYS B 951 18.26 -22.85 -5.64
C LYS B 951 18.84 -21.57 -6.23
N LEU B 952 19.91 -21.69 -7.02
CA LEU B 952 20.52 -20.52 -7.63
C LEU B 952 19.56 -19.84 -8.61
N GLN B 953 18.83 -20.63 -9.39
CA GLN B 953 17.87 -20.05 -10.32
C GLN B 953 16.80 -19.25 -9.59
N ASN B 954 16.27 -19.78 -8.49
CA ASN B 954 15.23 -19.07 -7.77
C ASN B 954 15.79 -17.91 -6.98
N VAL B 955 17.07 -17.94 -6.60
CA VAL B 955 17.68 -16.79 -5.96
C VAL B 955 17.82 -15.64 -6.95
N VAL B 956 18.36 -15.95 -8.15
CA VAL B 956 18.44 -14.94 -9.20
C VAL B 956 17.06 -14.43 -9.54
N ASN B 957 16.07 -15.32 -9.56
CA ASN B 957 14.69 -14.90 -9.77
C ASN B 957 14.24 -13.94 -8.68
N GLN B 958 14.17 -14.42 -7.43
CA GLN B 958 13.82 -13.60 -6.29
C GLN B 958 14.39 -12.20 -6.40
N ASN B 959 15.67 -12.09 -6.74
CA ASN B 959 16.25 -10.77 -7.00
C ASN B 959 15.58 -10.10 -8.19
N ALA B 960 15.34 -10.85 -9.26
CA ALA B 960 14.81 -10.26 -10.49
C ALA B 960 13.43 -9.67 -10.29
N GLN B 961 12.49 -10.46 -9.73
CA GLN B 961 11.17 -9.86 -9.45
C GLN B 961 11.19 -8.94 -8.23
N ALA B 962 12.19 -9.00 -7.35
CA ALA B 962 12.28 -7.98 -6.32
C ALA B 962 12.54 -6.61 -6.95
N LEU B 963 13.57 -6.52 -7.79
CA LEU B 963 13.79 -5.29 -8.54
C LEU B 963 12.63 -4.97 -9.46
N ASN B 964 11.98 -5.99 -10.03
CA ASN B 964 10.88 -5.75 -10.94
C ASN B 964 9.71 -5.09 -10.22
N THR B 965 9.26 -5.68 -9.10
CA THR B 965 8.17 -5.06 -8.37
C THR B 965 8.59 -3.70 -7.84
N LEU B 966 9.86 -3.54 -7.45
CA LEU B 966 10.35 -2.22 -7.07
C LEU B 966 10.10 -1.23 -8.20
N VAL B 967 10.26 -1.66 -9.45
CA VAL B 967 9.95 -0.81 -10.59
C VAL B 967 8.44 -0.56 -10.69
N LYS B 968 7.63 -1.61 -10.54
CA LYS B 968 6.18 -1.45 -10.70
C LYS B 968 5.57 -0.51 -9.66
N GLN B 969 6.10 -0.44 -8.44
CA GLN B 969 5.54 0.54 -7.52
C GLN B 969 5.74 1.98 -8.00
N LEU B 970 6.62 2.22 -8.97
CA LEU B 970 6.62 3.54 -9.61
C LEU B 970 5.35 3.77 -10.43
N SER B 971 4.70 2.70 -10.88
CA SER B 971 3.44 2.81 -11.61
C SER B 971 2.22 2.76 -10.69
N SER B 972 2.36 2.19 -9.49
CA SER B 972 1.24 2.09 -8.58
C SER B 972 0.81 3.48 -8.11
N ASN B 973 -0.50 3.70 -8.06
CA ASN B 973 -1.02 5.00 -7.67
C ASN B 973 -0.82 5.26 -6.18
N PHE B 974 -0.86 4.22 -5.35
CA PHE B 974 -0.64 4.33 -3.92
C PHE B 974 -1.62 5.29 -3.25
N GLY B 975 -2.83 5.41 -3.81
CA GLY B 975 -3.83 6.33 -3.32
C GLY B 975 -3.77 7.71 -3.92
N ALA B 976 -2.76 8.01 -4.73
CA ALA B 976 -2.69 9.28 -5.43
C ALA B 976 -3.57 9.25 -6.68
N ILE B 977 -3.77 10.44 -7.27
CA ILE B 977 -4.61 10.53 -8.45
C ILE B 977 -3.98 9.78 -9.62
N SER B 978 -2.66 9.78 -9.71
CA SER B 978 -1.95 9.06 -10.77
C SER B 978 -0.52 8.82 -10.31
N SER B 979 0.25 8.18 -11.17
CA SER B 979 1.65 7.85 -10.88
C SER B 979 2.63 8.75 -11.59
N VAL B 980 2.17 9.86 -12.16
CA VAL B 980 3.02 10.81 -12.87
C VAL B 980 3.01 12.13 -12.11
N LEU B 981 4.16 12.46 -11.51
CA LEU B 981 4.28 13.71 -10.77
C LEU B 981 4.07 14.91 -11.69
N ASN B 982 4.62 14.85 -12.90
CA ASN B 982 4.44 15.93 -13.86
C ASN B 982 2.98 16.07 -14.23
N ASP B 983 2.28 14.96 -14.42
CA ASP B 983 0.84 15.01 -14.72
C ASP B 983 0.06 15.64 -13.57
N ILE B 984 0.40 15.28 -12.33
CA ILE B 984 -0.29 15.85 -11.18
C ILE B 984 -0.09 17.36 -11.14
N LEU B 985 1.16 17.79 -11.26
CA LEU B 985 1.46 19.22 -11.19
C LEU B 985 0.82 19.99 -12.33
N SER B 986 0.81 19.41 -13.53
CA SER B 986 0.20 20.09 -14.67
C SER B 986 -1.33 20.13 -14.54
N ARG B 987 -1.92 19.10 -13.95
CA ARG B 987 -3.38 19.04 -13.85
C ARG B 987 -3.90 19.98 -12.79
N LEU B 988 -3.38 19.89 -11.57
CA LEU B 988 -3.94 20.66 -10.47
C LEU B 988 -2.95 21.70 -9.95
N ASP B 989 -3.50 22.66 -9.21
CA ASP B 989 -2.69 23.71 -8.61
C ASP B 989 -1.77 23.12 -7.55
N PRO B 990 -0.64 23.78 -7.27
CA PRO B 990 0.27 23.26 -6.26
C PRO B 990 -0.32 23.11 -4.87
N PRO B 991 -1.29 23.93 -4.40
CA PRO B 991 -1.80 23.70 -3.04
C PRO B 991 -2.31 22.29 -2.78
N GLU B 992 -2.91 21.64 -3.77
CA GLU B 992 -3.33 20.25 -3.64
C GLU B 992 -2.36 19.27 -4.28
N ALA B 993 -1.61 19.71 -5.30
CA ALA B 993 -0.61 18.84 -5.89
C ALA B 993 0.44 18.45 -4.87
N GLU B 994 0.82 19.39 -3.99
CA GLU B 994 1.80 19.06 -2.97
C GLU B 994 1.32 17.90 -2.11
N VAL B 995 0.04 17.92 -1.71
CA VAL B 995 -0.51 16.82 -0.92
C VAL B 995 -0.53 15.53 -1.74
N GLN B 996 -0.84 15.63 -3.04
CA GLN B 996 -0.86 14.44 -3.89
C GLN B 996 0.51 13.77 -3.94
N ILE B 997 1.56 14.54 -4.27
CA ILE B 997 2.90 13.95 -4.26
C ILE B 997 3.33 13.58 -2.84
N ASP B 998 2.81 14.22 -1.81
CA ASP B 998 3.09 13.78 -0.45
C ASP B 998 2.63 12.34 -0.24
N ARG B 999 1.38 12.06 -0.58
CA ARG B 999 0.85 10.70 -0.43
C ARG B 999 1.59 9.72 -1.34
N LEU B 1000 1.83 10.12 -2.59
CA LEU B 1000 2.52 9.24 -3.53
C LEU B 1000 3.92 8.90 -3.03
N ILE B 1001 4.61 9.90 -2.47
CA ILE B 1001 6.00 9.72 -2.09
C ILE B 1001 6.09 8.95 -0.78
N THR B 1002 5.09 9.11 0.09
CA THR B 1002 5.01 8.26 1.26
C THR B 1002 4.81 6.81 0.85
N GLY B 1003 3.96 6.57 -0.15
CA GLY B 1003 3.80 5.21 -0.66
C GLY B 1003 5.09 4.65 -1.24
N ARG B 1004 5.79 5.46 -2.04
CA ARG B 1004 7.05 5.00 -2.63
C ARG B 1004 8.10 4.72 -1.57
N LEU B 1005 8.19 5.59 -0.55
CA LEU B 1005 9.14 5.35 0.53
C LEU B 1005 8.81 4.08 1.30
N GLN B 1006 7.52 3.84 1.56
CA GLN B 1006 7.11 2.61 2.23
C GLN B 1006 7.47 1.40 1.38
N SER B 1007 7.27 1.50 0.06
CA SER B 1007 7.65 0.41 -0.83
C SER B 1007 9.14 0.15 -0.79
N LEU B 1008 9.95 1.21 -0.78
CA LEU B 1008 11.40 1.03 -0.73
C LEU B 1008 11.83 0.48 0.62
N GLN B 1009 11.17 0.89 1.70
CA GLN B 1009 11.45 0.32 3.01
C GLN B 1009 11.13 -1.16 3.04
N THR B 1010 9.99 -1.56 2.45
CA THR B 1010 9.65 -2.97 2.37
C THR B 1010 10.68 -3.73 1.56
N TYR B 1011 11.11 -3.16 0.43
CA TYR B 1011 12.12 -3.82 -0.39
C TYR B 1011 13.42 -3.98 0.37
N VAL B 1012 13.84 -2.94 1.10
CA VAL B 1012 15.13 -3.01 1.79
C VAL B 1012 15.05 -3.96 2.98
N THR B 1013 13.91 -4.05 3.66
CA THR B 1013 13.78 -5.02 4.74
C THR B 1013 13.77 -6.44 4.20
N GLN B 1014 13.02 -6.67 3.11
CA GLN B 1014 13.05 -7.97 2.46
C GLN B 1014 14.45 -8.30 1.98
N GLN B 1015 15.17 -7.30 1.46
CA GLN B 1015 16.54 -7.50 1.03
C GLN B 1015 17.45 -7.84 2.19
N LEU B 1016 17.23 -7.20 3.34
CA LEU B 1016 18.04 -7.50 4.52
C LEU B 1016 17.79 -8.92 5.01
N ILE B 1017 16.53 -9.35 5.04
CA ILE B 1017 16.24 -10.72 5.48
C ILE B 1017 16.77 -11.73 4.46
N ARG B 1018 16.57 -11.46 3.18
CA ARG B 1018 17.08 -12.35 2.14
C ARG B 1018 18.59 -12.40 2.15
N ALA B 1019 19.25 -11.27 2.42
CA ALA B 1019 20.69 -11.24 2.52
C ALA B 1019 21.17 -11.91 3.80
N ALA B 1020 20.35 -11.91 4.84
CA ALA B 1020 20.68 -12.71 6.02
C ALA B 1020 20.65 -14.19 5.69
N GLU B 1021 19.64 -14.62 4.92
CA GLU B 1021 19.60 -16.00 4.44
C GLU B 1021 20.82 -16.28 3.55
N ILE B 1022 21.15 -15.35 2.67
CA ILE B 1022 22.30 -15.50 1.78
C ILE B 1022 23.59 -15.54 2.58
N ARG B 1023 23.64 -14.80 3.68
CA ARG B 1023 24.82 -14.79 4.55
C ARG B 1023 24.94 -16.11 5.29
N ALA B 1024 23.81 -16.66 5.75
CA ALA B 1024 23.82 -17.99 6.35
C ALA B 1024 24.33 -19.02 5.35
N SER B 1025 23.84 -18.96 4.11
CA SER B 1025 24.32 -19.87 3.08
C SER B 1025 25.77 -19.61 2.71
N ALA B 1026 26.23 -18.36 2.81
CA ALA B 1026 27.60 -18.03 2.47
C ALA B 1026 28.56 -18.54 3.54
N ASN B 1027 28.19 -18.40 4.81
CA ASN B 1027 28.98 -18.99 5.88
C ASN B 1027 28.92 -20.51 5.81
N LEU B 1028 27.79 -21.06 5.38
CA LEU B 1028 27.68 -22.50 5.19
C LEU B 1028 28.60 -22.97 4.06
N ALA B 1029 28.68 -22.20 2.98
CA ALA B 1029 29.57 -22.54 1.88
C ALA B 1029 31.03 -22.37 2.28
N ALA B 1030 31.34 -21.33 3.04
CA ALA B 1030 32.70 -21.16 3.55
C ALA B 1030 33.07 -22.31 4.47
N THR B 1031 32.13 -22.76 5.30
CA THR B 1031 32.38 -23.90 6.16
C THR B 1031 32.58 -25.17 5.33
N LYS B 1032 31.79 -25.35 4.28
CA LYS B 1032 31.95 -26.53 3.44
C LYS B 1032 33.25 -26.49 2.67
N MET B 1033 33.74 -25.31 2.33
CA MET B 1033 35.01 -25.20 1.63
C MET B 1033 36.19 -25.37 2.58
N SER B 1034 36.07 -24.88 3.81
CA SER B 1034 37.13 -25.05 4.78
C SER B 1034 37.21 -26.50 5.26
N GLU B 1035 36.07 -27.10 5.58
CA GLU B 1035 36.02 -28.44 6.13
C GLU B 1035 35.97 -29.52 5.06
N CYS B 1036 35.67 -29.17 3.83
CA CYS B 1036 35.19 -30.11 2.83
C CYS B 1036 35.95 -29.98 1.53
N VAL B 1037 36.31 -28.76 1.13
CA VAL B 1037 37.25 -28.52 0.04
C VAL B 1037 38.65 -28.42 0.62
N LEU B 1038 38.83 -27.53 1.60
CA LEU B 1038 40.09 -27.39 2.32
C LEU B 1038 40.26 -28.46 3.39
N GLY B 1039 39.45 -29.51 3.35
CA GLY B 1039 39.49 -30.58 4.32
C GLY B 1039 38.52 -31.69 3.99
N GLN B 1040 38.13 -32.49 4.98
CA GLN B 1040 37.17 -33.58 4.79
C GLN B 1040 36.17 -33.52 5.94
N SER B 1041 35.01 -32.90 5.67
CA SER B 1041 34.03 -32.65 6.72
C SER B 1041 33.50 -33.95 7.31
N LYS B 1042 33.37 -33.99 8.62
CA LYS B 1042 32.83 -35.15 9.32
C LYS B 1042 31.38 -34.96 9.73
N ARG B 1043 30.78 -33.80 9.44
CA ARG B 1043 29.38 -33.55 9.70
C ARG B 1043 28.54 -34.31 8.67
N VAL B 1044 27.73 -35.26 9.13
CA VAL B 1044 26.92 -36.06 8.21
C VAL B 1044 25.88 -35.17 7.55
N ASP B 1045 25.54 -35.50 6.30
CA ASP B 1045 24.55 -34.78 5.49
C ASP B 1045 24.87 -33.29 5.36
N PHE B 1046 26.14 -32.91 5.50
CA PHE B 1046 26.56 -31.55 5.28
C PHE B 1046 27.13 -31.33 3.89
N CYS B 1047 27.96 -32.27 3.42
CA CYS B 1047 28.52 -32.25 2.07
C CYS B 1047 27.91 -33.36 1.22
N GLY B 1048 26.60 -33.54 1.30
CA GLY B 1048 25.89 -34.51 0.50
C GLY B 1048 25.52 -35.76 1.29
N LYS B 1049 24.79 -36.63 0.62
CA LYS B 1049 24.25 -37.84 1.25
C LYS B 1049 25.30 -38.94 1.19
N GLY B 1050 25.97 -39.19 2.31
CA GLY B 1050 26.93 -40.26 2.42
C GLY B 1050 28.24 -39.78 2.99
N TYR B 1051 29.17 -40.73 3.13
CA TYR B 1051 30.52 -40.42 3.59
C TYR B 1051 31.21 -39.53 2.58
N HIS B 1052 31.47 -38.28 2.96
CA HIS B 1052 31.98 -37.29 2.02
C HIS B 1052 33.49 -37.48 1.78
N LEU B 1053 33.92 -37.12 0.57
CA LEU B 1053 35.32 -37.24 0.17
C LEU B 1053 35.97 -35.89 -0.08
N MET B 1054 35.45 -35.11 -1.01
CA MET B 1054 35.98 -33.78 -1.30
C MET B 1054 34.90 -32.98 -2.02
N SER B 1055 35.24 -31.75 -2.38
CA SER B 1055 34.32 -30.90 -3.11
C SER B 1055 35.10 -30.00 -4.06
N PHE B 1056 34.40 -29.51 -5.09
CA PHE B 1056 34.98 -28.63 -6.10
C PHE B 1056 34.07 -27.42 -6.26
N PRO B 1057 34.52 -26.22 -5.90
CA PRO B 1057 33.70 -25.03 -6.14
C PRO B 1057 33.67 -24.70 -7.63
N GLN B 1058 32.47 -24.46 -8.15
CA GLN B 1058 32.27 -24.07 -9.54
C GLN B 1058 31.31 -22.90 -9.54
N SER B 1059 31.85 -21.68 -9.62
CA SER B 1059 31.04 -20.50 -9.43
C SER B 1059 29.97 -20.39 -10.51
N ALA B 1060 28.79 -19.95 -10.09
CA ALA B 1060 27.71 -19.53 -10.97
C ALA B 1060 27.25 -18.15 -10.48
N PRO B 1061 26.68 -17.33 -11.37
CA PRO B 1061 26.37 -15.95 -10.98
C PRO B 1061 25.46 -15.90 -9.77
N HIS B 1062 25.83 -15.06 -8.81
CA HIS B 1062 25.11 -14.91 -7.54
C HIS B 1062 24.98 -16.25 -6.81
N GLY B 1063 26.08 -17.00 -6.77
CA GLY B 1063 26.08 -18.27 -6.09
C GLY B 1063 27.37 -19.03 -6.30
N VAL B 1064 27.33 -20.30 -5.92
CA VAL B 1064 28.45 -21.22 -6.09
C VAL B 1064 27.88 -22.63 -6.19
N VAL B 1065 28.65 -23.52 -6.80
CA VAL B 1065 28.26 -24.91 -6.99
C VAL B 1065 29.35 -25.80 -6.45
N PHE B 1066 28.97 -26.79 -5.64
CA PHE B 1066 29.90 -27.79 -5.14
C PHE B 1066 29.63 -29.12 -5.82
N LEU B 1067 30.69 -29.90 -5.98
CA LEU B 1067 30.59 -31.24 -6.54
C LEU B 1067 30.99 -32.20 -5.42
N HIS B 1068 30.02 -32.56 -4.59
CA HIS B 1068 30.27 -33.36 -3.40
C HIS B 1068 30.57 -34.80 -3.79
N VAL B 1069 31.85 -35.13 -3.91
CA VAL B 1069 32.25 -36.51 -4.10
C VAL B 1069 32.05 -37.22 -2.76
N THR B 1070 31.12 -38.18 -2.72
CA THR B 1070 30.78 -38.89 -1.51
C THR B 1070 30.98 -40.39 -1.71
N TYR B 1071 30.85 -41.14 -0.62
CA TYR B 1071 31.00 -42.58 -0.62
C TYR B 1071 29.71 -43.20 -0.13
N VAL B 1072 29.13 -44.10 -0.93
CA VAL B 1072 27.85 -44.70 -0.61
C VAL B 1072 27.91 -46.21 -0.83
N PRO B 1073 27.80 -47.03 0.22
CA PRO B 1073 27.74 -48.48 0.01
C PRO B 1073 26.47 -48.88 -0.73
N ALA B 1074 26.59 -49.93 -1.55
CA ALA B 1074 25.47 -50.42 -2.35
C ALA B 1074 25.08 -51.85 -2.03
N GLN B 1075 26.03 -52.78 -2.07
CA GLN B 1075 25.74 -54.21 -1.97
C GLN B 1075 26.13 -54.72 -0.59
N GLU B 1076 25.20 -55.42 0.04
CA GLU B 1076 25.38 -55.96 1.39
C GLU B 1076 25.36 -57.48 1.35
N LYS B 1077 25.65 -58.07 2.52
CA LYS B 1077 25.68 -59.55 2.74
C LYS B 1077 25.48 -59.80 4.24
N ASN B 1078 24.54 -60.69 4.58
CA ASN B 1078 24.22 -60.97 6.00
C ASN B 1078 25.25 -61.93 6.63
N PHE B 1079 25.91 -61.49 7.70
CA PHE B 1079 26.90 -62.29 8.47
C PHE B 1079 26.45 -62.36 9.94
N THR B 1080 27.23 -63.07 10.77
CA THR B 1080 27.05 -63.33 12.19
C THR B 1080 28.09 -62.55 12.99
N THR B 1081 27.67 -62.00 14.14
CA THR B 1081 28.52 -61.15 14.94
C THR B 1081 28.59 -61.65 16.38
N ALA B 1082 29.60 -61.16 17.10
CA ALA B 1082 29.78 -61.38 18.53
C ALA B 1082 30.80 -60.38 19.06
N PRO B 1083 30.50 -59.68 20.15
CA PRO B 1083 31.39 -58.61 20.61
C PRO B 1083 32.78 -59.07 21.01
N ALA B 1084 32.91 -60.27 21.58
CA ALA B 1084 34.17 -60.68 22.19
C ALA B 1084 34.51 -62.10 21.78
N ILE B 1085 35.75 -62.48 22.05
CA ILE B 1085 36.26 -63.81 21.78
C ILE B 1085 37.11 -64.26 22.97
N CYS B 1086 36.82 -65.45 23.49
CA CYS B 1086 37.58 -66.03 24.59
C CYS B 1086 38.30 -67.28 24.09
N HIS B 1087 39.58 -67.14 23.78
CA HIS B 1087 40.40 -68.26 23.33
C HIS B 1087 40.98 -69.04 24.50
N ASP B 1088 41.72 -68.36 25.37
CA ASP B 1088 42.27 -68.95 26.59
C ASP B 1088 41.54 -68.44 27.83
N GLY B 1089 40.25 -68.18 27.70
CA GLY B 1089 39.48 -67.60 28.78
C GLY B 1089 39.56 -66.09 28.88
N LYS B 1090 40.29 -65.44 27.98
CA LYS B 1090 40.41 -63.99 27.97
C LYS B 1090 39.59 -63.41 26.83
N ALA B 1091 38.78 -62.42 27.14
CA ALA B 1091 37.96 -61.79 26.11
C ALA B 1091 38.85 -61.06 25.10
N HIS B 1092 38.29 -60.84 23.91
CA HIS B 1092 39.02 -60.16 22.84
C HIS B 1092 38.02 -59.33 22.05
N PHE B 1093 38.15 -58.01 22.11
CA PHE B 1093 37.25 -57.09 21.44
C PHE B 1093 37.95 -56.44 20.25
N PRO B 1094 37.23 -56.12 19.18
CA PRO B 1094 37.87 -55.55 18.00
C PRO B 1094 38.18 -54.06 18.20
N ARG B 1095 39.38 -53.67 17.78
CA ARG B 1095 39.78 -52.28 17.87
C ARG B 1095 38.87 -51.38 17.03
N GLU B 1096 38.72 -51.72 15.76
CA GLU B 1096 37.80 -51.05 14.86
C GLU B 1096 37.24 -52.07 13.90
N GLY B 1097 35.92 -52.05 13.71
CA GLY B 1097 35.28 -53.03 12.84
C GLY B 1097 34.81 -54.26 13.59
N VAL B 1098 33.51 -54.50 13.60
CA VAL B 1098 32.95 -55.58 14.39
C VAL B 1098 33.38 -56.94 13.85
N PHE B 1099 33.28 -57.95 14.71
CA PHE B 1099 33.56 -59.32 14.31
C PHE B 1099 32.49 -59.82 13.35
N VAL B 1100 32.92 -60.50 12.29
CA VAL B 1100 32.00 -61.11 11.33
C VAL B 1100 32.50 -62.49 10.96
N SER B 1101 31.59 -63.31 10.43
CA SER B 1101 31.94 -64.64 9.96
C SER B 1101 31.23 -64.89 8.64
N ASN B 1102 31.89 -65.64 7.76
CA ASN B 1102 31.32 -66.02 6.48
C ASN B 1102 30.52 -67.32 6.56
N GLY B 1103 30.40 -67.91 7.76
CA GLY B 1103 29.68 -69.15 7.93
C GLY B 1103 30.51 -70.23 8.60
N THR B 1104 31.79 -70.31 8.22
CA THR B 1104 32.71 -71.27 8.81
C THR B 1104 33.78 -70.61 9.67
N HIS B 1105 34.51 -69.65 9.12
CA HIS B 1105 35.54 -68.94 9.86
C HIS B 1105 35.09 -67.52 10.16
N TRP B 1106 35.66 -66.94 11.21
CA TRP B 1106 35.29 -65.62 11.69
C TRP B 1106 36.35 -64.61 11.25
N PHE B 1107 35.91 -63.39 10.94
CA PHE B 1107 36.79 -62.38 10.38
C PHE B 1107 36.46 -61.01 10.96
N VAL B 1108 37.36 -60.07 10.75
CA VAL B 1108 37.20 -58.68 11.18
C VAL B 1108 37.18 -57.79 9.96
N THR B 1109 36.23 -56.87 9.90
CA THR B 1109 36.14 -55.93 8.79
C THR B 1109 35.52 -54.64 9.29
N GLN B 1110 35.89 -53.53 8.66
CA GLN B 1110 35.33 -52.24 9.01
C GLN B 1110 33.85 -52.19 8.63
N ARG B 1111 33.19 -51.11 9.03
CA ARG B 1111 31.74 -51.03 8.86
C ARG B 1111 31.35 -50.84 7.41
N ASN B 1112 32.08 -50.02 6.66
CA ASN B 1112 31.60 -49.52 5.38
C ASN B 1112 32.19 -50.26 4.18
N PHE B 1113 32.98 -51.31 4.39
CA PHE B 1113 33.48 -52.11 3.28
C PHE B 1113 33.95 -53.44 3.81
N TYR B 1114 33.37 -54.53 3.33
CA TYR B 1114 33.77 -55.86 3.76
C TYR B 1114 35.20 -56.12 3.31
N GLU B 1115 36.09 -56.37 4.27
CA GLU B 1115 37.44 -56.81 3.98
C GLU B 1115 37.92 -57.62 5.18
N PRO B 1116 37.97 -58.94 5.07
CA PRO B 1116 38.22 -59.79 6.24
C PRO B 1116 39.64 -59.69 6.76
N GLN B 1117 39.77 -59.88 8.08
CA GLN B 1117 41.06 -60.06 8.74
C GLN B 1117 41.06 -61.39 9.49
N ILE B 1118 42.23 -62.01 9.55
CA ILE B 1118 42.42 -63.16 10.43
C ILE B 1118 42.50 -62.66 11.86
N ILE B 1119 41.63 -63.18 12.73
CA ILE B 1119 41.50 -62.66 14.08
C ILE B 1119 42.78 -63.00 14.85
N THR B 1120 43.58 -61.98 15.14
CA THR B 1120 44.83 -62.13 15.87
C THR B 1120 44.84 -61.15 17.04
N THR B 1121 45.87 -61.27 17.88
CA THR B 1121 45.99 -60.41 19.04
C THR B 1121 46.30 -58.97 18.66
N ASP B 1122 46.74 -58.72 17.42
CA ASP B 1122 47.10 -57.36 17.02
C ASP B 1122 45.87 -56.47 16.93
N ASN B 1123 44.74 -57.01 16.45
CA ASN B 1123 43.52 -56.25 16.29
C ASN B 1123 42.56 -56.39 17.46
N THR B 1124 42.95 -57.11 18.51
CA THR B 1124 42.09 -57.34 19.66
C THR B 1124 42.80 -56.91 20.94
N PHE B 1125 42.00 -56.47 21.91
CA PHE B 1125 42.50 -56.14 23.24
C PHE B 1125 41.66 -56.84 24.29
N VAL B 1126 42.33 -57.42 25.29
CA VAL B 1126 41.65 -58.16 26.34
C VAL B 1126 41.06 -57.18 27.34
N SER B 1127 39.81 -57.43 27.75
CA SER B 1127 39.15 -56.61 28.76
C SER B 1127 38.14 -57.48 29.49
N GLY B 1128 38.48 -57.87 30.72
CA GLY B 1128 37.56 -58.61 31.56
C GLY B 1128 37.47 -60.08 31.22
N ASN B 1129 36.56 -60.76 31.91
CA ASN B 1129 36.34 -62.18 31.73
C ASN B 1129 35.23 -62.40 30.69
N CYS B 1130 34.84 -63.66 30.48
CA CYS B 1130 33.92 -64.01 29.42
C CYS B 1130 32.46 -63.92 29.84
N ASP B 1131 32.12 -64.34 31.06
CA ASP B 1131 30.72 -64.41 31.47
C ASP B 1131 30.08 -63.04 31.66
N VAL B 1132 30.86 -61.95 31.65
CA VAL B 1132 30.29 -60.61 31.78
C VAL B 1132 29.85 -60.04 30.45
N VAL B 1133 30.26 -60.64 29.33
CA VAL B 1133 30.00 -60.10 28.01
C VAL B 1133 28.75 -60.76 27.44
N ILE B 1134 27.83 -59.95 26.93
CA ILE B 1134 26.59 -60.44 26.32
C ILE B 1134 26.82 -60.63 24.82
N GLY B 1135 26.47 -61.81 24.32
CA GLY B 1135 26.63 -62.11 22.91
C GLY B 1135 27.96 -62.69 22.52
N ILE B 1136 28.89 -62.85 23.48
CA ILE B 1136 30.19 -63.42 23.16
C ILE B 1136 30.04 -64.86 22.72
N VAL B 1137 30.85 -65.28 21.76
CA VAL B 1137 30.91 -66.66 21.31
C VAL B 1137 32.34 -67.17 21.46
N ASN B 1138 32.47 -68.47 21.69
CA ASN B 1138 33.78 -69.09 21.69
C ASN B 1138 34.37 -69.03 20.29
N ASN B 1139 35.68 -68.85 20.21
CA ASN B 1139 36.34 -68.72 18.91
C ASN B 1139 37.81 -69.07 19.07
N THR B 1140 38.45 -69.33 17.93
CA THR B 1140 39.87 -69.68 17.88
C THR B 1140 40.67 -68.49 17.36
N VAL B 1141 41.72 -68.13 18.08
CA VAL B 1141 42.57 -66.99 17.73
C VAL B 1141 43.91 -67.51 17.24
N TYR B 1142 44.34 -67.03 16.07
CA TYR B 1142 45.63 -67.42 15.53
C TYR B 1142 46.77 -66.87 16.39
N ASP B 1143 47.84 -67.65 16.51
CA ASP B 1143 48.99 -67.26 17.31
C ASP B 1143 50.15 -66.92 16.39
N PRO B 1144 50.47 -65.63 16.18
CA PRO B 1144 51.60 -65.22 15.34
C PRO B 1144 52.95 -65.56 15.96
N PRO C 31 44.24 45.25 -13.80
CA PRO C 31 44.99 44.18 -13.11
C PRO C 31 44.45 43.91 -11.71
N PRO C 32 43.32 43.22 -11.60
CA PRO C 32 42.77 42.92 -10.27
C PRO C 32 43.62 41.92 -9.51
N ALA C 33 44.24 42.38 -8.43
CA ALA C 33 45.17 41.57 -7.65
C ALA C 33 44.39 40.63 -6.75
N TYR C 34 43.85 39.57 -7.36
CA TYR C 34 43.22 38.51 -6.58
C TYR C 34 44.26 37.76 -5.76
N THR C 35 43.83 37.24 -4.62
CA THR C 35 44.69 36.48 -3.74
C THR C 35 43.89 35.34 -3.10
N ASN C 36 44.62 34.33 -2.65
CA ASN C 36 44.00 33.16 -2.04
C ASN C 36 43.42 33.54 -0.67
N SER C 37 42.11 33.34 -0.51
CA SER C 37 41.43 33.69 0.73
C SER C 37 41.82 32.79 1.89
N PHE C 38 42.52 31.69 1.63
CA PHE C 38 43.01 30.76 2.67
C PHE C 38 41.78 30.13 3.33
N THR C 39 41.81 29.88 4.64
CA THR C 39 40.71 29.23 5.35
C THR C 39 40.00 30.18 6.31
N ARG C 40 40.04 31.47 6.04
CA ARG C 40 39.40 32.45 6.92
C ARG C 40 37.91 32.55 6.61
N GLY C 41 37.21 33.36 7.40
CA GLY C 41 35.81 33.63 7.16
C GLY C 41 34.82 32.78 7.93
N VAL C 42 35.30 31.98 8.88
CA VAL C 42 34.43 31.07 9.63
C VAL C 42 33.98 31.77 10.92
N TYR C 43 32.68 31.75 11.17
CA TYR C 43 32.10 32.37 12.35
C TYR C 43 31.25 31.35 13.10
N TYR C 44 30.81 31.73 14.29
CA TYR C 44 29.90 30.89 15.06
C TYR C 44 28.50 31.01 14.48
N PRO C 45 27.92 29.94 13.94
CA PRO C 45 26.58 30.06 13.34
C PRO C 45 25.49 30.35 14.35
N ASP C 46 25.66 29.93 15.60
CA ASP C 46 24.61 30.04 16.59
C ASP C 46 25.21 30.22 17.98
N LYS C 47 24.39 30.72 18.90
CA LYS C 47 24.83 31.13 20.22
C LYS C 47 24.68 30.03 21.27
N VAL C 48 24.71 28.76 20.87
CA VAL C 48 24.52 27.64 21.78
C VAL C 48 25.86 26.92 21.95
N PHE C 49 26.21 26.63 23.21
CA PHE C 49 27.49 25.98 23.51
C PHE C 49 27.45 24.51 23.12
N ARG C 50 28.48 24.06 22.43
CA ARG C 50 28.63 22.66 22.07
C ARG C 50 30.06 22.23 22.38
N SER C 51 30.22 20.99 22.79
CA SER C 51 31.50 20.49 23.28
C SER C 51 31.90 19.24 22.52
N SER C 52 33.07 19.27 21.90
CA SER C 52 33.69 18.10 21.28
C SER C 52 32.78 17.43 20.26
N VAL C 53 32.07 18.24 19.49
CA VAL C 53 31.12 17.75 18.50
C VAL C 53 31.48 18.33 17.13
N LEU C 54 31.45 17.46 16.12
CA LEU C 54 31.69 17.86 14.73
C LEU C 54 30.33 18.05 14.07
N HIS C 55 29.80 19.26 14.17
CA HIS C 55 28.44 19.55 13.73
C HIS C 55 28.44 20.23 12.36
N SER C 56 27.54 19.79 11.50
CA SER C 56 27.40 20.35 10.16
C SER C 56 26.38 21.47 10.14
N THR C 57 26.59 22.43 9.23
CA THR C 57 25.67 23.55 9.08
C THR C 57 25.81 24.13 7.68
N GLN C 58 24.67 24.55 7.12
CA GLN C 58 24.62 25.20 5.82
C GLN C 58 24.01 26.58 5.97
N ASP C 59 24.73 27.60 5.52
CA ASP C 59 24.29 28.98 5.65
C ASP C 59 25.16 29.84 4.73
N LEU C 60 24.91 31.15 4.75
CA LEU C 60 25.66 32.09 3.93
C LEU C 60 27.12 32.11 4.39
N PHE C 61 28.02 31.55 3.56
CA PHE C 61 29.38 31.25 3.97
C PHE C 61 30.38 31.75 2.92
N LEU C 62 31.61 32.00 3.38
CA LEU C 62 32.75 32.33 2.54
C LEU C 62 33.45 31.07 2.07
N PRO C 63 33.67 30.91 0.76
CA PRO C 63 34.32 29.70 0.27
C PRO C 63 35.75 29.59 0.77
N PHE C 64 36.22 28.36 0.90
CA PHE C 64 37.61 28.12 1.25
C PHE C 64 38.47 28.11 -0.01
N PHE C 65 39.71 28.60 0.14
CA PHE C 65 40.69 28.63 -0.93
C PHE C 65 40.14 29.35 -2.16
N SER C 66 39.46 30.47 -1.92
CA SER C 66 38.86 31.29 -2.97
C SER C 66 39.65 32.58 -3.13
N ASN C 67 39.15 33.46 -3.99
CA ASN C 67 39.79 34.74 -4.30
C ASN C 67 38.99 35.88 -3.69
N VAL C 68 39.67 36.80 -3.02
CA VAL C 68 39.05 37.99 -2.45
C VAL C 68 39.58 39.21 -3.20
N THR C 69 38.68 40.10 -3.59
CA THR C 69 39.02 41.24 -4.43
C THR C 69 39.54 42.39 -3.55
N TRP C 70 40.81 42.74 -3.72
CA TRP C 70 41.40 43.86 -3.02
C TRP C 70 40.91 45.18 -3.60
N PHE C 71 40.75 46.18 -2.74
CA PHE C 71 40.37 47.52 -3.14
C PHE C 71 41.59 48.44 -3.08
N HIS C 72 41.84 49.15 -4.17
CA HIS C 72 43.04 49.96 -4.30
C HIS C 72 42.92 51.23 -3.48
N ALA C 73 43.95 52.09 -3.57
CA ALA C 73 43.98 53.39 -2.91
C ALA C 73 44.45 54.41 -3.94
N ILE C 74 43.48 54.98 -4.69
CA ILE C 74 43.77 55.97 -5.72
C ILE C 74 42.86 57.17 -5.51
N HIS C 75 43.24 58.29 -6.10
CA HIS C 75 42.53 59.55 -5.96
C HIS C 75 42.37 59.94 -4.49
N ASP C 86 38.02 56.92 -9.41
CA ASP C 86 37.34 55.63 -9.37
C ASP C 86 36.68 55.43 -8.02
N ASN C 87 35.35 55.48 -8.02
CA ASN C 87 34.54 55.35 -6.80
C ASN C 87 33.42 54.33 -7.00
N PRO C 88 33.77 53.04 -7.04
CA PRO C 88 32.76 52.01 -7.33
C PRO C 88 31.72 51.89 -6.22
N VAL C 89 30.52 51.49 -6.62
CA VAL C 89 29.41 51.24 -5.72
C VAL C 89 29.03 49.77 -5.85
N LEU C 90 29.02 49.06 -4.73
CA LEU C 90 28.84 47.61 -4.82
C LEU C 90 27.50 47.17 -4.26
N PRO C 91 26.81 46.25 -4.92
CA PRO C 91 25.62 45.63 -4.31
C PRO C 91 26.00 44.70 -3.18
N PHE C 92 25.07 44.53 -2.24
CA PHE C 92 25.32 43.66 -1.09
C PHE C 92 25.19 42.19 -1.46
N ASN C 93 24.23 41.86 -2.33
CA ASN C 93 23.95 40.49 -2.74
C ASN C 93 23.54 39.63 -1.54
N ASP C 94 23.69 38.31 -1.66
CA ASP C 94 23.30 37.42 -0.57
C ASP C 94 24.14 37.63 0.68
N GLY C 95 25.45 37.79 0.51
CA GLY C 95 26.33 38.04 1.64
C GLY C 95 27.72 38.46 1.21
N VAL C 96 28.39 39.26 2.03
CA VAL C 96 29.73 39.76 1.73
C VAL C 96 30.60 39.58 2.95
N TYR C 97 31.69 38.82 2.81
CA TYR C 97 32.68 38.70 3.85
C TYR C 97 33.58 39.93 3.86
N PHE C 98 34.09 40.28 5.04
CA PHE C 98 34.85 41.50 5.22
C PHE C 98 36.16 41.19 5.94
N ALA C 99 37.17 42.00 5.65
CA ALA C 99 38.46 41.91 6.32
C ALA C 99 39.20 43.23 6.12
N SER C 100 40.12 43.53 7.03
CA SER C 100 40.88 44.77 6.95
C SER C 100 42.01 44.72 7.96
N THR C 101 43.15 45.30 7.57
CA THR C 101 44.27 45.55 8.46
C THR C 101 44.42 47.07 8.55
N GLU C 102 43.67 47.67 9.46
CA GLU C 102 43.54 49.12 9.54
C GLU C 102 44.14 49.64 10.84
N LYS C 103 44.89 50.75 10.74
CA LYS C 103 45.50 51.38 11.89
C LYS C 103 44.97 52.78 12.18
N SER C 104 44.33 53.44 11.22
CA SER C 104 43.85 54.81 11.38
C SER C 104 42.34 54.92 11.40
N ASN C 105 41.62 53.82 11.23
CA ASN C 105 40.15 53.81 11.23
C ASN C 105 39.58 54.77 10.20
N ILE C 106 40.20 54.79 9.02
CA ILE C 106 39.73 55.66 7.94
C ILE C 106 38.32 55.29 7.50
N ILE C 107 38.07 53.99 7.33
CA ILE C 107 36.79 53.50 6.83
C ILE C 107 35.99 52.99 8.02
N ARG C 108 34.83 53.62 8.26
CA ARG C 108 33.98 53.22 9.37
C ARG C 108 32.50 53.08 9.03
N GLY C 109 32.01 53.69 7.96
CA GLY C 109 30.57 53.79 7.75
C GLY C 109 30.17 53.36 6.35
N TRP C 110 28.87 53.09 6.23
CA TRP C 110 28.24 52.70 4.98
C TRP C 110 27.01 53.56 4.74
N ILE C 111 26.61 53.67 3.48
CA ILE C 111 25.41 54.43 3.10
C ILE C 111 24.30 53.43 2.78
N PHE C 112 23.27 53.41 3.62
CA PHE C 112 22.13 52.53 3.44
C PHE C 112 20.87 53.35 3.20
N GLY C 113 19.97 52.80 2.40
CA GLY C 113 18.73 53.48 2.08
C GLY C 113 18.08 52.86 0.86
N THR C 114 16.98 53.47 0.46
CA THR C 114 16.20 53.01 -0.67
C THR C 114 16.23 54.00 -1.84
N THR C 115 15.84 55.26 -1.59
CA THR C 115 15.84 56.27 -2.63
C THR C 115 16.83 57.39 -2.40
N LEU C 116 17.26 57.63 -1.15
CA LEU C 116 18.25 58.65 -0.83
C LEU C 116 17.82 60.03 -1.32
N ASP C 117 16.55 60.37 -1.07
CA ASP C 117 16.00 61.68 -1.42
C ASP C 117 15.77 62.55 -0.20
N SER C 118 16.60 62.36 0.84
CA SER C 118 16.50 63.04 2.12
C SER C 118 15.20 62.72 2.86
N LYS C 119 14.47 61.70 2.41
CA LYS C 119 13.22 61.29 3.03
C LYS C 119 13.29 59.90 3.65
N THR C 120 14.04 59.00 3.06
CA THR C 120 14.22 57.66 3.60
C THR C 120 15.38 57.63 4.58
N GLN C 121 15.35 56.63 5.46
CA GLN C 121 16.34 56.53 6.52
C GLN C 121 17.73 56.24 5.94
N SER C 122 18.73 56.94 6.44
CA SER C 122 20.10 56.82 5.98
C SER C 122 20.99 56.34 7.12
N LEU C 123 21.80 55.32 6.85
CA LEU C 123 22.70 54.79 7.86
C LEU C 123 23.80 55.78 8.20
N LEU C 124 24.12 55.87 9.50
CA LEU C 124 25.25 56.67 9.97
C LEU C 124 26.02 55.86 11.00
N ILE C 125 27.33 55.75 10.79
CA ILE C 125 28.20 54.98 11.69
C ILE C 125 29.39 55.86 12.06
N VAL C 126 29.62 55.99 13.37
CA VAL C 126 30.80 56.69 13.89
C VAL C 126 31.47 55.77 14.90
N ASN C 127 32.76 55.52 14.71
CA ASN C 127 33.52 54.60 15.55
C ASN C 127 34.48 55.43 16.41
N ASN C 128 34.11 55.63 17.67
CA ASN C 128 34.93 56.35 18.63
C ASN C 128 35.30 55.42 19.77
N ALA C 129 36.59 55.35 20.10
CA ALA C 129 37.10 54.51 21.17
C ALA C 129 36.70 53.05 20.99
N THR C 130 36.82 52.56 19.75
CA THR C 130 36.52 51.17 19.40
C THR C 130 35.11 50.76 19.83
N ASN C 131 34.16 51.68 19.67
CA ASN C 131 32.77 51.43 20.02
C ASN C 131 31.92 51.48 18.76
N VAL C 132 31.17 50.40 18.51
CA VAL C 132 30.29 50.32 17.36
C VAL C 132 29.04 51.14 17.67
N VAL C 133 28.94 52.32 17.08
CA VAL C 133 27.80 53.22 17.29
C VAL C 133 27.08 53.36 15.95
N ILE C 134 25.79 53.03 15.95
CA ILE C 134 24.98 53.02 14.73
C ILE C 134 23.93 54.11 14.85
N LYS C 135 23.79 54.91 13.80
CA LYS C 135 22.79 55.96 13.74
C LYS C 135 22.06 55.87 12.40
N VAL C 136 20.81 56.34 12.40
CA VAL C 136 19.96 56.24 11.23
C VAL C 136 19.44 57.63 10.85
N CYS C 137 20.06 58.65 11.40
CA CYS C 137 19.63 60.02 11.16
C CYS C 137 19.81 60.41 9.69
N GLU C 138 19.01 61.38 9.25
CA GLU C 138 18.98 61.81 7.86
C GLU C 138 19.67 63.15 7.71
N PHE C 139 20.59 63.23 6.74
CA PHE C 139 21.19 64.49 6.35
C PHE C 139 21.43 64.47 4.84
N GLN C 140 21.42 65.66 4.24
CA GLN C 140 21.63 65.77 2.80
C GLN C 140 23.10 65.62 2.45
N PHE C 141 23.37 65.03 1.29
CA PHE C 141 24.72 64.81 0.82
C PHE C 141 25.18 65.96 -0.07
N CYS C 142 26.49 66.04 -0.29
CA CYS C 142 27.07 67.06 -1.13
C CYS C 142 27.23 66.54 -2.56
N ASN C 143 27.85 67.36 -3.42
CA ASN C 143 28.08 66.94 -4.80
C ASN C 143 29.04 65.75 -4.86
N ASP C 144 30.13 65.81 -4.09
CA ASP C 144 31.11 64.73 -4.02
C ASP C 144 31.34 64.40 -2.55
N PRO C 145 30.54 63.48 -1.99
CA PRO C 145 30.71 63.13 -0.58
C PRO C 145 32.10 62.56 -0.30
N PHE C 146 32.69 63.00 0.81
CA PHE C 146 34.05 62.54 1.24
C PHE C 146 34.30 63.00 2.67
N LEU C 147 35.56 62.92 3.12
CA LEU C 147 35.93 63.34 4.50
C LEU C 147 37.27 64.09 4.45
N ASP C 148 37.45 65.07 5.33
CA ASP C 148 38.70 65.87 5.40
C ASP C 148 39.82 64.99 5.97
N VAL C 149 41.07 65.25 5.56
CA VAL C 149 42.24 64.46 6.04
C VAL C 149 43.45 65.40 6.14
N TYR C 150 43.85 65.74 7.37
CA TYR C 150 45.03 66.64 7.59
C TYR C 150 46.31 65.80 7.55
N TYR C 151 47.20 66.12 6.61
CA TYR C 151 48.46 65.40 6.47
C TYR C 151 49.39 65.69 7.64
N HIS C 152 50.06 64.64 8.12
CA HIS C 152 51.10 64.75 9.14
C HIS C 152 50.59 65.46 10.40
N LYS C 153 49.60 64.85 11.04
CA LYS C 153 48.97 65.41 12.22
C LYS C 153 48.89 64.37 13.31
N ASN C 154 49.05 64.81 14.56
CA ASN C 154 48.89 63.90 15.70
C ASN C 154 47.44 63.45 15.84
N ASN C 155 46.49 64.35 15.60
CA ASN C 155 45.08 64.02 15.59
C ASN C 155 44.60 63.94 14.14
N LYS C 156 43.87 62.88 13.82
CA LYS C 156 43.59 62.54 12.42
C LYS C 156 42.48 63.43 11.87
N SER C 157 42.80 64.18 10.82
CA SER C 157 41.83 64.87 9.97
C SER C 157 41.19 66.08 10.64
N TRP C 158 41.42 66.26 11.94
CA TRP C 158 40.92 67.41 12.70
C TRP C 158 39.47 67.76 12.34
N MET C 159 39.24 69.04 12.03
CA MET C 159 37.94 69.54 11.60
C MET C 159 36.85 69.25 12.63
N GLU C 160 37.18 69.51 13.90
CA GLU C 160 36.19 69.34 14.97
C GLU C 160 35.17 70.47 14.96
N SER C 161 35.61 71.71 14.76
CA SER C 161 34.74 72.87 14.81
C SER C 161 34.23 73.30 13.45
N GLY C 162 34.53 72.55 12.39
CA GLY C 162 34.06 72.91 11.05
C GLY C 162 32.66 72.36 10.78
N PHE C 190 48.61 46.60 11.11
CA PHE C 190 49.87 46.38 11.81
C PHE C 190 49.67 45.52 13.05
N LYS C 191 49.60 46.18 14.20
CA LYS C 191 49.42 45.47 15.47
C LYS C 191 48.07 44.77 15.53
N ASN C 192 47.02 45.41 15.03
CA ASN C 192 45.66 44.91 15.19
C ASN C 192 45.07 44.53 13.84
N LEU C 193 44.14 43.59 13.87
CA LEU C 193 43.38 43.17 12.70
C LEU C 193 41.90 43.26 13.03
N ARG C 194 41.08 43.38 11.99
CA ARG C 194 39.64 43.57 12.16
C ARG C 194 38.90 42.80 11.08
N GLU C 195 38.43 41.61 11.42
CA GLU C 195 37.62 40.78 10.54
C GLU C 195 36.15 40.91 10.91
N PHE C 196 35.30 41.06 9.89
CA PHE C 196 33.87 41.20 10.11
C PHE C 196 33.11 40.38 9.07
N VAL C 197 31.89 39.99 9.43
CA VAL C 197 30.97 39.32 8.52
C VAL C 197 29.63 40.03 8.63
N PHE C 198 29.15 40.57 7.50
CA PHE C 198 27.89 41.30 7.46
C PHE C 198 26.94 40.58 6.52
N LYS C 199 25.80 40.16 7.05
CA LYS C 199 24.79 39.50 6.23
C LYS C 199 23.41 39.73 6.84
N ASN C 200 22.39 39.65 5.98
CA ASN C 200 21.00 39.83 6.37
C ASN C 200 20.23 38.55 6.06
N ILE C 201 19.40 38.12 7.01
CA ILE C 201 18.54 36.95 6.84
C ILE C 201 17.14 37.37 7.28
N ASP C 202 16.26 37.63 6.31
CA ASP C 202 14.87 37.99 6.58
C ASP C 202 14.77 39.26 7.44
N GLY C 203 15.58 40.27 7.11
CA GLY C 203 15.60 41.50 7.84
C GLY C 203 16.38 41.46 9.14
N TYR C 204 17.04 40.34 9.45
CA TYR C 204 17.77 40.15 10.69
C TYR C 204 19.26 40.38 10.41
N PHE C 205 19.82 41.41 11.00
CA PHE C 205 21.20 41.84 10.73
C PHE C 205 22.10 41.43 11.87
N LYS C 206 23.18 40.73 11.55
CA LYS C 206 24.15 40.26 12.53
C LYS C 206 25.53 40.80 12.19
N ILE C 207 26.32 41.10 13.23
CA ILE C 207 27.63 41.71 13.08
C ILE C 207 28.64 40.90 13.91
N TYR C 208 29.77 40.57 13.29
CA TYR C 208 30.83 39.84 13.95
C TYR C 208 32.08 40.71 14.02
N SER C 209 33.06 40.27 14.80
CA SER C 209 34.32 41.00 14.94
C SER C 209 35.38 40.10 15.52
N LYS C 210 36.62 40.30 15.08
CA LYS C 210 37.78 39.62 15.65
C LYS C 210 38.97 40.56 15.59
N HIS C 211 39.72 40.62 16.70
CA HIS C 211 40.92 41.44 16.79
C HIS C 211 42.07 40.53 17.24
N THR C 212 42.96 40.19 16.30
CA THR C 212 44.04 39.28 16.61
C THR C 212 45.39 39.94 16.35
N PRO C 213 46.36 39.74 17.23
CA PRO C 213 47.70 40.31 17.02
C PRO C 213 48.62 39.39 16.24
N ILE C 214 49.14 39.87 15.11
CA ILE C 214 50.13 39.16 14.31
C ILE C 214 51.20 40.16 13.90
N ASN C 215 52.18 39.69 13.11
CA ASN C 215 53.16 40.57 12.48
C ASN C 215 53.17 40.23 11.00
N LEU C 216 52.20 40.79 10.27
CA LEU C 216 52.11 40.66 8.81
C LEU C 216 51.02 41.60 8.30
N VAL C 217 51.33 42.38 7.27
CA VAL C 217 50.39 43.37 6.75
C VAL C 217 50.05 43.15 5.29
N ARG C 218 50.81 42.31 4.57
CA ARG C 218 50.61 42.17 3.13
C ARG C 218 49.24 41.59 2.80
N ASP C 219 48.84 40.52 3.50
CA ASP C 219 47.61 39.81 3.18
C ASP C 219 47.19 39.03 4.41
N LEU C 220 46.20 38.15 4.26
CA LEU C 220 45.75 37.31 5.35
C LEU C 220 46.85 36.30 5.72
N PRO C 221 46.87 35.87 6.98
CA PRO C 221 47.81 34.80 7.37
C PRO C 221 47.18 33.42 7.19
N GLN C 222 48.06 32.46 6.88
CA GLN C 222 47.63 31.08 6.64
C GLN C 222 47.33 30.42 8.00
N GLY C 223 46.24 30.87 8.60
CA GLY C 223 45.83 30.40 9.91
C GLY C 223 44.32 30.37 10.02
N PHE C 224 43.84 30.03 11.21
CA PHE C 224 42.42 29.91 11.47
C PHE C 224 42.06 30.65 12.75
N SER C 225 40.89 31.31 12.73
CA SER C 225 40.36 31.97 13.92
C SER C 225 38.87 32.21 13.69
N ALA C 226 38.03 31.64 14.54
CA ALA C 226 36.59 31.80 14.41
C ALA C 226 36.17 33.21 14.79
N LEU C 227 35.00 33.61 14.28
CA LEU C 227 34.44 34.93 14.52
C LEU C 227 33.19 34.81 15.39
N GLU C 228 33.15 35.57 16.49
CA GLU C 228 32.03 35.53 17.41
C GLU C 228 31.21 36.81 17.32
N PRO C 229 29.89 36.73 17.37
CA PRO C 229 29.06 37.94 17.29
C PRO C 229 29.33 38.87 18.46
N LEU C 230 29.33 40.17 18.18
CA LEU C 230 29.49 41.20 19.19
C LEU C 230 28.28 42.09 19.36
N VAL C 231 27.53 42.35 18.29
CA VAL C 231 26.29 43.11 18.35
C VAL C 231 25.33 42.55 17.32
N ASP C 232 24.04 42.48 17.68
CA ASP C 232 23.03 41.86 16.84
C ASP C 232 21.79 42.76 16.83
N LEU C 233 21.64 43.53 15.75
CA LEU C 233 20.51 44.45 15.61
C LEU C 233 19.69 44.12 14.37
N PRO C 234 18.58 43.39 14.51
CA PRO C 234 17.67 43.15 13.37
C PRO C 234 16.85 44.40 13.04
N ILE C 235 17.46 45.28 12.25
CA ILE C 235 16.85 46.56 11.93
C ILE C 235 15.53 46.39 11.19
N GLY C 236 15.49 45.47 10.22
CA GLY C 236 14.28 45.19 9.48
C GLY C 236 14.19 45.83 8.11
N ILE C 237 15.28 46.38 7.58
CA ILE C 237 15.31 46.95 6.24
C ILE C 237 16.20 46.06 5.38
N ASN C 238 15.64 45.54 4.29
CA ASN C 238 16.38 44.63 3.43
C ASN C 238 17.52 45.35 2.73
N ILE C 239 18.67 44.68 2.63
CA ILE C 239 19.87 45.25 2.07
C ILE C 239 20.35 44.36 0.94
N THR C 240 20.40 44.91 -0.27
CA THR C 240 21.01 44.24 -1.42
C THR C 240 21.97 45.12 -2.19
N ARG C 241 21.91 46.44 -2.02
CA ARG C 241 22.88 47.37 -2.60
C ARG C 241 23.30 48.36 -1.53
N PHE C 242 24.57 48.77 -1.56
CA PHE C 242 25.08 49.71 -0.57
C PHE C 242 26.05 50.68 -1.25
N GLN C 243 26.25 51.82 -0.61
CA GLN C 243 27.17 52.85 -1.06
C GLN C 243 28.17 53.13 0.04
N THR C 244 29.41 53.44 -0.35
CA THR C 244 30.49 53.63 0.60
C THR C 244 31.02 55.05 0.51
N LEU C 245 31.81 55.42 1.52
CA LEU C 245 32.42 56.75 1.62
C LEU C 245 33.91 56.60 1.87
N LEU C 246 34.69 57.47 1.24
CA LEU C 246 36.14 57.42 1.37
C LEU C 246 36.69 58.84 1.52
N ALA C 247 37.79 58.95 2.25
CA ALA C 247 38.50 60.21 2.44
C ALA C 247 39.66 60.26 1.45
N LEU C 248 39.45 60.95 0.33
CA LEU C 248 40.43 61.02 -0.74
C LEU C 248 41.22 62.31 -0.66
N HIS C 249 42.52 62.22 -0.94
CA HIS C 249 43.40 63.39 -0.95
C HIS C 249 43.11 64.27 -2.16
N ALA C 267 45.63 53.01 1.60
CA ALA C 267 44.36 52.40 1.99
C ALA C 267 44.19 51.03 1.35
N ALA C 268 44.42 49.97 2.13
CA ALA C 268 44.32 48.61 1.66
C ALA C 268 43.38 47.81 2.55
N TYR C 269 42.39 47.17 1.95
CA TYR C 269 41.48 46.30 2.68
C TYR C 269 40.86 45.32 1.69
N TYR C 270 40.36 44.21 2.22
CA TYR C 270 39.95 43.06 1.43
C TYR C 270 38.45 42.83 1.60
N VAL C 271 37.84 42.29 0.55
CA VAL C 271 36.40 42.01 0.54
C VAL C 271 36.18 40.65 -0.10
N GLY C 272 35.42 39.78 0.58
CA GLY C 272 35.03 38.50 0.06
C GLY C 272 33.54 38.43 -0.26
N TYR C 273 33.12 37.24 -0.66
CA TYR C 273 31.74 36.98 -1.03
C TYR C 273 31.18 35.83 -0.20
N LEU C 274 29.92 35.97 0.21
CA LEU C 274 29.22 34.94 0.96
C LEU C 274 28.05 34.40 0.15
N GLN C 275 27.79 33.11 0.32
CA GLN C 275 26.72 32.41 -0.38
C GLN C 275 26.44 31.11 0.38
N PRO C 276 25.30 30.45 0.11
CA PRO C 276 24.87 29.40 1.00
C PRO C 276 25.60 28.08 0.80
N ARG C 277 26.83 28.03 1.31
CA ARG C 277 27.64 26.82 1.32
C ARG C 277 27.38 26.06 2.62
N THR C 278 28.21 25.07 2.92
CA THR C 278 28.03 24.29 4.14
C THR C 278 29.39 23.90 4.69
N PHE C 279 29.47 23.83 6.02
CA PHE C 279 30.71 23.52 6.72
C PHE C 279 30.53 22.33 7.65
N LEU C 280 31.67 21.76 8.04
CA LEU C 280 31.78 20.73 9.08
C LEU C 280 32.63 21.34 10.19
N LEU C 281 31.97 21.94 11.18
CA LEU C 281 32.68 22.63 12.24
C LEU C 281 33.35 21.63 13.18
N LYS C 282 34.18 22.15 14.08
CA LYS C 282 34.87 21.33 15.08
C LYS C 282 34.93 22.15 16.37
N TYR C 283 33.99 21.92 17.27
CA TYR C 283 33.94 22.64 18.53
C TYR C 283 34.95 22.05 19.51
N ASN C 284 35.27 22.83 20.53
CA ASN C 284 36.22 22.42 21.56
C ASN C 284 35.55 22.46 22.93
N GLU C 285 36.35 22.23 23.98
CA GLU C 285 35.81 22.14 25.32
C GLU C 285 35.19 23.45 25.77
N ASN C 286 35.84 24.57 25.48
CA ASN C 286 35.34 25.89 25.86
C ASN C 286 34.33 26.44 24.85
N GLY C 287 33.78 25.60 23.99
CA GLY C 287 32.86 26.07 22.97
C GLY C 287 33.53 26.85 21.87
N THR C 288 34.82 26.63 21.64
CA THR C 288 35.59 27.38 20.66
C THR C 288 35.76 26.54 19.40
N ILE C 289 35.52 27.16 18.24
CA ILE C 289 35.72 26.49 16.96
C ILE C 289 37.21 26.43 16.66
N THR C 290 37.75 25.21 16.56
CA THR C 290 39.16 25.04 16.25
C THR C 290 39.43 24.73 14.78
N ASP C 291 38.40 24.31 14.03
CA ASP C 291 38.59 23.98 12.62
C ASP C 291 37.24 24.04 11.93
N ALA C 292 37.28 24.10 10.60
CA ALA C 292 36.07 24.08 9.79
C ALA C 292 36.43 23.57 8.40
N VAL C 293 35.50 22.85 7.78
CA VAL C 293 35.70 22.24 6.47
C VAL C 293 34.50 22.54 5.60
N ASP C 294 34.73 23.21 4.47
CA ASP C 294 33.68 23.45 3.49
C ASP C 294 33.45 22.16 2.71
N CYS C 295 32.22 21.64 2.75
CA CYS C 295 31.96 20.31 2.21
C CYS C 295 32.23 20.25 0.71
N ALA C 296 31.82 21.29 -0.03
CA ALA C 296 31.84 21.27 -1.48
C ALA C 296 33.15 21.77 -2.08
N LEU C 297 34.17 22.03 -1.26
CA LEU C 297 35.42 22.57 -1.78
C LEU C 297 36.13 21.58 -2.68
N ASP C 298 36.31 20.34 -2.21
CA ASP C 298 37.04 19.32 -2.95
C ASP C 298 36.56 17.97 -2.49
N PRO C 299 36.87 16.89 -3.24
CA PRO C 299 36.42 15.56 -2.83
C PRO C 299 36.88 15.15 -1.44
N LEU C 300 38.06 15.59 -1.01
CA LEU C 300 38.50 15.26 0.35
C LEU C 300 37.56 15.88 1.38
N SER C 301 37.17 17.14 1.18
CA SER C 301 36.23 17.78 2.09
C SER C 301 34.84 17.16 1.99
N GLU C 302 34.46 16.71 0.78
CA GLU C 302 33.19 15.99 0.64
C GLU C 302 33.20 14.72 1.46
N THR C 303 34.31 13.97 1.42
CA THR C 303 34.45 12.76 2.24
C THR C 303 34.40 13.09 3.73
N LYS C 304 35.09 14.16 4.14
CA LYS C 304 35.08 14.54 5.54
C LYS C 304 33.66 14.89 6.01
N CYS C 305 32.93 15.64 5.20
CA CYS C 305 31.55 15.99 5.57
C CYS C 305 30.66 14.76 5.55
N THR C 306 30.90 13.82 4.64
CA THR C 306 30.14 12.58 4.61
C THR C 306 30.31 11.81 5.90
N LEU C 307 31.55 11.61 6.34
CA LEU C 307 31.79 10.83 7.54
C LEU C 307 31.59 11.64 8.82
N LYS C 308 31.38 12.96 8.72
CA LYS C 308 31.24 13.82 9.90
C LYS C 308 32.46 13.73 10.80
N SER C 309 33.64 13.59 10.19
CA SER C 309 34.88 13.45 10.94
C SER C 309 36.00 14.11 10.15
N PHE C 310 37.06 14.48 10.86
CA PHE C 310 38.20 15.14 10.24
C PHE C 310 39.33 14.19 9.88
N THR C 311 39.41 13.05 10.54
CA THR C 311 40.41 12.03 10.23
C THR C 311 39.68 10.92 9.48
N VAL C 312 39.78 10.94 8.15
CA VAL C 312 39.11 9.99 7.29
C VAL C 312 40.09 8.88 6.95
N GLU C 313 39.70 7.63 7.21
CA GLU C 313 40.60 6.51 7.05
C GLU C 313 40.61 6.05 5.59
N LYS C 314 41.43 5.05 5.30
CA LYS C 314 41.57 4.54 3.94
C LYS C 314 40.32 3.77 3.52
N GLY C 315 39.80 4.09 2.34
CA GLY C 315 38.67 3.38 1.78
C GLY C 315 37.81 4.29 0.93
N ILE C 316 37.09 3.68 0.01
CA ILE C 316 36.15 4.41 -0.84
C ILE C 316 34.98 4.89 0.00
N TYR C 317 34.69 6.19 -0.08
CA TYR C 317 33.67 6.83 0.74
C TYR C 317 32.72 7.58 -0.18
N GLN C 318 31.59 6.95 -0.52
CA GLN C 318 30.63 7.52 -1.45
C GLN C 318 30.09 8.85 -0.93
N THR C 319 30.43 9.95 -1.62
CA THR C 319 30.02 11.27 -1.20
C THR C 319 28.65 11.64 -1.78
N SER C 320 28.52 11.65 -3.09
CA SER C 320 27.28 12.04 -3.75
C SER C 320 27.15 11.25 -5.05
N ASN C 321 26.19 11.65 -5.89
CA ASN C 321 25.96 11.04 -7.18
C ASN C 321 25.77 12.12 -8.22
N PHE C 322 26.27 11.86 -9.43
CA PHE C 322 26.20 12.83 -10.52
C PHE C 322 25.09 12.44 -11.48
N ARG C 323 24.54 13.44 -12.16
CA ARG C 323 23.43 13.22 -13.09
C ARG C 323 23.60 14.20 -14.24
N VAL C 324 23.95 13.70 -15.42
CA VAL C 324 24.14 14.55 -16.59
C VAL C 324 22.76 15.10 -16.99
N GLN C 325 22.57 16.39 -16.80
CA GLN C 325 21.29 17.02 -17.10
C GLN C 325 21.10 17.11 -18.61
N PRO C 326 19.85 17.18 -19.08
CA PRO C 326 19.61 17.33 -20.51
C PRO C 326 20.18 18.63 -21.04
N THR C 327 20.71 18.56 -22.27
CA THR C 327 21.30 19.73 -22.90
C THR C 327 20.23 20.62 -23.52
N GLU C 328 19.45 20.08 -24.45
CA GLU C 328 18.40 20.82 -25.13
C GLU C 328 17.12 19.98 -25.14
N SER C 329 16.10 20.51 -25.82
CA SER C 329 14.82 19.83 -25.95
C SER C 329 14.57 19.54 -27.43
N ILE C 330 14.15 18.31 -27.72
CA ILE C 330 13.92 17.85 -29.08
C ILE C 330 12.43 17.60 -29.25
N VAL C 331 11.84 18.23 -30.26
CA VAL C 331 10.44 18.04 -30.60
C VAL C 331 10.36 17.51 -32.03
N ARG C 332 9.71 16.36 -32.20
CA ARG C 332 9.50 15.77 -33.51
C ARG C 332 8.03 15.45 -33.70
N PHE C 333 7.52 15.71 -34.90
CA PHE C 333 6.14 15.44 -35.23
C PHE C 333 6.06 14.77 -36.59
N PRO C 334 5.08 13.89 -36.81
CA PRO C 334 4.91 13.32 -38.14
C PRO C 334 4.48 14.38 -39.14
N ASN C 335 4.89 14.18 -40.39
CA ASN C 335 4.68 15.16 -41.44
C ASN C 335 3.70 14.63 -42.48
N ILE C 336 3.03 15.56 -43.16
CA ILE C 336 2.11 15.24 -44.25
C ILE C 336 2.67 15.87 -45.51
N THR C 337 2.86 15.06 -46.54
CA THR C 337 3.41 15.52 -47.81
C THR C 337 2.35 16.17 -48.69
N ASN C 338 1.07 15.99 -48.38
CA ASN C 338 -0.01 16.48 -49.22
C ASN C 338 -0.02 18.01 -49.27
N LEU C 339 -0.49 18.53 -50.41
CA LEU C 339 -0.57 19.97 -50.65
C LEU C 339 -2.02 20.35 -50.88
N CYS C 340 -2.50 21.32 -50.11
CA CYS C 340 -3.88 21.76 -50.25
C CYS C 340 -4.05 22.56 -51.55
N PRO C 341 -5.15 22.34 -52.29
CA PRO C 341 -5.41 23.09 -53.53
C PRO C 341 -6.07 24.44 -53.31
N PHE C 342 -5.50 25.23 -52.38
CA PHE C 342 -6.01 26.56 -52.10
C PHE C 342 -5.59 27.59 -53.14
N GLY C 343 -4.64 27.25 -54.02
CA GLY C 343 -4.23 28.20 -55.03
C GLY C 343 -5.34 28.51 -56.03
N GLU C 344 -6.16 27.52 -56.34
CA GLU C 344 -7.29 27.74 -57.24
C GLU C 344 -8.27 28.75 -56.66
N VAL C 345 -8.54 28.66 -55.36
CA VAL C 345 -9.37 29.67 -54.71
C VAL C 345 -8.65 31.00 -54.65
N PHE C 346 -7.33 30.98 -54.47
CA PHE C 346 -6.57 32.23 -54.41
C PHE C 346 -6.67 33.01 -55.72
N ASN C 347 -6.58 32.31 -56.86
CA ASN C 347 -6.75 32.93 -58.16
C ASN C 347 -8.11 32.63 -58.78
N ALA C 348 -9.15 32.50 -57.94
CA ALA C 348 -10.47 32.15 -58.43
C ALA C 348 -11.09 33.31 -59.21
N THR C 349 -11.65 32.99 -60.37
CA THR C 349 -12.27 34.03 -61.19
C THR C 349 -13.58 34.51 -60.58
N ARG C 350 -14.43 33.59 -60.12
CA ARG C 350 -15.74 33.91 -59.61
C ARG C 350 -15.96 33.28 -58.24
N PHE C 351 -16.78 33.92 -57.43
CA PHE C 351 -17.17 33.42 -56.12
C PHE C 351 -18.68 33.23 -56.07
N ALA C 352 -19.12 32.18 -55.39
CA ALA C 352 -20.54 31.88 -55.29
C ALA C 352 -21.21 32.80 -54.28
N SER C 353 -22.55 32.75 -54.27
CA SER C 353 -23.32 33.58 -53.36
C SER C 353 -23.16 33.12 -51.92
N VAL C 354 -23.39 34.05 -50.99
CA VAL C 354 -23.22 33.74 -49.57
C VAL C 354 -24.26 32.74 -49.09
N TYR C 355 -25.49 32.79 -49.63
CA TYR C 355 -26.57 31.97 -49.13
C TYR C 355 -26.60 30.57 -49.73
N ALA C 356 -26.08 30.40 -50.95
CA ALA C 356 -26.17 29.12 -51.66
C ALA C 356 -24.84 28.77 -52.31
N TRP C 357 -23.74 28.95 -51.57
CA TRP C 357 -22.43 28.56 -52.08
C TRP C 357 -22.32 27.04 -52.13
N ASN C 358 -21.75 26.54 -53.22
CA ASN C 358 -21.57 25.10 -53.38
C ASN C 358 -20.65 24.56 -52.30
N ARG C 359 -21.08 23.48 -51.66
CA ARG C 359 -20.35 22.87 -50.54
C ARG C 359 -19.52 21.71 -51.07
N LYS C 360 -18.20 21.87 -51.02
CA LYS C 360 -17.26 20.83 -51.45
C LYS C 360 -16.09 20.87 -50.48
N ARG C 361 -16.13 20.01 -49.46
CA ARG C 361 -15.12 20.02 -48.43
C ARG C 361 -13.77 19.59 -48.98
N ILE C 362 -12.73 20.38 -48.68
CA ILE C 362 -11.36 20.08 -49.08
C ILE C 362 -10.50 20.13 -47.83
N SER C 363 -9.87 19.00 -47.50
CA SER C 363 -9.08 18.90 -46.28
C SER C 363 -8.06 17.76 -46.48
N ASN C 364 -7.47 17.33 -45.36
CA ASN C 364 -6.48 16.24 -45.34
C ASN C 364 -5.26 16.60 -46.20
N CYS C 365 -4.66 17.74 -45.88
CA CYS C 365 -3.46 18.20 -46.57
C CYS C 365 -2.76 19.25 -45.70
N VAL C 366 -1.55 19.60 -46.11
CA VAL C 366 -0.78 20.67 -45.46
C VAL C 366 -0.63 21.80 -46.47
N ALA C 367 -1.03 23.00 -46.07
CA ALA C 367 -0.99 24.15 -46.95
C ALA C 367 0.45 24.61 -47.20
N ASP C 368 0.62 25.39 -48.26
CA ASP C 368 1.94 25.89 -48.64
C ASP C 368 2.25 27.22 -47.97
N TYR C 369 1.39 28.23 -48.18
CA TYR C 369 1.60 29.58 -47.66
C TYR C 369 2.91 30.19 -48.15
N SER C 370 3.36 29.79 -49.35
CA SER C 370 4.61 30.31 -49.88
C SER C 370 4.48 31.76 -50.28
N VAL C 371 3.42 32.10 -51.03
CA VAL C 371 3.24 33.47 -51.50
C VAL C 371 2.65 34.37 -50.42
N LEU C 372 2.10 33.80 -49.35
CA LEU C 372 1.51 34.58 -48.28
C LEU C 372 2.55 35.31 -47.43
N TYR C 373 3.83 34.96 -47.58
CA TYR C 373 4.87 35.60 -46.77
C TYR C 373 5.16 37.02 -47.20
N ASN C 374 4.74 37.42 -48.40
CA ASN C 374 4.96 38.77 -48.91
C ASN C 374 3.65 39.56 -48.73
N SER C 375 3.48 40.11 -47.53
CA SER C 375 2.29 40.85 -47.17
C SER C 375 2.45 42.35 -47.36
N ALA C 376 3.57 42.80 -47.93
CA ALA C 376 3.77 44.24 -48.14
C ALA C 376 2.82 44.82 -49.19
N SER C 377 2.23 43.97 -50.04
CA SER C 377 1.31 44.44 -51.06
C SER C 377 -0.12 44.59 -50.57
N PHE C 378 -0.42 44.11 -49.35
CA PHE C 378 -1.75 44.24 -48.79
C PHE C 378 -1.85 45.51 -47.96
N SER C 379 -2.97 46.22 -48.12
CA SER C 379 -3.13 47.53 -47.49
C SER C 379 -3.13 47.42 -45.97
N THR C 380 -3.77 46.38 -45.43
CA THR C 380 -3.88 46.23 -43.99
C THR C 380 -3.65 44.77 -43.60
N PHE C 381 -3.26 44.59 -42.33
CA PHE C 381 -3.04 43.26 -41.77
C PHE C 381 -3.43 43.32 -40.30
N LYS C 382 -4.49 42.59 -39.93
CA LYS C 382 -5.03 42.64 -38.58
C LYS C 382 -5.11 41.24 -37.99
N CYS C 383 -4.73 41.13 -36.71
CA CYS C 383 -4.82 39.87 -35.98
C CYS C 383 -5.36 40.16 -34.59
N TYR C 384 -6.35 39.38 -34.16
CA TYR C 384 -7.01 39.58 -32.87
C TYR C 384 -7.15 38.26 -32.14
N GLY C 385 -6.99 38.31 -30.82
CA GLY C 385 -7.15 37.16 -29.96
C GLY C 385 -5.90 36.33 -29.77
N VAL C 386 -4.89 36.51 -30.62
CA VAL C 386 -3.64 35.77 -30.50
C VAL C 386 -2.57 36.53 -31.28
N SER C 387 -1.37 36.58 -30.71
CA SER C 387 -0.27 37.22 -31.42
C SER C 387 0.18 36.35 -32.58
N PRO C 388 0.47 36.96 -33.74
CA PRO C 388 0.95 36.16 -34.89
C PRO C 388 2.29 35.47 -34.63
N THR C 389 3.06 35.94 -33.65
CA THR C 389 4.33 35.29 -33.34
C THR C 389 4.11 33.89 -32.76
N LYS C 390 3.09 33.73 -31.91
CA LYS C 390 2.83 32.47 -31.22
C LYS C 390 2.01 31.49 -32.05
N LEU C 391 1.97 31.67 -33.38
CA LEU C 391 1.16 30.79 -34.22
C LEU C 391 1.70 29.37 -34.28
N ASN C 392 2.96 29.16 -33.91
CA ASN C 392 3.55 27.83 -33.99
C ASN C 392 3.05 26.88 -32.90
N ASP C 393 2.30 27.38 -31.92
CA ASP C 393 1.86 26.57 -30.79
C ASP C 393 0.50 25.90 -31.01
N LEU C 394 -0.18 26.20 -32.10
CA LEU C 394 -1.53 25.68 -32.34
C LEU C 394 -1.65 25.18 -33.77
N CYS C 395 -2.48 24.16 -33.94
CA CYS C 395 -2.87 23.64 -35.24
C CYS C 395 -4.38 23.50 -35.30
N PHE C 396 -4.95 23.63 -36.49
CA PHE C 396 -6.38 23.64 -36.68
C PHE C 396 -6.82 22.40 -37.44
N THR C 397 -7.87 21.74 -36.93
CA THR C 397 -8.41 20.56 -37.61
C THR C 397 -9.00 20.92 -38.97
N ASN C 398 -9.71 22.04 -39.05
CA ASN C 398 -10.36 22.48 -40.29
C ASN C 398 -10.09 23.95 -40.52
N VAL C 399 -10.11 24.34 -41.80
CA VAL C 399 -9.99 25.74 -42.21
C VAL C 399 -11.18 26.05 -43.11
N TYR C 400 -12.00 26.99 -42.69
CA TYR C 400 -13.18 27.40 -43.45
C TYR C 400 -12.78 28.52 -44.42
N ALA C 401 -12.89 28.24 -45.71
CA ALA C 401 -12.54 29.20 -46.75
C ALA C 401 -13.82 29.84 -47.26
N ASP C 402 -14.23 30.93 -46.61
CA ASP C 402 -15.38 31.72 -47.01
C ASP C 402 -14.90 33.11 -47.41
N SER C 403 -15.22 33.52 -48.64
CA SER C 403 -14.78 34.79 -49.16
C SER C 403 -15.92 35.44 -49.92
N PHE C 404 -15.89 36.77 -49.99
CA PHE C 404 -16.93 37.53 -50.68
C PHE C 404 -16.35 38.86 -51.13
N VAL C 405 -17.04 39.47 -52.09
CA VAL C 405 -16.65 40.75 -52.66
C VAL C 405 -17.68 41.79 -52.21
N ILE C 406 -17.20 42.85 -51.55
CA ILE C 406 -18.05 43.88 -51.00
C ILE C 406 -17.52 45.24 -51.41
N ARG C 407 -18.17 46.29 -50.92
CA ARG C 407 -17.84 47.67 -51.26
C ARG C 407 -16.73 48.20 -50.35
N GLY C 408 -16.17 49.35 -50.76
CA GLY C 408 -15.04 49.91 -50.04
C GLY C 408 -15.39 50.42 -48.65
N ASP C 409 -16.56 51.02 -48.50
CA ASP C 409 -16.94 51.64 -47.23
C ASP C 409 -17.31 50.61 -46.16
N GLU C 410 -17.43 49.34 -46.51
CA GLU C 410 -17.74 48.29 -45.53
C GLU C 410 -16.50 47.68 -44.90
N VAL C 411 -15.30 48.09 -45.32
CA VAL C 411 -14.08 47.54 -44.74
C VAL C 411 -13.90 48.02 -43.30
N ARG C 412 -14.17 49.30 -43.05
CA ARG C 412 -13.98 49.88 -41.72
C ARG C 412 -14.99 49.35 -40.70
N GLN C 413 -16.07 48.70 -41.13
CA GLN C 413 -17.12 48.27 -40.23
C GLN C 413 -16.80 47.01 -39.46
N ILE C 414 -15.68 46.34 -39.75
CA ILE C 414 -15.30 45.10 -39.07
C ILE C 414 -14.34 45.49 -37.95
N ALA C 415 -14.91 45.77 -36.77
CA ALA C 415 -14.16 46.13 -35.58
C ALA C 415 -15.08 46.04 -34.37
N PRO C 416 -14.56 45.72 -33.18
CA PRO C 416 -15.43 45.65 -32.00
C PRO C 416 -16.11 46.98 -31.72
N GLY C 417 -17.39 46.93 -31.39
CA GLY C 417 -18.16 48.11 -31.09
C GLY C 417 -18.64 48.90 -32.28
N GLN C 418 -18.51 48.36 -33.50
CA GLN C 418 -18.94 49.09 -34.68
C GLN C 418 -20.47 49.11 -34.77
N THR C 419 -20.97 50.08 -35.55
CA THR C 419 -22.39 50.27 -35.75
C THR C 419 -22.70 50.40 -37.23
N GLY C 420 -23.89 49.99 -37.61
CA GLY C 420 -24.32 50.05 -38.99
C GLY C 420 -25.26 48.90 -39.31
N LYS C 421 -25.71 48.88 -40.57
CA LYS C 421 -26.64 47.85 -41.00
C LYS C 421 -25.97 46.48 -40.99
N ILE C 422 -24.77 46.38 -41.54
CA ILE C 422 -24.05 45.11 -41.56
C ILE C 422 -23.66 44.70 -40.14
N ALA C 423 -23.26 45.67 -39.32
CA ALA C 423 -22.83 45.35 -37.95
C ALA C 423 -24.01 44.92 -37.08
N ASP C 424 -25.22 45.38 -37.38
CA ASP C 424 -26.38 45.14 -36.53
C ASP C 424 -27.23 43.97 -37.02
N TYR C 425 -27.73 44.05 -38.25
CA TYR C 425 -28.77 43.13 -38.72
C TYR C 425 -28.25 42.09 -39.71
N ASN C 426 -26.94 42.01 -39.93
CA ASN C 426 -26.36 41.02 -40.81
C ASN C 426 -25.47 40.01 -40.09
N TYR C 427 -24.48 40.49 -39.33
CA TYR C 427 -23.59 39.60 -38.61
C TYR C 427 -23.19 40.27 -37.31
N LYS C 428 -23.05 39.47 -36.25
CA LYS C 428 -22.67 39.95 -34.93
C LYS C 428 -21.24 39.52 -34.65
N LEU C 429 -20.42 40.48 -34.22
CA LEU C 429 -19.01 40.20 -33.98
C LEU C 429 -18.84 39.48 -32.64
N PRO C 430 -18.27 38.28 -32.63
CA PRO C 430 -18.14 37.55 -31.37
C PRO C 430 -17.13 38.18 -30.44
N ASP C 431 -17.39 38.08 -29.14
CA ASP C 431 -16.47 38.62 -28.15
C ASP C 431 -15.19 37.79 -28.05
N ASP C 432 -15.29 36.47 -28.22
CA ASP C 432 -14.15 35.57 -28.09
C ASP C 432 -13.56 35.18 -29.44
N PHE C 433 -13.59 36.09 -30.41
CA PHE C 433 -13.02 35.80 -31.73
C PHE C 433 -11.51 35.72 -31.66
N THR C 434 -10.95 34.78 -32.41
CA THR C 434 -9.49 34.59 -32.51
C THR C 434 -9.17 34.28 -33.96
N GLY C 435 -8.85 35.31 -34.73
CA GLY C 435 -8.56 35.14 -36.14
C GLY C 435 -7.91 36.38 -36.70
N CYS C 436 -7.39 36.24 -37.92
CA CYS C 436 -6.68 37.31 -38.61
C CYS C 436 -7.41 37.65 -39.90
N VAL C 437 -7.62 38.94 -40.13
CA VAL C 437 -8.32 39.43 -41.31
C VAL C 437 -7.35 40.27 -42.13
N ILE C 438 -7.19 39.91 -43.40
CA ILE C 438 -6.31 40.61 -44.33
C ILE C 438 -7.16 41.17 -45.46
N ALA C 439 -7.01 42.47 -45.73
CA ALA C 439 -7.73 43.14 -46.81
C ALA C 439 -6.73 43.76 -47.77
N TRP C 440 -7.12 43.81 -49.05
CA TRP C 440 -6.25 44.31 -50.09
C TRP C 440 -7.09 44.80 -51.25
N ASN C 441 -6.46 45.56 -52.14
CA ASN C 441 -7.15 46.08 -53.32
C ASN C 441 -7.56 44.93 -54.24
N SER C 442 -8.81 44.96 -54.70
CA SER C 442 -9.32 43.91 -55.58
C SER C 442 -10.02 44.48 -56.80
N ASN C 443 -9.72 45.74 -57.17
CA ASN C 443 -10.33 46.33 -58.35
C ASN C 443 -9.82 45.71 -59.65
N ASN C 444 -8.70 44.97 -59.58
CA ASN C 444 -8.15 44.33 -60.76
C ASN C 444 -8.80 43.00 -61.09
N LEU C 445 -9.64 42.47 -60.20
CA LEU C 445 -10.27 41.17 -60.41
C LEU C 445 -11.79 41.19 -60.32
N ASP C 446 -12.37 42.14 -59.59
CA ASP C 446 -13.81 42.19 -59.36
C ASP C 446 -14.49 43.30 -60.14
N SER C 447 -13.89 43.73 -61.25
CA SER C 447 -14.43 44.80 -62.07
C SER C 447 -14.84 44.26 -63.43
N LYS C 448 -15.92 44.82 -63.97
CA LYS C 448 -16.43 44.46 -65.29
C LYS C 448 -16.73 45.71 -66.08
N VAL C 449 -16.64 45.59 -67.41
CA VAL C 449 -16.82 46.75 -68.28
C VAL C 449 -18.27 47.25 -68.19
N GLY C 450 -19.23 46.35 -68.31
CA GLY C 450 -20.64 46.75 -68.29
C GLY C 450 -21.28 46.70 -66.94
N GLY C 451 -20.73 45.90 -66.03
CA GLY C 451 -21.29 45.76 -64.70
C GLY C 451 -22.33 44.66 -64.62
N ASN C 452 -22.11 43.69 -63.75
CA ASN C 452 -23.02 42.56 -63.59
C ASN C 452 -24.06 42.89 -62.54
N TYR C 453 -25.33 42.93 -62.95
CA TYR C 453 -26.43 43.19 -62.04
C TYR C 453 -27.14 41.90 -61.62
N ASN C 454 -26.59 40.74 -61.96
CA ASN C 454 -27.19 39.48 -61.54
C ASN C 454 -26.97 39.20 -60.06
N TYR C 455 -25.97 39.82 -59.44
CA TYR C 455 -25.72 39.62 -58.02
C TYR C 455 -26.70 40.43 -57.19
N ARG C 456 -27.31 39.78 -56.20
CA ARG C 456 -28.27 40.42 -55.31
C ARG C 456 -27.85 40.18 -53.87
N TYR C 457 -28.13 41.16 -53.02
CA TYR C 457 -27.81 41.09 -51.60
C TYR C 457 -29.01 41.53 -50.78
N ARG C 458 -29.07 41.03 -49.54
CA ARG C 458 -30.17 41.33 -48.63
C ARG C 458 -29.75 42.42 -47.65
N LEU C 459 -30.63 43.40 -47.45
CA LEU C 459 -30.39 44.50 -46.53
C LEU C 459 -31.07 44.31 -45.19
N PHE C 460 -32.31 43.81 -45.17
CA PHE C 460 -33.07 43.66 -43.94
C PHE C 460 -33.54 42.21 -43.80
N ARG C 461 -33.41 41.68 -42.59
CA ARG C 461 -33.87 40.33 -42.28
C ARG C 461 -34.60 40.35 -40.95
N LYS C 462 -35.47 39.35 -40.75
CA LYS C 462 -36.25 39.26 -39.52
C LYS C 462 -35.33 39.10 -38.31
N SER C 463 -34.34 38.22 -38.40
CA SER C 463 -33.45 37.96 -37.28
C SER C 463 -32.11 37.48 -37.81
N ASN C 464 -31.08 37.59 -36.97
CA ASN C 464 -29.75 37.12 -37.33
C ASN C 464 -29.68 35.60 -37.29
N LEU C 465 -28.96 35.03 -38.26
CA LEU C 465 -28.85 33.58 -38.35
C LEU C 465 -28.08 33.01 -37.17
N LYS C 466 -28.56 31.86 -36.68
CA LYS C 466 -27.90 31.19 -35.57
C LYS C 466 -26.62 30.49 -36.06
N PRO C 467 -25.68 30.24 -35.15
CA PRO C 467 -24.47 29.49 -35.54
C PRO C 467 -24.83 28.08 -36.03
N PRO C 495 -37.12 43.63 -51.58
CA PRO C 495 -36.12 43.89 -50.54
C PRO C 495 -34.68 43.61 -50.97
N LEU C 496 -34.46 43.16 -52.20
CA LEU C 496 -33.12 42.80 -52.67
C LEU C 496 -32.59 43.89 -53.60
N GLN C 497 -31.37 44.33 -53.35
CA GLN C 497 -30.70 45.33 -54.16
C GLN C 497 -29.52 44.70 -54.89
N SER C 498 -28.93 45.49 -55.79
CA SER C 498 -27.82 45.03 -56.63
C SER C 498 -26.60 45.90 -56.41
N TYR C 499 -25.43 45.26 -56.36
CA TYR C 499 -24.18 45.98 -56.21
C TYR C 499 -23.84 46.73 -57.50
N GLY C 500 -23.02 47.76 -57.36
CA GLY C 500 -22.53 48.50 -58.51
C GLY C 500 -21.06 48.24 -58.79
N PHE C 501 -20.78 47.49 -59.85
CA PHE C 501 -19.42 47.12 -60.22
C PHE C 501 -19.08 47.88 -61.51
N GLN C 502 -18.52 49.07 -61.36
CA GLN C 502 -18.24 49.93 -62.49
C GLN C 502 -16.81 50.46 -62.42
N PRO C 503 -16.18 50.69 -63.57
CA PRO C 503 -14.86 51.33 -63.58
C PRO C 503 -14.92 52.83 -63.28
N THR C 504 -16.11 53.43 -63.32
CA THR C 504 -16.27 54.86 -63.13
C THR C 504 -16.61 55.23 -61.69
N ASN C 505 -16.75 54.26 -60.79
CA ASN C 505 -17.13 54.56 -59.41
C ASN C 505 -15.90 54.80 -58.54
N GLY C 506 -16.13 55.44 -57.40
CA GLY C 506 -15.07 55.85 -56.51
C GLY C 506 -14.52 54.70 -55.67
N VAL C 507 -13.55 55.07 -54.82
CA VAL C 507 -12.89 54.08 -53.97
C VAL C 507 -13.89 53.42 -53.03
N GLY C 508 -14.79 54.23 -52.44
CA GLY C 508 -15.81 53.67 -51.57
C GLY C 508 -16.73 52.70 -52.28
N TYR C 509 -17.04 52.96 -53.53
CA TYR C 509 -17.91 52.10 -54.33
C TYR C 509 -17.15 51.03 -55.10
N GLN C 510 -15.82 51.05 -55.06
CA GLN C 510 -15.05 50.03 -55.75
C GLN C 510 -15.19 48.68 -55.04
N PRO C 511 -15.15 47.58 -55.79
CA PRO C 511 -15.23 46.26 -55.16
C PRO C 511 -13.94 45.88 -54.45
N TYR C 512 -13.96 45.91 -53.12
CA TYR C 512 -12.82 45.53 -52.30
C TYR C 512 -13.12 44.24 -51.55
N ARG C 513 -12.18 43.31 -51.62
CA ARG C 513 -12.36 41.97 -51.07
C ARG C 513 -11.97 41.97 -49.59
N VAL C 514 -12.91 41.57 -48.74
CA VAL C 514 -12.66 41.35 -47.33
C VAL C 514 -13.01 39.90 -47.03
N VAL C 515 -12.06 39.15 -46.50
CA VAL C 515 -12.21 37.73 -46.25
C VAL C 515 -12.10 37.48 -44.75
N VAL C 516 -13.12 36.85 -44.18
CA VAL C 516 -13.14 36.51 -42.76
C VAL C 516 -13.19 35.00 -42.64
N LEU C 517 -12.25 34.44 -41.88
CA LEU C 517 -12.11 33.00 -41.75
C LEU C 517 -12.40 32.57 -40.31
N SER C 518 -12.63 31.27 -40.15
CA SER C 518 -12.89 30.68 -38.84
C SER C 518 -12.05 29.42 -38.68
N PHE C 519 -11.68 29.15 -37.43
CA PHE C 519 -10.85 28.00 -37.09
C PHE C 519 -11.68 27.01 -36.28
N GLU C 520 -11.59 25.73 -36.64
CA GLU C 520 -12.38 24.68 -36.01
C GLU C 520 -11.48 23.84 -35.13
N LEU C 521 -11.74 23.87 -33.81
CA LEU C 521 -11.00 23.09 -32.84
C LEU C 521 -12.03 22.29 -32.02
N LEU C 522 -12.40 21.13 -32.53
CA LEU C 522 -13.39 20.28 -31.89
C LEU C 522 -12.67 19.28 -30.98
N HIS C 523 -13.40 18.24 -30.55
CA HIS C 523 -12.80 17.17 -29.76
C HIS C 523 -12.12 16.16 -30.68
N ALA C 524 -11.24 16.63 -31.56
CA ALA C 524 -10.51 15.79 -32.48
C ALA C 524 -9.06 16.24 -32.56
N PRO C 525 -8.13 15.31 -32.76
CA PRO C 525 -6.72 15.70 -32.88
C PRO C 525 -6.47 16.51 -34.14
N ALA C 526 -5.61 17.52 -34.02
CA ALA C 526 -5.27 18.34 -35.16
C ALA C 526 -4.44 17.55 -36.16
N THR C 527 -4.77 17.70 -37.45
CA THR C 527 -4.10 16.97 -38.51
C THR C 527 -3.28 17.82 -39.45
N VAL C 528 -3.55 19.12 -39.52
CA VAL C 528 -2.85 20.02 -40.45
C VAL C 528 -1.82 20.80 -39.65
N CYS C 529 -0.55 20.47 -39.85
CA CYS C 529 0.56 21.18 -39.21
C CYS C 529 1.67 21.34 -40.23
N GLY C 530 2.21 22.56 -40.32
CA GLY C 530 3.26 22.83 -41.28
C GLY C 530 4.60 22.32 -40.81
N PRO C 531 5.62 22.51 -41.66
CA PRO C 531 6.97 22.07 -41.29
C PRO C 531 7.60 22.96 -40.22
N LYS C 532 6.97 23.00 -39.05
CA LYS C 532 7.42 23.84 -37.95
C LYS C 532 7.07 23.14 -36.65
N LYS C 533 7.06 23.90 -35.54
CA LYS C 533 6.80 23.41 -34.19
C LYS C 533 7.51 22.10 -33.90
N SER C 534 8.73 21.95 -34.44
CA SER C 534 9.54 20.76 -34.24
C SER C 534 10.99 21.18 -34.08
N THR C 535 11.81 20.22 -33.64
CA THR C 535 13.23 20.44 -33.44
C THR C 535 14.01 19.35 -34.16
N ASN C 536 15.18 19.70 -34.67
CA ASN C 536 16.00 18.76 -35.42
C ASN C 536 16.43 17.60 -34.54
N LEU C 537 16.51 16.41 -35.14
CA LEU C 537 16.88 15.21 -34.39
C LEU C 537 18.37 15.23 -34.07
N VAL C 538 18.71 14.67 -32.90
CA VAL C 538 20.09 14.55 -32.45
C VAL C 538 20.32 13.14 -31.97
N LYS C 539 21.61 12.78 -31.84
CA LYS C 539 22.00 11.46 -31.36
C LYS C 539 23.15 11.60 -30.38
N ASN C 540 23.25 10.64 -29.46
CA ASN C 540 24.32 10.56 -28.48
C ASN C 540 24.43 11.84 -27.65
N LYS C 541 23.31 12.49 -27.38
CA LYS C 541 23.28 13.68 -26.55
C LYS C 541 22.06 13.64 -25.64
N CYS C 542 22.27 13.88 -24.36
CA CYS C 542 21.18 13.86 -23.39
C CYS C 542 20.22 15.01 -23.69
N VAL C 543 19.05 14.68 -24.23
CA VAL C 543 18.08 15.68 -24.66
C VAL C 543 16.68 15.28 -24.20
N ASN C 544 15.81 16.28 -24.09
CA ASN C 544 14.41 16.06 -23.84
C ASN C 544 13.71 15.77 -25.17
N PHE C 545 12.69 14.90 -25.12
CA PHE C 545 11.93 14.55 -26.30
C PHE C 545 10.43 14.67 -26.03
N ASN C 546 9.69 15.05 -27.07
CA ASN C 546 8.23 15.14 -27.01
C ASN C 546 7.71 14.60 -28.34
N PHE C 547 7.30 13.33 -28.34
CA PHE C 547 6.86 12.63 -29.55
C PHE C 547 5.35 12.43 -29.44
N ASN C 548 4.59 13.43 -29.93
CA ASN C 548 3.13 13.42 -29.86
C ASN C 548 2.64 13.24 -28.42
N GLY C 549 3.30 13.92 -27.49
CA GLY C 549 2.97 13.84 -26.08
C GLY C 549 3.85 12.91 -25.28
N LEU C 550 4.65 12.08 -25.93
CA LEU C 550 5.56 11.18 -25.22
C LEU C 550 6.66 12.00 -24.56
N THR C 551 6.60 12.12 -23.24
CA THR C 551 7.55 12.93 -22.49
C THR C 551 8.72 12.06 -22.02
N GLY C 552 9.68 12.68 -21.36
CA GLY C 552 10.85 12.02 -20.85
C GLY C 552 12.13 12.63 -21.38
N THR C 553 13.24 12.03 -20.96
CA THR C 553 14.57 12.50 -21.35
C THR C 553 15.49 11.30 -21.49
N GLY C 554 16.25 11.25 -22.59
CA GLY C 554 17.12 10.14 -22.83
C GLY C 554 18.17 10.48 -23.87
N VAL C 555 19.02 9.50 -24.14
CA VAL C 555 20.10 9.62 -25.12
C VAL C 555 19.71 8.76 -26.32
N LEU C 556 19.22 9.41 -27.37
CA LEU C 556 18.74 8.68 -28.54
C LEU C 556 19.90 8.05 -29.30
N THR C 557 19.76 6.77 -29.65
CA THR C 557 20.82 6.05 -30.35
C THR C 557 20.28 5.38 -31.61
N GLU C 558 21.10 4.51 -32.21
CA GLU C 558 20.73 3.76 -33.40
C GLU C 558 20.57 2.29 -33.06
N SER C 559 19.51 1.67 -33.57
CA SER C 559 19.22 0.28 -33.27
C SER C 559 18.48 -0.36 -34.43
N ASN C 560 18.73 -1.65 -34.63
CA ASN C 560 18.05 -2.42 -35.67
C ASN C 560 16.92 -3.25 -35.06
N LYS C 561 15.87 -2.55 -34.65
CA LYS C 561 14.67 -3.17 -34.08
C LYS C 561 13.48 -2.81 -34.96
N LYS C 562 13.28 -3.59 -36.03
CA LYS C 562 12.25 -3.26 -37.01
C LYS C 562 10.86 -3.32 -36.40
N PHE C 563 9.99 -2.42 -36.85
CA PHE C 563 8.64 -2.27 -36.35
C PHE C 563 7.63 -2.82 -37.35
N LEU C 564 6.48 -3.24 -36.83
CA LEU C 564 5.35 -3.47 -37.69
C LEU C 564 4.82 -2.13 -38.19
N PRO C 565 4.17 -2.10 -39.36
CA PRO C 565 3.84 -0.81 -40.00
C PRO C 565 3.11 0.18 -39.12
N PHE C 566 2.18 -0.27 -38.28
CA PHE C 566 1.38 0.64 -37.47
C PHE C 566 1.92 0.84 -36.05
N GLN C 567 3.03 0.19 -35.71
CA GLN C 567 3.59 0.34 -34.36
C GLN C 567 4.18 1.72 -34.17
N GLN C 568 3.96 2.30 -32.99
CA GLN C 568 4.39 3.67 -32.71
C GLN C 568 5.41 3.75 -31.58
N PHE C 569 5.10 3.21 -30.41
CA PHE C 569 5.98 3.27 -29.26
C PHE C 569 6.83 2.01 -29.19
N GLY C 570 7.55 1.84 -28.08
CA GLY C 570 8.32 0.64 -27.87
C GLY C 570 8.59 0.44 -26.40
N ARG C 571 8.65 -0.83 -25.99
CA ARG C 571 8.90 -1.19 -24.60
C ARG C 571 9.82 -2.40 -24.56
N ASP C 572 10.06 -2.92 -23.37
CA ASP C 572 10.99 -4.02 -23.18
C ASP C 572 10.50 -4.87 -22.00
N ILE C 573 11.40 -5.70 -21.46
CA ILE C 573 11.04 -6.60 -20.37
C ILE C 573 10.60 -5.80 -19.15
N ALA C 574 11.31 -4.72 -18.84
CA ALA C 574 11.04 -3.93 -17.65
C ALA C 574 9.85 -2.99 -17.80
N ASP C 575 9.19 -2.98 -18.97
CA ASP C 575 8.03 -2.12 -19.22
C ASP C 575 8.42 -0.64 -19.10
N THR C 576 9.35 -0.24 -19.95
CA THR C 576 9.80 1.15 -20.03
C THR C 576 9.94 1.54 -21.50
N THR C 577 9.78 2.84 -21.77
CA THR C 577 9.91 3.33 -23.14
C THR C 577 11.31 3.07 -23.67
N ASP C 578 11.44 2.18 -24.65
CA ASP C 578 12.74 1.69 -25.10
C ASP C 578 13.11 2.15 -26.50
N ALA C 579 12.14 2.23 -27.43
CA ALA C 579 12.44 2.60 -28.80
C ALA C 579 11.37 3.56 -29.31
N VAL C 580 11.73 4.35 -30.32
CA VAL C 580 10.83 5.31 -30.94
C VAL C 580 10.97 5.21 -32.46
N ARG C 581 9.99 5.78 -33.16
CA ARG C 581 9.93 5.73 -34.61
C ARG C 581 10.17 7.11 -35.20
N ASP C 582 10.88 7.15 -36.32
CA ASP C 582 11.19 8.40 -37.00
C ASP C 582 10.42 8.51 -38.30
N PRO C 583 9.41 9.38 -38.39
CA PRO C 583 8.78 9.62 -39.69
C PRO C 583 9.74 10.20 -40.72
N GLN C 584 10.81 10.86 -40.28
CA GLN C 584 11.77 11.44 -41.22
C GLN C 584 12.44 10.36 -42.05
N THR C 585 12.96 9.32 -41.40
CA THR C 585 13.56 8.18 -42.08
C THR C 585 13.21 6.92 -41.32
N LEU C 586 13.05 5.82 -42.07
CA LEU C 586 12.57 4.58 -41.50
C LEU C 586 13.65 3.93 -40.63
N GLU C 587 13.96 4.56 -39.50
CA GLU C 587 14.99 4.09 -38.60
C GLU C 587 14.42 3.88 -37.21
N ILE C 588 15.16 3.15 -36.39
CA ILE C 588 14.74 2.79 -35.04
C ILE C 588 15.72 3.41 -34.05
N LEU C 589 15.21 4.26 -33.18
CA LEU C 589 16.03 4.98 -32.20
C LEU C 589 15.73 4.44 -30.82
N ASP C 590 16.77 3.95 -30.14
CA ASP C 590 16.62 3.50 -28.76
C ASP C 590 16.58 4.68 -27.80
N ILE C 591 16.23 4.39 -26.55
CA ILE C 591 16.28 5.36 -25.47
C ILE C 591 17.00 4.72 -24.30
N THR C 592 17.99 5.43 -23.74
CA THR C 592 18.87 4.87 -22.74
C THR C 592 18.91 5.76 -21.51
N PRO C 593 19.19 5.18 -20.34
CA PRO C 593 19.39 6.01 -19.15
C PRO C 593 20.54 6.98 -19.35
N CYS C 594 20.40 8.18 -18.78
CA CYS C 594 21.28 9.27 -19.15
C CYS C 594 22.70 9.06 -18.65
N SER C 595 22.90 9.12 -17.34
CA SER C 595 24.20 8.72 -16.80
C SER C 595 24.10 7.83 -15.57
N PHE C 596 23.17 8.13 -14.66
CA PHE C 596 23.12 7.51 -13.32
C PHE C 596 24.54 7.54 -12.75
N GLY C 597 25.09 6.41 -12.29
CA GLY C 597 26.47 6.36 -11.86
C GLY C 597 26.73 6.95 -10.49
N GLY C 598 27.58 6.28 -9.71
CA GLY C 598 27.96 6.78 -8.41
C GLY C 598 29.20 7.66 -8.48
N VAL C 599 29.58 8.20 -7.31
CA VAL C 599 30.78 9.00 -7.16
C VAL C 599 31.50 8.52 -5.91
N SER C 600 32.49 7.65 -6.06
CA SER C 600 33.33 7.26 -4.95
C SER C 600 34.48 8.23 -4.80
N VAL C 601 35.18 8.15 -3.67
CA VAL C 601 36.32 8.99 -3.36
C VAL C 601 37.41 8.09 -2.79
N ILE C 602 38.37 7.73 -3.63
CA ILE C 602 39.44 6.81 -3.25
C ILE C 602 40.56 7.64 -2.62
N THR C 603 40.62 7.64 -1.30
CA THR C 603 41.65 8.39 -0.59
C THR C 603 42.35 7.50 0.43
N PRO C 604 43.62 7.78 0.72
CA PRO C 604 44.26 7.19 1.89
C PRO C 604 43.90 7.99 3.13
N GLY C 605 44.49 7.66 4.28
CA GLY C 605 44.21 8.41 5.49
C GLY C 605 44.61 9.87 5.31
N THR C 606 43.83 10.75 5.94
CA THR C 606 44.11 12.18 5.81
C THR C 606 45.46 12.54 6.41
N ASN C 607 45.96 11.74 7.35
CA ASN C 607 47.31 11.95 7.86
C ASN C 607 48.35 11.60 6.80
N THR C 608 48.11 10.52 6.05
CA THR C 608 49.07 10.10 5.03
C THR C 608 49.13 11.09 3.88
N SER C 609 47.99 11.58 3.41
CA SER C 609 47.95 12.46 2.25
C SER C 609 46.66 13.26 2.28
N ASN C 610 46.53 14.16 1.30
CA ASN C 610 45.32 14.95 1.08
C ASN C 610 44.89 14.86 -0.38
N GLN C 611 45.16 13.73 -1.02
CA GLN C 611 44.92 13.53 -2.44
C GLN C 611 43.74 12.59 -2.65
N VAL C 612 42.89 12.93 -3.61
CA VAL C 612 41.68 12.17 -3.88
C VAL C 612 41.78 11.51 -5.23
N ALA C 613 40.99 10.46 -5.42
CA ALA C 613 40.84 9.78 -6.71
C ALA C 613 39.36 9.43 -6.89
N VAL C 614 38.61 10.36 -7.50
CA VAL C 614 37.17 10.18 -7.62
C VAL C 614 36.85 9.12 -8.66
N LEU C 615 36.04 8.14 -8.29
CA LEU C 615 35.58 7.10 -9.19
C LEU C 615 34.12 7.33 -9.55
N TYR C 616 33.83 7.36 -10.85
CA TYR C 616 32.47 7.46 -11.34
C TYR C 616 32.04 6.06 -11.78
N GLN C 617 31.02 5.52 -11.11
CA GLN C 617 30.70 4.10 -11.24
C GLN C 617 29.90 3.81 -12.51
N GLY C 618 30.34 2.81 -13.26
CA GLY C 618 29.59 2.24 -14.39
C GLY C 618 29.27 3.29 -15.45
N VAL C 619 30.18 4.24 -15.64
CA VAL C 619 30.07 5.24 -16.70
C VAL C 619 31.45 5.44 -17.31
N ASN C 620 31.50 5.61 -18.62
CA ASN C 620 32.77 5.87 -19.27
C ASN C 620 33.11 7.36 -19.21
N CYS C 621 34.39 7.66 -19.42
CA CYS C 621 34.89 9.03 -19.38
C CYS C 621 34.75 9.70 -20.76
N THR C 622 33.51 9.76 -21.23
CA THR C 622 33.21 10.39 -22.51
C THR C 622 32.25 11.56 -22.38
N GLU C 623 31.29 11.49 -21.45
CA GLU C 623 30.38 12.59 -21.17
C GLU C 623 30.74 13.34 -19.90
N VAL C 624 31.88 13.01 -19.28
CA VAL C 624 32.31 13.68 -18.06
C VAL C 624 33.35 14.74 -18.38
N ASN C 645 43.46 13.68 -15.65
CA ASN C 645 43.76 12.27 -15.89
C ASN C 645 42.50 11.43 -15.77
N VAL C 646 42.31 10.50 -16.70
CA VAL C 646 41.16 9.60 -16.69
C VAL C 646 41.64 8.20 -17.07
N PHE C 647 41.16 7.19 -16.33
CA PHE C 647 41.45 5.80 -16.63
C PHE C 647 40.14 5.03 -16.63
N GLN C 648 39.92 4.22 -17.67
CA GLN C 648 38.65 3.55 -17.88
C GLN C 648 38.74 2.11 -17.37
N THR C 649 37.86 1.78 -16.44
CA THR C 649 37.73 0.43 -15.92
C THR C 649 36.33 -0.09 -16.19
N ARG C 650 36.14 -1.40 -15.97
CA ARG C 650 34.80 -1.96 -16.05
C ARG C 650 33.89 -1.35 -14.99
N ALA C 651 34.47 -0.88 -13.88
CA ALA C 651 33.67 -0.28 -12.82
C ALA C 651 33.15 1.10 -13.20
N GLY C 652 33.84 1.79 -14.09
CA GLY C 652 33.37 3.07 -14.58
C GLY C 652 34.52 4.05 -14.73
N CYS C 653 34.16 5.34 -14.73
CA CYS C 653 35.12 6.41 -14.97
C CYS C 653 35.91 6.69 -13.70
N LEU C 654 37.24 6.78 -13.84
CA LEU C 654 38.13 6.97 -12.71
C LEU C 654 39.00 8.19 -12.98
N ILE C 655 38.96 9.15 -12.05
CA ILE C 655 39.66 10.43 -12.18
C ILE C 655 40.63 10.58 -11.01
N GLY C 656 41.88 10.88 -11.32
CA GLY C 656 42.88 11.17 -10.30
C GLY C 656 43.86 10.07 -10.01
N ALA C 657 43.80 8.96 -10.73
CA ALA C 657 44.77 7.88 -10.55
C ALA C 657 45.19 7.36 -11.92
N GLU C 658 46.37 6.76 -11.95
CA GLU C 658 46.98 6.27 -13.18
C GLU C 658 47.08 4.75 -13.17
N HIS C 659 46.79 4.14 -14.32
CA HIS C 659 46.86 2.69 -14.44
C HIS C 659 48.30 2.21 -14.28
N VAL C 660 48.45 1.11 -13.55
CA VAL C 660 49.75 0.47 -13.36
C VAL C 660 49.66 -0.94 -13.94
N ASN C 661 50.54 -1.25 -14.90
CA ASN C 661 50.52 -2.57 -15.52
C ASN C 661 50.84 -3.66 -14.50
N ASN C 662 51.78 -3.40 -13.61
CA ASN C 662 52.09 -4.35 -12.55
C ASN C 662 50.90 -4.51 -11.61
N SER C 663 50.68 -5.73 -11.15
CA SER C 663 49.56 -6.05 -10.27
C SER C 663 50.07 -6.18 -8.84
N TYR C 664 49.47 -5.42 -7.93
CA TYR C 664 49.86 -5.38 -6.53
C TYR C 664 48.76 -5.98 -5.67
N GLU C 665 49.01 -5.99 -4.36
CA GLU C 665 47.99 -6.44 -3.41
C GLU C 665 46.89 -5.41 -3.28
N CYS C 666 45.67 -5.89 -3.07
CA CYS C 666 44.50 -5.02 -3.03
C CYS C 666 44.43 -4.27 -1.71
N ASP C 667 44.27 -2.95 -1.79
CA ASP C 667 44.17 -2.12 -0.60
C ASP C 667 42.81 -1.42 -0.50
N ILE C 668 42.42 -0.65 -1.50
CA ILE C 668 41.15 0.08 -1.49
C ILE C 668 40.28 -0.50 -2.60
N PRO C 669 39.18 -1.17 -2.27
CA PRO C 669 38.38 -1.81 -3.33
C PRO C 669 37.65 -0.79 -4.19
N ILE C 670 38.07 -0.65 -5.44
CA ILE C 670 37.45 0.31 -6.34
C ILE C 670 36.25 -0.29 -7.06
N GLY C 671 36.37 -1.53 -7.53
CA GLY C 671 35.27 -2.22 -8.18
C GLY C 671 35.66 -2.86 -9.50
N ALA C 672 34.96 -3.95 -9.83
CA ALA C 672 35.15 -4.65 -11.11
C ALA C 672 36.59 -5.08 -11.32
N GLY C 673 37.22 -5.60 -10.27
CA GLY C 673 38.56 -6.14 -10.39
C GLY C 673 39.67 -5.11 -10.33
N ILE C 674 39.35 -3.83 -10.16
CA ILE C 674 40.33 -2.76 -10.04
C ILE C 674 40.31 -2.28 -8.60
N CYS C 675 41.49 -2.08 -8.01
CA CYS C 675 41.57 -1.52 -6.68
C CYS C 675 42.91 -0.82 -6.50
N ALA C 676 42.91 0.21 -5.65
CA ALA C 676 44.01 1.16 -5.56
C ALA C 676 45.05 0.74 -4.54
N SER C 677 46.16 1.49 -4.54
CA SER C 677 47.22 1.35 -3.55
C SER C 677 48.05 2.63 -3.60
N TYR C 678 49.00 2.74 -2.66
CA TYR C 678 49.82 3.93 -2.55
C TYR C 678 51.28 3.71 -2.89
N GLN C 679 51.78 2.48 -2.75
CA GLN C 679 53.19 2.19 -3.01
C GLN C 679 53.51 2.32 -4.50
N THR C 680 54.80 2.56 -4.78
CA THR C 680 55.28 2.66 -6.14
C THR C 680 55.64 1.28 -6.69
N SER C 693 55.39 14.19 -4.88
CA SER C 693 56.10 13.16 -5.65
C SER C 693 55.24 11.91 -5.79
N GLN C 694 54.36 11.69 -4.83
CA GLN C 694 53.50 10.52 -4.82
C GLN C 694 52.08 10.89 -5.27
N SER C 695 51.37 9.89 -5.77
CA SER C 695 50.01 10.06 -6.25
C SER C 695 49.27 8.74 -6.15
N ILE C 696 47.95 8.81 -6.24
CA ILE C 696 47.11 7.62 -6.15
C ILE C 696 47.18 6.87 -7.46
N ILE C 697 47.23 5.53 -7.38
CA ILE C 697 47.23 4.69 -8.56
C ILE C 697 46.01 3.79 -8.52
N ALA C 698 45.58 3.35 -9.70
CA ALA C 698 44.45 2.43 -9.85
C ALA C 698 44.86 1.35 -10.84
N TYR C 699 44.95 0.11 -10.35
CA TYR C 699 45.56 -0.97 -11.12
C TYR C 699 44.70 -2.21 -11.05
N THR C 700 44.88 -3.09 -12.03
CA THR C 700 44.27 -4.41 -11.96
C THR C 700 44.90 -5.21 -10.83
N MET C 701 44.08 -5.82 -10.01
CA MET C 701 44.53 -6.46 -8.79
C MET C 701 44.77 -7.95 -9.00
N SER C 702 45.78 -8.47 -8.32
CA SER C 702 46.04 -9.90 -8.26
C SER C 702 46.06 -10.31 -6.79
N LEU C 703 45.45 -11.46 -6.49
CA LEU C 703 45.39 -11.94 -5.12
C LEU C 703 46.78 -12.37 -4.69
N GLY C 704 47.44 -11.52 -3.91
CA GLY C 704 48.81 -11.80 -3.50
C GLY C 704 49.70 -11.96 -4.71
N ALA C 705 50.51 -13.02 -4.71
CA ALA C 705 51.39 -13.35 -5.82
C ALA C 705 51.01 -14.72 -6.34
N GLU C 706 50.82 -14.82 -7.66
CA GLU C 706 50.53 -16.11 -8.28
C GLU C 706 51.64 -17.10 -8.00
N ASN C 707 51.27 -18.30 -7.59
CA ASN C 707 52.21 -19.35 -7.25
C ASN C 707 52.14 -20.47 -8.27
N SER C 708 53.30 -20.92 -8.74
CA SER C 708 53.39 -22.05 -9.64
C SER C 708 53.56 -23.32 -8.82
N VAL C 709 52.57 -24.21 -8.88
CA VAL C 709 52.62 -25.45 -8.11
C VAL C 709 53.62 -26.40 -8.76
N ALA C 710 54.59 -26.86 -7.98
CA ALA C 710 55.55 -27.86 -8.44
C ALA C 710 54.99 -29.25 -8.14
N TYR C 711 54.01 -29.64 -8.95
CA TYR C 711 53.32 -30.91 -8.78
C TYR C 711 53.90 -31.96 -9.72
N SER C 712 54.15 -33.15 -9.18
CA SER C 712 54.62 -34.28 -9.96
C SER C 712 54.09 -35.55 -9.31
N ASN C 713 54.39 -36.70 -9.92
CA ASN C 713 53.94 -37.98 -9.40
C ASN C 713 54.50 -38.25 -8.01
N ASN C 714 55.59 -37.58 -7.63
CA ASN C 714 56.21 -37.79 -6.33
C ASN C 714 56.47 -36.50 -5.58
N SER C 715 55.93 -35.37 -6.03
CA SER C 715 56.22 -34.07 -5.44
C SER C 715 55.35 -33.86 -4.20
N ILE C 716 55.98 -33.78 -3.03
CA ILE C 716 55.29 -33.53 -1.77
C ILE C 716 56.06 -32.48 -1.00
N ALA C 717 55.33 -31.62 -0.29
CA ALA C 717 55.91 -30.64 0.63
C ALA C 717 55.42 -30.96 2.04
N ILE C 718 56.36 -31.13 2.96
CA ILE C 718 56.04 -31.49 4.34
C ILE C 718 56.76 -30.54 5.28
N PRO C 719 56.07 -29.94 6.26
CA PRO C 719 56.72 -28.92 7.09
C PRO C 719 57.63 -29.56 8.13
N THR C 720 58.91 -29.21 8.08
CA THR C 720 59.83 -29.59 9.15
C THR C 720 59.75 -28.65 10.34
N ASN C 721 59.08 -27.52 10.21
CA ASN C 721 59.01 -26.53 11.27
C ASN C 721 57.68 -25.79 11.18
N PHE C 722 57.33 -25.11 12.26
CA PHE C 722 55.99 -24.56 12.43
C PHE C 722 56.07 -23.15 13.00
N THR C 723 54.90 -22.57 13.23
CA THR C 723 54.72 -21.45 14.14
C THR C 723 53.44 -21.71 14.92
N ILE C 724 53.49 -21.57 16.23
CA ILE C 724 52.26 -21.59 17.05
C ILE C 724 51.78 -20.15 17.08
N SER C 725 51.08 -19.76 16.02
CA SER C 725 50.57 -18.41 15.93
C SER C 725 49.41 -18.24 16.92
N VAL C 726 49.04 -16.99 17.13
CA VAL C 726 47.89 -16.64 17.95
C VAL C 726 47.12 -15.60 17.16
N THR C 727 46.05 -16.04 16.49
CA THR C 727 45.19 -15.10 15.80
C THR C 727 44.28 -14.42 16.82
N THR C 728 43.35 -13.61 16.35
CA THR C 728 42.40 -12.96 17.25
C THR C 728 41.14 -12.66 16.44
N GLU C 729 40.12 -13.48 16.59
CA GLU C 729 38.84 -13.28 15.94
C GLU C 729 37.87 -12.79 16.99
N ILE C 730 37.30 -11.61 16.77
CA ILE C 730 36.58 -10.90 17.81
C ILE C 730 35.10 -10.83 17.46
N LEU C 731 34.32 -11.79 17.96
CA LEU C 731 32.93 -11.79 17.55
C LEU C 731 32.07 -11.07 18.57
N PRO C 732 31.05 -10.34 18.11
CA PRO C 732 30.04 -9.83 19.04
C PRO C 732 29.27 -10.98 19.65
N VAL C 733 28.79 -10.76 20.88
CA VAL C 733 27.93 -11.72 21.56
C VAL C 733 26.58 -11.11 21.88
N SER C 734 26.55 -9.88 22.36
CA SER C 734 25.30 -9.19 22.62
C SER C 734 25.49 -7.71 22.33
N MET C 735 24.37 -7.05 22.03
CA MET C 735 24.34 -5.60 21.93
C MET C 735 23.80 -5.04 23.24
N THR C 736 23.73 -3.71 23.33
CA THR C 736 23.20 -3.10 24.53
C THR C 736 21.69 -3.35 24.62
N LYS C 737 21.25 -3.82 25.78
CA LYS C 737 19.82 -4.10 25.96
C LYS C 737 19.05 -2.80 25.95
N THR C 738 17.84 -2.84 25.40
CA THR C 738 17.01 -1.66 25.30
C THR C 738 15.55 -2.06 25.45
N SER C 739 14.73 -1.13 25.93
CA SER C 739 13.28 -1.33 26.00
C SER C 739 12.64 0.03 25.78
N VAL C 740 12.33 0.33 24.52
CA VAL C 740 11.81 1.64 24.12
C VAL C 740 10.30 1.58 24.28
N ASP C 741 9.79 2.17 25.35
CA ASP C 741 8.35 2.23 25.55
C ASP C 741 7.73 3.31 24.66
N CYS C 742 6.63 2.94 24.00
CA CYS C 742 6.02 3.83 23.02
C CYS C 742 5.47 5.09 23.70
N THR C 743 4.74 4.91 24.79
CA THR C 743 4.01 6.03 25.39
C THR C 743 4.96 7.13 25.85
N MET C 744 5.99 6.76 26.62
CA MET C 744 6.92 7.77 27.10
C MET C 744 7.95 8.17 26.04
N TYR C 745 8.25 7.29 25.07
CA TYR C 745 9.13 7.71 23.98
C TYR C 745 8.49 8.81 23.14
N ILE C 746 7.20 8.71 22.87
CA ILE C 746 6.54 9.64 21.96
C ILE C 746 5.82 10.75 22.72
N CYS C 747 4.85 10.36 23.54
CA CYS C 747 3.87 11.28 24.08
C CYS C 747 4.30 11.67 25.49
N GLY C 748 4.81 12.88 25.64
CA GLY C 748 5.26 13.32 26.96
C GLY C 748 4.19 14.06 27.73
N ASP C 749 3.44 13.33 28.55
CA ASP C 749 2.35 13.90 29.37
C ASP C 749 1.37 14.70 28.52
N SER C 750 1.01 14.14 27.37
CA SER C 750 0.04 14.75 26.46
C SER C 750 -1.16 13.83 26.35
N THR C 751 -2.33 14.35 26.74
CA THR C 751 -3.54 13.52 26.74
C THR C 751 -3.96 13.15 25.32
N GLU C 752 -4.02 14.15 24.43
CA GLU C 752 -4.41 13.88 23.04
C GLU C 752 -3.43 12.93 22.38
N CYS C 753 -2.13 13.14 22.59
CA CYS C 753 -1.12 12.27 22.02
C CYS C 753 -1.27 10.85 22.56
N SER C 754 -1.47 10.70 23.86
CA SER C 754 -1.59 9.38 24.46
C SER C 754 -2.82 8.65 23.94
N ASN C 755 -3.95 9.35 23.82
CA ASN C 755 -5.15 8.71 23.29
C ASN C 755 -5.00 8.33 21.83
N LEU C 756 -4.42 9.21 21.02
CA LEU C 756 -4.25 8.90 19.60
C LEU C 756 -3.23 7.79 19.39
N LEU C 757 -2.28 7.63 20.32
CA LEU C 757 -1.36 6.50 20.26
C LEU C 757 -2.01 5.21 20.73
N LEU C 758 -2.89 5.30 21.72
CA LEU C 758 -3.67 4.13 22.14
C LEU C 758 -4.65 3.69 21.07
N GLN C 759 -5.03 4.59 20.16
CA GLN C 759 -5.89 4.18 19.04
C GLN C 759 -5.23 3.08 18.22
N TYR C 760 -3.94 3.20 17.94
CA TYR C 760 -3.23 2.12 17.28
C TYR C 760 -3.21 0.86 18.13
N GLY C 761 -3.23 1.02 19.45
CA GLY C 761 -3.40 -0.11 20.34
C GLY C 761 -2.19 -1.02 20.45
N SER C 762 -2.30 -2.18 19.81
CA SER C 762 -1.38 -3.28 20.08
C SER C 762 0.07 -2.92 19.77
N PHE C 763 0.31 -2.13 18.72
CA PHE C 763 1.68 -1.86 18.28
C PHE C 763 2.62 -1.54 19.42
N CYS C 764 2.14 -0.77 20.40
CA CYS C 764 2.97 -0.48 21.57
C CYS C 764 3.42 -1.77 22.24
N THR C 765 2.50 -2.72 22.43
CA THR C 765 2.88 -3.93 23.15
C THR C 765 3.72 -4.86 22.27
N GLN C 766 3.49 -4.92 20.95
CA GLN C 766 4.42 -5.74 20.16
C GLN C 766 5.82 -5.15 20.14
N LEU C 767 5.93 -3.83 20.02
CA LEU C 767 7.24 -3.19 20.19
C LEU C 767 7.89 -3.56 21.51
N ASN C 768 7.14 -3.44 22.61
CA ASN C 768 7.71 -3.67 23.93
C ASN C 768 8.13 -5.13 24.10
N ARG C 769 7.27 -6.06 23.69
CA ARG C 769 7.63 -7.48 23.81
C ARG C 769 8.75 -7.87 22.86
N ALA C 770 8.82 -7.28 21.67
CA ALA C 770 9.94 -7.56 20.79
C ALA C 770 11.25 -7.11 21.41
N LEU C 771 11.28 -5.89 21.95
CA LEU C 771 12.50 -5.40 22.56
C LEU C 771 12.85 -6.16 23.84
N THR C 772 11.83 -6.57 24.60
CA THR C 772 12.07 -7.37 25.79
C THR C 772 12.61 -8.75 25.43
N GLY C 773 12.09 -9.35 24.37
CA GLY C 773 12.65 -10.58 23.87
C GLY C 773 14.09 -10.41 23.43
N ILE C 774 14.38 -9.29 22.78
CA ILE C 774 15.77 -8.99 22.41
C ILE C 774 16.65 -8.95 23.65
N ALA C 775 16.22 -8.21 24.68
CA ALA C 775 17.03 -8.06 25.88
C ALA C 775 17.24 -9.41 26.58
N VAL C 776 16.16 -10.17 26.76
CA VAL C 776 16.28 -11.45 27.44
C VAL C 776 17.12 -12.42 26.61
N GLU C 777 17.06 -12.33 25.28
CA GLU C 777 17.90 -13.21 24.49
C GLU C 777 19.35 -12.76 24.43
N GLN C 778 19.65 -11.47 24.66
CA GLN C 778 21.05 -11.09 24.81
C GLN C 778 21.59 -11.57 26.16
N ASP C 779 20.76 -11.52 27.20
CA ASP C 779 21.15 -12.18 28.45
C ASP C 779 21.33 -13.68 28.24
N LYS C 780 20.47 -14.28 27.40
CA LYS C 780 20.63 -15.69 27.04
C LYS C 780 21.94 -15.92 26.29
N ASN C 781 22.31 -15.01 25.39
CA ASN C 781 23.57 -15.12 24.68
C ASN C 781 24.73 -15.06 25.64
N THR C 782 24.69 -14.12 26.58
CA THR C 782 25.76 -14.00 27.56
C THR C 782 25.86 -15.26 28.42
N GLN C 783 24.72 -15.79 28.85
CA GLN C 783 24.72 -17.00 29.67
C GLN C 783 25.21 -18.22 28.88
N GLU C 784 24.72 -18.37 27.65
CA GLU C 784 25.14 -19.49 26.80
C GLU C 784 26.64 -19.41 26.51
N VAL C 785 27.14 -18.21 26.26
CA VAL C 785 28.56 -18.05 25.91
C VAL C 785 29.42 -18.28 27.14
N PHE C 786 29.31 -17.39 28.14
CA PHE C 786 30.26 -17.44 29.24
C PHE C 786 29.89 -18.51 30.27
N ALA C 787 28.61 -18.68 30.56
CA ALA C 787 28.19 -19.65 31.56
C ALA C 787 28.11 -21.06 30.99
N GLN C 788 29.18 -21.53 30.35
CA GLN C 788 29.28 -22.94 30.00
C GLN C 788 29.66 -23.80 31.19
N VAL C 789 30.09 -23.19 32.29
CA VAL C 789 30.52 -23.89 33.48
C VAL C 789 29.61 -23.52 34.63
N LYS C 790 29.20 -24.53 35.41
CA LYS C 790 28.27 -24.30 36.51
C LYS C 790 28.95 -23.58 37.66
N GLN C 791 30.15 -24.02 38.04
CA GLN C 791 30.85 -23.50 39.20
C GLN C 791 31.84 -22.42 38.80
N ILE C 792 32.12 -21.52 39.74
CA ILE C 792 33.12 -20.47 39.57
C ILE C 792 34.48 -21.02 39.97
N TYR C 793 35.52 -20.57 39.29
CA TYR C 793 36.88 -21.05 39.52
C TYR C 793 37.81 -19.89 39.84
N LYS C 794 38.87 -20.19 40.59
CA LYS C 794 39.87 -19.20 40.97
C LYS C 794 41.24 -19.67 40.50
N THR C 795 42.08 -18.72 40.11
CA THR C 795 43.42 -19.06 39.66
C THR C 795 44.23 -19.62 40.83
N PRO C 796 45.02 -20.67 40.60
CA PRO C 796 45.81 -21.23 41.69
C PRO C 796 46.86 -20.23 42.16
N PRO C 797 47.26 -20.31 43.43
CA PRO C 797 48.27 -19.36 43.93
C PRO C 797 49.58 -19.41 43.18
N ILE C 798 49.99 -20.59 42.71
CA ILE C 798 51.24 -20.75 41.99
C ILE C 798 50.94 -20.95 40.51
N LYS C 799 51.64 -20.20 39.67
CA LYS C 799 51.48 -20.27 38.21
C LYS C 799 52.72 -20.93 37.64
N ASP C 800 52.67 -22.25 37.49
CA ASP C 800 53.75 -23.04 36.91
C ASP C 800 53.16 -23.82 35.74
N PHE C 801 53.30 -23.24 34.55
CA PHE C 801 52.71 -23.80 33.33
C PHE C 801 53.76 -24.31 32.36
N GLY C 802 55.03 -24.37 32.78
CA GLY C 802 56.08 -24.83 31.89
C GLY C 802 56.55 -23.82 30.87
N GLY C 803 56.27 -22.53 31.10
CA GLY C 803 56.69 -21.47 30.19
C GLY C 803 55.53 -20.62 29.70
N PHE C 804 54.34 -21.19 29.62
CA PHE C 804 53.16 -20.45 29.20
C PHE C 804 52.77 -19.48 30.29
N ASN C 805 53.03 -18.19 30.10
CA ASN C 805 52.68 -17.17 31.08
C ASN C 805 51.42 -16.47 30.61
N PHE C 806 50.38 -16.52 31.44
CA PHE C 806 49.10 -15.89 31.14
C PHE C 806 48.85 -14.65 31.99
N SER C 807 49.91 -14.07 32.57
CA SER C 807 49.75 -12.89 33.40
C SER C 807 49.12 -11.73 32.62
N GLN C 808 49.21 -11.76 31.29
CA GLN C 808 48.51 -10.76 30.49
C GLN C 808 47.01 -10.98 30.53
N ILE C 809 46.56 -12.25 30.46
CA ILE C 809 45.14 -12.54 30.27
C ILE C 809 44.49 -13.01 31.57
N LEU C 810 45.26 -13.61 32.47
CA LEU C 810 44.71 -13.98 33.75
C LEU C 810 44.38 -12.72 34.55
N PRO C 811 43.26 -12.70 35.27
CA PRO C 811 42.89 -11.49 36.01
C PRO C 811 43.94 -11.13 37.06
N ASP C 812 44.20 -9.83 37.20
CA ASP C 812 45.18 -9.35 38.15
C ASP C 812 44.48 -8.88 39.41
N PRO C 813 44.72 -9.52 40.55
CA PRO C 813 44.04 -9.09 41.79
C PRO C 813 44.33 -7.65 42.17
N SER C 814 45.52 -7.16 41.88
CA SER C 814 45.89 -5.79 42.24
C SER C 814 45.17 -4.74 41.40
N LYS C 815 44.52 -5.15 40.31
CA LYS C 815 43.79 -4.20 39.49
C LYS C 815 42.56 -3.69 40.24
N PRO C 816 42.11 -2.46 39.94
CA PRO C 816 40.88 -1.96 40.59
C PRO C 816 39.68 -2.84 40.32
N SER C 817 39.57 -3.40 39.11
CA SER C 817 38.56 -4.38 38.77
C SER C 817 39.26 -5.63 38.25
N LYS C 818 38.68 -6.79 38.53
CA LYS C 818 39.35 -8.04 38.18
C LYS C 818 39.24 -8.32 36.69
N ARG C 819 39.77 -7.41 35.88
CA ARG C 819 39.87 -7.59 34.44
C ARG C 819 41.34 -7.51 34.03
N SER C 820 41.69 -8.26 32.99
CA SER C 820 43.08 -8.42 32.63
C SER C 820 43.56 -7.24 31.80
N PHE C 821 44.85 -7.29 31.45
CA PHE C 821 45.48 -6.23 30.68
C PHE C 821 44.79 -6.05 29.34
N ILE C 822 44.56 -7.17 28.63
CA ILE C 822 43.94 -7.09 27.31
C ILE C 822 42.50 -6.58 27.41
N GLU C 823 41.76 -7.04 28.42
CA GLU C 823 40.39 -6.55 28.57
C GLU C 823 40.37 -5.05 28.85
N ASP C 824 41.37 -4.56 29.61
CA ASP C 824 41.51 -3.12 29.80
C ASP C 824 41.80 -2.43 28.48
N LEU C 825 42.66 -3.02 27.65
CA LEU C 825 42.90 -2.44 26.31
C LEU C 825 41.62 -2.36 25.51
N LEU C 826 40.80 -3.41 25.54
CA LEU C 826 39.52 -3.41 24.84
C LEU C 826 38.63 -2.28 25.33
N PHE C 827 38.47 -2.16 26.66
CA PHE C 827 37.58 -1.13 27.18
C PHE C 827 38.09 0.27 26.82
N ASN C 828 39.40 0.50 26.95
CA ASN C 828 39.95 1.80 26.58
C ASN C 828 39.88 2.04 25.08
N LYS C 829 39.80 0.98 24.27
CA LYS C 829 39.63 1.15 22.84
C LYS C 829 38.22 1.61 22.51
N VAL C 830 37.22 0.81 22.85
CA VAL C 830 35.85 1.11 22.47
C VAL C 830 35.30 2.24 23.34
N THR C 831 34.63 3.19 22.71
CA THR C 831 34.06 4.33 23.42
C THR C 831 32.61 4.56 23.00
N LEU C 853 27.43 9.48 23.93
CA LEU C 853 27.15 8.15 23.42
C LEU C 853 26.77 7.20 24.55
N ILE C 854 27.54 7.25 25.65
CA ILE C 854 27.28 6.37 26.78
C ILE C 854 25.91 6.67 27.38
N CYS C 855 25.61 7.96 27.61
CA CYS C 855 24.33 8.37 28.13
C CYS C 855 23.65 9.42 27.28
N ALA C 856 24.26 9.85 26.18
CA ALA C 856 23.64 10.86 25.32
C ALA C 856 22.39 10.36 24.62
N GLN C 857 22.21 9.03 24.55
CA GLN C 857 21.01 8.43 23.95
C GLN C 857 20.09 7.83 25.01
N LYS C 858 20.11 8.37 26.22
CA LYS C 858 19.20 7.95 27.27
C LYS C 858 18.30 9.08 27.75
N PHE C 859 18.37 10.26 27.13
CA PHE C 859 17.63 11.43 27.59
C PHE C 859 16.30 11.62 26.87
N ASN C 860 15.96 10.74 25.92
CA ASN C 860 14.74 10.87 25.13
C ASN C 860 13.80 9.69 25.32
N GLY C 861 13.97 8.91 26.39
CA GLY C 861 13.17 7.74 26.62
C GLY C 861 13.76 6.45 26.12
N LEU C 862 14.93 6.50 25.47
CA LEU C 862 15.59 5.31 24.96
C LEU C 862 16.40 4.67 26.09
N THR C 863 15.66 4.20 27.10
CA THR C 863 16.32 3.66 28.28
C THR C 863 17.12 2.42 27.92
N VAL C 864 18.28 2.27 28.54
CA VAL C 864 19.17 1.14 28.31
C VAL C 864 19.15 0.27 29.55
N LEU C 865 18.63 -0.93 29.42
CA LEU C 865 18.64 -1.87 30.53
C LEU C 865 20.07 -2.30 30.79
N PRO C 866 20.55 -2.23 32.02
CA PRO C 866 21.90 -2.72 32.29
C PRO C 866 21.97 -4.22 32.08
N PRO C 867 23.12 -4.74 31.69
CA PRO C 867 23.25 -6.19 31.54
C PRO C 867 22.99 -6.87 32.87
N LEU C 868 22.27 -8.00 32.81
CA LEU C 868 22.07 -8.81 34.01
C LEU C 868 23.40 -9.16 34.63
N LEU C 869 24.41 -9.37 33.79
CA LEU C 869 25.76 -9.74 34.22
C LEU C 869 26.63 -8.49 34.10
N THR C 870 27.14 -7.99 35.23
CA THR C 870 27.93 -6.77 35.17
C THR C 870 29.23 -7.01 34.42
N ASP C 871 29.96 -5.93 34.15
CA ASP C 871 31.23 -6.08 33.45
C ASP C 871 32.22 -6.90 34.26
N GLU C 872 32.32 -6.61 35.57
CA GLU C 872 33.23 -7.38 36.41
C GLU C 872 32.75 -8.82 36.58
N MET C 873 31.44 -9.05 36.54
CA MET C 873 30.93 -10.41 36.69
C MET C 873 31.12 -11.23 35.40
N ILE C 874 30.99 -10.59 34.24
CA ILE C 874 31.35 -11.26 32.99
C ILE C 874 32.84 -11.54 32.96
N ALA C 875 33.65 -10.61 33.46
CA ALA C 875 35.08 -10.89 33.63
C ALA C 875 35.31 -12.05 34.58
N GLN C 876 34.46 -12.18 35.59
CA GLN C 876 34.54 -13.32 36.50
C GLN C 876 34.27 -14.64 35.76
N TYR C 877 33.21 -14.66 34.95
CA TYR C 877 32.97 -15.82 34.08
C TYR C 877 34.16 -16.12 33.19
N THR C 878 34.69 -15.11 32.52
CA THR C 878 35.79 -15.34 31.58
C THR C 878 37.03 -15.85 32.30
N SER C 879 37.31 -15.31 33.48
CA SER C 879 38.44 -15.78 34.28
C SER C 879 38.23 -17.22 34.71
N ALA C 880 37.01 -17.58 35.12
CA ALA C 880 36.72 -18.95 35.49
C ALA C 880 36.88 -19.88 34.30
N LEU C 881 36.39 -19.46 33.13
CA LEU C 881 36.51 -20.27 31.92
C LEU C 881 37.96 -20.48 31.56
N LEU C 882 38.77 -19.42 31.64
CA LEU C 882 40.18 -19.52 31.28
C LEU C 882 40.92 -20.39 32.28
N ALA C 883 40.67 -20.22 33.57
CA ALA C 883 41.31 -21.05 34.59
C ALA C 883 40.87 -22.50 34.47
N GLY C 884 39.62 -22.74 34.06
CA GLY C 884 39.20 -24.11 33.79
C GLY C 884 39.92 -24.70 32.60
N THR C 885 40.18 -23.88 31.58
CA THR C 885 40.98 -24.36 30.46
C THR C 885 42.40 -24.69 30.89
N ILE C 886 42.98 -23.90 31.78
CA ILE C 886 44.32 -24.20 32.28
C ILE C 886 44.33 -25.48 33.11
N THR C 887 43.56 -25.50 34.19
CA THR C 887 43.66 -26.60 35.16
C THR C 887 43.00 -27.88 34.63
N SER C 888 41.94 -27.75 33.86
CA SER C 888 41.16 -28.88 33.38
C SER C 888 41.14 -28.98 31.87
N GLY C 889 40.90 -27.87 31.18
CA GLY C 889 40.93 -27.87 29.71
C GLY C 889 39.53 -28.08 29.12
N TRP C 890 39.28 -29.29 28.63
CA TRP C 890 38.01 -29.64 28.02
C TRP C 890 37.07 -30.40 28.95
N THR C 891 37.59 -31.02 30.01
CA THR C 891 36.79 -31.90 30.83
C THR C 891 35.78 -31.17 31.71
N PHE C 892 35.86 -29.84 31.81
CA PHE C 892 34.95 -29.11 32.68
C PHE C 892 33.65 -28.73 31.98
N GLY C 893 33.47 -29.12 30.72
CA GLY C 893 32.22 -28.89 30.03
C GLY C 893 31.22 -30.01 30.21
N ALA C 894 31.71 -31.17 30.63
CA ALA C 894 30.87 -32.34 30.89
C ALA C 894 30.33 -32.37 32.31
N GLY C 895 30.76 -31.45 33.17
CA GLY C 895 30.35 -31.45 34.56
C GLY C 895 31.37 -30.75 35.43
N ALA C 896 31.74 -31.40 36.54
CA ALA C 896 32.82 -30.88 37.37
C ALA C 896 34.15 -30.98 36.62
N ALA C 897 35.06 -30.06 36.93
CA ALA C 897 36.33 -30.02 36.23
C ALA C 897 37.20 -31.21 36.64
N LEU C 898 38.25 -31.43 35.86
CA LEU C 898 39.19 -32.53 36.07
C LEU C 898 40.60 -31.96 35.94
N GLN C 899 41.31 -31.87 37.07
CA GLN C 899 42.63 -31.24 37.10
C GLN C 899 43.58 -31.91 36.11
N ILE C 900 44.31 -31.10 35.35
CA ILE C 900 45.36 -31.60 34.47
C ILE C 900 46.36 -30.49 34.20
N PRO C 901 47.67 -30.78 34.23
CA PRO C 901 48.66 -29.74 33.94
C PRO C 901 48.55 -29.23 32.52
N PHE C 902 48.96 -27.97 32.33
CA PHE C 902 48.91 -27.36 31.01
C PHE C 902 49.83 -28.07 30.04
N ALA C 903 51.02 -28.47 30.49
CA ALA C 903 51.95 -29.20 29.63
C ALA C 903 51.40 -30.57 29.24
N MET C 904 50.35 -31.04 29.94
CA MET C 904 49.61 -32.22 29.53
C MET C 904 48.39 -31.90 28.70
N GLN C 905 47.86 -30.68 28.79
CA GLN C 905 46.70 -30.32 27.97
C GLN C 905 47.12 -30.07 26.52
N MET C 906 48.23 -29.37 26.31
CA MET C 906 48.77 -29.22 24.96
C MET C 906 49.24 -30.55 24.38
N ALA C 907 49.47 -31.55 25.22
CA ALA C 907 49.82 -32.88 24.70
C ALA C 907 48.65 -33.54 23.99
N TYR C 908 47.43 -33.06 24.20
CA TYR C 908 46.27 -33.57 23.51
C TYR C 908 45.65 -32.58 22.54
N ARG C 909 45.81 -31.28 22.80
CA ARG C 909 45.35 -30.28 21.85
C ARG C 909 46.23 -30.25 20.61
N PHE C 910 47.45 -30.78 20.68
CA PHE C 910 48.16 -31.16 19.47
C PHE C 910 47.61 -32.45 18.87
N ASN C 911 47.29 -33.43 19.72
CA ASN C 911 46.86 -34.73 19.22
C ASN C 911 45.58 -34.62 18.41
N GLY C 912 44.74 -33.63 18.70
CA GLY C 912 43.50 -33.48 17.94
C GLY C 912 43.74 -33.14 16.48
N ILE C 913 44.74 -32.33 16.19
CA ILE C 913 44.99 -31.86 14.84
C ILE C 913 46.06 -32.68 14.13
N GLY C 914 46.30 -33.91 14.59
CA GLY C 914 47.29 -34.76 13.97
C GLY C 914 48.72 -34.47 14.37
N VAL C 915 48.94 -33.56 15.30
CA VAL C 915 50.27 -33.27 15.84
C VAL C 915 50.54 -34.20 17.01
N THR C 916 51.55 -35.04 16.89
CA THR C 916 51.93 -35.91 18.00
C THR C 916 52.42 -35.07 19.17
N GLN C 917 52.06 -35.48 20.38
CA GLN C 917 52.42 -34.73 21.59
C GLN C 917 53.93 -34.66 21.79
N ASN C 918 54.69 -35.53 21.14
CA ASN C 918 56.14 -35.48 21.28
C ASN C 918 56.70 -34.16 20.78
N VAL C 919 56.01 -33.51 19.84
CA VAL C 919 56.43 -32.19 19.39
C VAL C 919 56.49 -31.23 20.57
N LEU C 920 55.40 -31.15 21.33
CA LEU C 920 55.40 -30.31 22.53
C LEU C 920 56.43 -30.80 23.54
N TYR C 921 56.47 -32.11 23.77
CA TYR C 921 57.36 -32.61 24.80
C TYR C 921 58.83 -32.47 24.44
N GLU C 922 59.15 -32.11 23.19
CA GLU C 922 60.52 -31.87 22.79
C GLU C 922 60.85 -30.40 22.57
N ASN C 923 59.88 -29.54 22.27
CA ASN C 923 60.18 -28.11 22.20
C ASN C 923 59.14 -27.30 22.97
N GLN C 924 58.86 -27.74 24.20
CA GLN C 924 57.95 -27.02 25.08
C GLN C 924 58.43 -25.59 25.35
N LYS C 925 59.73 -25.43 25.63
CA LYS C 925 60.26 -24.09 25.87
C LYS C 925 60.10 -23.21 24.65
N LEU C 926 60.39 -23.74 23.46
CA LEU C 926 60.26 -22.97 22.24
C LEU C 926 58.80 -22.58 21.99
N ILE C 927 57.87 -23.51 22.20
CA ILE C 927 56.45 -23.19 22.00
C ILE C 927 56.00 -22.13 23.00
N ALA C 928 56.45 -22.23 24.25
CA ALA C 928 56.08 -21.24 25.26
C ALA C 928 56.62 -19.87 24.89
N ASN C 929 57.87 -19.82 24.41
CA ASN C 929 58.44 -18.54 23.98
C ASN C 929 57.66 -17.98 22.80
N GLN C 930 57.31 -18.83 21.83
CA GLN C 930 56.54 -18.36 20.70
C GLN C 930 55.18 -17.86 21.12
N PHE C 931 54.54 -18.53 22.09
CA PHE C 931 53.21 -18.13 22.52
C PHE C 931 53.24 -16.82 23.29
N ASN C 932 54.23 -16.63 24.17
CA ASN C 932 54.30 -15.37 24.91
C ASN C 932 54.70 -14.22 23.98
N SER C 933 55.60 -14.48 23.03
CA SER C 933 55.89 -13.47 22.01
C SER C 933 54.65 -13.16 21.20
N ALA C 934 53.82 -14.17 20.92
CA ALA C 934 52.60 -13.97 20.16
C ALA C 934 51.61 -13.09 20.92
N ILE C 935 51.43 -13.33 22.22
CA ILE C 935 50.51 -12.49 22.99
C ILE C 935 51.07 -11.08 23.12
N GLY C 936 52.40 -10.94 23.23
CA GLY C 936 52.98 -9.61 23.16
C GLY C 936 52.68 -8.93 21.84
N LYS C 937 52.76 -9.67 20.73
CA LYS C 937 52.41 -9.11 19.44
C LYS C 937 50.93 -8.74 19.38
N ILE C 938 50.08 -9.52 20.04
CA ILE C 938 48.66 -9.19 20.10
C ILE C 938 48.45 -7.87 20.82
N GLN C 939 49.07 -7.70 21.99
CA GLN C 939 48.89 -6.45 22.71
C GLN C 939 49.50 -5.27 21.95
N ASP C 940 50.61 -5.50 21.23
CA ASP C 940 51.20 -4.45 20.42
C ASP C 940 50.26 -4.04 19.29
N SER C 941 49.76 -5.02 18.54
CA SER C 941 48.85 -4.74 17.44
C SER C 941 47.51 -4.18 17.92
N LEU C 942 47.15 -4.40 19.18
CA LEU C 942 45.95 -3.79 19.73
C LEU C 942 46.20 -2.33 20.11
N SER C 943 47.21 -2.09 20.96
CA SER C 943 47.48 -0.73 21.42
C SER C 943 47.84 0.19 20.26
N SER C 944 48.68 -0.29 19.33
CA SER C 944 49.11 0.54 18.22
C SER C 944 48.04 0.67 17.14
N THR C 945 47.39 -0.44 16.78
CA THR C 945 46.46 -0.48 15.66
C THR C 945 45.06 -0.81 16.16
N ALA C 946 44.08 -0.06 15.67
CA ALA C 946 42.69 -0.30 16.04
C ALA C 946 41.95 -1.20 15.07
N SER C 947 42.63 -1.69 14.03
CA SER C 947 41.98 -2.52 13.02
C SER C 947 41.62 -3.91 13.52
N ALA C 948 42.14 -4.31 14.69
CA ALA C 948 41.80 -5.63 15.23
C ALA C 948 40.36 -5.67 15.73
N LEU C 949 39.83 -4.54 16.17
CA LEU C 949 38.49 -4.47 16.74
C LEU C 949 37.42 -4.11 15.72
N GLY C 950 37.61 -4.52 14.46
CA GLY C 950 36.68 -4.14 13.42
C GLY C 950 35.25 -4.55 13.76
N LYS C 951 35.06 -5.81 14.11
CA LYS C 951 33.70 -6.34 14.30
C LYS C 951 32.99 -5.69 15.48
N LEU C 952 33.64 -5.65 16.65
CA LEU C 952 33.00 -5.10 17.83
C LEU C 952 32.83 -3.60 17.74
N GLN C 953 33.89 -2.88 17.35
CA GLN C 953 33.76 -1.45 17.16
C GLN C 953 32.67 -1.15 16.15
N ASN C 954 32.57 -1.96 15.10
CA ASN C 954 31.57 -1.75 14.07
C ASN C 954 30.17 -1.95 14.62
N VAL C 955 29.94 -3.05 15.34
CA VAL C 955 28.58 -3.34 15.82
C VAL C 955 28.14 -2.30 16.85
N VAL C 956 29.04 -1.93 17.77
CA VAL C 956 28.73 -0.83 18.68
C VAL C 956 28.42 0.43 17.89
N ASN C 957 29.15 0.63 16.78
CA ASN C 957 28.86 1.76 15.92
C ASN C 957 27.43 1.68 15.38
N GLN C 958 27.09 0.70 14.52
CA GLN C 958 25.78 0.83 13.88
C GLN C 958 24.66 0.78 14.90
N ASN C 959 24.89 0.18 16.07
CA ASN C 959 23.93 0.37 17.17
C ASN C 959 23.84 1.83 17.57
N ALA C 960 24.99 2.51 17.69
CA ALA C 960 24.99 3.91 18.08
C ALA C 960 24.35 4.80 17.01
N GLN C 961 24.66 4.58 15.74
CA GLN C 961 23.98 5.36 14.71
C GLN C 961 22.50 5.00 14.59
N ALA C 962 22.11 3.76 14.91
CA ALA C 962 20.69 3.45 14.97
C ALA C 962 20.00 4.27 16.06
N LEU C 963 20.61 4.32 17.24
CA LEU C 963 20.06 5.11 18.33
C LEU C 963 20.03 6.60 17.97
N ASN C 964 21.10 7.10 17.34
CA ASN C 964 21.17 8.50 16.97
C ASN C 964 20.15 8.83 15.87
N THR C 965 19.93 7.91 14.93
CA THR C 965 18.89 8.09 13.94
C THR C 965 17.53 8.16 14.59
N LEU C 966 17.28 7.27 15.57
CA LEU C 966 16.02 7.34 16.31
C LEU C 966 15.87 8.69 17.00
N VAL C 967 16.95 9.19 17.60
CA VAL C 967 16.90 10.49 18.27
C VAL C 967 16.58 11.60 17.28
N LYS C 968 17.26 11.60 16.12
CA LYS C 968 17.01 12.63 15.12
C LYS C 968 15.59 12.53 14.57
N GLN C 969 15.00 11.32 14.58
CA GLN C 969 13.61 11.19 14.19
C GLN C 969 12.67 11.97 15.09
N LEU C 970 13.10 12.30 16.31
CA LEU C 970 12.29 13.15 17.18
C LEU C 970 12.08 14.52 16.55
N SER C 971 13.12 15.08 15.94
CA SER C 971 13.09 16.42 15.37
C SER C 971 12.61 16.46 13.93
N SER C 972 12.38 15.31 13.30
CA SER C 972 11.91 15.30 11.92
C SER C 972 10.51 15.87 11.84
N ASN C 973 10.34 16.88 10.98
CA ASN C 973 9.05 17.58 10.91
C ASN C 973 7.94 16.68 10.41
N PHE C 974 8.24 15.84 9.41
CA PHE C 974 7.24 14.96 8.81
C PHE C 974 6.00 15.73 8.36
N GLY C 975 6.23 16.90 7.78
CA GLY C 975 5.12 17.73 7.35
C GLY C 975 4.38 18.44 8.47
N ALA C 976 5.08 18.84 9.53
CA ALA C 976 4.50 19.55 10.65
C ALA C 976 5.18 20.91 10.80
N ILE C 977 4.85 21.60 11.89
CA ILE C 977 5.41 22.92 12.17
C ILE C 977 6.58 22.88 13.14
N SER C 978 6.70 21.82 13.95
CA SER C 978 7.77 21.70 14.93
C SER C 978 7.87 20.24 15.36
N SER C 979 8.64 19.99 16.42
CA SER C 979 8.81 18.64 16.94
C SER C 979 8.30 18.46 18.36
N VAL C 980 8.05 19.53 19.10
CA VAL C 980 7.52 19.44 20.45
C VAL C 980 6.00 19.35 20.37
N LEU C 981 5.44 18.23 20.84
CA LEU C 981 4.03 17.95 20.64
C LEU C 981 3.16 18.91 21.44
N ASN C 982 3.50 19.15 22.71
CA ASN C 982 2.75 20.11 23.50
C ASN C 982 2.84 21.51 22.90
N ASP C 983 4.04 21.88 22.41
CA ASP C 983 4.20 23.20 21.81
C ASP C 983 3.30 23.36 20.58
N ILE C 984 3.28 22.37 19.70
CA ILE C 984 2.47 22.51 18.48
C ILE C 984 0.99 22.49 18.83
N LEU C 985 0.58 21.62 19.77
CA LEU C 985 -0.83 21.54 20.13
C LEU C 985 -1.31 22.84 20.76
N SER C 986 -0.47 23.46 21.60
CA SER C 986 -0.84 24.72 22.20
C SER C 986 -0.81 25.86 21.18
N ARG C 987 0.12 25.79 20.22
CA ARG C 987 0.23 26.88 19.25
C ARG C 987 -0.93 26.89 18.27
N LEU C 988 -1.35 25.72 17.80
CA LEU C 988 -2.37 25.65 16.76
C LEU C 988 -3.74 25.28 17.34
N ASP C 989 -4.77 25.80 16.69
CA ASP C 989 -6.14 25.46 17.04
C ASP C 989 -6.40 23.98 16.77
N PRO C 990 -7.38 23.38 17.45
CA PRO C 990 -7.58 21.92 17.33
C PRO C 990 -7.78 21.43 15.90
N PRO C 991 -8.64 22.02 15.07
CA PRO C 991 -8.96 21.34 13.79
C PRO C 991 -7.74 21.04 12.95
N GLU C 992 -6.68 21.85 13.07
CA GLU C 992 -5.38 21.49 12.53
C GLU C 992 -4.55 20.67 13.52
N ALA C 993 -4.77 20.85 14.83
CA ALA C 993 -3.92 20.19 15.82
C ALA C 993 -4.04 18.68 15.75
N GLU C 994 -5.27 18.13 15.82
CA GLU C 994 -5.36 16.67 15.76
C GLU C 994 -4.91 16.14 14.40
N VAL C 995 -5.27 16.84 13.31
CA VAL C 995 -4.96 16.30 11.99
C VAL C 995 -3.46 16.30 11.75
N GLN C 996 -2.70 17.22 12.38
CA GLN C 996 -1.25 17.19 12.21
C GLN C 996 -0.60 16.20 13.18
N ILE C 997 -1.11 16.10 14.40
CA ILE C 997 -0.51 15.17 15.35
C ILE C 997 -0.77 13.74 14.92
N ASP C 998 -1.85 13.49 14.18
CA ASP C 998 -2.08 12.15 13.65
C ASP C 998 -0.98 11.75 12.68
N ARG C 999 -0.65 12.62 11.73
CA ARG C 999 0.45 12.33 10.81
C ARG C 999 1.77 12.21 11.57
N LEU C 1000 1.98 13.07 12.57
CA LEU C 1000 3.23 13.00 13.32
C LEU C 1000 3.37 11.68 14.05
N ILE C 1001 2.31 11.21 14.71
CA ILE C 1001 2.37 9.94 15.43
C ILE C 1001 2.50 8.79 14.46
N THR C 1002 1.84 8.87 13.30
CA THR C 1002 1.97 7.82 12.29
C THR C 1002 3.41 7.70 11.81
N GLY C 1003 4.03 8.83 11.47
CA GLY C 1003 5.43 8.80 11.06
C GLY C 1003 6.36 8.38 12.18
N ARG C 1004 6.05 8.80 13.41
CA ARG C 1004 6.89 8.43 14.55
C ARG C 1004 6.86 6.92 14.78
N LEU C 1005 5.67 6.32 14.72
CA LEU C 1005 5.55 4.88 14.87
C LEU C 1005 6.15 4.14 13.69
N GLN C 1006 6.06 4.70 12.48
CA GLN C 1006 6.75 4.10 11.35
C GLN C 1006 8.26 4.09 11.57
N SER C 1007 8.79 5.20 12.09
CA SER C 1007 10.22 5.27 12.39
C SER C 1007 10.60 4.25 13.47
N LEU C 1008 9.78 4.13 14.52
CA LEU C 1008 10.01 3.12 15.54
C LEU C 1008 9.97 1.71 14.95
N GLN C 1009 9.00 1.44 14.07
CA GLN C 1009 8.87 0.12 13.51
C GLN C 1009 10.07 -0.23 12.64
N THR C 1010 10.51 0.70 11.79
CA THR C 1010 11.71 0.46 11.00
C THR C 1010 12.92 0.25 11.89
N TYR C 1011 13.07 1.12 12.90
CA TYR C 1011 14.20 1.00 13.81
C TYR C 1011 14.23 -0.37 14.48
N VAL C 1012 13.09 -0.77 15.06
CA VAL C 1012 13.04 -2.05 15.75
C VAL C 1012 13.16 -3.22 14.78
N THR C 1013 12.71 -3.07 13.54
CA THR C 1013 12.83 -4.17 12.60
C THR C 1013 14.29 -4.41 12.25
N GLN C 1014 15.03 -3.34 11.97
CA GLN C 1014 16.48 -3.51 11.85
C GLN C 1014 17.11 -3.96 13.16
N GLN C 1015 16.52 -3.62 14.31
CA GLN C 1015 17.05 -4.10 15.58
C GLN C 1015 16.89 -5.62 15.71
N LEU C 1016 15.74 -6.16 15.31
CA LEU C 1016 15.56 -7.61 15.29
C LEU C 1016 16.45 -8.28 14.24
N ILE C 1017 16.66 -7.63 13.09
CA ILE C 1017 17.55 -8.23 12.10
C ILE C 1017 18.98 -8.28 12.62
N ARG C 1018 19.45 -7.17 13.21
CA ARG C 1018 20.77 -7.16 13.84
C ARG C 1018 20.82 -8.08 15.04
N ALA C 1019 19.72 -8.24 15.76
CA ALA C 1019 19.68 -9.16 16.89
C ALA C 1019 19.76 -10.60 16.42
N ALA C 1020 19.16 -10.91 15.27
CA ALA C 1020 19.31 -12.24 14.68
C ALA C 1020 20.73 -12.46 14.20
N GLU C 1021 21.36 -11.42 13.62
CA GLU C 1021 22.76 -11.53 13.24
C GLU C 1021 23.64 -11.75 14.46
N ILE C 1022 23.37 -11.01 15.55
CA ILE C 1022 24.15 -11.14 16.78
C ILE C 1022 23.84 -12.47 17.45
N ARG C 1023 22.63 -12.99 17.30
CA ARG C 1023 22.31 -14.31 17.81
C ARG C 1023 23.06 -15.39 17.03
N ALA C 1024 23.17 -15.22 15.71
CA ALA C 1024 24.00 -16.12 14.92
C ALA C 1024 25.44 -16.06 15.36
N SER C 1025 25.95 -14.85 15.61
CA SER C 1025 27.32 -14.70 16.09
C SER C 1025 27.50 -15.25 17.51
N ALA C 1026 26.47 -15.16 18.33
CA ALA C 1026 26.55 -15.66 19.70
C ALA C 1026 26.49 -17.18 19.74
N ASN C 1027 25.65 -17.78 18.89
CA ASN C 1027 25.67 -19.22 18.74
C ASN C 1027 26.99 -19.67 18.12
N LEU C 1028 27.54 -18.88 17.21
CA LEU C 1028 28.86 -19.18 16.67
C LEU C 1028 29.93 -19.13 17.75
N ALA C 1029 29.84 -18.14 18.64
CA ALA C 1029 30.78 -18.05 19.77
C ALA C 1029 30.59 -19.22 20.73
N ALA C 1030 29.34 -19.60 20.99
CA ALA C 1030 29.07 -20.72 21.87
C ALA C 1030 29.65 -22.02 21.31
N THR C 1031 29.46 -22.26 20.01
CA THR C 1031 30.06 -23.43 19.38
C THR C 1031 31.58 -23.32 19.34
N LYS C 1032 32.10 -22.13 19.06
CA LYS C 1032 33.54 -21.92 19.03
C LYS C 1032 34.17 -22.23 20.38
N MET C 1033 33.53 -21.81 21.45
CA MET C 1033 34.09 -21.98 22.78
C MET C 1033 33.66 -23.27 23.45
N SER C 1034 32.71 -24.00 22.86
CA SER C 1034 32.44 -25.36 23.32
C SER C 1034 33.40 -26.34 22.65
N GLU C 1035 33.63 -26.18 21.35
CA GLU C 1035 34.59 -27.02 20.64
C GLU C 1035 36.02 -26.58 20.83
N CYS C 1036 36.24 -25.38 21.30
CA CYS C 1036 37.52 -24.73 21.08
C CYS C 1036 38.10 -24.12 22.35
N VAL C 1037 37.25 -23.59 23.23
CA VAL C 1037 37.64 -23.24 24.60
C VAL C 1037 37.45 -24.47 25.49
N LEU C 1038 36.23 -24.99 25.52
CA LEU C 1038 35.90 -26.23 26.22
C LEU C 1038 36.34 -27.47 25.47
N GLY C 1039 37.21 -27.33 24.47
CA GLY C 1039 37.70 -28.47 23.74
C GLY C 1039 38.69 -28.03 22.68
N GLN C 1040 38.91 -28.91 21.71
CA GLN C 1040 39.80 -28.64 20.58
C GLN C 1040 39.01 -28.82 19.29
N SER C 1041 38.67 -27.71 18.64
CA SER C 1041 37.78 -27.76 17.48
C SER C 1041 38.46 -28.46 16.32
N LYS C 1042 37.81 -29.49 15.79
CA LYS C 1042 38.29 -30.18 14.60
C LYS C 1042 37.79 -29.55 13.31
N ARG C 1043 36.86 -28.60 13.39
CA ARG C 1043 36.39 -27.91 12.20
C ARG C 1043 37.49 -27.02 11.64
N VAL C 1044 37.73 -27.11 10.34
CA VAL C 1044 38.82 -26.39 9.72
C VAL C 1044 38.43 -24.93 9.50
N ASP C 1045 39.36 -24.03 9.81
CA ASP C 1045 39.17 -22.59 9.64
C ASP C 1045 37.94 -22.10 10.41
N PHE C 1046 37.70 -22.70 11.58
CA PHE C 1046 36.63 -22.25 12.46
C PHE C 1046 37.13 -21.45 13.65
N CYS C 1047 38.32 -21.78 14.16
CA CYS C 1047 39.01 -21.02 15.20
C CYS C 1047 40.23 -20.30 14.62
N GLY C 1048 40.05 -19.71 13.44
CA GLY C 1048 41.10 -18.96 12.79
C GLY C 1048 41.88 -19.78 11.78
N LYS C 1049 42.67 -19.07 10.99
CA LYS C 1049 43.44 -19.71 9.92
C LYS C 1049 44.40 -20.73 10.50
N GLY C 1050 44.40 -21.94 9.92
CA GLY C 1050 45.29 -22.99 10.35
C GLY C 1050 44.64 -23.92 11.36
N TYR C 1051 45.35 -25.03 11.61
CA TYR C 1051 44.91 -25.96 12.64
C TYR C 1051 44.88 -25.26 13.99
N HIS C 1052 43.96 -25.70 14.84
CA HIS C 1052 43.64 -25.00 16.08
C HIS C 1052 44.07 -25.80 17.31
N LEU C 1053 44.43 -25.07 18.37
CA LEU C 1053 44.90 -25.67 19.61
C LEU C 1053 43.93 -25.44 20.76
N MET C 1054 43.65 -24.19 21.09
CA MET C 1054 42.69 -23.83 22.14
C MET C 1054 42.33 -22.38 21.96
N SER C 1055 41.61 -21.82 22.94
CA SER C 1055 41.22 -20.43 22.88
C SER C 1055 41.09 -19.88 24.29
N PHE C 1056 41.18 -18.56 24.40
CA PHE C 1056 41.09 -17.84 25.66
C PHE C 1056 40.05 -16.74 25.50
N PRO C 1057 38.82 -16.97 25.92
CA PRO C 1057 37.79 -15.93 25.75
C PRO C 1057 38.05 -14.77 26.68
N GLN C 1058 38.52 -13.66 26.12
CA GLN C 1058 38.74 -12.43 26.87
C GLN C 1058 37.60 -11.49 26.55
N SER C 1059 36.81 -11.13 27.57
CA SER C 1059 35.61 -10.37 27.31
C SER C 1059 35.95 -8.98 26.77
N ALA C 1060 34.93 -8.35 26.18
CA ALA C 1060 35.00 -6.98 25.69
C ALA C 1060 33.57 -6.48 25.69
N PRO C 1061 33.32 -5.21 26.01
CA PRO C 1061 31.94 -4.75 26.15
C PRO C 1061 31.15 -4.96 24.86
N HIS C 1062 30.04 -5.69 24.99
CA HIS C 1062 29.18 -6.05 23.86
C HIS C 1062 29.94 -6.92 22.86
N GLY C 1063 30.59 -7.96 23.37
CA GLY C 1063 31.29 -8.89 22.51
C GLY C 1063 32.17 -9.83 23.32
N VAL C 1064 33.05 -10.52 22.60
CA VAL C 1064 34.03 -11.41 23.20
C VAL C 1064 35.22 -11.49 22.27
N VAL C 1065 36.40 -11.69 22.84
CA VAL C 1065 37.64 -11.81 22.08
C VAL C 1065 38.16 -13.21 22.25
N PHE C 1066 38.41 -13.89 21.14
CA PHE C 1066 38.96 -15.24 21.16
C PHE C 1066 40.42 -15.17 20.76
N LEU C 1067 41.32 -15.44 21.70
CA LEU C 1067 42.73 -15.60 21.38
C LEU C 1067 42.92 -17.01 20.84
N HIS C 1068 42.58 -17.18 19.57
CA HIS C 1068 42.65 -18.48 18.92
C HIS C 1068 44.12 -18.84 18.74
N VAL C 1069 44.66 -19.61 19.67
CA VAL C 1069 46.03 -20.11 19.53
C VAL C 1069 46.00 -21.17 18.45
N THR C 1070 46.38 -20.79 17.23
CA THR C 1070 46.32 -21.66 16.08
C THR C 1070 47.71 -22.17 15.74
N TYR C 1071 47.72 -23.26 14.99
CA TYR C 1071 48.95 -23.90 14.52
C TYR C 1071 49.07 -23.64 13.03
N VAL C 1072 50.18 -23.03 12.62
CA VAL C 1072 50.42 -22.72 11.21
C VAL C 1072 51.85 -23.08 10.84
N PRO C 1073 52.06 -24.06 9.96
CA PRO C 1073 53.42 -24.38 9.53
C PRO C 1073 54.05 -23.24 8.77
N ALA C 1074 55.38 -23.16 8.83
CA ALA C 1074 56.11 -22.10 8.15
C ALA C 1074 57.06 -22.63 7.07
N GLN C 1075 57.95 -23.55 7.42
CA GLN C 1075 58.99 -24.01 6.51
C GLN C 1075 58.60 -25.35 5.90
N GLU C 1076 59.00 -25.54 4.64
CA GLU C 1076 58.68 -26.75 3.89
C GLU C 1076 59.94 -27.33 3.25
N LYS C 1077 59.95 -28.65 3.09
CA LYS C 1077 61.04 -29.34 2.41
C LYS C 1077 60.46 -30.41 1.49
N ASN C 1078 60.91 -30.43 0.25
CA ASN C 1078 60.42 -31.38 -0.75
C ASN C 1078 60.97 -32.78 -0.47
N PHE C 1079 60.21 -33.77 -0.93
CA PHE C 1079 60.62 -35.17 -0.82
C PHE C 1079 59.92 -35.99 -1.89
N THR C 1080 60.47 -37.18 -2.14
CA THR C 1080 59.89 -38.12 -3.09
C THR C 1080 58.81 -38.94 -2.39
N THR C 1081 57.74 -39.23 -3.10
CA THR C 1081 56.56 -39.89 -2.54
C THR C 1081 56.33 -41.24 -3.22
N ALA C 1082 55.84 -42.20 -2.43
CA ALA C 1082 55.47 -43.52 -2.94
C ALA C 1082 54.27 -44.02 -2.15
N PRO C 1083 53.24 -44.55 -2.82
CA PRO C 1083 52.06 -45.04 -2.09
C PRO C 1083 52.34 -46.22 -1.18
N ALA C 1084 53.33 -47.06 -1.49
CA ALA C 1084 53.47 -48.32 -0.77
C ALA C 1084 54.92 -48.78 -0.83
N ILE C 1085 55.14 -50.03 -0.42
CA ILE C 1085 56.46 -50.64 -0.33
C ILE C 1085 56.39 -52.10 -0.78
N CYS C 1086 57.36 -52.52 -1.57
CA CYS C 1086 57.55 -53.92 -1.94
C CYS C 1086 58.63 -54.52 -1.05
N HIS C 1087 58.23 -55.32 -0.07
CA HIS C 1087 59.19 -56.01 0.78
C HIS C 1087 59.47 -57.42 0.24
N ASP C 1088 58.43 -58.25 0.17
CA ASP C 1088 58.54 -59.61 -0.35
C ASP C 1088 57.52 -59.82 -1.46
N GLY C 1089 57.41 -58.85 -2.37
CA GLY C 1089 56.33 -58.88 -3.34
C GLY C 1089 54.98 -58.56 -2.76
N LYS C 1090 54.94 -57.91 -1.61
CA LYS C 1090 53.71 -57.61 -0.90
C LYS C 1090 53.70 -56.13 -0.50
N ALA C 1091 52.53 -55.50 -0.62
CA ALA C 1091 52.42 -54.07 -0.41
C ALA C 1091 52.51 -53.72 1.07
N HIS C 1092 52.81 -52.45 1.33
CA HIS C 1092 52.87 -51.91 2.69
C HIS C 1092 52.37 -50.47 2.65
N PHE C 1093 51.22 -50.22 3.26
CA PHE C 1093 50.62 -48.91 3.10
C PHE C 1093 50.87 -48.04 4.33
N PRO C 1094 50.91 -46.72 4.17
CA PRO C 1094 51.07 -45.81 5.32
C PRO C 1094 49.75 -45.67 6.07
N ARG C 1095 49.68 -46.30 7.24
CA ARG C 1095 48.45 -46.23 8.02
C ARG C 1095 48.26 -44.85 8.67
N GLU C 1096 49.36 -44.22 9.08
CA GLU C 1096 49.32 -42.93 9.77
C GLU C 1096 50.50 -42.11 9.27
N GLY C 1097 50.26 -41.32 8.23
CA GLY C 1097 51.28 -40.47 7.64
C GLY C 1097 51.45 -40.77 6.17
N VAL C 1098 52.52 -40.22 5.60
CA VAL C 1098 52.86 -40.41 4.20
C VAL C 1098 54.24 -41.06 4.12
N PHE C 1099 54.64 -41.40 2.91
CA PHE C 1099 55.95 -41.99 2.65
C PHE C 1099 56.91 -40.95 2.11
N VAL C 1100 58.11 -40.91 2.67
CA VAL C 1100 59.17 -39.99 2.24
C VAL C 1100 60.49 -40.74 2.19
N SER C 1101 61.44 -40.18 1.44
CA SER C 1101 62.76 -40.77 1.34
C SER C 1101 63.78 -39.68 1.02
N ASN C 1102 64.94 -39.76 1.67
CA ASN C 1102 66.03 -38.83 1.45
C ASN C 1102 66.97 -39.30 0.33
N GLY C 1103 66.47 -40.13 -0.58
CA GLY C 1103 67.25 -40.66 -1.68
C GLY C 1103 67.86 -42.03 -1.41
N THR C 1104 67.94 -42.44 -0.16
CA THR C 1104 68.49 -43.75 0.20
C THR C 1104 67.47 -44.65 0.88
N HIS C 1105 66.81 -44.16 1.92
CA HIS C 1105 65.88 -44.96 2.71
C HIS C 1105 64.51 -44.31 2.72
N TRP C 1106 63.47 -45.14 2.59
CA TRP C 1106 62.08 -44.67 2.60
C TRP C 1106 61.58 -44.61 4.03
N PHE C 1107 60.99 -43.48 4.42
CA PHE C 1107 60.53 -43.22 5.78
C PHE C 1107 59.06 -42.82 5.78
N VAL C 1108 58.46 -42.87 6.96
CA VAL C 1108 57.06 -42.47 7.18
C VAL C 1108 57.06 -41.21 8.04
N THR C 1109 56.19 -40.27 7.68
CA THR C 1109 56.00 -39.09 8.53
C THR C 1109 54.56 -38.60 8.39
N GLN C 1110 54.09 -37.92 9.43
CA GLN C 1110 52.75 -37.36 9.43
C GLN C 1110 52.71 -36.09 8.58
N ARG C 1111 51.50 -35.53 8.45
CA ARG C 1111 51.22 -34.51 7.46
C ARG C 1111 51.18 -33.10 8.03
N ASN C 1112 51.65 -32.90 9.27
CA ASN C 1112 51.86 -31.57 9.80
C ASN C 1112 53.27 -31.39 10.36
N PHE C 1113 54.10 -32.43 10.31
CA PHE C 1113 55.50 -32.40 10.71
C PHE C 1113 56.26 -33.49 9.99
N TYR C 1114 57.45 -33.16 9.51
CA TYR C 1114 58.39 -34.19 9.09
C TYR C 1114 58.95 -34.85 10.35
N GLU C 1115 58.39 -35.99 10.73
CA GLU C 1115 58.97 -36.84 11.77
C GLU C 1115 59.19 -38.22 11.16
N PRO C 1116 60.37 -38.46 10.61
CA PRO C 1116 60.64 -39.74 9.96
C PRO C 1116 60.79 -40.86 10.97
N GLN C 1117 60.76 -42.08 10.46
CA GLN C 1117 60.93 -43.26 11.29
C GLN C 1117 61.30 -44.44 10.39
N ILE C 1118 62.11 -45.34 10.94
CA ILE C 1118 62.57 -46.50 10.20
C ILE C 1118 61.36 -47.40 9.95
N ILE C 1119 61.05 -47.64 8.67
CA ILE C 1119 59.82 -48.34 8.32
C ILE C 1119 59.92 -49.79 8.76
N THR C 1120 58.86 -50.25 9.43
CA THR C 1120 58.77 -51.61 9.94
C THR C 1120 57.33 -52.05 9.82
N THR C 1121 57.10 -53.37 9.89
CA THR C 1121 55.73 -53.89 9.85
C THR C 1121 54.87 -53.35 10.97
N ASP C 1122 55.48 -52.83 12.04
CA ASP C 1122 54.74 -52.24 13.14
C ASP C 1122 54.02 -50.95 12.75
N ASN C 1123 54.32 -50.39 11.58
CA ASN C 1123 53.69 -49.16 11.13
C ASN C 1123 52.94 -49.28 9.82
N THR C 1124 53.03 -50.41 9.12
CA THR C 1124 52.32 -50.63 7.87
C THR C 1124 51.48 -51.90 7.97
N PHE C 1125 50.52 -52.02 7.06
CA PHE C 1125 49.62 -53.18 7.04
C PHE C 1125 49.63 -53.83 5.67
N VAL C 1126 49.36 -55.14 5.66
CA VAL C 1126 49.31 -55.90 4.42
C VAL C 1126 48.11 -55.46 3.59
N SER C 1127 48.31 -55.37 2.27
CA SER C 1127 47.22 -55.09 1.35
C SER C 1127 47.54 -55.75 0.01
N GLY C 1128 46.98 -56.93 -0.21
CA GLY C 1128 47.16 -57.60 -1.49
C GLY C 1128 48.62 -57.90 -1.77
N ASN C 1129 49.10 -57.43 -2.92
CA ASN C 1129 50.48 -57.64 -3.34
C ASN C 1129 50.95 -56.39 -4.08
N CYS C 1130 52.15 -56.46 -4.66
CA CYS C 1130 52.73 -55.32 -5.33
C CYS C 1130 52.08 -55.05 -6.69
N ASP C 1131 51.46 -56.06 -7.30
CA ASP C 1131 50.99 -55.92 -8.68
C ASP C 1131 49.87 -54.89 -8.81
N VAL C 1132 48.90 -54.94 -7.90
CA VAL C 1132 47.73 -54.06 -8.03
C VAL C 1132 48.12 -52.60 -7.75
N VAL C 1133 49.03 -52.38 -6.80
CA VAL C 1133 49.37 -51.02 -6.38
C VAL C 1133 50.09 -50.30 -7.51
N ILE C 1134 49.75 -49.02 -7.69
CA ILE C 1134 50.35 -48.16 -8.71
C ILE C 1134 51.25 -47.16 -8.00
N GLY C 1135 52.54 -47.15 -8.32
CA GLY C 1135 53.50 -46.27 -7.71
C GLY C 1135 54.31 -46.87 -6.60
N ILE C 1136 54.04 -48.12 -6.22
CA ILE C 1136 54.74 -48.74 -5.11
C ILE C 1136 56.22 -48.93 -5.44
N VAL C 1137 57.06 -48.85 -4.41
CA VAL C 1137 58.51 -48.95 -4.58
C VAL C 1137 59.06 -50.11 -3.75
N ASN C 1138 60.38 -50.28 -3.79
CA ASN C 1138 61.04 -51.43 -3.18
C ASN C 1138 61.80 -51.00 -1.92
N ASN C 1139 61.53 -51.68 -0.81
CA ASN C 1139 62.26 -51.48 0.43
C ASN C 1139 62.27 -52.79 1.22
N THR C 1140 63.19 -52.89 2.16
CA THR C 1140 63.30 -54.05 3.04
C THR C 1140 62.90 -53.66 4.46
N VAL C 1141 62.05 -54.47 5.07
CA VAL C 1141 61.56 -54.23 6.42
C VAL C 1141 62.31 -55.14 7.38
N TYR C 1142 62.92 -54.54 8.40
CA TYR C 1142 63.68 -55.32 9.38
C TYR C 1142 62.76 -55.84 10.48
N ASP C 1143 63.09 -57.03 10.99
CA ASP C 1143 62.31 -57.66 12.05
C ASP C 1143 63.00 -57.45 13.38
N PRO C 1144 62.46 -56.63 14.29
CA PRO C 1144 63.04 -56.39 15.61
C PRO C 1144 63.03 -57.64 16.49
N GLU D 1 -34.63 -5.18 -12.79
CA GLU D 1 -34.86 -5.42 -11.37
C GLU D 1 -36.20 -6.12 -11.14
N VAL D 2 -37.29 -5.44 -11.50
CA VAL D 2 -38.64 -5.96 -11.30
C VAL D 2 -39.18 -6.39 -12.65
N GLN D 3 -39.46 -7.69 -12.78
CA GLN D 3 -39.97 -8.27 -14.02
C GLN D 3 -41.18 -9.13 -13.70
N LEU D 4 -42.27 -8.91 -14.43
CA LEU D 4 -43.51 -9.65 -14.24
C LEU D 4 -43.95 -10.27 -15.57
N VAL D 5 -44.41 -11.51 -15.50
CA VAL D 5 -44.93 -12.23 -16.66
C VAL D 5 -46.34 -12.70 -16.33
N GLU D 6 -47.28 -12.44 -17.23
CA GLU D 6 -48.68 -12.81 -17.06
C GLU D 6 -49.06 -13.80 -18.15
N SER D 7 -49.76 -14.87 -17.76
CA SER D 7 -50.20 -15.89 -18.69
C SER D 7 -51.66 -16.25 -18.40
N GLY D 8 -52.36 -16.69 -19.44
CA GLY D 8 -53.74 -17.05 -19.30
C GLY D 8 -54.47 -16.90 -20.63
N GLY D 9 -55.80 -16.94 -20.55
CA GLY D 9 -56.61 -16.79 -21.73
C GLY D 9 -56.77 -15.34 -22.15
N GLY D 10 -57.15 -15.16 -23.41
CA GLY D 10 -57.36 -13.83 -23.97
C GLY D 10 -58.81 -13.54 -24.29
N VAL D 11 -59.16 -13.62 -25.58
CA VAL D 11 -60.54 -13.41 -25.99
C VAL D 11 -61.39 -14.59 -25.54
N VAL D 12 -62.50 -14.30 -24.86
CA VAL D 12 -63.38 -15.31 -24.34
C VAL D 12 -64.81 -15.02 -24.80
N GLN D 13 -65.49 -16.05 -25.30
CA GLN D 13 -66.89 -15.97 -25.68
C GLN D 13 -67.78 -15.94 -24.44
N PRO D 14 -68.90 -15.21 -24.48
CA PRO D 14 -69.84 -15.23 -23.35
C PRO D 14 -70.37 -16.63 -23.11
N GLY D 15 -70.55 -16.97 -21.83
CA GLY D 15 -71.04 -18.26 -21.41
C GLY D 15 -70.06 -19.04 -20.54
N ARG D 16 -68.75 -18.81 -20.75
CA ARG D 16 -67.71 -19.49 -19.99
C ARG D 16 -66.83 -18.47 -19.30
N SER D 17 -66.14 -18.92 -18.26
CA SER D 17 -65.24 -18.07 -17.50
C SER D 17 -63.82 -18.16 -18.06
N LEU D 18 -62.93 -17.35 -17.50
CA LEU D 18 -61.55 -17.25 -17.96
C LEU D 18 -60.61 -17.37 -16.78
N ARG D 19 -59.53 -18.15 -16.95
CA ARG D 19 -58.50 -18.30 -15.94
C ARG D 19 -57.43 -17.24 -16.18
N LEU D 20 -57.32 -16.29 -15.26
CA LEU D 20 -56.35 -15.21 -15.37
C LEU D 20 -55.36 -15.31 -14.22
N SER D 21 -54.06 -15.26 -14.56
CA SER D 21 -53.01 -15.38 -13.57
C SER D 21 -51.93 -14.34 -13.84
N CYS D 22 -51.39 -13.79 -12.76
CA CYS D 22 -50.23 -12.89 -12.80
C CYS D 22 -49.13 -13.55 -11.98
N ALA D 23 -48.37 -14.42 -12.63
CA ALA D 23 -47.32 -15.16 -11.94
C ALA D 23 -46.23 -14.21 -11.44
N ALA D 24 -45.69 -14.50 -10.26
CA ALA D 24 -44.65 -13.69 -9.65
C ALA D 24 -43.30 -14.37 -9.83
N SER D 25 -42.34 -13.63 -10.39
CA SER D 25 -41.00 -14.17 -10.63
C SER D 25 -39.99 -13.05 -10.46
N GLY D 26 -38.89 -13.36 -9.76
CA GLY D 26 -37.82 -12.40 -9.55
C GLY D 26 -37.96 -11.53 -8.32
N PHE D 27 -39.08 -11.63 -7.59
CA PHE D 27 -39.28 -10.85 -6.38
C PHE D 27 -40.08 -11.66 -5.38
N THR D 28 -39.86 -11.39 -4.10
CA THR D 28 -40.50 -12.15 -3.03
C THR D 28 -41.96 -11.74 -2.94
N PHE D 29 -42.84 -12.53 -3.55
CA PHE D 29 -44.26 -12.19 -3.60
C PHE D 29 -44.88 -12.24 -2.21
N SER D 30 -44.49 -13.20 -1.38
CA SER D 30 -45.12 -13.38 -0.07
C SER D 30 -44.86 -12.24 0.90
N SER D 31 -43.91 -11.35 0.58
CA SER D 31 -43.60 -10.22 1.45
C SER D 31 -44.30 -8.93 1.04
N TYR D 32 -44.76 -8.83 -0.22
CA TYR D 32 -45.38 -7.62 -0.73
C TYR D 32 -46.83 -7.88 -1.10
N GLY D 33 -47.66 -6.84 -0.98
CA GLY D 33 -49.04 -6.95 -1.38
C GLY D 33 -49.21 -6.90 -2.90
N MET D 34 -50.41 -7.27 -3.33
CA MET D 34 -50.77 -7.28 -4.74
C MET D 34 -52.14 -6.67 -4.94
N HIS D 35 -52.39 -6.14 -6.14
CA HIS D 35 -53.65 -5.49 -6.43
C HIS D 35 -54.02 -5.73 -7.89
N TRP D 36 -55.31 -5.56 -8.17
CA TRP D 36 -55.84 -5.62 -9.54
C TRP D 36 -56.67 -4.36 -9.78
N VAL D 37 -56.33 -3.63 -10.84
CA VAL D 37 -56.99 -2.37 -11.17
C VAL D 37 -57.32 -2.38 -12.65
N ARG D 38 -58.34 -1.61 -13.02
CA ARG D 38 -58.84 -1.55 -14.38
C ARG D 38 -58.50 -0.21 -15.02
N GLN D 39 -58.14 -0.24 -16.30
CA GLN D 39 -57.85 0.96 -17.08
C GLN D 39 -58.71 0.90 -18.34
N ALA D 40 -59.91 1.46 -18.26
CA ALA D 40 -60.81 1.47 -19.41
C ALA D 40 -60.22 2.32 -20.53
N PRO D 41 -60.50 1.98 -21.78
CA PRO D 41 -59.94 2.76 -22.90
C PRO D 41 -60.38 4.22 -22.82
N GLY D 42 -59.43 5.11 -23.13
CA GLY D 42 -59.70 6.54 -23.07
C GLY D 42 -59.76 7.14 -21.67
N LYS D 43 -60.53 6.51 -20.78
CA LYS D 43 -60.68 7.00 -19.42
C LYS D 43 -59.47 6.63 -18.57
N GLY D 44 -59.36 7.27 -17.41
CA GLY D 44 -58.26 7.06 -16.51
C GLY D 44 -58.43 5.81 -15.66
N LEU D 45 -57.50 5.65 -14.71
CA LEU D 45 -57.53 4.48 -13.84
C LEU D 45 -58.73 4.53 -12.91
N GLU D 46 -59.40 3.39 -12.76
CA GLU D 46 -60.58 3.26 -11.92
C GLU D 46 -60.40 2.09 -10.96
N TRP D 47 -60.58 2.34 -9.68
CA TRP D 47 -60.46 1.29 -8.67
C TRP D 47 -61.61 0.30 -8.79
N VAL D 48 -61.29 -0.98 -8.68
CA VAL D 48 -62.28 -2.06 -8.70
C VAL D 48 -62.29 -2.84 -7.39
N ALA D 49 -61.12 -3.26 -6.93
CA ALA D 49 -61.02 -4.04 -5.70
C ALA D 49 -59.65 -3.86 -5.09
N VAL D 50 -59.55 -4.20 -3.81
CA VAL D 50 -58.29 -4.15 -3.07
C VAL D 50 -58.25 -5.32 -2.09
N ILE D 51 -57.08 -5.93 -1.96
CA ILE D 51 -56.89 -7.09 -1.08
C ILE D 51 -55.71 -6.78 -0.15
N SER D 52 -55.91 -7.04 1.14
CA SER D 52 -54.88 -6.78 2.14
C SER D 52 -53.78 -7.84 2.05
N TYR D 53 -52.81 -7.74 2.95
CA TYR D 53 -51.71 -8.69 2.97
C TYR D 53 -52.20 -10.09 3.29
N ASP D 54 -53.11 -10.22 4.27
CA ASP D 54 -53.68 -11.51 4.63
C ASP D 54 -54.93 -11.84 3.84
N GLY D 55 -55.46 -10.90 3.06
CA GLY D 55 -56.66 -11.12 2.29
C GLY D 55 -57.96 -10.98 3.04
N SER D 56 -57.91 -10.65 4.33
CA SER D 56 -59.13 -10.51 5.12
C SER D 56 -59.95 -9.29 4.72
N ASN D 57 -59.34 -8.32 4.06
CA ASN D 57 -60.00 -7.09 3.66
C ASN D 57 -60.23 -7.11 2.16
N LYS D 58 -61.49 -7.27 1.74
CA LYS D 58 -61.87 -7.25 0.34
C LYS D 58 -62.96 -6.20 0.16
N TYR D 59 -62.63 -5.10 -0.50
CA TYR D 59 -63.55 -4.01 -0.74
C TYR D 59 -63.86 -3.90 -2.23
N TYR D 60 -65.14 -3.65 -2.54
CA TYR D 60 -65.59 -3.53 -3.92
C TYR D 60 -66.55 -2.37 -4.03
N ALA D 61 -66.70 -1.86 -5.25
CA ALA D 61 -67.63 -0.77 -5.50
C ALA D 61 -69.07 -1.23 -5.27
N ASP D 62 -69.89 -0.30 -4.77
CA ASP D 62 -71.24 -0.66 -4.35
C ASP D 62 -72.10 -1.12 -5.52
N SER D 63 -71.98 -0.44 -6.66
CA SER D 63 -72.85 -0.71 -7.80
C SER D 63 -72.46 -1.95 -8.59
N VAL D 64 -71.29 -2.54 -8.31
CA VAL D 64 -70.80 -3.70 -9.06
C VAL D 64 -70.49 -4.87 -8.15
N LYS D 65 -70.57 -4.70 -6.84
CA LYS D 65 -70.24 -5.77 -5.90
C LYS D 65 -71.21 -6.93 -6.06
N GLY D 66 -70.80 -8.09 -5.55
CA GLY D 66 -71.58 -9.31 -5.65
C GLY D 66 -71.19 -10.20 -6.81
N ARG D 67 -70.84 -9.58 -7.94
CA ARG D 67 -70.39 -10.30 -9.13
C ARG D 67 -68.88 -10.28 -9.31
N PHE D 68 -68.25 -9.13 -9.08
CA PHE D 68 -66.81 -9.02 -9.22
C PHE D 68 -66.13 -9.46 -7.93
N THR D 69 -65.13 -10.34 -8.05
CA THR D 69 -64.41 -10.87 -6.92
C THR D 69 -62.90 -10.72 -7.14
N ILE D 70 -62.19 -10.47 -6.04
CA ILE D 70 -60.73 -10.41 -6.04
C ILE D 70 -60.21 -11.57 -5.19
N SER D 71 -59.00 -12.02 -5.50
CA SER D 71 -58.45 -13.19 -4.82
C SER D 71 -56.92 -13.12 -4.89
N ARG D 72 -56.29 -13.97 -4.08
CA ARG D 72 -54.85 -14.14 -4.09
C ARG D 72 -54.52 -15.44 -3.38
N ASP D 73 -53.30 -15.93 -3.61
CA ASP D 73 -52.83 -17.17 -2.97
C ASP D 73 -51.35 -17.02 -2.66
N ASN D 74 -51.02 -16.90 -1.37
CA ASN D 74 -49.63 -16.82 -0.97
C ASN D 74 -48.93 -18.18 -1.04
N SER D 75 -49.67 -19.26 -0.80
CA SER D 75 -49.06 -20.60 -0.79
C SER D 75 -48.50 -20.96 -2.15
N LYS D 76 -49.23 -20.64 -3.22
CA LYS D 76 -48.82 -21.03 -4.56
C LYS D 76 -47.85 -20.03 -5.19
N ASN D 77 -47.58 -18.91 -4.53
CA ASN D 77 -46.68 -17.87 -5.05
C ASN D 77 -47.15 -17.35 -6.40
N THR D 78 -48.47 -17.29 -6.59
CA THR D 78 -49.07 -16.84 -7.83
C THR D 78 -50.28 -15.96 -7.51
N LEU D 79 -50.79 -15.28 -8.54
CA LEU D 79 -51.92 -14.38 -8.41
C LEU D 79 -53.09 -14.92 -9.23
N TYR D 80 -54.28 -14.89 -8.65
CA TYR D 80 -55.51 -15.22 -9.36
C TYR D 80 -56.55 -14.13 -9.14
N LEU D 81 -57.20 -13.71 -10.22
CA LEU D 81 -58.29 -12.73 -10.16
C LEU D 81 -59.46 -13.34 -10.92
N GLN D 82 -60.36 -14.00 -10.20
CA GLN D 82 -61.51 -14.66 -10.81
C GLN D 82 -62.59 -13.63 -11.11
N MET D 83 -63.01 -13.58 -12.37
CA MET D 83 -64.08 -12.69 -12.81
C MET D 83 -65.35 -13.48 -13.00
N ASN D 84 -66.43 -13.05 -12.34
CA ASN D 84 -67.71 -13.74 -12.40
C ASN D 84 -68.77 -12.79 -12.93
N SER D 85 -69.67 -13.32 -13.76
CA SER D 85 -70.78 -12.57 -14.34
C SER D 85 -70.28 -11.35 -15.11
N LEU D 86 -69.50 -11.63 -16.15
CA LEU D 86 -68.98 -10.58 -17.01
C LEU D 86 -70.08 -10.07 -17.94
N ARG D 87 -70.10 -8.76 -18.16
CA ARG D 87 -71.13 -8.10 -18.96
C ARG D 87 -70.48 -7.37 -20.13
N ALA D 88 -71.31 -6.61 -20.86
CA ALA D 88 -70.84 -5.90 -22.03
C ALA D 88 -70.00 -4.68 -21.68
N GLU D 89 -70.15 -4.15 -20.46
CA GLU D 89 -69.38 -2.99 -20.02
C GLU D 89 -68.06 -3.37 -19.33
N ASP D 90 -67.74 -4.65 -19.25
CA ASP D 90 -66.54 -5.12 -18.58
C ASP D 90 -65.36 -5.33 -19.52
N THR D 91 -65.51 -4.98 -20.80
CA THR D 91 -64.46 -5.20 -21.79
C THR D 91 -63.43 -4.09 -21.66
N ALA D 92 -62.22 -4.45 -21.22
CA ALA D 92 -61.13 -3.49 -21.09
C ALA D 92 -59.82 -4.27 -20.98
N VAL D 93 -58.74 -3.54 -20.73
CA VAL D 93 -57.42 -4.12 -20.55
C VAL D 93 -57.12 -4.21 -19.06
N TYR D 94 -56.52 -5.30 -18.64
CA TYR D 94 -56.28 -5.59 -17.23
C TYR D 94 -54.78 -5.57 -16.94
N TYR D 95 -54.44 -5.23 -15.70
CA TYR D 95 -53.05 -5.21 -15.25
C TYR D 95 -52.98 -5.65 -13.79
N CYS D 96 -51.85 -6.21 -13.42
CA CYS D 96 -51.57 -6.59 -12.04
C CYS D 96 -50.43 -5.71 -11.50
N ALA D 97 -50.67 -5.07 -10.36
CA ALA D 97 -49.72 -4.14 -9.78
C ALA D 97 -49.52 -4.45 -8.31
N ASN D 98 -48.30 -4.26 -7.84
CA ASN D 98 -47.94 -4.44 -6.44
C ASN D 98 -47.81 -3.07 -5.76
N GLY D 99 -48.09 -3.06 -4.46
CA GLY D 99 -48.10 -1.80 -3.73
C GLY D 99 -46.71 -1.20 -3.59
N PHE D 100 -46.68 0.12 -3.50
CA PHE D 100 -45.42 0.86 -3.31
C PHE D 100 -44.92 0.63 -1.89
N GLY D 101 -43.78 -0.05 -1.76
CA GLY D 101 -43.25 -0.38 -0.45
C GLY D 101 -43.95 -1.58 0.17
N GLU D 102 -43.61 -1.84 1.41
CA GLU D 102 -44.17 -2.95 2.17
C GLU D 102 -45.31 -2.46 3.05
N TYR D 103 -46.40 -3.22 3.06
CA TYR D 103 -47.59 -2.96 3.89
C TYR D 103 -48.25 -1.62 3.59
N TYR D 104 -47.92 -0.99 2.47
CA TYR D 104 -48.59 0.21 2.01
C TYR D 104 -49.34 -0.10 0.71
N TYR D 105 -50.63 0.22 0.69
CA TYR D 105 -51.48 -0.06 -0.46
C TYR D 105 -52.19 1.18 -0.99
N TYR D 106 -51.77 2.38 -0.58
CA TYR D 106 -52.36 3.62 -1.07
C TYR D 106 -51.76 4.09 -2.39
N ALA D 107 -50.75 3.38 -2.90
CA ALA D 107 -50.07 3.78 -4.13
C ALA D 107 -49.72 2.55 -4.94
N MET D 108 -49.40 2.77 -6.22
CA MET D 108 -49.00 1.71 -7.14
C MET D 108 -47.53 1.88 -7.48
N ASP D 109 -46.82 0.77 -7.64
CA ASP D 109 -45.38 0.80 -7.86
C ASP D 109 -45.00 0.27 -9.24
N VAL D 110 -45.37 -0.95 -9.58
CA VAL D 110 -44.92 -1.61 -10.80
C VAL D 110 -46.13 -2.17 -11.53
N TRP D 111 -46.19 -1.93 -12.84
CA TRP D 111 -47.23 -2.47 -13.70
C TRP D 111 -46.61 -3.42 -14.72
N GLY D 112 -47.18 -4.61 -14.86
CA GLY D 112 -46.75 -5.56 -15.84
C GLY D 112 -47.27 -5.24 -17.23
N GLN D 113 -46.97 -6.13 -18.16
CA GLN D 113 -47.45 -5.95 -19.53
C GLN D 113 -48.97 -6.04 -19.61
N GLY D 114 -49.59 -6.81 -18.72
CA GLY D 114 -51.03 -6.91 -18.65
C GLY D 114 -51.60 -7.95 -19.60
N THR D 115 -52.89 -8.19 -19.44
CA THR D 115 -53.64 -9.14 -20.26
C THR D 115 -54.91 -8.49 -20.77
N THR D 116 -55.40 -8.98 -21.91
CA THR D 116 -56.58 -8.45 -22.56
C THR D 116 -57.73 -9.43 -22.39
N VAL D 117 -58.83 -8.96 -21.82
CA VAL D 117 -60.03 -9.77 -21.63
C VAL D 117 -61.19 -9.05 -22.31
N THR D 118 -61.93 -9.79 -23.14
CA THR D 118 -63.06 -9.24 -23.89
C THR D 118 -64.24 -10.18 -23.80
N VAL D 119 -65.44 -9.62 -23.67
CA VAL D 119 -66.68 -10.37 -23.64
C VAL D 119 -67.60 -9.74 -24.70
N SER D 120 -67.62 -10.33 -25.88
CA SER D 120 -68.38 -9.80 -27.01
C SER D 120 -68.47 -10.91 -28.06
N SER D 121 -68.97 -10.56 -29.24
CA SER D 121 -69.05 -11.47 -30.37
C SER D 121 -68.51 -10.78 -31.61
N ALA D 122 -67.98 -11.58 -32.54
CA ALA D 122 -67.38 -11.09 -33.76
C ALA D 122 -68.24 -11.46 -34.95
N SER D 123 -68.64 -10.45 -35.73
CA SER D 123 -69.45 -10.64 -36.93
C SER D 123 -68.63 -10.59 -38.20
N THR D 124 -67.61 -9.73 -38.24
CA THR D 124 -66.64 -9.59 -39.33
C THR D 124 -67.26 -9.69 -40.73
N LYS D 125 -68.46 -9.15 -40.89
CA LYS D 125 -69.11 -9.17 -42.19
C LYS D 125 -70.05 -7.98 -42.31
N GLY D 126 -70.22 -7.50 -43.54
CA GLY D 126 -71.13 -6.43 -43.84
C GLY D 126 -70.43 -5.10 -44.01
N PRO D 127 -70.20 -4.69 -45.26
CA PRO D 127 -69.63 -3.37 -45.51
C PRO D 127 -70.62 -2.25 -45.23
N SER D 128 -71.83 -2.37 -45.79
CA SER D 128 -72.90 -1.39 -45.63
C SER D 128 -72.42 0.01 -46.02
N VAL D 129 -71.81 0.09 -47.20
CA VAL D 129 -71.27 1.34 -47.71
C VAL D 129 -72.40 2.13 -48.38
N PHE D 130 -72.62 3.35 -47.92
CA PHE D 130 -73.58 4.25 -48.54
C PHE D 130 -72.86 5.50 -49.03
N PRO D 131 -73.06 5.91 -50.28
CA PRO D 131 -72.32 7.07 -50.81
C PRO D 131 -72.62 8.34 -50.03
N LEU D 132 -71.59 9.16 -49.85
CA LEU D 132 -71.70 10.45 -49.18
C LEU D 132 -71.82 11.53 -50.24
N ALA D 133 -73.03 12.09 -50.36
CA ALA D 133 -73.28 13.09 -51.40
C ALA D 133 -72.47 14.35 -51.13
N PRO D 134 -71.80 14.91 -52.14
CA PRO D 134 -71.08 16.17 -51.94
C PRO D 134 -72.04 17.31 -51.64
N SER D 135 -71.56 18.26 -50.84
CA SER D 135 -72.37 19.43 -50.48
C SER D 135 -71.41 20.56 -50.13
N SER D 136 -71.32 21.57 -51.00
CA SER D 136 -70.42 22.69 -50.78
C SER D 136 -71.18 23.98 -50.48
N LYS D 137 -72.09 24.40 -51.37
CA LYS D 137 -72.84 25.64 -51.22
C LYS D 137 -71.91 26.81 -50.91
N SER D 138 -71.01 27.08 -51.85
CA SER D 138 -69.95 28.06 -51.65
C SER D 138 -70.51 29.46 -51.90
N THR D 139 -70.93 30.12 -50.82
CA THR D 139 -71.30 31.53 -50.85
C THR D 139 -70.12 32.33 -50.33
N SER D 140 -69.11 32.48 -51.20
CA SER D 140 -67.84 33.11 -50.86
C SER D 140 -67.13 32.39 -49.70
N GLY D 141 -67.36 31.08 -49.59
CA GLY D 141 -66.71 30.30 -48.56
C GLY D 141 -65.63 29.37 -49.10
N GLY D 142 -65.89 28.78 -50.26
CA GLY D 142 -64.92 27.88 -50.87
C GLY D 142 -64.64 26.63 -50.07
N THR D 143 -65.67 26.03 -49.47
CA THR D 143 -65.52 24.84 -48.63
C THR D 143 -66.25 23.68 -49.28
N ALA D 144 -65.56 22.55 -49.42
CA ALA D 144 -66.13 21.33 -49.96
C ALA D 144 -65.76 20.17 -49.06
N ALA D 145 -66.76 19.43 -48.59
CA ALA D 145 -66.55 18.32 -47.66
C ALA D 145 -67.22 17.07 -48.22
N LEU D 146 -66.43 16.00 -48.39
CA LEU D 146 -66.96 14.71 -48.80
C LEU D 146 -65.93 13.64 -48.44
N GLY D 147 -66.38 12.40 -48.42
CA GLY D 147 -65.49 11.30 -48.08
C GLY D 147 -66.18 9.97 -48.26
N CYS D 148 -65.41 8.92 -48.02
CA CYS D 148 -65.88 7.55 -48.15
C CYS D 148 -65.91 6.89 -46.78
N LEU D 149 -67.01 6.20 -46.47
CA LEU D 149 -67.24 5.66 -45.14
C LEU D 149 -67.67 4.20 -45.22
N VAL D 150 -67.22 3.39 -44.27
CA VAL D 150 -67.63 2.01 -44.12
C VAL D 150 -68.03 1.77 -42.67
N LYS D 151 -69.05 0.96 -42.46
CA LYS D 151 -69.61 0.71 -41.14
C LYS D 151 -69.55 -0.77 -40.80
N ASP D 152 -69.14 -1.06 -39.56
CA ASP D 152 -69.13 -2.43 -39.02
C ASP D 152 -68.25 -3.36 -39.87
N TYR D 153 -66.95 -3.05 -39.91
CA TYR D 153 -65.97 -3.84 -40.62
C TYR D 153 -64.98 -4.47 -39.65
N PHE D 154 -64.53 -5.69 -39.99
CA PHE D 154 -63.58 -6.44 -39.19
C PHE D 154 -63.04 -7.54 -40.08
N PRO D 155 -61.72 -7.80 -40.09
CA PRO D 155 -60.67 -7.13 -39.31
C PRO D 155 -60.18 -5.82 -39.90
N GLU D 156 -59.56 -5.00 -39.07
CA GLU D 156 -58.95 -3.75 -39.49
C GLU D 156 -57.58 -4.01 -40.11
N PRO D 157 -57.09 -3.09 -40.96
CA PRO D 157 -57.75 -1.86 -41.43
C PRO D 157 -58.36 -1.98 -42.82
N VAL D 158 -58.82 -0.86 -43.36
CA VAL D 158 -59.35 -0.78 -44.71
C VAL D 158 -58.47 0.17 -45.51
N THR D 159 -58.03 -0.27 -46.69
CA THR D 159 -57.16 0.53 -47.53
C THR D 159 -58.01 1.46 -48.40
N VAL D 160 -57.99 2.75 -48.09
CA VAL D 160 -58.68 3.78 -48.86
C VAL D 160 -57.67 4.85 -49.24
N SER D 161 -57.65 5.23 -50.51
CA SER D 161 -56.68 6.20 -51.00
C SER D 161 -57.23 6.87 -52.25
N TRP D 162 -56.61 7.98 -52.62
CA TRP D 162 -56.98 8.74 -53.82
C TRP D 162 -56.26 8.22 -55.06
N ASN D 163 -55.37 7.24 -54.89
CA ASN D 163 -54.72 6.49 -55.98
C ASN D 163 -54.34 7.36 -57.17
N SER D 164 -53.67 8.48 -56.88
CA SER D 164 -53.18 9.38 -57.90
C SER D 164 -51.81 9.88 -57.47
N GLY D 165 -51.33 10.95 -58.14
CA GLY D 165 -50.00 11.45 -57.83
C GLY D 165 -49.88 11.96 -56.40
N ALA D 166 -50.90 12.68 -55.92
CA ALA D 166 -50.86 13.21 -54.57
C ALA D 166 -50.96 12.09 -53.54
N LEU D 167 -50.10 12.16 -52.52
CA LEU D 167 -50.03 11.15 -51.47
C LEU D 167 -50.25 11.75 -50.09
N THR D 168 -50.80 12.96 -50.01
CA THR D 168 -51.02 13.66 -48.75
C THR D 168 -52.49 13.68 -48.36
N SER D 169 -53.20 12.59 -48.66
CA SER D 169 -54.61 12.49 -48.32
C SER D 169 -54.79 12.41 -46.81
N GLY D 170 -55.81 13.11 -46.30
CA GLY D 170 -56.10 13.12 -44.88
C GLY D 170 -56.95 11.94 -44.43
N VAL D 171 -56.33 10.77 -44.32
CA VAL D 171 -57.06 9.57 -43.92
C VAL D 171 -57.23 9.56 -42.40
N HIS D 172 -58.20 8.77 -41.95
CA HIS D 172 -58.55 8.68 -40.54
C HIS D 172 -58.65 7.23 -40.12
N THR D 173 -58.53 6.99 -38.82
CA THR D 173 -58.60 5.66 -38.25
C THR D 173 -60.04 5.34 -37.85
N PHE D 174 -60.24 4.12 -37.33
CA PHE D 174 -61.61 3.76 -36.96
C PHE D 174 -61.77 3.74 -35.45
N PRO D 175 -62.90 4.24 -34.94
CA PRO D 175 -63.17 4.19 -33.49
C PRO D 175 -63.71 2.83 -33.09
N ALA D 176 -62.90 2.07 -32.35
CA ALA D 176 -63.32 0.77 -31.84
C ALA D 176 -64.00 0.99 -30.49
N VAL D 177 -65.30 1.26 -30.54
CA VAL D 177 -66.10 1.54 -29.35
C VAL D 177 -67.08 0.40 -29.14
N LEU D 178 -67.26 -0.01 -27.89
CA LEU D 178 -68.14 -1.12 -27.54
C LEU D 178 -69.12 -0.71 -26.43
N GLN D 179 -69.52 0.56 -26.41
CA GLN D 179 -70.46 1.03 -25.40
C GLN D 179 -71.11 2.31 -25.89
N SER D 180 -72.39 2.48 -25.54
CA SER D 180 -73.16 3.70 -25.81
C SER D 180 -73.21 4.02 -27.31
N SER D 181 -73.83 3.10 -28.05
CA SER D 181 -74.12 3.28 -29.48
C SER D 181 -72.85 3.57 -30.26
N GLY D 182 -71.80 2.79 -30.01
CA GLY D 182 -70.55 2.94 -30.72
C GLY D 182 -70.57 2.28 -32.08
N LEU D 183 -70.57 3.07 -33.15
CA LEU D 183 -70.61 2.58 -34.51
C LEU D 183 -69.33 2.99 -35.24
N TYR D 184 -68.70 2.03 -35.89
CA TYR D 184 -67.46 2.30 -36.62
C TYR D 184 -67.73 3.23 -37.79
N SER D 185 -66.78 4.13 -38.05
CA SER D 185 -66.91 5.09 -39.15
C SER D 185 -65.53 5.52 -39.60
N LEU D 186 -65.33 5.55 -40.92
CA LEU D 186 -64.10 6.03 -41.52
C LEU D 186 -64.39 7.25 -42.36
N SER D 187 -63.46 8.21 -42.35
CA SER D 187 -63.64 9.45 -43.09
C SER D 187 -62.29 9.90 -43.63
N SER D 188 -62.34 10.75 -44.66
CA SER D 188 -61.14 11.32 -45.25
C SER D 188 -61.48 12.69 -45.82
N VAL D 189 -60.43 13.50 -45.98
CA VAL D 189 -60.58 14.86 -46.49
C VAL D 189 -59.63 15.05 -47.66
N VAL D 190 -60.12 15.68 -48.72
CA VAL D 190 -59.33 16.02 -49.89
C VAL D 190 -59.47 17.53 -50.13
N THR D 191 -58.34 18.20 -50.32
CA THR D 191 -58.33 19.66 -50.51
C THR D 191 -58.43 19.94 -52.00
N VAL D 192 -59.62 20.29 -52.46
CA VAL D 192 -59.87 20.60 -53.86
C VAL D 192 -60.61 21.93 -53.95
N PRO D 193 -60.47 22.67 -55.05
CA PRO D 193 -61.24 23.92 -55.18
C PRO D 193 -62.72 23.68 -55.38
N SER D 194 -63.49 24.73 -55.60
CA SER D 194 -64.93 24.60 -55.77
C SER D 194 -65.29 24.13 -57.17
N SER D 195 -64.69 23.01 -57.60
CA SER D 195 -65.02 22.38 -58.86
C SER D 195 -65.83 21.10 -58.68
N SER D 196 -66.25 20.82 -57.45
CA SER D 196 -67.03 19.62 -57.14
C SER D 196 -68.52 19.91 -57.03
N LEU D 197 -68.99 20.98 -57.66
CA LEU D 197 -70.41 21.33 -57.65
C LEU D 197 -71.15 20.56 -58.75
N GLY D 198 -71.01 19.23 -58.70
CA GLY D 198 -71.63 18.35 -59.66
C GLY D 198 -70.91 18.21 -60.97
N THR D 199 -69.73 18.81 -61.12
CA THR D 199 -68.99 18.72 -62.38
C THR D 199 -68.20 17.41 -62.45
N GLN D 200 -67.34 17.18 -61.47
CA GLN D 200 -66.55 15.95 -61.38
C GLN D 200 -67.16 15.03 -60.34
N THR D 201 -67.43 13.79 -60.74
CA THR D 201 -68.04 12.80 -59.86
C THR D 201 -66.96 11.83 -59.37
N TYR D 202 -66.87 11.67 -58.06
CA TYR D 202 -65.88 10.80 -57.44
C TYR D 202 -66.52 9.51 -56.97
N ILE D 203 -65.92 8.39 -57.34
CA ILE D 203 -66.38 7.06 -56.93
C ILE D 203 -65.34 6.47 -56.00
N CYS D 204 -65.78 6.07 -54.80
CA CYS D 204 -64.88 5.47 -53.81
C CYS D 204 -64.61 4.02 -54.21
N ASN D 205 -63.36 3.73 -54.54
CA ASN D 205 -62.96 2.40 -54.99
C ASN D 205 -62.56 1.58 -53.77
N VAL D 206 -63.44 0.67 -53.35
CA VAL D 206 -63.16 -0.26 -52.26
C VAL D 206 -63.47 -1.67 -52.76
N ASN D 207 -62.49 -2.56 -52.66
CA ASN D 207 -62.62 -3.94 -53.10
C ASN D 207 -62.20 -4.84 -51.95
N HIS D 208 -63.17 -5.49 -51.30
CA HIS D 208 -62.87 -6.39 -50.19
C HIS D 208 -62.49 -7.75 -50.77
N LYS D 209 -61.23 -7.82 -51.22
CA LYS D 209 -60.72 -9.05 -51.84
C LYS D 209 -60.78 -10.26 -50.91
N PRO D 210 -60.37 -10.20 -49.65
CA PRO D 210 -60.43 -11.40 -48.80
C PRO D 210 -61.84 -11.93 -48.58
N SER D 211 -62.88 -11.10 -48.76
CA SER D 211 -64.24 -11.54 -48.56
C SER D 211 -65.06 -11.60 -49.84
N ASN D 212 -64.60 -10.97 -50.92
CA ASN D 212 -65.29 -10.97 -52.21
C ASN D 212 -66.70 -10.38 -52.11
N THR D 213 -66.90 -9.48 -51.14
CA THR D 213 -68.18 -8.81 -50.94
C THR D 213 -67.95 -7.31 -51.02
N LYS D 214 -68.55 -6.68 -52.03
CA LYS D 214 -68.37 -5.26 -52.29
C LYS D 214 -69.72 -4.57 -52.44
N VAL D 215 -69.79 -3.32 -52.00
CA VAL D 215 -70.98 -2.50 -52.12
C VAL D 215 -70.62 -1.23 -52.88
N ASP D 216 -71.20 -1.07 -54.07
CA ASP D 216 -70.95 0.08 -54.92
C ASP D 216 -72.27 0.68 -55.36
N LYS D 217 -72.41 2.00 -55.18
CA LYS D 217 -73.63 2.70 -55.52
C LYS D 217 -73.29 4.04 -56.14
N LYS D 218 -74.24 4.57 -56.92
CA LYS D 218 -74.05 5.85 -57.58
C LYS D 218 -74.11 6.99 -56.57
N VAL D 219 -73.64 8.16 -57.00
CA VAL D 219 -73.62 9.36 -56.18
C VAL D 219 -74.70 10.30 -56.69
N GLU D 220 -75.63 10.68 -55.80
CA GLU D 220 -76.73 11.55 -56.15
C GLU D 220 -76.54 12.94 -55.56
N PRO D 221 -77.01 13.98 -56.25
CA PRO D 221 -76.81 15.36 -55.74
C PRO D 221 -77.67 15.67 -54.52
N LYS D 222 -77.50 16.86 -53.96
CA LYS D 222 -78.25 17.29 -52.80
C LYS D 222 -79.66 17.71 -53.20
N SER D 223 -80.51 17.88 -52.19
CA SER D 223 -81.90 18.28 -52.38
C SER D 223 -82.17 19.73 -51.99
N CYS D 224 -81.61 20.19 -50.87
CA CYS D 224 -81.85 21.54 -50.36
C CYS D 224 -83.34 21.82 -50.18
N ASN E 1 -69.35 10.58 -6.71
CA ASN E 1 -69.67 11.94 -6.27
C ASN E 1 -68.42 12.80 -6.19
N PHE E 2 -67.26 12.16 -6.05
CA PHE E 2 -65.98 12.86 -5.92
C PHE E 2 -65.41 13.16 -7.31
N MET E 3 -66.14 14.00 -8.04
CA MET E 3 -65.67 14.45 -9.35
C MET E 3 -64.71 15.61 -9.19
N LEU E 4 -63.85 15.80 -10.21
CA LEU E 4 -62.84 16.83 -10.19
C LEU E 4 -62.87 17.61 -11.49
N THR E 5 -62.53 18.89 -11.43
CA THR E 5 -62.45 19.76 -12.59
C THR E 5 -61.05 20.36 -12.67
N GLN E 6 -60.40 20.18 -13.81
CA GLN E 6 -59.06 20.69 -14.06
C GLN E 6 -59.00 21.35 -15.43
N PRO E 7 -58.10 22.32 -15.60
CA PRO E 7 -57.91 22.89 -16.95
C PRO E 7 -57.41 21.84 -17.92
N HIS E 8 -57.85 21.96 -19.18
CA HIS E 8 -57.47 20.98 -20.19
C HIS E 8 -55.96 20.98 -20.42
N SER E 9 -55.36 22.16 -20.52
CA SER E 9 -53.93 22.27 -20.74
C SER E 9 -53.45 23.63 -20.26
N VAL E 10 -52.15 23.72 -20.03
CA VAL E 10 -51.51 24.96 -19.61
C VAL E 10 -50.19 25.11 -20.36
N SER E 11 -49.90 26.32 -20.81
CA SER E 11 -48.66 26.60 -21.53
C SER E 11 -48.21 28.01 -21.19
N GLU E 12 -46.89 28.18 -21.03
CA GLU E 12 -46.32 29.47 -20.70
C GLU E 12 -45.05 29.67 -21.51
N SER E 13 -44.66 30.93 -21.67
CA SER E 13 -43.47 31.25 -22.44
C SER E 13 -42.22 30.71 -21.74
N PRO E 14 -41.18 30.36 -22.51
CA PRO E 14 -39.94 29.90 -21.89
C PRO E 14 -39.34 30.97 -21.00
N GLY E 15 -38.75 30.55 -19.89
CA GLY E 15 -38.22 31.45 -18.89
C GLY E 15 -39.20 31.88 -17.82
N LYS E 16 -40.48 31.55 -17.99
CA LYS E 16 -41.50 31.86 -17.00
C LYS E 16 -41.51 30.76 -15.93
N THR E 17 -42.53 30.77 -15.08
CA THR E 17 -42.71 29.75 -14.05
C THR E 17 -43.81 28.80 -14.48
N VAL E 18 -43.52 27.50 -14.45
CA VAL E 18 -44.44 26.46 -14.87
C VAL E 18 -44.63 25.47 -13.74
N THR E 19 -45.87 25.00 -13.56
CA THR E 19 -46.17 24.02 -12.54
C THR E 19 -47.37 23.19 -12.99
N ILE E 20 -47.51 22.01 -12.39
CA ILE E 20 -48.60 21.09 -12.68
C ILE E 20 -49.46 21.01 -11.43
N SER E 21 -50.76 21.30 -11.57
CA SER E 21 -51.67 21.40 -10.45
C SER E 21 -52.85 20.45 -10.63
N CYS E 22 -53.24 19.79 -9.54
CA CYS E 22 -54.43 18.94 -9.47
C CYS E 22 -55.22 19.41 -8.27
N THR E 23 -56.07 20.42 -8.48
CA THR E 23 -56.77 21.09 -7.40
C THR E 23 -58.11 20.40 -7.11
N GLY E 24 -58.23 19.85 -5.90
CA GLY E 24 -59.47 19.24 -5.49
C GLY E 24 -60.31 20.16 -4.62
N SER E 25 -61.58 19.79 -4.47
CA SER E 25 -62.53 20.54 -3.66
C SER E 25 -63.38 19.56 -2.86
N SER E 26 -64.35 20.11 -2.13
CA SER E 26 -65.23 19.31 -1.26
C SER E 26 -64.43 18.50 -0.25
N GLY E 27 -63.38 19.11 0.30
CA GLY E 27 -62.51 18.45 1.24
C GLY E 27 -61.06 18.85 1.07
N SER E 28 -60.31 18.91 2.16
CA SER E 28 -58.91 19.29 2.10
C SER E 28 -58.11 18.27 1.31
N ILE E 29 -57.23 18.75 0.43
CA ILE E 29 -56.39 17.88 -0.36
C ILE E 29 -55.08 17.54 0.34
N ALA E 30 -54.68 18.31 1.34
CA ALA E 30 -53.45 18.05 2.08
C ALA E 30 -53.67 17.11 3.26
N SER E 31 -54.90 16.66 3.49
CA SER E 31 -55.17 15.73 4.58
C SER E 31 -54.47 14.39 4.36
N ASN E 32 -54.37 13.96 3.11
CA ASN E 32 -53.69 12.72 2.75
C ASN E 32 -52.67 13.00 1.65
N TYR E 33 -51.83 12.00 1.39
CA TYR E 33 -50.76 12.15 0.42
C TYR E 33 -51.31 12.19 -1.00
N VAL E 34 -50.51 12.77 -1.90
CA VAL E 34 -50.78 12.78 -3.33
C VAL E 34 -49.56 12.20 -4.04
N GLN E 35 -49.80 11.23 -4.91
CA GLN E 35 -48.73 10.49 -5.58
C GLN E 35 -48.63 10.92 -7.04
N TRP E 36 -47.42 11.23 -7.48
CA TRP E 36 -47.15 11.65 -8.85
C TRP E 36 -46.69 10.45 -9.67
N TYR E 37 -47.26 10.28 -10.85
CA TYR E 37 -46.93 9.17 -11.73
C TYR E 37 -46.64 9.66 -13.13
N GLN E 38 -45.79 8.93 -13.83
CA GLN E 38 -45.44 9.22 -15.22
C GLN E 38 -45.85 8.04 -16.09
N ARG E 39 -46.59 8.33 -17.17
CA ARG E 39 -47.13 7.31 -18.07
C ARG E 39 -46.66 7.63 -19.49
N ARG E 40 -45.49 7.12 -19.85
CA ARG E 40 -44.99 7.31 -21.20
C ARG E 40 -45.85 6.54 -22.20
N PRO E 41 -45.99 7.06 -23.42
CA PRO E 41 -46.80 6.35 -24.44
C PRO E 41 -46.19 5.01 -24.79
N GLY E 42 -46.94 3.94 -24.51
CA GLY E 42 -46.48 2.60 -24.79
C GLY E 42 -45.58 2.00 -23.74
N SER E 43 -45.39 2.67 -22.60
CA SER E 43 -44.54 2.18 -21.53
C SER E 43 -45.36 1.99 -20.26
N ALA E 44 -44.94 1.02 -19.44
CA ALA E 44 -45.62 0.77 -18.18
C ALA E 44 -45.42 1.96 -17.24
N PRO E 45 -46.43 2.30 -16.44
CA PRO E 45 -46.29 3.43 -15.52
C PRO E 45 -45.15 3.23 -14.53
N THR E 46 -44.46 4.33 -14.23
CA THR E 46 -43.33 4.31 -13.31
C THR E 46 -43.43 5.50 -12.36
N THR E 47 -43.20 5.25 -11.08
CA THR E 47 -43.25 6.31 -10.09
C THR E 47 -42.02 7.20 -10.20
N VAL E 48 -42.24 8.52 -10.19
CA VAL E 48 -41.14 9.47 -10.27
C VAL E 48 -41.11 10.30 -8.99
N ILE E 49 -42.28 10.48 -8.37
CA ILE E 49 -42.40 11.18 -7.09
C ILE E 49 -43.38 10.41 -6.22
N TYR E 50 -43.04 10.22 -4.95
CA TYR E 50 -43.95 9.63 -3.99
C TYR E 50 -43.95 10.44 -2.71
N GLU E 51 -45.12 10.54 -2.08
CA GLU E 51 -45.32 11.25 -0.82
C GLU E 51 -44.93 12.72 -0.89
N ASP E 52 -44.86 13.28 -2.10
CA ASP E 52 -44.72 14.71 -2.38
C ASP E 52 -43.36 15.28 -1.98
N ASN E 53 -42.46 14.49 -1.40
CA ASN E 53 -41.20 15.03 -0.93
C ASN E 53 -39.99 14.14 -1.18
N GLN E 54 -40.14 12.98 -1.80
CA GLN E 54 -39.04 12.05 -1.99
C GLN E 54 -39.01 11.56 -3.44
N ARG E 55 -37.80 11.24 -3.90
CA ARG E 55 -37.56 10.80 -5.26
C ARG E 55 -36.97 9.40 -5.26
N PRO E 56 -37.47 8.49 -6.10
CA PRO E 56 -36.84 7.17 -6.23
C PRO E 56 -35.44 7.27 -6.82
N SER E 57 -34.75 6.14 -6.82
CA SER E 57 -33.38 6.09 -7.32
C SER E 57 -33.36 6.34 -8.83
N GLY E 58 -32.40 7.16 -9.27
CA GLY E 58 -32.25 7.49 -10.66
C GLY E 58 -33.13 8.62 -11.16
N VAL E 59 -34.02 9.14 -10.32
CA VAL E 59 -34.88 10.25 -10.73
C VAL E 59 -34.06 11.53 -10.84
N PRO E 60 -34.18 12.29 -11.93
CA PRO E 60 -33.35 13.51 -12.07
C PRO E 60 -33.63 14.51 -10.97
N ASP E 61 -32.59 15.27 -10.61
CA ASP E 61 -32.68 16.26 -9.56
C ASP E 61 -33.58 17.44 -9.93
N ARG E 62 -33.97 17.56 -11.20
CA ARG E 62 -34.85 18.64 -11.63
C ARG E 62 -36.32 18.39 -11.28
N PHE E 63 -36.65 17.23 -10.72
CA PHE E 63 -38.02 16.91 -10.33
C PHE E 63 -38.22 17.27 -8.87
N SER E 64 -39.27 18.05 -8.59
CA SER E 64 -39.57 18.45 -7.23
C SER E 64 -41.04 18.88 -7.14
N ALA E 65 -41.56 18.83 -5.93
CA ALA E 65 -42.94 19.25 -5.66
C ALA E 65 -43.08 19.53 -4.17
N SER E 66 -44.13 20.26 -3.82
CA SER E 66 -44.42 20.60 -2.44
C SER E 66 -45.89 20.98 -2.32
N ILE E 67 -46.28 21.48 -1.15
CA ILE E 67 -47.65 21.87 -0.87
C ILE E 67 -47.66 23.33 -0.44
N ASP E 68 -48.50 24.14 -1.10
CA ASP E 68 -48.64 25.55 -0.76
C ASP E 68 -49.89 25.70 0.11
N SER E 69 -49.68 26.00 1.39
CA SER E 69 -50.78 26.04 2.34
C SER E 69 -51.75 27.20 2.10
N SER E 70 -51.33 28.21 1.33
CA SER E 70 -52.20 29.36 1.08
C SER E 70 -53.46 28.95 0.34
N SER E 71 -53.33 28.10 -0.68
CA SER E 71 -54.46 27.65 -1.46
C SER E 71 -54.83 26.19 -1.20
N ASN E 72 -54.00 25.44 -0.48
CA ASN E 72 -54.26 24.03 -0.15
C ASN E 72 -54.44 23.20 -1.42
N SER E 73 -53.36 23.11 -2.20
CA SER E 73 -53.37 22.32 -3.43
C SER E 73 -51.97 21.77 -3.66
N ALA E 74 -51.90 20.73 -4.48
CA ALA E 74 -50.64 20.06 -4.80
C ALA E 74 -50.12 20.55 -6.14
N SER E 75 -48.87 21.02 -6.14
CA SER E 75 -48.24 21.56 -7.34
C SER E 75 -46.94 20.83 -7.62
N LEU E 76 -46.78 20.37 -8.86
CA LEU E 76 -45.57 19.68 -9.29
C LEU E 76 -44.87 20.53 -10.34
N THR E 77 -43.59 20.82 -10.12
CA THR E 77 -42.81 21.67 -11.00
C THR E 77 -41.58 20.93 -11.51
N ILE E 78 -41.26 21.14 -12.79
CA ILE E 78 -40.06 20.61 -13.41
C ILE E 78 -39.35 21.75 -14.12
N SER E 79 -38.07 21.95 -13.78
CA SER E 79 -37.28 23.03 -14.35
C SER E 79 -36.37 22.48 -15.44
N GLY E 80 -36.23 23.24 -16.52
CA GLY E 80 -35.39 22.83 -17.63
C GLY E 80 -35.97 21.67 -18.40
N LEU E 81 -37.08 21.90 -19.09
CA LEU E 81 -37.74 20.84 -19.84
C LEU E 81 -36.83 20.31 -20.95
N LYS E 82 -36.88 18.99 -21.15
CA LYS E 82 -36.07 18.33 -22.16
C LYS E 82 -36.92 17.33 -22.92
N THR E 83 -36.44 16.96 -24.11
CA THR E 83 -37.20 16.05 -24.96
C THR E 83 -37.43 14.70 -24.27
N GLU E 84 -36.42 14.21 -23.56
CA GLU E 84 -36.52 12.90 -22.90
C GLU E 84 -37.53 12.87 -21.76
N ASP E 85 -38.03 14.03 -21.32
CA ASP E 85 -38.95 14.10 -20.20
C ASP E 85 -40.41 14.10 -20.59
N GLU E 86 -40.71 13.98 -21.89
CA GLU E 86 -42.10 14.04 -22.35
C GLU E 86 -42.84 12.76 -21.99
N ALA E 87 -43.94 12.89 -21.27
CA ALA E 87 -44.77 11.76 -20.85
C ALA E 87 -46.11 12.30 -20.37
N ASP E 88 -46.92 11.42 -19.79
CA ASP E 88 -48.24 11.78 -19.28
C ASP E 88 -48.23 11.67 -17.76
N TYR E 89 -48.78 12.68 -17.09
CA TYR E 89 -48.78 12.76 -15.64
C TYR E 89 -50.20 12.90 -15.11
N TYR E 90 -50.49 12.20 -14.01
CA TYR E 90 -51.78 12.28 -13.34
C TYR E 90 -51.56 12.36 -11.83
N CYS E 91 -52.52 12.97 -11.14
CA CYS E 91 -52.49 13.00 -9.69
C CYS E 91 -53.10 11.72 -9.12
N GLN E 92 -52.97 11.56 -7.80
CA GLN E 92 -53.47 10.38 -7.12
C GLN E 92 -53.96 10.75 -5.74
N SER E 93 -55.04 10.10 -5.30
CA SER E 93 -55.58 10.29 -3.97
C SER E 93 -56.56 9.17 -3.68
N TYR E 94 -56.65 8.79 -2.42
CA TYR E 94 -57.57 7.76 -1.96
C TYR E 94 -58.53 8.36 -0.94
N ASP E 95 -59.81 8.04 -1.08
CA ASP E 95 -60.87 8.57 -0.23
C ASP E 95 -61.57 7.40 0.45
N SER E 96 -61.35 7.27 1.76
CA SER E 96 -62.00 6.22 2.56
C SER E 96 -61.73 4.83 2.01
N SER E 97 -62.72 4.27 1.30
CA SER E 97 -62.66 2.89 0.84
C SER E 97 -62.50 2.76 -0.67
N ASN E 98 -62.27 3.85 -1.39
CA ASN E 98 -62.07 3.78 -2.82
C ASN E 98 -60.98 4.76 -3.24
N TRP E 99 -60.37 4.48 -4.40
CA TRP E 99 -59.27 5.26 -4.94
C TRP E 99 -59.77 6.07 -6.13
N VAL E 100 -59.47 7.37 -6.13
CA VAL E 100 -59.91 8.28 -7.16
C VAL E 100 -58.68 8.86 -7.86
N PHE E 101 -58.64 8.75 -9.18
CA PHE E 101 -57.55 9.24 -9.99
C PHE E 101 -58.00 10.47 -10.77
N GLY E 102 -57.24 11.55 -10.67
CA GLY E 102 -57.61 12.79 -11.33
C GLY E 102 -57.36 12.76 -12.82
N GLY E 103 -57.94 13.76 -13.50
CA GLY E 103 -57.75 13.87 -14.93
C GLY E 103 -56.32 14.19 -15.31
N GLY E 104 -55.65 15.03 -14.51
CA GLY E 104 -54.27 15.36 -14.74
C GLY E 104 -54.08 16.53 -15.70
N THR E 105 -52.95 17.20 -15.56
CA THR E 105 -52.56 18.32 -16.41
C THR E 105 -51.38 17.91 -17.26
N LYS E 106 -51.50 18.06 -18.57
CA LYS E 106 -50.51 17.56 -19.50
C LYS E 106 -49.33 18.52 -19.63
N LEU E 107 -48.12 17.98 -19.47
CA LEU E 107 -46.89 18.73 -19.67
C LEU E 107 -46.18 18.16 -20.90
N THR E 108 -45.92 19.04 -21.87
CA THR E 108 -45.23 18.63 -23.13
C THR E 108 -44.08 19.61 -23.43
N VAL E 109 -42.95 19.08 -23.88
CA VAL E 109 -41.76 19.93 -24.20
C VAL E 109 -41.47 19.81 -25.70
N LEU E 110 -42.12 20.66 -26.51
CA LEU E 110 -41.91 20.65 -27.98
C LEU E 110 -41.51 22.05 -28.45
N GLN E 112 -41.79 23.96 -31.95
CA GLN E 112 -42.14 24.02 -33.39
C GLN E 112 -43.30 25.00 -33.60
N PRO E 113 -44.07 24.89 -34.70
CA PRO E 113 -45.20 25.79 -34.95
C PRO E 113 -46.43 25.39 -34.13
N LYS E 114 -47.43 26.28 -34.07
CA LYS E 114 -48.68 26.00 -33.30
C LYS E 114 -49.84 26.79 -33.91
N ALA E 115 -49.97 26.75 -35.25
CA ALA E 115 -51.04 27.46 -35.94
C ALA E 115 -52.38 26.96 -35.43
N ALA E 116 -53.34 27.87 -35.35
CA ALA E 116 -54.68 27.50 -34.87
C ALA E 116 -55.37 26.61 -35.90
N PRO E 117 -56.18 25.66 -35.45
CA PRO E 117 -56.89 24.77 -36.38
C PRO E 117 -58.15 25.44 -36.91
N SER E 118 -58.84 24.72 -37.79
CA SER E 118 -60.06 25.20 -38.42
C SER E 118 -61.11 24.09 -38.41
N VAL E 119 -62.37 24.48 -38.55
CA VAL E 119 -63.51 23.57 -38.47
C VAL E 119 -64.27 23.61 -39.78
N THR E 120 -64.51 22.44 -40.36
CA THR E 120 -65.36 22.29 -41.54
C THR E 120 -66.46 21.28 -41.21
N LEU E 121 -67.71 21.68 -41.44
CA LEU E 121 -68.84 20.89 -41.01
C LEU E 121 -70.01 21.11 -41.96
N PHE E 122 -70.79 20.04 -42.19
CA PHE E 122 -71.93 20.10 -43.09
C PHE E 122 -72.97 19.10 -42.60
N PRO E 123 -74.03 19.56 -41.95
CA PRO E 123 -75.02 18.64 -41.38
C PRO E 123 -76.20 18.31 -42.28
N PRO E 124 -76.23 18.68 -43.63
CA PRO E 124 -77.23 18.08 -44.52
C PRO E 124 -76.76 16.77 -45.16
N SER E 125 -76.35 15.81 -44.33
CA SER E 125 -75.94 14.50 -44.82
C SER E 125 -77.12 13.53 -44.72
N SER E 126 -78.08 13.74 -45.62
CA SER E 126 -79.29 12.91 -45.63
C SER E 126 -79.04 11.50 -46.12
N GLU E 127 -77.91 11.25 -46.77
CA GLU E 127 -77.62 9.92 -47.28
C GLU E 127 -77.45 8.92 -46.14
N GLU E 128 -76.78 9.32 -45.06
CA GLU E 128 -76.56 8.46 -43.92
C GLU E 128 -77.71 8.47 -42.92
N LEU E 129 -78.77 9.24 -43.19
CA LEU E 129 -79.88 9.34 -42.24
C LEU E 129 -80.61 8.01 -42.09
N GLN E 130 -80.68 7.21 -43.15
CA GLN E 130 -81.37 5.93 -43.08
C GLN E 130 -80.48 4.79 -42.59
N ALA E 131 -79.18 5.05 -42.40
CA ALA E 131 -78.28 4.05 -41.84
C ALA E 131 -78.23 4.14 -40.32
N ASN E 132 -77.86 5.30 -39.79
CA ASN E 132 -77.83 5.58 -38.36
C ASN E 132 -78.57 6.88 -38.09
N LYS E 133 -78.60 7.28 -36.81
CA LYS E 133 -79.32 8.49 -36.43
C LYS E 133 -78.73 9.73 -37.07
N ALA E 134 -77.49 10.06 -36.74
CA ALA E 134 -76.82 11.23 -37.29
C ALA E 134 -75.32 11.11 -37.02
N THR E 135 -74.57 11.97 -37.70
CA THR E 135 -73.11 12.02 -37.49
C THR E 135 -72.62 13.38 -37.95
N LEU E 136 -72.15 14.19 -37.01
CA LEU E 136 -71.52 15.46 -37.36
C LEU E 136 -70.05 15.23 -37.72
N VAL E 137 -69.57 15.99 -38.68
CA VAL E 137 -68.20 15.86 -39.18
C VAL E 137 -67.44 17.14 -38.86
N CYS E 138 -66.36 17.01 -38.10
CA CYS E 138 -65.52 18.13 -37.70
C CYS E 138 -64.06 17.69 -37.85
N LEU E 139 -63.50 17.92 -39.03
CA LEU E 139 -62.16 17.44 -39.36
C LEU E 139 -61.11 18.45 -38.89
N ILE E 140 -60.15 17.96 -38.11
CA ILE E 140 -59.06 18.77 -37.59
C ILE E 140 -57.75 18.11 -37.97
N SER E 141 -56.82 18.88 -38.52
CA SER E 141 -55.51 18.37 -38.90
C SER E 141 -54.49 19.50 -38.80
N ASP E 142 -53.21 19.11 -38.69
CA ASP E 142 -52.09 20.05 -38.59
C ASP E 142 -52.24 20.95 -37.37
N PHE E 143 -52.33 20.33 -36.21
CA PHE E 143 -52.48 21.05 -34.94
C PHE E 143 -51.43 20.54 -33.95
N TYR E 144 -50.76 21.47 -33.30
CA TYR E 144 -49.74 21.14 -32.29
C TYR E 144 -50.19 21.68 -30.93
N PRO E 145 -50.27 20.84 -29.88
CA PRO E 145 -49.94 19.42 -29.92
C PRO E 145 -51.02 18.58 -30.62
N GLY E 146 -50.64 17.40 -31.07
CA GLY E 146 -51.57 16.54 -31.79
C GLY E 146 -52.43 15.69 -30.89
N ALA E 147 -52.70 16.18 -29.68
CA ALA E 147 -53.54 15.48 -28.70
C ALA E 147 -54.56 16.49 -28.18
N VAL E 148 -55.70 16.57 -28.86
CA VAL E 148 -56.78 17.46 -28.49
C VAL E 148 -58.05 16.64 -28.29
N THR E 149 -58.76 16.92 -27.19
CA THR E 149 -60.01 16.26 -26.89
C THR E 149 -61.13 17.28 -26.91
N VAL E 150 -62.32 16.83 -27.34
CA VAL E 150 -63.43 17.71 -27.67
C VAL E 150 -64.48 17.62 -26.56
N ALA E 151 -64.77 18.75 -25.93
CA ALA E 151 -65.72 18.83 -24.83
C ALA E 151 -66.91 19.70 -25.23
N TRP E 152 -68.10 19.11 -25.24
CA TRP E 152 -69.33 19.78 -25.62
C TRP E 152 -70.38 19.68 -24.53
N LYS E 153 -71.01 20.81 -24.23
CA LYS E 153 -72.15 20.90 -23.32
C LYS E 153 -73.30 21.51 -24.12
N ALA E 154 -74.14 20.65 -24.69
CA ALA E 154 -75.26 21.11 -25.51
C ALA E 154 -76.22 21.92 -24.64
N ASP E 155 -76.25 23.23 -24.86
CA ASP E 155 -77.02 24.16 -24.04
C ASP E 155 -76.59 24.04 -22.57
N SER E 156 -77.32 23.23 -21.80
CA SER E 156 -76.99 23.01 -20.39
C SER E 156 -76.90 21.53 -20.04
N SER E 157 -76.95 20.64 -21.03
CA SER E 157 -76.86 19.21 -20.78
C SER E 157 -75.81 18.58 -21.67
N PRO E 158 -74.96 17.72 -21.15
CA PRO E 158 -73.93 17.09 -21.98
C PRO E 158 -74.52 16.07 -22.94
N VAL E 159 -73.78 15.82 -24.02
CA VAL E 159 -74.15 14.83 -25.02
C VAL E 159 -73.29 13.58 -24.81
N LYS E 160 -73.93 12.42 -24.84
CA LYS E 160 -73.26 11.15 -24.58
C LYS E 160 -72.81 10.44 -25.85
N ALA E 161 -72.96 11.08 -27.01
CA ALA E 161 -72.66 10.45 -28.28
C ALA E 161 -71.25 10.76 -28.79
N GLY E 162 -70.43 11.45 -27.99
CA GLY E 162 -69.09 11.83 -28.41
C GLY E 162 -68.21 10.66 -28.80
N VAL E 163 -67.54 10.77 -29.94
CA VAL E 163 -66.66 9.74 -30.46
C VAL E 163 -65.29 10.35 -30.70
N GLU E 164 -64.24 9.70 -30.21
CA GLU E 164 -62.88 10.18 -30.31
C GLU E 164 -62.01 9.15 -31.02
N THR E 165 -61.12 9.63 -31.89
CA THR E 165 -60.14 8.78 -32.52
C THR E 165 -58.91 8.65 -31.60
N THR E 166 -57.83 8.08 -32.11
CA THR E 166 -56.62 7.88 -31.33
C THR E 166 -55.47 8.71 -31.89
N THR E 167 -55.80 9.80 -32.59
CA THR E 167 -54.91 10.75 -33.26
C THR E 167 -53.64 10.08 -33.79
N PRO E 168 -53.77 9.08 -34.66
CA PRO E 168 -52.58 8.35 -35.12
C PRO E 168 -51.69 9.22 -36.00
N SER E 169 -50.40 8.92 -35.97
CA SER E 169 -49.43 9.60 -36.83
C SER E 169 -49.54 9.05 -38.24
N LYS E 170 -49.84 9.93 -39.20
CA LYS E 170 -50.08 9.51 -40.57
C LYS E 170 -48.75 9.35 -41.30
N GLN E 171 -48.45 8.10 -41.71
CA GLN E 171 -47.25 7.73 -42.47
C GLN E 171 -46.00 8.47 -42.02
N SER E 172 -45.18 8.90 -42.98
CA SER E 172 -43.93 9.58 -42.70
C SER E 172 -44.09 11.08 -42.49
N ASN E 173 -45.32 11.60 -42.59
CA ASN E 173 -45.53 13.03 -42.38
C ASN E 173 -45.21 13.45 -40.96
N ASN E 174 -45.37 12.54 -40.00
CA ASN E 174 -45.13 12.76 -38.58
C ASN E 174 -46.11 13.75 -37.96
N LYS E 175 -47.17 14.12 -38.68
CA LYS E 175 -48.18 15.03 -38.18
C LYS E 175 -49.26 14.26 -37.44
N TYR E 176 -50.37 14.92 -37.10
CA TYR E 176 -51.47 14.30 -36.39
C TYR E 176 -52.78 14.59 -37.10
N ALA E 177 -53.73 13.66 -36.97
CA ALA E 177 -55.05 13.80 -37.58
C ALA E 177 -56.08 13.17 -36.66
N ALA E 178 -57.07 13.96 -36.25
CA ALA E 178 -58.11 13.47 -35.36
C ALA E 178 -59.39 14.26 -35.59
N SER E 179 -60.51 13.69 -35.14
CA SER E 179 -61.81 14.32 -35.32
C SER E 179 -62.76 13.79 -34.25
N SER E 180 -63.89 14.48 -34.10
CA SER E 180 -64.90 14.13 -33.09
C SER E 180 -66.27 14.07 -33.77
N TYR E 181 -66.86 12.88 -33.77
CA TYR E 181 -68.19 12.66 -34.33
C TYR E 181 -69.17 12.27 -33.23
N LEU E 182 -70.46 12.41 -33.53
CA LEU E 182 -71.48 12.03 -32.56
C LEU E 182 -72.80 11.82 -33.28
N SER E 183 -73.69 11.08 -32.63
CA SER E 183 -75.08 10.94 -33.06
C SER E 183 -75.88 12.06 -32.38
N LEU E 184 -76.32 13.03 -33.17
CA LEU E 184 -76.99 14.22 -32.65
C LEU E 184 -78.49 14.16 -32.91
N THR E 185 -79.27 14.60 -31.95
CA THR E 185 -80.71 14.69 -32.11
C THR E 185 -81.05 15.83 -33.06
N PRO E 186 -81.96 15.63 -34.02
CA PRO E 186 -82.32 16.72 -34.93
C PRO E 186 -82.86 17.95 -34.21
N GLU E 187 -83.46 17.78 -33.03
CA GLU E 187 -84.02 18.91 -32.31
C GLU E 187 -82.95 19.92 -31.90
N GLN E 188 -81.71 19.46 -31.70
CA GLN E 188 -80.67 20.33 -31.17
C GLN E 188 -80.30 21.43 -32.16
N TRP E 189 -80.11 21.07 -33.43
CA TRP E 189 -79.68 22.03 -34.44
C TRP E 189 -80.83 22.63 -35.24
N LYS E 190 -82.07 22.23 -34.98
CA LYS E 190 -83.22 22.81 -35.64
C LYS E 190 -83.92 23.87 -34.80
N SER E 191 -84.06 23.64 -33.50
CA SER E 191 -84.62 24.66 -32.62
C SER E 191 -83.73 25.90 -32.58
N HIS E 192 -82.42 25.70 -32.48
CA HIS E 192 -81.48 26.81 -32.54
C HIS E 192 -81.13 27.09 -34.00
N ARG E 193 -80.29 28.11 -34.23
CA ARG E 193 -79.96 28.48 -35.61
C ARG E 193 -79.07 27.43 -36.28
N SER E 194 -78.15 26.83 -35.54
CA SER E 194 -77.23 25.83 -36.08
C SER E 194 -76.50 25.16 -34.91
N TYR E 195 -75.57 24.27 -35.25
CA TYR E 195 -74.74 23.60 -34.26
C TYR E 195 -73.28 23.80 -34.65
N SER E 196 -72.44 24.13 -33.67
CA SER E 196 -71.04 24.41 -33.90
C SER E 196 -70.16 23.33 -33.29
N CYS E 197 -68.91 23.28 -33.75
CA CYS E 197 -67.90 22.34 -33.26
C CYS E 197 -66.80 23.14 -32.58
N GLN E 198 -66.80 23.15 -31.25
CA GLN E 198 -65.80 23.90 -30.49
C GLN E 198 -64.56 23.03 -30.27
N VAL E 199 -63.40 23.60 -30.58
CA VAL E 199 -62.13 22.88 -30.53
C VAL E 199 -61.21 23.60 -29.55
N THR E 200 -60.61 22.82 -28.64
CA THR E 200 -59.65 23.35 -27.66
C THR E 200 -58.25 23.01 -28.14
N HIS E 201 -57.51 24.01 -28.61
CA HIS E 201 -56.15 23.82 -29.11
C HIS E 201 -55.12 24.55 -28.26
N GLU E 202 -55.26 25.86 -28.08
CA GLU E 202 -54.29 26.65 -27.34
C GLU E 202 -55.02 27.84 -26.70
N GLY E 203 -54.25 28.75 -26.11
CA GLY E 203 -54.81 29.96 -25.55
C GLY E 203 -55.08 31.07 -26.54
N SER E 204 -54.62 30.92 -27.79
CA SER E 204 -54.81 31.93 -28.82
C SER E 204 -56.02 31.55 -29.66
N THR E 205 -57.16 32.14 -29.34
CA THR E 205 -58.40 31.96 -30.08
C THR E 205 -58.85 33.34 -30.56
N VAL E 206 -58.77 33.55 -31.87
CA VAL E 206 -59.03 34.89 -32.41
C VAL E 206 -60.53 35.15 -32.52
N GLU E 207 -61.23 34.38 -33.34
CA GLU E 207 -62.65 34.59 -33.56
C GLU E 207 -63.50 33.39 -33.17
N LYS E 208 -63.16 32.20 -33.67
CA LYS E 208 -63.93 30.98 -33.42
C LYS E 208 -65.40 31.16 -33.82
N THR E 209 -65.61 31.76 -34.98
CA THR E 209 -66.95 32.02 -35.51
C THR E 209 -67.06 31.46 -36.92
N VAL E 210 -68.22 30.88 -37.23
CA VAL E 210 -68.50 30.35 -38.55
C VAL E 210 -69.77 30.99 -39.07
N ALA E 211 -69.88 31.11 -40.39
CA ALA E 211 -71.00 31.77 -41.06
C ALA E 211 -71.57 30.84 -42.12
N PRO E 212 -72.34 29.84 -41.72
CA PRO E 212 -72.95 28.93 -42.70
C PRO E 212 -74.15 29.56 -43.37
N THR E 213 -74.35 29.20 -44.63
CA THR E 213 -75.49 29.66 -45.43
C THR E 213 -76.22 28.42 -45.96
N GLU E 214 -77.20 27.95 -45.19
CA GLU E 214 -77.95 26.77 -45.57
C GLU E 214 -78.98 27.11 -46.65
N CYS E 215 -79.40 26.07 -47.37
CA CYS E 215 -80.39 26.23 -48.44
C CYS E 215 -81.74 26.63 -47.88
N GLU F 1 28.41 36.30 -26.59
CA GLU F 1 27.89 35.32 -27.54
C GLU F 1 27.41 35.99 -28.83
N VAL F 2 26.60 37.03 -28.67
CA VAL F 2 26.03 37.75 -29.82
C VAL F 2 26.91 38.98 -30.03
N GLN F 3 27.91 38.84 -30.89
CA GLN F 3 28.77 39.95 -31.29
C GLN F 3 28.79 40.03 -32.80
N LEU F 4 28.39 41.17 -33.35
CA LEU F 4 28.38 41.40 -34.79
C LEU F 4 29.00 42.76 -35.06
N VAL F 5 30.18 42.76 -35.67
CA VAL F 5 30.93 43.99 -35.93
C VAL F 5 31.02 44.21 -37.43
N GLU F 6 30.79 45.45 -37.85
CA GLU F 6 30.85 45.83 -39.26
C GLU F 6 32.15 46.56 -39.53
N SER F 7 32.82 46.17 -40.62
CA SER F 7 34.09 46.79 -41.00
C SER F 7 34.08 47.06 -42.50
N GLY F 8 34.89 48.03 -42.90
CA GLY F 8 34.96 48.40 -44.30
C GLY F 8 35.93 49.55 -44.49
N GLY F 9 36.04 49.98 -45.75
CA GLY F 9 36.93 51.08 -46.09
C GLY F 9 36.42 52.41 -45.58
N GLY F 10 37.28 53.41 -45.73
CA GLY F 10 36.95 54.75 -45.24
C GLY F 10 36.53 55.70 -46.34
N VAL F 11 37.42 56.58 -46.77
CA VAL F 11 37.12 57.57 -47.78
C VAL F 11 37.10 56.89 -49.14
N VAL F 12 35.92 56.81 -49.75
CA VAL F 12 35.73 56.17 -51.05
C VAL F 12 35.15 57.21 -52.01
N GLN F 13 35.85 57.43 -53.13
CA GLN F 13 35.33 58.33 -54.14
C GLN F 13 34.08 57.75 -54.78
N PRO F 14 33.05 58.56 -55.00
CA PRO F 14 31.84 58.05 -55.67
C PRO F 14 32.16 57.57 -57.08
N GLY F 15 31.49 56.48 -57.48
CA GLY F 15 31.68 55.88 -58.78
C GLY F 15 32.68 54.75 -58.82
N ARG F 16 33.48 54.57 -57.77
CA ARG F 16 34.44 53.48 -57.73
C ARG F 16 33.72 52.15 -57.47
N SER F 17 34.40 51.06 -57.82
CA SER F 17 33.87 49.72 -57.66
C SER F 17 34.51 49.07 -56.44
N LEU F 18 33.69 48.68 -55.46
CA LEU F 18 34.16 47.99 -54.28
C LEU F 18 33.02 47.17 -53.72
N ARG F 19 33.38 46.02 -53.13
CA ARG F 19 32.40 45.09 -52.58
C ARG F 19 32.51 45.06 -51.07
N LEU F 20 31.35 44.94 -50.40
CA LEU F 20 31.28 44.90 -48.95
C LEU F 20 30.49 43.67 -48.53
N SER F 21 30.75 43.22 -47.30
CA SER F 21 30.08 42.04 -46.77
C SER F 21 29.80 42.23 -45.29
N CYS F 22 28.63 41.76 -44.85
CA CYS F 22 28.25 41.72 -43.43
C CYS F 22 27.84 40.29 -43.16
N ALA F 23 28.81 39.45 -42.82
CA ALA F 23 28.56 38.02 -42.70
C ALA F 23 27.68 37.73 -41.48
N ALA F 24 26.64 36.94 -41.69
CA ALA F 24 25.75 36.50 -40.62
C ALA F 24 25.89 35.01 -40.42
N SER F 25 26.20 34.60 -39.19
CA SER F 25 26.45 33.21 -38.88
C SER F 25 26.04 32.93 -37.44
N GLY F 26 26.30 31.71 -36.98
CA GLY F 26 25.92 31.28 -35.66
C GLY F 26 24.51 30.71 -35.54
N PHE F 27 23.75 30.68 -36.63
CA PHE F 27 22.39 30.19 -36.62
C PHE F 27 22.10 29.57 -37.98
N THR F 28 20.82 29.32 -38.25
CA THR F 28 20.37 28.74 -39.52
C THR F 28 20.06 29.87 -40.48
N PHE F 29 21.10 30.35 -41.18
CA PHE F 29 20.93 31.41 -42.15
C PHE F 29 20.14 30.97 -43.38
N SER F 30 19.95 29.66 -43.56
CA SER F 30 19.18 29.18 -44.71
C SER F 30 17.74 29.68 -44.66
N SER F 31 17.13 29.65 -43.48
CA SER F 31 15.76 30.14 -43.29
C SER F 31 15.71 31.60 -42.85
N TYR F 32 16.85 32.25 -42.71
CA TYR F 32 16.91 33.64 -42.28
C TYR F 32 17.30 34.52 -43.46
N GLY F 33 16.55 35.60 -43.67
CA GLY F 33 16.83 36.54 -44.74
C GLY F 33 17.56 37.77 -44.24
N MET F 34 18.24 38.45 -45.16
CA MET F 34 18.97 39.67 -44.87
C MET F 34 18.18 40.88 -45.34
N HIS F 35 18.00 41.86 -44.46
CA HIS F 35 17.22 43.05 -44.73
C HIS F 35 18.11 44.28 -44.58
N TRP F 36 17.87 45.28 -45.43
CA TRP F 36 18.59 46.55 -45.38
C TRP F 36 17.58 47.66 -45.16
N VAL F 37 17.83 48.50 -44.16
CA VAL F 37 16.92 49.58 -43.78
C VAL F 37 17.69 50.89 -43.79
N ARG F 38 17.09 51.92 -44.39
CA ARG F 38 17.65 53.26 -44.43
C ARG F 38 16.77 54.20 -43.62
N GLN F 39 17.39 54.94 -42.70
CA GLN F 39 16.68 55.86 -41.82
C GLN F 39 17.00 57.29 -42.25
N ALA F 40 16.05 57.93 -42.92
CA ALA F 40 16.21 59.32 -43.31
C ALA F 40 16.16 60.20 -42.07
N PRO F 41 17.08 61.17 -41.93
CA PRO F 41 17.04 62.06 -40.76
C PRO F 41 15.74 62.85 -40.69
N GLY F 42 15.22 63.00 -39.49
CA GLY F 42 13.99 63.75 -39.28
C GLY F 42 12.74 62.95 -39.56
N LYS F 43 12.77 62.14 -40.61
CA LYS F 43 11.61 61.34 -41.01
C LYS F 43 11.70 59.94 -40.41
N GLY F 44 10.67 59.13 -40.67
CA GLY F 44 10.59 57.79 -40.14
C GLY F 44 11.41 56.80 -40.93
N LEU F 45 11.25 55.53 -40.57
CA LEU F 45 11.97 54.46 -41.25
C LEU F 45 11.46 54.28 -42.67
N GLU F 46 12.37 53.93 -43.58
CA GLU F 46 12.06 53.76 -44.99
C GLU F 46 12.26 52.31 -45.40
N TRP F 47 11.24 51.72 -46.00
CA TRP F 47 11.38 50.40 -46.59
C TRP F 47 12.21 50.48 -47.86
N VAL F 48 13.02 49.45 -48.11
CA VAL F 48 13.92 49.42 -49.25
C VAL F 48 13.50 48.37 -50.28
N ALA F 49 13.49 47.10 -49.89
CA ALA F 49 13.15 46.01 -50.81
C ALA F 49 13.01 44.73 -50.02
N VAL F 50 12.39 43.74 -50.66
CA VAL F 50 12.21 42.41 -50.08
C VAL F 50 12.40 41.38 -51.18
N ILE F 51 12.84 40.18 -50.79
CA ILE F 51 13.12 39.09 -51.72
C ILE F 51 12.50 37.81 -51.18
N SER F 52 11.82 37.07 -52.05
CA SER F 52 11.25 35.78 -51.68
C SER F 52 12.31 34.69 -51.75
N TYR F 53 12.11 33.64 -50.95
CA TYR F 53 13.07 32.53 -50.92
C TYR F 53 13.06 31.76 -52.24
N ASP F 54 11.88 31.57 -52.83
CA ASP F 54 11.80 30.80 -54.07
C ASP F 54 12.45 31.55 -55.23
N GLY F 55 12.28 32.87 -55.28
CA GLY F 55 12.84 33.67 -56.34
C GLY F 55 11.96 33.81 -57.57
N SER F 56 10.80 33.15 -57.60
CA SER F 56 9.90 33.30 -58.73
C SER F 56 9.37 34.72 -58.84
N ASN F 57 9.01 35.32 -57.71
CA ASN F 57 8.49 36.68 -57.66
C ASN F 57 9.41 37.54 -56.79
N LYS F 58 9.86 38.65 -57.35
CA LYS F 58 10.68 39.61 -56.63
C LYS F 58 10.05 41.00 -56.74
N TYR F 59 10.04 41.73 -55.63
CA TYR F 59 9.43 43.04 -55.55
C TYR F 59 10.45 44.06 -55.08
N TYR F 60 10.49 45.21 -55.74
CA TYR F 60 11.44 46.27 -55.42
C TYR F 60 10.72 47.60 -55.40
N ALA F 61 11.29 48.54 -54.64
CA ALA F 61 10.73 49.89 -54.57
C ALA F 61 11.01 50.66 -55.85
N ASP F 62 10.15 51.63 -56.14
CA ASP F 62 10.30 52.43 -57.35
C ASP F 62 11.55 53.30 -57.32
N SER F 63 12.11 53.57 -56.15
CA SER F 63 13.28 54.43 -56.02
C SER F 63 14.59 53.66 -56.01
N VAL F 64 14.55 52.33 -56.12
CA VAL F 64 15.77 51.53 -56.09
C VAL F 64 15.77 50.57 -57.27
N LYS F 65 14.63 50.45 -57.94
CA LYS F 65 14.52 49.53 -59.07
C LYS F 65 15.32 50.03 -60.26
N GLY F 66 15.93 49.09 -60.98
CA GLY F 66 16.66 49.43 -62.19
C GLY F 66 18.14 49.69 -61.98
N ARG F 67 18.46 50.62 -61.08
CA ARG F 67 19.86 50.99 -60.88
C ARG F 67 20.63 49.90 -60.14
N PHE F 68 20.03 49.33 -59.09
CA PHE F 68 20.73 48.38 -58.23
C PHE F 68 20.35 46.94 -58.58
N THR F 69 21.30 46.03 -58.35
CA THR F 69 21.08 44.60 -58.52
C THR F 69 21.72 43.89 -57.35
N ILE F 70 20.97 43.02 -56.68
CA ILE F 70 21.43 42.33 -55.49
C ILE F 70 21.69 40.87 -55.84
N SER F 71 22.61 40.25 -55.09
CA SER F 71 22.95 38.84 -55.29
C SER F 71 23.19 38.19 -53.94
N ARG F 72 22.64 36.99 -53.77
CA ARG F 72 22.82 36.23 -52.54
C ARG F 72 23.07 34.77 -52.88
N ASP F 73 23.74 34.06 -51.99
CA ASP F 73 24.06 32.65 -52.17
C ASP F 73 23.86 31.94 -50.83
N ASN F 74 22.90 31.02 -50.79
CA ASN F 74 22.63 30.29 -49.56
C ASN F 74 23.74 29.32 -49.21
N SER F 75 24.57 28.93 -50.18
CA SER F 75 25.66 27.99 -49.89
C SER F 75 26.69 28.62 -48.97
N LYS F 76 27.11 29.85 -49.26
CA LYS F 76 28.11 30.53 -48.44
C LYS F 76 27.49 31.43 -47.38
N ASN F 77 26.17 31.58 -47.38
CA ASN F 77 25.46 32.39 -46.38
C ASN F 77 25.98 33.83 -46.34
N THR F 78 26.25 34.38 -47.52
CA THR F 78 26.76 35.75 -47.64
C THR F 78 25.97 36.48 -48.72
N LEU F 79 25.59 37.72 -48.42
CA LEU F 79 24.84 38.57 -49.34
C LEU F 79 25.74 39.66 -49.88
N TYR F 80 25.73 39.86 -51.19
CA TYR F 80 26.55 40.85 -51.86
C TYR F 80 25.67 41.94 -52.45
N LEU F 81 25.98 43.19 -52.13
CA LEU F 81 25.22 44.36 -52.60
C LEU F 81 26.19 45.28 -53.33
N GLN F 82 26.24 45.18 -54.65
CA GLN F 82 27.13 46.00 -55.45
C GLN F 82 26.58 47.41 -55.57
N MET F 83 27.31 48.38 -55.03
CA MET F 83 26.87 49.78 -55.05
C MET F 83 27.47 50.48 -56.26
N ASN F 84 26.60 50.87 -57.20
CA ASN F 84 27.02 51.57 -58.41
C ASN F 84 26.26 52.89 -58.51
N SER F 85 26.98 53.95 -58.87
CA SER F 85 26.41 55.29 -59.04
C SER F 85 25.74 55.76 -57.75
N LEU F 86 26.58 55.92 -56.73
CA LEU F 86 26.10 56.36 -55.42
C LEU F 86 25.43 57.73 -55.53
N ARG F 87 24.29 57.86 -54.85
CA ARG F 87 23.49 59.07 -54.88
C ARG F 87 23.71 59.90 -53.62
N ALA F 88 23.46 61.20 -53.75
CA ALA F 88 23.60 62.11 -52.61
C ALA F 88 22.60 61.77 -51.52
N GLU F 89 21.36 61.45 -51.90
CA GLU F 89 20.34 61.09 -50.94
C GLU F 89 20.58 59.73 -50.30
N ASP F 90 21.52 58.94 -50.82
CA ASP F 90 21.86 57.65 -50.26
C ASP F 90 23.00 57.72 -49.25
N THR F 91 23.50 58.92 -48.95
CA THR F 91 24.60 59.10 -48.00
C THR F 91 24.05 58.93 -46.60
N ALA F 92 24.04 57.69 -46.12
CA ALA F 92 23.53 57.39 -44.79
C ALA F 92 24.14 56.07 -44.33
N VAL F 93 24.04 55.82 -43.02
CA VAL F 93 24.54 54.57 -42.46
C VAL F 93 23.70 53.41 -42.95
N TYR F 94 24.36 52.32 -43.32
CA TYR F 94 23.70 51.14 -43.85
C TYR F 94 23.61 50.07 -42.76
N TYR F 95 22.39 49.61 -42.49
CA TYR F 95 22.13 48.63 -41.44
C TYR F 95 22.06 47.24 -42.06
N CYS F 96 23.03 46.38 -41.74
CA CYS F 96 23.00 44.98 -42.14
C CYS F 96 22.42 44.17 -40.99
N ALA F 97 21.18 43.71 -41.16
CA ALA F 97 20.47 43.01 -40.10
C ALA F 97 19.50 42.02 -40.73
N ASN F 98 19.12 41.02 -39.93
CA ASN F 98 18.15 40.03 -40.33
C ASN F 98 16.79 40.32 -39.69
N GLY F 99 15.74 40.00 -40.42
CA GLY F 99 14.40 40.36 -39.99
C GLY F 99 13.97 39.62 -38.74
N PHE F 100 12.93 40.16 -38.10
CA PHE F 100 12.40 39.56 -36.89
C PHE F 100 11.78 38.21 -37.18
N GLY F 101 12.10 37.23 -36.33
CA GLY F 101 11.49 35.91 -36.40
C GLY F 101 11.76 35.22 -37.72
N GLU F 102 10.81 34.38 -38.13
CA GLU F 102 10.88 33.66 -39.38
C GLU F 102 9.80 34.19 -40.32
N TYR F 103 10.23 34.75 -41.45
CA TYR F 103 9.33 35.26 -42.49
C TYR F 103 8.44 36.38 -41.97
N TYR F 104 8.93 37.13 -40.99
CA TYR F 104 8.23 38.27 -40.43
C TYR F 104 9.06 39.53 -40.68
N TYR F 105 8.39 40.61 -41.10
CA TYR F 105 9.05 41.88 -41.36
C TYR F 105 8.36 43.07 -40.69
N TYR F 106 7.06 42.97 -40.39
CA TYR F 106 6.33 44.10 -39.82
C TYR F 106 6.78 44.45 -38.41
N ALA F 107 7.51 43.56 -37.74
CA ALA F 107 7.96 43.79 -36.38
C ALA F 107 9.47 43.99 -36.35
N MET F 108 9.92 44.91 -35.49
CA MET F 108 11.33 45.24 -35.33
C MET F 108 11.68 45.22 -33.85
N ASP F 109 12.79 44.55 -33.51
CA ASP F 109 13.26 44.46 -32.14
C ASP F 109 14.60 45.16 -31.94
N VAL F 110 15.61 44.79 -32.71
CA VAL F 110 16.96 45.34 -32.57
C VAL F 110 17.32 46.08 -33.85
N TRP F 111 17.77 47.32 -33.71
CA TRP F 111 18.20 48.12 -34.85
C TRP F 111 19.56 47.64 -35.35
N GLY F 112 19.93 48.12 -36.53
CA GLY F 112 21.23 47.83 -37.09
C GLY F 112 22.28 48.82 -36.60
N GLN F 113 23.46 48.29 -36.26
CA GLN F 113 24.54 49.16 -35.78
C GLN F 113 24.99 50.12 -36.86
N GLY F 114 25.10 49.64 -38.10
CA GLY F 114 25.50 50.48 -39.21
C GLY F 114 26.88 50.13 -39.72
N THR F 115 27.12 50.43 -40.99
CA THR F 115 28.40 50.19 -41.63
C THR F 115 29.05 51.53 -41.98
N THR F 116 30.39 51.53 -41.99
CA THR F 116 31.15 52.75 -42.26
C THR F 116 31.25 52.93 -43.77
N VAL F 117 30.45 53.85 -44.31
CA VAL F 117 30.45 54.17 -45.73
C VAL F 117 30.52 55.69 -45.88
N THR F 118 31.26 56.14 -46.89
CA THR F 118 31.41 57.56 -47.18
C THR F 118 31.06 57.80 -48.65
N VAL F 119 30.19 58.77 -48.88
CA VAL F 119 29.78 59.12 -50.25
C VAL F 119 30.18 60.55 -50.56
N ASN G 1 -8.26 55.95 -47.08
CA ASN G 1 -7.39 54.86 -46.67
C ASN G 1 -7.23 54.83 -45.15
N PHE G 2 -6.04 55.18 -44.68
CA PHE G 2 -5.77 55.18 -43.24
C PHE G 2 -6.58 56.26 -42.55
N MET G 3 -7.19 55.91 -41.42
CA MET G 3 -7.99 56.83 -40.63
C MET G 3 -7.36 56.98 -39.25
N LEU G 4 -7.09 58.22 -38.85
CA LEU G 4 -6.53 58.53 -37.55
C LEU G 4 -7.58 59.24 -36.70
N THR G 5 -7.84 58.69 -35.51
CA THR G 5 -8.84 59.23 -34.59
C THR G 5 -8.15 59.74 -33.35
N GLN G 6 -8.36 61.02 -33.04
CA GLN G 6 -7.81 61.67 -31.86
C GLN G 6 -8.87 62.58 -31.28
N PRO G 7 -8.83 62.85 -29.97
CA PRO G 7 -9.82 63.75 -29.37
C PRO G 7 -9.75 65.15 -29.98
N HIS G 8 -10.93 65.75 -30.15
CA HIS G 8 -10.98 67.10 -30.72
C HIS G 8 -10.34 68.12 -29.78
N SER G 9 -10.64 68.04 -28.48
CA SER G 9 -10.07 68.95 -27.51
C SER G 9 -10.13 68.30 -26.14
N VAL G 10 -9.01 68.31 -25.43
CA VAL G 10 -8.92 67.72 -24.10
C VAL G 10 -7.80 68.41 -23.33
N SER G 11 -8.01 68.57 -22.03
CA SER G 11 -7.02 69.19 -21.16
C SER G 11 -7.30 68.78 -19.72
N GLU G 12 -6.24 68.73 -18.92
CA GLU G 12 -6.35 68.41 -17.51
C GLU G 12 -5.40 69.29 -16.71
N SER G 13 -5.76 69.54 -15.46
CA SER G 13 -4.94 70.38 -14.61
C SER G 13 -3.63 69.68 -14.26
N PRO G 14 -2.54 70.44 -14.13
CA PRO G 14 -1.27 69.82 -13.71
C PRO G 14 -1.35 69.28 -12.30
N GLY G 15 -0.57 68.22 -12.05
CA GLY G 15 -0.59 67.53 -10.79
C GLY G 15 -1.55 66.37 -10.70
N LYS G 16 -2.41 66.19 -11.69
CA LYS G 16 -3.33 65.07 -11.75
C LYS G 16 -2.78 64.02 -12.73
N THR G 17 -3.57 62.98 -12.99
CA THR G 17 -3.18 61.90 -13.87
C THR G 17 -3.57 62.25 -15.30
N VAL G 18 -2.58 62.34 -16.18
CA VAL G 18 -2.82 62.62 -17.60
C VAL G 18 -2.39 61.40 -18.40
N THR G 19 -3.05 61.21 -19.54
CA THR G 19 -2.77 60.06 -20.40
C THR G 19 -3.07 60.47 -21.85
N ILE G 20 -2.02 60.78 -22.60
CA ILE G 20 -2.19 61.10 -24.01
C ILE G 20 -2.52 59.83 -24.79
N SER G 21 -3.59 59.89 -25.57
CA SER G 21 -4.10 58.72 -26.29
C SER G 21 -3.90 58.90 -27.79
N CYS G 22 -3.22 57.92 -28.40
CA CYS G 22 -3.06 57.87 -29.85
C CYS G 22 -3.27 56.42 -30.28
N THR G 23 -4.37 56.16 -30.99
CA THR G 23 -4.73 54.80 -31.34
C THR G 23 -3.69 54.19 -32.30
N GLY G 24 -3.43 52.91 -32.11
CA GLY G 24 -2.50 52.17 -32.95
C GLY G 24 -3.24 51.07 -33.71
N SER G 25 -2.92 50.95 -35.00
CA SER G 25 -3.59 49.98 -35.87
C SER G 25 -2.54 49.44 -36.85
N SER G 26 -3.03 48.77 -37.89
CA SER G 26 -2.17 48.16 -38.91
C SER G 26 -1.18 47.18 -38.29
N GLY G 27 -1.65 46.43 -37.32
CA GLY G 27 -0.82 45.45 -36.63
C GLY G 27 -1.23 45.35 -35.18
N SER G 28 -0.39 44.65 -34.42
CA SER G 28 -0.60 44.49 -32.98
C SER G 28 0.18 45.55 -32.23
N ILE G 29 -0.52 46.27 -31.34
CA ILE G 29 0.14 47.31 -30.55
C ILE G 29 1.18 46.72 -29.61
N ALA G 30 1.06 45.43 -29.26
CA ALA G 30 2.06 44.77 -28.44
C ALA G 30 3.28 44.33 -29.23
N SER G 31 3.23 44.41 -30.56
CA SER G 31 4.35 44.04 -31.42
C SER G 31 5.04 45.24 -32.04
N ASN G 32 4.62 46.46 -31.70
CA ASN G 32 5.21 47.68 -32.24
C ASN G 32 6.00 48.38 -31.15
N TYR G 33 7.26 48.72 -31.45
CA TYR G 33 8.09 49.50 -30.54
C TYR G 33 7.87 50.97 -30.86
N VAL G 34 7.17 51.67 -29.97
CA VAL G 34 6.81 53.07 -30.20
C VAL G 34 8.00 53.94 -29.82
N GLN G 35 8.65 54.53 -30.81
CA GLN G 35 9.76 55.45 -30.60
C GLN G 35 9.34 56.84 -31.04
N TRP G 36 9.48 57.80 -30.14
CA TRP G 36 9.07 59.17 -30.41
C TRP G 36 10.14 59.92 -31.18
N TYR G 37 9.71 60.71 -32.16
CA TYR G 37 10.59 61.56 -32.95
C TYR G 37 10.16 63.01 -32.77
N GLN G 38 11.13 63.87 -32.47
CA GLN G 38 10.86 65.29 -32.27
C GLN G 38 11.79 66.12 -33.15
N ARG G 39 11.27 67.25 -33.62
CA ARG G 39 12.03 68.19 -34.45
C ARG G 39 11.70 69.60 -33.96
N ARG G 40 12.48 70.11 -33.02
CA ARG G 40 12.24 71.42 -32.46
C ARG G 40 12.61 72.50 -33.48
N PRO G 41 11.68 73.38 -33.86
CA PRO G 41 12.02 74.43 -34.83
C PRO G 41 13.10 75.36 -34.28
N GLY G 42 13.95 75.84 -35.19
CA GLY G 42 15.08 76.66 -34.82
C GLY G 42 16.31 75.92 -34.34
N SER G 43 16.29 74.59 -34.38
CA SER G 43 17.42 73.79 -33.94
C SER G 43 17.67 72.66 -34.94
N ALA G 44 18.90 72.19 -34.99
CA ALA G 44 19.26 71.08 -35.86
C ALA G 44 18.85 69.76 -35.21
N PRO G 45 18.05 68.93 -35.87
CA PRO G 45 17.61 67.68 -35.26
C PRO G 45 18.77 66.72 -35.02
N THR G 46 18.73 66.07 -33.86
CA THR G 46 19.69 65.02 -33.51
C THR G 46 18.95 63.88 -32.83
N THR G 47 19.37 62.65 -33.12
CA THR G 47 18.76 61.50 -32.47
C THR G 47 19.07 61.50 -30.98
N VAL G 48 18.07 61.14 -30.17
CA VAL G 48 18.23 61.17 -28.72
C VAL G 48 18.10 59.75 -28.16
N ILE G 49 17.32 58.91 -28.83
CA ILE G 49 17.09 57.53 -28.39
C ILE G 49 17.01 56.65 -29.63
N TYR G 50 17.84 55.61 -29.68
CA TYR G 50 17.80 54.65 -30.76
C TYR G 50 18.27 53.30 -30.24
N GLU G 51 17.87 52.24 -30.96
CA GLU G 51 18.15 50.84 -30.65
C GLU G 51 17.44 50.36 -29.39
N ASP G 52 16.71 51.24 -28.69
CA ASP G 52 15.86 50.89 -27.57
C ASP G 52 16.63 50.33 -26.37
N ASN G 53 17.96 50.24 -26.48
CA ASN G 53 18.77 49.69 -25.40
C ASN G 53 20.06 50.45 -25.17
N GLN G 54 20.27 51.59 -25.83
CA GLN G 54 21.48 52.38 -25.67
C GLN G 54 21.14 53.67 -24.94
N ARG G 55 21.92 54.00 -23.91
CA ARG G 55 21.66 55.17 -23.09
C ARG G 55 22.82 56.16 -23.19
N PRO G 56 22.69 57.23 -23.98
CA PRO G 56 23.70 58.29 -23.93
C PRO G 56 23.66 59.01 -22.59
N SER G 57 24.81 59.57 -22.20
CA SER G 57 24.89 60.29 -20.94
C SER G 57 23.99 61.52 -20.97
N GLY G 58 23.28 61.75 -19.87
CA GLY G 58 22.34 62.85 -19.78
C GLY G 58 20.90 62.50 -20.10
N VAL G 59 20.62 61.26 -20.48
CA VAL G 59 19.25 60.82 -20.78
C VAL G 59 18.48 60.70 -19.47
N PRO G 60 17.36 61.41 -19.32
CA PRO G 60 16.61 61.33 -18.06
C PRO G 60 15.99 59.95 -17.86
N ASP G 61 15.83 59.59 -16.58
CA ASP G 61 15.22 58.32 -16.22
C ASP G 61 13.70 58.37 -16.25
N ARG G 62 13.11 59.57 -16.34
CA ARG G 62 11.65 59.69 -16.32
C ARG G 62 11.02 58.95 -17.50
N PHE G 63 11.63 59.04 -18.68
CA PHE G 63 11.11 58.35 -19.86
C PHE G 63 11.30 56.86 -19.71
N SER G 64 10.22 56.10 -19.86
CA SER G 64 10.25 54.65 -19.83
C SER G 64 9.42 54.09 -20.97
N ALA G 65 9.90 52.99 -21.55
CA ALA G 65 9.27 52.37 -22.71
C ALA G 65 8.83 50.96 -22.36
N SER G 66 7.56 50.64 -22.65
CA SER G 66 7.00 49.32 -22.43
C SER G 66 5.62 49.29 -23.09
N ILE G 67 4.99 48.13 -23.06
CA ILE G 67 3.64 47.93 -23.59
C ILE G 67 2.79 47.31 -22.49
N ASP G 68 1.61 47.89 -22.26
CA ASP G 68 0.67 47.40 -21.25
C ASP G 68 -0.51 46.76 -21.96
N SER G 69 -0.71 45.47 -21.76
CA SER G 69 -1.77 44.72 -22.41
C SER G 69 -3.01 44.54 -21.53
N SER G 70 -3.03 45.14 -20.34
CA SER G 70 -4.18 44.99 -19.46
C SER G 70 -5.40 45.70 -20.02
N SER G 71 -5.25 46.96 -20.44
CA SER G 71 -6.35 47.74 -20.99
C SER G 71 -6.11 48.13 -22.45
N ASN G 72 -5.18 47.45 -23.12
CA ASN G 72 -4.87 47.73 -24.53
C ASN G 72 -4.50 49.20 -24.74
N SER G 73 -3.61 49.70 -23.88
CA SER G 73 -3.16 51.08 -23.97
C SER G 73 -1.81 51.21 -23.27
N ALA G 74 -1.11 52.30 -23.57
CA ALA G 74 0.19 52.58 -23.00
C ALA G 74 0.11 53.82 -22.10
N SER G 75 0.80 53.77 -20.97
CA SER G 75 0.78 54.85 -19.99
C SER G 75 2.16 55.49 -19.91
N LEU G 76 2.20 56.81 -20.01
CA LEU G 76 3.43 57.58 -19.90
C LEU G 76 3.16 58.87 -19.14
N THR G 77 4.00 59.16 -18.14
CA THR G 77 3.89 60.38 -17.35
C THR G 77 5.25 61.06 -17.31
N ILE G 78 5.26 62.36 -17.62
CA ILE G 78 6.49 63.14 -17.72
C ILE G 78 6.42 64.28 -16.72
N SER G 79 7.43 64.39 -15.87
CA SER G 79 7.58 65.47 -14.92
C SER G 79 8.81 66.30 -15.28
N GLY G 80 9.08 67.31 -14.46
CA GLY G 80 10.21 68.19 -14.73
C GLY G 80 10.10 68.94 -16.03
N LEU G 81 8.90 69.43 -16.36
CA LEU G 81 8.67 70.12 -17.61
C LEU G 81 9.41 71.45 -17.64
N LYS G 82 10.00 71.77 -18.79
CA LYS G 82 10.74 73.01 -18.99
C LYS G 82 9.96 73.94 -19.92
N THR G 83 10.17 75.24 -19.74
CA THR G 83 9.45 76.23 -20.54
C THR G 83 9.78 76.11 -22.02
N GLU G 84 11.05 75.90 -22.35
CA GLU G 84 11.45 75.76 -23.74
C GLU G 84 10.99 74.44 -24.36
N ASP G 85 10.49 73.50 -23.55
CA ASP G 85 10.01 72.22 -24.04
C ASP G 85 8.52 72.24 -24.38
N GLU G 86 7.85 73.38 -24.22
CA GLU G 86 6.44 73.47 -24.57
C GLU G 86 6.27 73.53 -26.08
N ALA G 87 5.62 72.52 -26.65
CA ALA G 87 5.41 72.43 -28.08
C ALA G 87 4.21 71.51 -28.33
N ASP G 88 4.03 71.11 -29.58
CA ASP G 88 2.92 70.24 -29.97
C ASP G 88 3.43 68.82 -30.17
N TYR G 89 2.66 67.85 -29.67
CA TYR G 89 2.98 66.44 -29.81
C TYR G 89 2.22 65.85 -30.99
N TYR G 90 2.95 65.19 -31.89
CA TYR G 90 2.36 64.51 -33.02
C TYR G 90 2.82 63.05 -33.01
N CYS G 91 1.86 62.12 -33.02
CA CYS G 91 2.15 60.70 -33.05
C CYS G 91 2.05 60.22 -34.50
N GLN G 92 3.12 59.62 -35.00
CA GLN G 92 3.22 59.21 -36.39
C GLN G 92 3.47 57.71 -36.48
N SER G 93 2.74 57.05 -37.38
CA SER G 93 2.92 55.64 -37.65
C SER G 93 2.93 55.43 -39.17
N TYR G 94 3.57 54.34 -39.59
CA TYR G 94 3.72 54.03 -41.00
C TYR G 94 3.16 52.65 -41.30
N ASP G 95 2.53 52.53 -42.47
CA ASP G 95 1.99 51.26 -42.94
C ASP G 95 2.51 51.02 -44.34
N SER G 96 3.18 49.88 -44.54
CA SER G 96 3.75 49.49 -45.83
C SER G 96 4.65 50.57 -46.38
N SER G 97 4.22 51.25 -47.44
CA SER G 97 5.00 52.29 -48.09
C SER G 97 4.17 53.54 -48.32
N ASN G 98 3.36 53.93 -47.32
CA ASN G 98 2.50 55.08 -47.41
C ASN G 98 2.73 56.00 -46.21
N TRP G 99 2.69 57.31 -46.47
CA TRP G 99 2.82 58.33 -45.44
C TRP G 99 1.56 59.18 -45.42
N VAL G 100 0.97 59.35 -44.25
CA VAL G 100 -0.23 60.16 -44.06
C VAL G 100 0.02 61.14 -42.93
N PHE G 101 -0.23 62.43 -43.20
CA PHE G 101 -0.09 63.47 -42.20
C PHE G 101 -1.37 63.62 -41.39
N GLY G 102 -1.22 64.10 -40.15
CA GLY G 102 -2.37 64.30 -39.29
C GLY G 102 -3.19 65.52 -39.67
N GLY G 103 -4.38 65.61 -39.08
CA GLY G 103 -5.25 66.74 -39.32
C GLY G 103 -4.81 68.02 -38.64
N GLY G 104 -4.04 67.92 -37.57
CA GLY G 104 -3.58 69.08 -36.83
C GLY G 104 -4.07 69.10 -35.39
N THR G 105 -3.14 69.07 -34.45
CA THR G 105 -3.45 69.03 -33.03
C THR G 105 -3.06 70.37 -32.41
N LYS G 106 -4.03 71.05 -31.80
CA LYS G 106 -3.80 72.29 -31.07
C LYS G 106 -4.16 72.08 -29.61
N LEU G 107 -3.22 72.40 -28.72
CA LEU G 107 -3.41 72.25 -27.29
C LEU G 107 -2.87 73.48 -26.58
N THR G 108 -3.63 74.00 -25.62
CA THR G 108 -3.27 75.17 -24.85
C THR G 108 -3.28 74.82 -23.37
N VAL G 109 -2.20 75.17 -22.67
CA VAL G 109 -2.07 74.89 -21.25
C VAL G 109 -2.55 76.10 -20.47
N LEU G 110 -3.58 75.92 -19.65
CA LEU G 110 -4.18 77.01 -18.89
C LEU G 110 -3.76 76.95 -17.43
#